data_5ING
#
_entry.id   5ING
#
_cell.length_a   120.560
_cell.length_b   163.440
_cell.length_c   186.550
_cell.angle_alpha   90.00
_cell.angle_beta   90.00
_cell.angle_gamma   90.00
#
_symmetry.space_group_name_H-M   'P 21 21 21'
#
loop_
_entity.id
_entity.type
_entity.pdbx_description
1 polymer 'Putative carboxyl transferase'
2 water water
#
_entity_poly.entity_id   1
_entity_poly.type   'polypeptide(L)'
_entity_poly.pdbx_seq_one_letter_code
;(MSE)GSSHHHHHHSSGLVPRGSH(MSE)ASDSTENLYFQGIDPFT(MSE)SLQEPVSPVEESPTSTADRIADLAARHEE
AVVLAEKKAADRQHLKGKLTARARIDLLLDPGSFVELDEFVRHRTVEAGIPRPYGDGVVTGHGTIDGRQVCVFSHDFTTL
GGS(MSE)GEAFGSKVVKIYDFA(MSE)SVGCPVIGINDSGGARIQEGV(MSE)SIAYYTELGVRNVHSSGVIPQISLI
(MSE)GPCAGGSVYSPALTDFTV(MSE)VKDISY(MSE)FVTGPEVVSAV(MSE)GEQVTAEQLGGPAVHAEVSGNAHYV
GDDEQDAISWVQTLLGYLPPNNLDPAPVYDHDCAPGITEADLALDTVIPDSEQQVYD(MSE)ADVITAVLDDGDYLEIHP
DFARNIICALGRVEGHSVAVVANQPRHLAGVLDIDASEKAARFIRFCDSFNIPVLTF(MSE)DVPGYLPGVGQEHQGIIR
RGIKLFYAYAESTVPKITVITRKAYGGGYAV(MSE)GSRQIGADRV(MSE)AWPTAEIAV(MSE)GANSAVPILHRRELA
AVPPEERAAVKENLVDDYRRRFGNPYEAAAHGYVD(MSE)VISPSRTRYEVARALASLRNKRQARPARKHGNIPL
;
_entity_poly.pdbx_strand_id   A,B,C,D,E,F
#
# COMPACT_ATOMS: atom_id res chain seq x y z
N GLU A 50 22.50 -39.56 -29.22
CA GLU A 50 22.71 -40.77 -28.45
C GLU A 50 23.73 -40.56 -27.33
N SER A 51 23.67 -41.41 -26.33
CA SER A 51 24.54 -41.37 -25.16
C SER A 51 25.16 -42.74 -24.95
N PRO A 52 26.31 -42.79 -24.28
CA PRO A 52 26.78 -44.08 -23.76
C PRO A 52 25.87 -44.62 -22.66
N THR A 53 26.17 -45.82 -22.20
CA THR A 53 25.45 -46.44 -21.09
C THR A 53 26.18 -46.24 -19.76
N SER A 54 27.48 -46.46 -19.74
CA SER A 54 28.27 -46.39 -18.51
C SER A 54 28.38 -44.96 -18.01
N THR A 55 28.54 -44.83 -16.69
CA THR A 55 28.60 -43.50 -16.08
C THR A 55 29.85 -42.74 -16.53
N ALA A 56 31.01 -43.40 -16.47
CA ALA A 56 32.25 -42.77 -16.89
C ALA A 56 32.21 -42.37 -18.36
N ASP A 57 31.59 -43.20 -19.21
CA ASP A 57 31.54 -42.88 -20.63
C ASP A 57 30.63 -41.69 -20.93
N ARG A 58 29.60 -41.46 -20.11
CA ARG A 58 28.77 -40.29 -20.30
C ARG A 58 29.46 -39.04 -19.80
N ILE A 59 30.25 -39.18 -18.74
CA ILE A 59 31.05 -38.04 -18.32
C ILE A 59 32.04 -37.67 -19.42
N ALA A 60 32.66 -38.68 -20.03
CA ALA A 60 33.58 -38.46 -21.13
C ALA A 60 32.85 -37.88 -22.35
N ASP A 61 31.64 -38.36 -22.60
CA ASP A 61 30.85 -37.88 -23.74
C ASP A 61 30.44 -36.43 -23.52
N LEU A 62 30.11 -36.06 -22.28
CA LEU A 62 29.84 -34.66 -21.97
C LEU A 62 31.09 -33.82 -22.19
N ALA A 63 32.24 -34.32 -21.77
CA ALA A 63 33.49 -33.60 -22.04
C ALA A 63 33.72 -33.42 -23.53
N ALA A 64 33.33 -34.42 -24.33
CA ALA A 64 33.48 -34.30 -25.78
C ALA A 64 32.56 -33.24 -26.36
N ARG A 65 31.29 -33.21 -25.92
CA ARG A 65 30.36 -32.21 -26.45
C ARG A 65 30.72 -30.80 -25.99
N HIS A 66 31.23 -30.67 -24.76
CA HIS A 66 31.75 -29.40 -24.29
C HIS A 66 32.95 -28.97 -25.13
N GLU A 67 33.82 -29.94 -25.45
CA GLU A 67 34.97 -29.67 -26.30
C GLU A 67 34.53 -29.14 -27.66
N GLU A 68 33.49 -29.75 -28.25
CA GLU A 68 33.00 -29.30 -29.55
C GLU A 68 32.35 -27.93 -29.45
N ALA A 69 31.55 -27.70 -28.41
CA ALA A 69 30.74 -26.50 -28.31
C ALA A 69 31.56 -25.27 -27.92
N VAL A 70 32.58 -25.44 -27.10
CA VAL A 70 33.40 -24.31 -26.68
C VAL A 70 34.79 -24.25 -27.30
N VAL A 71 35.71 -25.06 -26.78
CA VAL A 71 37.08 -25.09 -27.27
C VAL A 71 37.18 -25.09 -28.79
N LEU A 72 36.46 -25.95 -29.56
CA LEU A 72 36.49 -26.08 -31.00
C LEU A 72 35.80 -24.93 -31.73
N ALA A 73 34.68 -24.63 -31.10
CA ALA A 73 33.91 -23.55 -31.71
C ALA A 73 34.63 -22.21 -31.55
N GLU A 74 35.46 -22.11 -30.52
CA GLU A 74 36.21 -20.87 -30.27
C GLU A 74 37.43 -20.75 -31.16
N LYS A 75 38.23 -21.83 -31.29
CA LYS A 75 39.35 -21.86 -32.23
C LYS A 75 38.87 -21.31 -33.57
N LYS A 76 37.71 -21.76 -34.00
CA LYS A 76 37.36 -21.57 -35.40
C LYS A 76 36.74 -20.20 -35.60
N ALA A 77 35.94 -19.78 -34.63
CA ALA A 77 35.44 -18.42 -34.59
C ALA A 77 36.58 -17.43 -34.55
N ALA A 78 37.64 -17.73 -33.79
CA ALA A 78 38.79 -16.83 -33.71
C ALA A 78 39.43 -16.65 -35.06
N ASP A 79 39.60 -17.75 -35.79
CA ASP A 79 40.12 -17.63 -37.16
C ASP A 79 39.24 -16.73 -38.02
N ARG A 80 37.92 -16.93 -38.02
CA ARG A 80 37.12 -16.13 -38.95
C ARG A 80 37.02 -14.66 -38.53
N GLN A 81 36.91 -14.39 -37.22
CA GLN A 81 36.76 -13.02 -36.74
C GLN A 81 38.05 -12.21 -36.81
N HIS A 82 39.20 -12.84 -36.52
CA HIS A 82 40.45 -12.08 -36.48
C HIS A 82 40.81 -11.48 -37.83
N LEU A 83 40.41 -12.12 -38.92
CA LEU A 83 40.67 -11.54 -40.24
C LEU A 83 39.80 -10.33 -40.53
N LYS A 84 38.83 -10.04 -39.66
CA LYS A 84 38.08 -8.79 -39.74
C LYS A 84 38.38 -7.86 -38.57
N GLY A 85 39.50 -8.10 -37.88
CA GLY A 85 39.88 -7.26 -36.76
C GLY A 85 38.98 -7.34 -35.55
N LYS A 86 38.31 -8.48 -35.35
CA LYS A 86 37.30 -8.65 -34.32
C LYS A 86 37.69 -9.77 -33.36
N LEU A 87 37.25 -9.65 -32.11
CA LEU A 87 37.39 -10.70 -31.14
C LEU A 87 36.18 -11.62 -31.18
N THR A 88 36.29 -12.75 -30.50
CA THR A 88 35.19 -13.69 -30.43
C THR A 88 34.22 -13.28 -29.32
N ALA A 89 33.02 -13.84 -29.39
CA ALA A 89 32.04 -13.63 -28.32
C ALA A 89 32.61 -13.93 -26.95
N ARG A 90 33.32 -15.06 -26.84
CA ARG A 90 33.83 -15.48 -25.53
C ARG A 90 35.04 -14.66 -25.09
N ALA A 91 35.87 -14.19 -26.03
CA ALA A 91 36.97 -13.31 -25.64
C ALA A 91 36.42 -12.01 -25.06
N ARG A 92 35.37 -11.48 -25.65
CA ARG A 92 34.77 -10.27 -25.09
C ARG A 92 34.15 -10.52 -23.73
N ILE A 93 33.47 -11.65 -23.58
CA ILE A 93 32.97 -11.99 -22.25
C ILE A 93 34.12 -12.06 -21.26
N ASP A 94 35.25 -12.64 -21.68
CA ASP A 94 36.39 -12.80 -20.77
C ASP A 94 37.00 -11.45 -20.40
N LEU A 95 37.03 -10.51 -21.34
CA LEU A 95 37.53 -9.18 -20.99
C LEU A 95 36.55 -8.42 -20.12
N LEU A 96 35.26 -8.69 -20.27
CA LEU A 96 34.28 -7.90 -19.54
C LEU A 96 34.17 -8.35 -18.08
N LEU A 97 34.06 -9.64 -17.84
CA LEU A 97 33.74 -10.15 -16.51
C LEU A 97 35.00 -10.38 -15.69
N ASP A 98 34.80 -10.42 -14.36
CA ASP A 98 35.89 -10.75 -13.46
C ASP A 98 36.37 -12.18 -13.72
N PRO A 99 37.67 -12.41 -13.72
CA PRO A 99 38.22 -13.76 -13.98
C PRO A 99 37.55 -14.82 -13.13
N GLY A 100 37.12 -15.90 -13.78
CA GLY A 100 36.56 -17.04 -13.11
C GLY A 100 35.11 -16.91 -12.68
N SER A 101 34.47 -15.78 -12.92
CA SER A 101 33.10 -15.56 -12.44
C SER A 101 32.02 -16.02 -13.41
N PHE A 102 32.37 -16.35 -14.66
CA PHE A 102 31.35 -16.63 -15.66
C PHE A 102 30.70 -17.98 -15.44
N VAL A 103 29.37 -17.97 -15.35
CA VAL A 103 28.54 -19.16 -15.39
C VAL A 103 27.79 -19.10 -16.71
N GLU A 104 28.13 -20.02 -17.62
CA GLU A 104 27.48 -20.07 -18.92
C GLU A 104 26.16 -20.82 -18.81
N LEU A 105 25.11 -20.26 -19.39
CA LEU A 105 23.83 -20.94 -19.48
C LEU A 105 23.58 -21.39 -20.91
N ASP A 106 22.81 -22.47 -21.03
CA ASP A 106 22.27 -22.93 -22.31
C ASP A 106 23.37 -23.25 -23.31
N GLU A 107 24.47 -23.85 -22.81
CA GLU A 107 25.61 -24.14 -23.67
C GLU A 107 25.24 -25.14 -24.76
N PHE A 108 24.31 -26.05 -24.48
CA PHE A 108 23.93 -27.08 -25.45
C PHE A 108 22.54 -26.85 -26.05
N VAL A 109 22.05 -25.62 -26.05
CA VAL A 109 20.84 -25.32 -26.80
C VAL A 109 21.12 -25.44 -28.30
N ARG A 110 20.12 -25.93 -29.03
CA ARG A 110 20.15 -26.12 -30.49
C ARG A 110 18.83 -25.65 -31.10
N HIS A 111 18.90 -25.23 -32.35
CA HIS A 111 17.66 -24.91 -33.03
C HIS A 111 16.98 -26.22 -33.46
N ARG A 112 15.77 -26.11 -34.01
CA ARG A 112 14.91 -27.26 -34.13
C ARG A 112 14.84 -27.88 -35.52
N THR A 113 15.75 -27.55 -36.41
CA THR A 113 15.79 -28.26 -37.68
C THR A 113 17.20 -28.73 -38.03
N PRO A 119 22.73 -27.91 -40.24
CA PRO A 119 23.69 -27.59 -39.17
C PRO A 119 23.00 -27.09 -37.90
N ARG A 120 23.30 -27.73 -36.76
CA ARG A 120 22.71 -27.38 -35.46
C ARG A 120 23.81 -27.19 -34.43
N PRO A 121 24.52 -26.06 -34.46
CA PRO A 121 25.62 -25.86 -33.52
C PRO A 121 25.11 -25.65 -32.10
N TYR A 122 25.89 -26.12 -31.13
CA TYR A 122 25.58 -25.87 -29.73
C TYR A 122 25.61 -24.37 -29.44
N GLY A 123 24.66 -23.91 -28.63
CA GLY A 123 24.56 -22.51 -28.27
C GLY A 123 23.81 -21.64 -29.26
N ASP A 124 23.61 -22.14 -30.48
CA ASP A 124 22.80 -21.48 -31.51
C ASP A 124 23.27 -20.07 -31.85
N GLY A 125 24.55 -19.77 -31.67
CA GLY A 125 25.11 -18.54 -32.18
C GLY A 125 25.15 -17.39 -31.22
N VAL A 126 24.85 -17.64 -29.94
CA VAL A 126 24.95 -16.63 -28.89
C VAL A 126 25.45 -17.30 -27.62
N VAL A 127 26.30 -16.59 -26.88
CA VAL A 127 26.83 -17.08 -25.61
C VAL A 127 26.17 -16.27 -24.51
N THR A 128 25.51 -16.93 -23.57
CA THR A 128 24.76 -16.25 -22.52
C THR A 128 25.19 -16.76 -21.15
N GLY A 129 25.06 -15.91 -20.14
CA GLY A 129 25.34 -16.36 -18.79
C GLY A 129 25.38 -15.18 -17.84
N HIS A 130 25.91 -15.44 -16.64
CA HIS A 130 26.06 -14.35 -15.69
C HIS A 130 27.40 -14.45 -14.98
N GLY A 131 27.80 -13.36 -14.35
CA GLY A 131 29.08 -13.29 -13.69
C GLY A 131 29.13 -12.08 -12.79
N THR A 132 30.34 -11.62 -12.49
CA THR A 132 30.50 -10.40 -11.72
C THR A 132 31.40 -9.43 -12.46
N ILE A 133 31.15 -8.14 -12.25
CA ILE A 133 32.05 -7.07 -12.65
C ILE A 133 32.46 -6.34 -11.37
N ASP A 134 33.77 -6.32 -11.11
CA ASP A 134 34.37 -5.81 -9.88
C ASP A 134 33.56 -6.22 -8.68
N GLY A 135 33.18 -7.49 -8.64
CA GLY A 135 32.55 -8.10 -7.49
C GLY A 135 31.03 -8.05 -7.44
N ARG A 136 30.36 -7.30 -8.33
CA ARG A 136 28.91 -7.22 -8.28
C ARG A 136 28.30 -7.94 -9.48
N GLN A 137 27.19 -8.63 -9.24
CA GLN A 137 26.64 -9.55 -10.23
C GLN A 137 26.06 -8.81 -11.43
N VAL A 138 26.25 -9.41 -12.61
CA VAL A 138 25.73 -8.88 -13.86
C VAL A 138 25.34 -10.07 -14.73
N CYS A 139 24.45 -9.81 -15.68
CA CYS A 139 24.08 -10.78 -16.71
C CYS A 139 24.68 -10.34 -18.04
N VAL A 140 24.93 -11.31 -18.90
CA VAL A 140 25.71 -11.09 -20.11
C VAL A 140 25.14 -11.94 -21.24
N PHE A 141 25.10 -11.35 -22.44
CA PHE A 141 24.99 -12.12 -23.67
C PHE A 141 25.95 -11.54 -24.70
N SER A 142 26.42 -12.40 -25.59
CA SER A 142 27.44 -12.04 -26.58
C SER A 142 27.16 -12.83 -27.84
N HIS A 143 26.78 -12.14 -28.91
CA HIS A 143 26.53 -12.77 -30.20
C HIS A 143 27.80 -13.41 -30.74
N ASP A 144 27.64 -14.57 -31.41
CA ASP A 144 28.73 -15.15 -32.18
C ASP A 144 28.41 -14.95 -33.66
N PHE A 145 29.09 -13.96 -34.24
CA PHE A 145 28.90 -13.65 -35.64
C PHE A 145 29.29 -14.81 -36.54
N THR A 146 30.24 -15.64 -36.11
CA THR A 146 30.75 -16.72 -36.97
C THR A 146 29.86 -17.95 -37.01
N THR A 147 28.94 -18.11 -36.07
CA THR A 147 28.07 -19.28 -36.01
C THR A 147 26.67 -18.90 -36.47
N LEU A 148 26.28 -19.39 -37.65
CA LEU A 148 25.00 -19.05 -38.27
C LEU A 148 24.77 -17.54 -38.28
N GLY A 149 25.84 -16.79 -38.50
CA GLY A 149 25.75 -15.35 -38.60
C GLY A 149 25.36 -14.62 -37.34
N GLY A 150 25.41 -15.26 -36.17
CA GLY A 150 24.87 -14.61 -34.99
C GLY A 150 23.44 -14.15 -35.18
N SER A 151 22.65 -14.97 -35.86
CA SER A 151 21.35 -14.59 -36.37
C SER A 151 20.27 -14.85 -35.32
N GLY A 153 17.32 -16.31 -33.89
CA GLY A 153 16.40 -17.42 -33.96
C GLY A 153 15.69 -17.65 -32.64
N GLU A 154 14.88 -18.71 -32.62
CA GLU A 154 14.05 -18.99 -31.45
C GLU A 154 14.88 -19.51 -30.29
N ALA A 155 15.92 -20.30 -30.58
CA ALA A 155 16.80 -20.81 -29.53
C ALA A 155 17.70 -19.70 -29.01
N PHE A 156 18.48 -19.09 -29.90
CA PHE A 156 19.19 -17.83 -29.67
C PHE A 156 18.37 -16.87 -28.81
N GLY A 157 17.18 -16.54 -29.31
CA GLY A 157 16.33 -15.57 -28.63
C GLY A 157 15.90 -16.05 -27.26
N SER A 158 15.56 -17.33 -27.14
CA SER A 158 15.14 -17.86 -25.84
C SER A 158 16.27 -17.80 -24.82
N LYS A 159 17.52 -18.00 -25.27
CA LYS A 159 18.65 -17.87 -24.36
C LYS A 159 18.78 -16.44 -23.85
N VAL A 160 18.67 -15.47 -24.75
CA VAL A 160 18.79 -14.08 -24.30
C VAL A 160 17.62 -13.73 -23.38
N VAL A 161 16.41 -14.21 -23.72
CA VAL A 161 15.23 -13.98 -22.88
C VAL A 161 15.45 -14.51 -21.47
N LYS A 162 16.06 -15.68 -21.35
CA LYS A 162 16.26 -16.27 -20.03
C LYS A 162 17.21 -15.43 -19.20
N ILE A 163 18.35 -15.02 -19.78
CA ILE A 163 19.22 -14.25 -18.89
C ILE A 163 18.62 -12.88 -18.58
N TYR A 164 17.79 -12.34 -19.48
CA TYR A 164 17.06 -11.11 -19.13
C TYR A 164 16.07 -11.35 -18.01
N ASP A 165 15.30 -12.44 -18.07
CA ASP A 165 14.39 -12.78 -17.00
C ASP A 165 15.13 -12.93 -15.67
N PHE A 166 16.30 -13.58 -15.70
CA PHE A 166 17.08 -13.77 -14.49
C PHE A 166 17.52 -12.42 -13.93
N ALA A 167 18.04 -11.55 -14.79
CA ALA A 167 18.50 -10.24 -14.34
C ALA A 167 17.36 -9.42 -13.74
N SER A 169 14.81 -10.73 -12.36
CA SER A 169 14.38 -11.48 -11.19
C SER A 169 15.24 -11.17 -9.97
N VAL A 170 16.56 -11.03 -10.15
CA VAL A 170 17.46 -10.73 -9.04
C VAL A 170 17.88 -9.27 -9.01
N GLY A 171 17.46 -8.47 -9.99
CA GLY A 171 17.79 -7.05 -10.01
C GLY A 171 19.27 -6.75 -10.19
N CYS A 172 19.85 -7.21 -11.29
CA CYS A 172 21.23 -6.91 -11.63
C CYS A 172 21.30 -6.35 -13.04
N PRO A 173 22.38 -5.64 -13.39
CA PRO A 173 22.47 -5.04 -14.72
C PRO A 173 22.59 -6.10 -15.81
N VAL A 174 22.26 -5.70 -17.03
CA VAL A 174 22.45 -6.52 -18.22
C VAL A 174 23.35 -5.79 -19.20
N ILE A 175 24.40 -6.47 -19.65
CA ILE A 175 25.27 -5.99 -20.73
C ILE A 175 25.06 -6.89 -21.94
N GLY A 176 24.61 -6.31 -23.04
CA GLY A 176 24.47 -7.04 -24.30
C GLY A 176 25.61 -6.71 -25.25
N ILE A 177 26.23 -7.76 -25.77
CA ILE A 177 27.35 -7.64 -26.70
C ILE A 177 26.85 -8.08 -28.08
N ASN A 178 26.77 -7.11 -28.99
CA ASN A 178 26.04 -7.26 -30.24
C ASN A 178 27.02 -7.35 -31.40
N ASP A 179 26.76 -8.32 -32.28
CA ASP A 179 27.57 -8.60 -33.45
C ASP A 179 26.85 -9.64 -34.28
N SER A 180 25.91 -9.20 -35.12
CA SER A 180 24.91 -10.07 -35.68
C SER A 180 24.70 -9.79 -37.15
N GLY A 181 24.47 -10.86 -37.91
CA GLY A 181 24.07 -10.76 -39.30
C GLY A 181 22.61 -10.40 -39.49
N GLY A 182 21.87 -10.28 -38.40
CA GLY A 182 20.48 -9.89 -38.48
C GLY A 182 19.52 -11.01 -38.17
N ALA A 183 18.34 -10.95 -38.78
CA ALA A 183 17.33 -11.97 -38.57
C ALA A 183 17.71 -13.26 -39.29
N ARG A 184 17.34 -14.39 -38.68
CA ARG A 184 17.50 -15.70 -39.31
C ARG A 184 16.29 -15.93 -40.21
N ILE A 185 16.48 -15.72 -41.52
CA ILE A 185 15.36 -15.66 -42.46
C ILE A 185 14.64 -16.99 -42.57
N GLN A 186 15.37 -18.10 -42.44
CA GLN A 186 14.75 -19.41 -42.63
C GLN A 186 13.73 -19.73 -41.54
N GLU A 187 13.78 -19.03 -40.41
CA GLU A 187 12.86 -19.22 -39.30
C GLU A 187 11.62 -18.34 -39.41
N GLY A 188 11.51 -17.61 -40.52
CA GLY A 188 10.36 -16.81 -40.84
C GLY A 188 10.01 -15.86 -39.72
N VAL A 189 8.70 -15.63 -39.57
CA VAL A 189 8.22 -14.66 -38.59
C VAL A 189 8.69 -14.99 -37.18
N SER A 191 11.51 -15.32 -36.11
CA SER A 191 12.59 -14.37 -35.83
C SER A 191 12.06 -13.07 -35.27
N ILE A 192 11.06 -12.49 -35.94
CA ILE A 192 10.47 -11.22 -35.48
C ILE A 192 9.97 -11.38 -34.06
N ALA A 193 9.24 -12.47 -33.80
CA ALA A 193 8.66 -12.67 -32.48
C ALA A 193 9.72 -12.50 -31.40
N TYR A 194 10.89 -13.09 -31.62
CA TYR A 194 11.85 -13.06 -30.52
C TYR A 194 12.48 -11.68 -30.39
N TYR A 195 12.74 -11.01 -31.52
CA TYR A 195 13.13 -9.60 -31.44
C TYR A 195 12.17 -8.87 -30.53
N THR A 196 10.87 -9.05 -30.78
CA THR A 196 9.88 -8.30 -30.02
C THR A 196 9.94 -8.71 -28.55
N GLU A 197 10.05 -10.02 -28.28
CA GLU A 197 10.15 -10.47 -26.90
C GLU A 197 11.28 -9.74 -26.20
N LEU A 198 12.46 -9.72 -26.82
CA LEU A 198 13.59 -9.08 -26.16
C LEU A 198 13.30 -7.60 -25.96
N GLY A 199 12.78 -6.95 -26.99
CA GLY A 199 12.43 -5.55 -26.87
C GLY A 199 11.48 -5.31 -25.72
N VAL A 200 10.47 -6.17 -25.59
CA VAL A 200 9.48 -5.95 -24.56
C VAL A 200 10.14 -6.02 -23.19
N ARG A 201 11.08 -6.95 -23.01
CA ARG A 201 11.78 -7.02 -21.74
C ARG A 201 12.58 -5.74 -21.50
N ASN A 202 13.21 -5.21 -22.54
CA ASN A 202 13.91 -3.95 -22.38
C ASN A 202 12.96 -2.88 -21.83
N VAL A 203 11.75 -2.80 -22.40
CA VAL A 203 10.83 -1.75 -21.94
C VAL A 203 10.43 -2.01 -20.50
N HIS A 204 10.28 -3.27 -20.12
CA HIS A 204 9.87 -3.54 -18.75
C HIS A 204 11.04 -3.46 -17.78
N SER A 205 12.27 -3.47 -18.29
CA SER A 205 13.44 -3.25 -17.45
C SER A 205 13.85 -1.80 -17.37
N SER A 206 13.28 -0.94 -18.21
CA SER A 206 13.72 0.45 -18.30
C SER A 206 13.51 1.16 -16.97
N GLY A 207 14.60 1.65 -16.39
CA GLY A 207 14.55 2.28 -15.08
C GLY A 207 14.43 1.31 -13.92
N VAL A 208 14.55 0.01 -14.17
CA VAL A 208 14.53 -1.00 -13.12
C VAL A 208 15.92 -1.60 -12.91
N ILE A 209 16.55 -2.05 -13.99
CA ILE A 209 17.94 -2.51 -13.94
C ILE A 209 18.70 -1.76 -15.02
N PRO A 210 19.94 -1.34 -14.76
CA PRO A 210 20.76 -0.71 -15.82
C PRO A 210 20.95 -1.66 -17.00
N GLN A 211 20.80 -1.12 -18.20
CA GLN A 211 20.97 -1.88 -19.44
C GLN A 211 22.00 -1.19 -20.30
N ILE A 212 23.02 -1.94 -20.70
CA ILE A 212 24.14 -1.41 -21.48
C ILE A 212 24.33 -2.26 -22.72
N SER A 213 24.48 -1.59 -23.88
CA SER A 213 24.68 -2.25 -25.17
C SER A 213 26.06 -1.93 -25.71
N LEU A 214 26.84 -2.97 -25.99
CA LEU A 214 28.09 -2.88 -26.71
C LEU A 214 27.87 -3.30 -28.15
N ILE A 215 28.19 -2.41 -29.09
CA ILE A 215 28.06 -2.71 -30.52
C ILE A 215 29.46 -2.98 -31.06
N GLY A 217 30.17 -5.11 -33.90
CA GLY A 217 30.07 -5.72 -35.21
C GLY A 217 28.92 -5.10 -35.99
N PRO A 218 28.47 -5.79 -37.05
CA PRO A 218 27.27 -5.33 -37.75
C PRO A 218 26.07 -5.31 -36.83
N CYS A 219 25.21 -4.29 -37.02
CA CYS A 219 24.01 -4.15 -36.20
C CYS A 219 22.96 -3.44 -37.04
N ALA A 220 22.19 -4.21 -37.80
CA ALA A 220 21.22 -3.66 -38.73
C ALA A 220 19.87 -4.34 -38.57
N GLY A 221 18.84 -3.68 -39.10
CA GLY A 221 17.49 -4.22 -39.03
C GLY A 221 17.01 -4.40 -37.61
N GLY A 222 16.33 -5.52 -37.36
CA GLY A 222 15.81 -5.79 -36.03
C GLY A 222 16.86 -5.75 -34.95
N SER A 223 18.12 -6.03 -35.31
CA SER A 223 19.20 -6.01 -34.34
C SER A 223 19.34 -4.67 -33.65
N VAL A 224 18.88 -3.58 -34.28
CA VAL A 224 19.03 -2.27 -33.64
C VAL A 224 18.02 -2.06 -32.51
N TYR A 225 16.99 -2.90 -32.44
CA TYR A 225 15.84 -2.60 -31.57
C TYR A 225 16.22 -2.64 -30.09
N SER A 226 16.90 -3.71 -29.65
CA SER A 226 17.24 -3.79 -28.23
C SER A 226 18.26 -2.72 -27.83
N PRO A 227 19.38 -2.53 -28.54
CA PRO A 227 20.27 -1.41 -28.18
C PRO A 227 19.55 -0.08 -28.08
N ALA A 228 18.61 0.19 -28.98
CA ALA A 228 17.88 1.46 -28.94
C ALA A 228 17.13 1.65 -27.62
N LEU A 229 16.71 0.56 -26.98
CA LEU A 229 15.93 0.66 -25.76
C LEU A 229 16.77 0.62 -24.49
N THR A 230 18.03 0.24 -24.57
CA THR A 230 18.89 0.21 -23.40
C THR A 230 19.29 1.63 -23.03
N ASP A 231 20.01 1.77 -21.93
CA ASP A 231 20.30 3.10 -21.42
C ASP A 231 21.58 3.71 -22.01
N PHE A 232 22.54 2.88 -22.36
CA PHE A 232 23.79 3.34 -22.96
C PHE A 232 24.17 2.39 -24.08
N THR A 233 24.53 2.96 -25.22
CA THR A 233 25.05 2.18 -26.35
C THR A 233 26.48 2.61 -26.63
N VAL A 234 27.38 1.65 -26.60
CA VAL A 234 28.82 1.88 -26.76
C VAL A 234 29.25 1.17 -28.03
N VAL A 236 32.40 0.77 -31.31
CA VAL A 236 33.84 0.60 -31.41
C VAL A 236 34.29 0.97 -32.83
N LYS A 237 35.51 1.50 -32.91
CA LYS A 237 35.89 2.48 -33.92
C LYS A 237 35.65 2.03 -35.36
N ASP A 238 36.17 0.86 -35.73
CA ASP A 238 36.17 0.44 -37.13
C ASP A 238 35.40 -0.82 -37.44
N ILE A 239 34.96 -1.58 -36.43
CA ILE A 239 34.33 -2.87 -36.68
C ILE A 239 32.81 -2.83 -36.50
N SER A 240 32.25 -1.69 -36.08
CA SER A 240 30.83 -1.60 -35.78
C SER A 240 30.16 -0.59 -36.71
N TYR A 241 28.87 -0.84 -36.95
CA TYR A 241 28.02 0.15 -37.60
C TYR A 241 26.58 -0.15 -37.22
N PHE A 243 22.32 0.77 -38.45
CA PHE A 243 21.25 1.43 -39.20
C PHE A 243 20.05 0.51 -39.34
N VAL A 244 18.88 1.14 -39.45
CA VAL A 244 17.63 0.42 -39.63
C VAL A 244 17.57 -0.23 -41.01
N THR A 245 17.92 0.54 -42.04
CA THR A 245 17.93 0.10 -43.43
C THR A 245 19.34 0.24 -43.99
N GLY A 246 19.78 -0.76 -44.73
CA GLY A 246 21.18 -0.88 -45.12
C GLY A 246 21.53 -0.07 -46.35
N PRO A 247 22.84 0.03 -46.61
CA PRO A 247 23.30 0.89 -47.71
C PRO A 247 22.83 0.46 -49.09
N GLU A 248 22.75 -0.85 -49.36
CA GLU A 248 22.37 -1.33 -50.69
C GLU A 248 20.92 -0.98 -51.01
N VAL A 249 20.00 -1.25 -50.09
CA VAL A 249 18.59 -0.93 -50.31
C VAL A 249 18.33 0.58 -50.23
N VAL A 250 19.04 1.31 -49.37
CA VAL A 250 18.97 2.78 -49.44
C VAL A 250 19.37 3.25 -50.83
N SER A 251 20.42 2.66 -51.39
CA SER A 251 20.86 3.08 -52.72
C SER A 251 19.96 2.55 -53.82
N ALA A 252 19.08 1.59 -53.51
CA ALA A 252 18.22 0.99 -54.52
C ALA A 252 16.83 1.62 -54.57
N VAL A 253 16.25 1.96 -53.42
CA VAL A 253 14.96 2.65 -53.41
C VAL A 253 15.14 4.15 -53.31
N GLY A 255 17.77 7.54 -53.78
CA GLY A 255 18.78 7.83 -54.79
C GLY A 255 20.15 8.10 -54.24
N GLU A 256 20.56 7.36 -53.21
CA GLU A 256 21.72 7.70 -52.40
C GLU A 256 22.72 6.55 -52.38
N GLN A 257 23.91 6.79 -52.93
CA GLN A 257 25.02 5.84 -52.88
C GLN A 257 25.89 6.19 -51.67
N VAL A 258 25.88 5.34 -50.66
CA VAL A 258 26.54 5.61 -49.39
C VAL A 258 27.17 4.33 -48.87
N THR A 259 28.28 4.47 -48.15
CA THR A 259 28.89 3.30 -47.52
C THR A 259 28.24 3.03 -46.17
N ALA A 260 28.51 1.85 -45.63
CA ALA A 260 27.96 1.49 -44.33
C ALA A 260 28.43 2.46 -43.26
N GLU A 261 29.69 2.88 -43.33
CA GLU A 261 30.24 3.78 -42.32
C GLU A 261 29.71 5.20 -42.48
N GLN A 262 29.50 5.66 -43.71
CA GLN A 262 28.94 7.00 -43.88
C GLN A 262 27.49 7.04 -43.43
N LEU A 263 26.75 5.95 -43.63
CA LEU A 263 25.33 5.89 -43.28
C LEU A 263 25.14 5.73 -41.77
N GLY A 264 25.87 4.81 -41.16
CA GLY A 264 25.68 4.57 -39.75
C GLY A 264 26.93 4.05 -39.05
N GLY A 265 28.09 4.57 -39.42
CA GLY A 265 29.31 4.26 -38.73
C GLY A 265 29.31 4.88 -37.36
N PRO A 266 30.31 4.51 -36.54
CA PRO A 266 30.37 5.06 -35.17
C PRO A 266 30.38 6.57 -35.07
N ALA A 267 31.15 7.25 -35.92
CA ALA A 267 31.25 8.70 -35.80
C ALA A 267 29.91 9.36 -36.07
N VAL A 268 29.16 8.82 -37.03
CA VAL A 268 27.82 9.35 -37.32
C VAL A 268 26.96 9.36 -36.06
N HIS A 269 26.92 8.24 -35.36
CA HIS A 269 26.04 8.13 -34.20
C HIS A 269 26.62 8.80 -32.96
N ALA A 270 27.93 9.03 -32.93
CA ALA A 270 28.53 9.73 -31.80
C ALA A 270 28.34 11.24 -31.93
N GLU A 271 28.28 11.76 -33.15
CA GLU A 271 28.27 13.19 -33.38
C GLU A 271 26.98 13.74 -33.99
N VAL A 272 26.26 12.95 -34.79
CA VAL A 272 25.10 13.44 -35.55
C VAL A 272 23.79 12.92 -34.97
N SER A 273 23.63 11.60 -34.90
CA SER A 273 22.34 11.06 -34.50
C SER A 273 22.20 10.96 -32.99
N GLY A 274 23.31 10.83 -32.28
CA GLY A 274 23.28 10.70 -30.83
C GLY A 274 22.94 9.32 -30.33
N ASN A 275 22.91 8.31 -31.20
CA ASN A 275 22.59 6.96 -30.76
C ASN A 275 23.71 6.33 -29.95
N ALA A 276 24.94 6.82 -30.06
CA ALA A 276 26.09 6.22 -29.40
C ALA A 276 26.57 7.15 -28.30
N HIS A 277 26.58 6.65 -27.06
CA HIS A 277 27.02 7.45 -25.92
C HIS A 277 28.54 7.44 -25.77
N TYR A 278 29.21 6.48 -26.38
CA TYR A 278 30.67 6.40 -26.35
C TYR A 278 31.12 5.51 -27.49
N VAL A 279 32.28 5.83 -28.06
CA VAL A 279 32.90 4.99 -29.07
C VAL A 279 34.30 4.65 -28.58
N GLY A 280 34.58 3.37 -28.44
CA GLY A 280 35.89 2.95 -28.02
C GLY A 280 36.87 2.90 -29.18
N ASP A 281 38.13 3.23 -28.88
CA ASP A 281 39.17 3.14 -29.89
C ASP A 281 39.32 1.71 -30.39
N ASP A 282 39.27 0.76 -29.46
CA ASP A 282 39.26 -0.67 -29.75
C ASP A 282 38.27 -1.34 -28.80
N GLU A 283 38.13 -2.66 -28.93
CA GLU A 283 37.13 -3.36 -28.12
C GLU A 283 37.47 -3.27 -26.64
N GLN A 284 38.77 -3.30 -26.32
CA GLN A 284 39.19 -3.16 -24.92
C GLN A 284 38.76 -1.82 -24.35
N ASP A 285 38.95 -0.74 -25.10
CA ASP A 285 38.62 0.58 -24.57
C ASP A 285 37.13 0.69 -24.28
N ALA A 286 36.30 0.14 -25.17
CA ALA A 286 34.85 0.16 -24.97
C ALA A 286 34.44 -0.67 -23.77
N ILE A 287 34.99 -1.88 -23.64
CA ILE A 287 34.63 -2.73 -22.51
C ILE A 287 35.02 -2.05 -21.20
N SER A 288 36.23 -1.48 -21.17
CA SER A 288 36.68 -0.74 -20.00
C SER A 288 35.73 0.41 -19.67
N TRP A 289 35.28 1.15 -20.69
CA TRP A 289 34.30 2.22 -20.45
C TRP A 289 33.05 1.67 -19.78
N VAL A 290 32.58 0.51 -20.25
CA VAL A 290 31.37 -0.08 -19.68
C VAL A 290 31.57 -0.46 -18.22
N GLN A 291 32.72 -1.07 -17.89
CA GLN A 291 32.96 -1.44 -16.49
C GLN A 291 33.04 -0.21 -15.60
N THR A 292 33.72 0.82 -16.08
CA THR A 292 33.81 2.06 -15.30
C THR A 292 32.45 2.67 -15.07
N LEU A 293 31.58 2.65 -16.10
CA LEU A 293 30.24 3.17 -15.93
C LEU A 293 29.47 2.38 -14.87
N LEU A 294 29.55 1.05 -14.93
CA LEU A 294 28.86 0.24 -13.93
C LEU A 294 29.37 0.53 -12.53
N GLY A 295 30.63 0.92 -12.38
CA GLY A 295 31.13 1.27 -11.06
C GLY A 295 30.41 2.44 -10.41
N TYR A 296 29.69 3.25 -11.18
CA TYR A 296 28.91 4.35 -10.63
C TYR A 296 27.47 3.95 -10.31
N LEU A 297 26.99 2.81 -10.85
CA LEU A 297 25.55 2.63 -10.80
C LEU A 297 25.15 1.64 -9.72
N PRO A 298 23.94 1.79 -9.19
CA PRO A 298 23.37 0.74 -8.36
C PRO A 298 23.12 -0.49 -9.20
N PRO A 299 22.90 -1.66 -8.58
CA PRO A 299 22.51 -2.83 -9.37
C PRO A 299 21.11 -2.76 -9.90
N ASN A 300 20.24 -1.94 -9.30
CA ASN A 300 18.84 -1.84 -9.65
C ASN A 300 18.31 -0.55 -9.04
N ASN A 301 17.03 -0.28 -9.26
CA ASN A 301 16.48 1.00 -8.82
C ASN A 301 16.06 1.03 -7.36
N LEU A 302 16.32 -0.02 -6.60
CA LEU A 302 15.99 -0.06 -5.17
C LEU A 302 17.20 -0.02 -4.26
N ASP A 303 18.29 -0.69 -4.62
CA ASP A 303 19.48 -0.89 -3.82
C ASP A 303 20.46 0.25 -3.99
N PRO A 304 21.31 0.52 -2.99
CA PRO A 304 22.16 1.70 -3.03
C PRO A 304 23.32 1.56 -4.00
N ALA A 305 23.74 2.71 -4.54
CA ALA A 305 24.94 2.79 -5.36
C ALA A 305 26.17 2.54 -4.49
N PRO A 306 27.29 2.09 -5.08
CA PRO A 306 28.46 1.82 -4.27
C PRO A 306 29.03 3.09 -3.69
N VAL A 307 29.61 2.97 -2.49
CA VAL A 307 30.26 4.08 -1.81
C VAL A 307 31.72 3.72 -1.66
N TYR A 308 32.60 4.62 -2.05
CA TYR A 308 34.02 4.36 -2.03
C TYR A 308 34.69 5.25 -1.00
N ASP A 309 35.87 4.82 -0.56
CA ASP A 309 36.72 5.64 0.28
C ASP A 309 37.27 6.80 -0.54
N HIS A 310 37.53 7.92 0.11
CA HIS A 310 37.93 9.11 -0.62
C HIS A 310 39.11 9.78 0.07
N ASP A 311 39.68 10.74 -0.66
CA ASP A 311 40.89 11.47 -0.29
C ASP A 311 40.62 12.95 -0.44
N CYS A 312 39.43 13.37 -0.03
CA CYS A 312 39.01 14.76 -0.12
C CYS A 312 39.68 15.63 0.94
N ALA A 313 40.16 16.78 0.51
CA ALA A 313 40.69 17.77 1.44
C ALA A 313 39.56 18.40 2.25
N PRO A 314 39.66 18.46 3.57
CA PRO A 314 38.58 19.07 4.36
C PRO A 314 38.53 20.57 4.21
N GLY A 315 39.68 21.22 4.00
CA GLY A 315 39.76 22.65 3.87
C GLY A 315 40.07 23.10 2.44
N ILE A 316 40.22 24.42 2.30
CA ILE A 316 40.53 25.04 1.02
C ILE A 316 41.86 24.56 0.46
N THR A 317 41.84 24.16 -0.82
CA THR A 317 43.04 23.79 -1.57
C THR A 317 43.34 24.83 -2.63
N GLU A 318 44.52 24.69 -3.26
CA GLU A 318 44.83 25.58 -4.39
C GLU A 318 43.96 25.25 -5.60
N ALA A 319 43.56 23.99 -5.75
CA ALA A 319 42.56 23.66 -6.76
C ALA A 319 41.27 24.42 -6.52
N ASP A 320 40.85 24.54 -5.26
CA ASP A 320 39.68 25.35 -4.93
C ASP A 320 39.93 26.83 -5.20
N LEU A 321 41.08 27.36 -4.79
CA LEU A 321 41.32 28.78 -4.99
C LEU A 321 41.39 29.16 -6.46
N ALA A 322 41.73 28.21 -7.32
CA ALA A 322 41.78 28.48 -8.75
C ALA A 322 40.42 28.88 -9.34
N LEU A 323 39.31 28.48 -8.72
CA LEU A 323 38.01 28.85 -9.28
C LEU A 323 37.69 30.32 -9.14
N ASP A 324 38.37 31.03 -8.23
CA ASP A 324 38.16 32.46 -8.05
C ASP A 324 38.59 33.26 -9.27
N THR A 325 39.46 32.69 -10.12
CA THR A 325 39.93 33.35 -11.33
C THR A 325 39.49 32.66 -12.60
N VAL A 326 38.65 31.62 -12.53
CA VAL A 326 38.38 30.84 -13.72
C VAL A 326 37.47 31.61 -14.67
N ILE A 327 36.65 32.50 -14.14
CA ILE A 327 35.68 33.25 -14.94
C ILE A 327 36.36 34.50 -15.48
N PRO A 328 36.42 34.69 -16.80
CA PRO A 328 37.11 35.87 -17.36
C PRO A 328 36.41 37.17 -17.00
N ASP A 329 37.20 38.26 -17.04
CA ASP A 329 36.64 39.59 -16.78
C ASP A 329 35.66 40.01 -17.86
N SER A 330 36.02 39.78 -19.12
CA SER A 330 35.20 40.20 -20.24
C SER A 330 34.18 39.14 -20.60
N GLU A 331 33.00 39.58 -20.95
CA GLU A 331 31.97 38.61 -21.25
C GLU A 331 32.10 37.99 -22.62
N GLN A 332 32.99 38.55 -23.46
CA GLN A 332 33.28 37.92 -24.74
C GLN A 332 34.05 36.62 -24.52
N GLN A 333 34.94 36.61 -23.54
CA GLN A 333 35.85 35.49 -23.34
C GLN A 333 35.17 34.36 -22.58
N VAL A 334 35.40 33.13 -23.04
CA VAL A 334 34.81 31.94 -22.44
C VAL A 334 35.88 31.20 -21.64
N TYR A 335 35.43 30.21 -20.90
CA TYR A 335 36.28 29.32 -20.11
C TYR A 335 35.84 27.90 -20.40
N ASP A 336 36.57 26.92 -19.86
CA ASP A 336 36.23 25.52 -20.01
C ASP A 336 35.56 25.04 -18.73
N ALA A 338 34.84 22.30 -17.75
CA ALA A 338 35.48 21.12 -17.21
C ALA A 338 36.45 21.47 -16.10
N ASP A 339 37.08 22.65 -16.18
CA ASP A 339 37.99 23.06 -15.13
C ASP A 339 37.25 23.36 -13.83
N VAL A 340 36.00 23.84 -13.93
CA VAL A 340 35.14 23.98 -12.76
C VAL A 340 34.73 22.61 -12.22
N ILE A 341 34.25 21.75 -13.11
CA ILE A 341 33.74 20.43 -12.72
C ILE A 341 34.83 19.64 -11.99
N THR A 342 36.03 19.62 -12.55
CA THR A 342 37.12 18.85 -11.97
C THR A 342 37.54 19.38 -10.60
N ALA A 343 37.34 20.67 -10.35
CA ALA A 343 37.66 21.22 -9.04
C ALA A 343 36.77 20.64 -7.95
N VAL A 344 35.54 20.28 -8.28
CA VAL A 344 34.56 19.84 -7.29
C VAL A 344 34.60 18.33 -7.09
N LEU A 345 34.84 17.57 -8.15
CA LEU A 345 34.73 16.11 -8.07
C LEU A 345 35.99 15.50 -7.45
N ASP A 346 35.79 14.35 -6.78
CA ASP A 346 36.90 13.60 -6.22
C ASP A 346 37.95 13.32 -7.29
N ASP A 347 39.22 13.55 -6.94
CA ASP A 347 40.36 13.28 -7.84
C ASP A 347 40.25 14.03 -9.17
N GLY A 348 39.36 15.02 -9.26
CA GLY A 348 39.19 15.75 -10.51
C GLY A 348 38.81 14.90 -11.71
N ASP A 349 38.06 13.82 -11.48
CA ASP A 349 37.83 12.82 -12.51
C ASP A 349 36.34 12.61 -12.74
N TYR A 350 35.98 12.33 -13.99
CA TYR A 350 34.59 11.98 -14.30
C TYR A 350 34.53 11.17 -15.59
N LEU A 351 33.49 10.36 -15.69
CA LEU A 351 33.17 9.59 -16.89
C LEU A 351 32.14 10.36 -17.69
N GLU A 352 32.51 10.82 -18.89
CA GLU A 352 31.65 11.69 -19.67
C GLU A 352 30.75 10.85 -20.57
N ILE A 353 29.46 11.17 -20.56
CA ILE A 353 28.47 10.57 -21.45
C ILE A 353 28.33 11.47 -22.66
N HIS A 354 28.23 10.87 -23.84
CA HIS A 354 28.07 11.60 -25.09
C HIS A 354 29.17 12.65 -25.32
N PRO A 355 30.45 12.27 -25.19
CA PRO A 355 31.50 13.30 -25.30
C PRO A 355 31.47 14.06 -26.61
N ASP A 356 31.13 13.41 -27.72
CA ASP A 356 31.17 14.04 -29.03
C ASP A 356 29.80 14.48 -29.54
N PHE A 357 28.75 14.32 -28.74
CA PHE A 357 27.40 14.71 -29.14
C PHE A 357 26.98 15.92 -28.32
N ALA A 358 26.54 16.97 -29.01
CA ALA A 358 26.06 18.19 -28.38
C ALA A 358 27.09 18.69 -27.37
N ARG A 359 28.26 19.05 -27.89
CA ARG A 359 29.37 19.44 -27.02
C ARG A 359 29.10 20.72 -26.26
N ASN A 360 27.98 21.40 -26.52
CA ASN A 360 27.60 22.58 -25.77
C ASN A 360 27.05 22.28 -24.38
N ILE A 361 26.86 21.01 -24.03
CA ILE A 361 26.49 20.63 -22.68
C ILE A 361 27.30 19.39 -22.31
N ILE A 362 27.61 19.28 -21.01
CA ILE A 362 28.37 18.16 -20.46
C ILE A 362 27.46 17.35 -19.55
N CYS A 363 27.44 16.05 -19.80
CA CYS A 363 26.80 15.09 -18.91
C CYS A 363 27.89 14.11 -18.48
N ALA A 364 28.01 13.89 -17.17
CA ALA A 364 29.09 13.05 -16.70
C ALA A 364 28.71 12.45 -15.36
N LEU A 365 29.40 11.37 -15.00
CA LEU A 365 29.30 10.79 -13.67
C LEU A 365 30.61 11.00 -12.95
N GLY A 366 30.52 11.44 -11.70
CA GLY A 366 31.69 11.60 -10.87
C GLY A 366 31.36 11.22 -9.45
N ARG A 367 32.22 11.56 -8.50
CA ARG A 367 31.92 11.31 -7.11
C ARG A 367 32.28 12.52 -6.28
N VAL A 368 31.52 12.70 -5.21
CA VAL A 368 31.85 13.64 -4.17
C VAL A 368 31.89 12.85 -2.87
N GLU A 369 33.05 12.87 -2.20
CA GLU A 369 33.23 12.12 -0.96
C GLU A 369 32.83 10.66 -1.14
N GLY A 370 33.20 10.09 -2.28
CA GLY A 370 32.97 8.68 -2.54
C GLY A 370 31.59 8.32 -3.00
N HIS A 371 30.68 9.28 -3.15
CA HIS A 371 29.32 8.98 -3.59
C HIS A 371 29.10 9.39 -5.04
N SER A 372 28.30 8.58 -5.75
CA SER A 372 28.00 8.86 -7.15
C SER A 372 27.21 10.16 -7.26
N VAL A 373 27.65 11.02 -8.17
CA VAL A 373 26.99 12.28 -8.48
C VAL A 373 26.92 12.41 -9.98
N ALA A 374 25.77 12.82 -10.50
CA ALA A 374 25.63 13.12 -11.91
C ALA A 374 25.78 14.63 -12.13
N VAL A 375 26.55 14.98 -13.16
CA VAL A 375 26.89 16.36 -13.47
C VAL A 375 26.29 16.73 -14.81
N VAL A 376 25.52 17.82 -14.84
CA VAL A 376 24.99 18.42 -16.06
C VAL A 376 25.46 19.87 -16.06
N ALA A 377 26.14 20.29 -17.12
CA ALA A 377 26.76 21.60 -17.10
C ALA A 377 26.77 22.24 -18.48
N ASN A 378 26.35 23.50 -18.56
CA ASN A 378 26.55 24.24 -19.80
C ASN A 378 28.04 24.40 -20.08
N GLN A 379 28.41 24.26 -21.34
CA GLN A 379 29.80 24.33 -21.78
C GLN A 379 30.00 25.54 -22.69
N PRO A 380 30.53 26.65 -22.18
CA PRO A 380 30.68 27.85 -23.02
C PRO A 380 31.70 27.70 -24.15
N ARG A 381 32.51 26.64 -24.16
CA ARG A 381 33.47 26.41 -25.24
C ARG A 381 32.84 25.95 -26.54
N HIS A 382 31.57 25.58 -26.55
CA HIS A 382 30.92 25.21 -27.80
C HIS A 382 29.55 25.86 -27.87
N LEU A 383 29.28 26.52 -29.00
CA LEU A 383 28.10 27.36 -29.22
C LEU A 383 27.79 28.24 -28.02
N ALA A 384 28.83 28.78 -27.37
CA ALA A 384 28.71 29.69 -26.24
C ALA A 384 27.89 29.10 -25.09
N GLY A 385 27.72 27.77 -25.07
CA GLY A 385 26.97 27.10 -24.02
C GLY A 385 25.47 27.24 -24.08
N VAL A 386 24.91 27.72 -25.20
CA VAL A 386 23.47 27.78 -25.33
C VAL A 386 22.88 26.37 -25.37
N LEU A 387 21.62 26.27 -25.00
CA LEU A 387 20.88 25.03 -25.18
C LEU A 387 20.29 24.98 -26.59
N ASP A 388 20.15 23.75 -27.08
CA ASP A 388 19.55 23.49 -28.39
C ASP A 388 18.90 22.11 -28.32
N ILE A 389 18.42 21.62 -29.46
CA ILE A 389 17.72 20.34 -29.48
C ILE A 389 18.63 19.22 -28.97
N ASP A 390 19.83 19.10 -29.54
CA ASP A 390 20.71 17.98 -29.20
C ASP A 390 21.08 17.98 -27.73
N ALA A 391 21.53 19.13 -27.21
CA ALA A 391 21.95 19.20 -25.80
C ALA A 391 20.78 18.91 -24.88
N SER A 392 19.59 19.39 -25.23
CA SER A 392 18.41 19.16 -24.40
C SER A 392 18.03 17.68 -24.34
N GLU A 393 18.06 16.97 -25.46
CA GLU A 393 17.68 15.55 -25.41
C GLU A 393 18.76 14.73 -24.72
N LYS A 394 20.02 15.11 -24.98
CA LYS A 394 21.16 14.52 -24.32
C LYS A 394 21.03 14.58 -22.79
N ALA A 395 20.92 15.81 -22.26
CA ALA A 395 20.82 16.00 -20.82
C ALA A 395 19.52 15.45 -20.26
N ALA A 396 18.42 15.60 -21.02
CA ALA A 396 17.13 15.14 -20.54
C ALA A 396 17.16 13.64 -20.24
N ARG A 397 17.61 12.84 -21.21
CA ARG A 397 17.60 11.41 -20.93
C ARG A 397 18.63 11.05 -19.88
N PHE A 398 19.78 11.73 -19.86
CA PHE A 398 20.75 11.48 -18.80
C PHE A 398 20.12 11.69 -17.42
N ILE A 399 19.40 12.81 -17.25
CA ILE A 399 18.80 13.14 -15.96
C ILE A 399 17.71 12.14 -15.59
N ARG A 400 16.85 11.77 -16.53
CA ARG A 400 15.79 10.82 -16.20
C ARG A 400 16.40 9.48 -15.79
N PHE A 401 17.48 9.07 -16.45
CA PHE A 401 18.13 7.82 -16.06
C PHE A 401 18.68 7.91 -14.65
N CYS A 402 19.39 9.00 -14.34
CA CYS A 402 19.94 9.14 -13.00
C CYS A 402 18.85 9.20 -11.94
N ASP A 403 17.72 9.82 -12.26
CA ASP A 403 16.62 9.86 -11.31
C ASP A 403 16.06 8.47 -11.05
N SER A 404 15.91 7.65 -12.09
CA SER A 404 15.40 6.30 -11.91
C SER A 404 16.26 5.49 -10.96
N PHE A 405 17.58 5.69 -10.97
CA PHE A 405 18.49 4.89 -10.16
C PHE A 405 19.09 5.71 -9.02
N ASN A 406 18.38 6.76 -8.60
CA ASN A 406 18.63 7.47 -7.34
C ASN A 406 19.99 8.13 -7.27
N ILE A 407 20.49 8.63 -8.39
CA ILE A 407 21.78 9.30 -8.44
C ILE A 407 21.53 10.81 -8.43
N PRO A 408 22.05 11.54 -7.44
CA PRO A 408 21.79 12.98 -7.38
C PRO A 408 22.43 13.72 -8.54
N VAL A 409 21.85 14.87 -8.87
CA VAL A 409 22.24 15.66 -10.04
C VAL A 409 22.83 16.98 -9.59
N LEU A 410 24.07 17.21 -10.01
CA LEU A 410 24.81 18.44 -9.73
C LEU A 410 24.91 19.22 -11.04
N THR A 411 24.27 20.38 -11.08
CA THR A 411 24.19 21.21 -12.28
C THR A 411 25.14 22.38 -12.14
N PHE A 412 25.90 22.65 -13.19
CA PHE A 412 26.70 23.86 -13.29
C PHE A 412 26.11 24.69 -14.42
N ASP A 414 25.60 28.00 -16.82
CA ASP A 414 26.07 29.21 -17.49
C ASP A 414 25.42 29.22 -18.86
N VAL A 415 24.17 29.64 -18.92
CA VAL A 415 23.33 29.45 -20.11
C VAL A 415 22.87 30.81 -20.61
N PRO A 416 23.29 31.22 -21.82
CA PRO A 416 22.84 32.51 -22.36
C PRO A 416 21.46 32.47 -22.99
N GLY A 417 20.96 31.28 -23.32
CA GLY A 417 19.67 31.16 -23.97
C GLY A 417 19.68 29.94 -24.88
N TYR A 418 18.84 29.99 -25.91
CA TYR A 418 18.73 28.92 -26.89
C TYR A 418 19.30 29.38 -28.23
N LEU A 419 19.78 28.41 -29.01
CA LEU A 419 20.28 28.69 -30.35
C LEU A 419 19.07 29.01 -31.28
N PRO A 420 19.08 30.16 -31.95
CA PRO A 420 17.82 30.75 -32.47
C PRO A 420 17.16 30.29 -33.77
N GLY A 421 17.95 30.05 -34.82
CA GLY A 421 17.52 29.71 -36.18
C GLY A 421 16.30 28.88 -36.63
N VAL A 422 15.81 29.15 -37.84
CA VAL A 422 14.78 28.35 -38.50
C VAL A 422 14.97 26.85 -38.29
N GLY A 423 16.22 26.39 -38.39
CA GLY A 423 16.52 24.99 -38.13
C GLY A 423 15.98 24.53 -36.80
N GLN A 424 16.26 25.28 -35.74
CA GLN A 424 15.86 24.83 -34.43
C GLN A 424 14.35 24.84 -34.25
N GLU A 425 13.67 25.85 -34.79
CA GLU A 425 12.25 25.95 -34.58
C GLU A 425 11.49 24.89 -35.39
N HIS A 426 11.85 24.73 -36.66
CA HIS A 426 11.12 23.81 -37.53
C HIS A 426 11.39 22.35 -37.17
N GLN A 427 12.55 22.04 -36.60
CA GLN A 427 12.81 20.67 -36.16
C GLN A 427 12.33 20.40 -34.74
N GLY A 428 11.67 21.39 -34.11
CA GLY A 428 10.91 21.13 -32.90
C GLY A 428 11.56 21.44 -31.57
N ILE A 429 12.32 22.53 -31.49
CA ILE A 429 12.97 22.89 -30.22
C ILE A 429 11.96 23.05 -29.09
N ILE A 430 10.72 23.42 -29.41
CA ILE A 430 9.71 23.58 -28.36
C ILE A 430 9.45 22.24 -27.67
N ARG A 431 8.97 21.25 -28.43
CA ARG A 431 8.58 19.97 -27.84
C ARG A 431 9.76 19.07 -27.51
N ARG A 432 10.96 19.40 -27.98
CA ARG A 432 12.13 18.58 -27.70
C ARG A 432 13.05 19.22 -26.67
N GLY A 433 13.23 20.53 -26.73
CA GLY A 433 13.85 21.25 -25.63
C GLY A 433 13.07 21.15 -24.34
N ILE A 434 11.74 21.09 -24.43
CA ILE A 434 10.97 21.00 -23.19
C ILE A 434 11.23 19.68 -22.46
N LYS A 435 11.81 18.68 -23.12
CA LYS A 435 12.12 17.42 -22.47
C LYS A 435 13.07 17.61 -21.29
N LEU A 436 13.97 18.59 -21.39
CA LEU A 436 14.89 18.82 -20.28
C LEU A 436 14.17 19.47 -19.10
N PHE A 437 13.21 20.35 -19.38
CA PHE A 437 12.35 20.87 -18.33
C PHE A 437 11.61 19.71 -17.65
N TYR A 438 11.02 18.82 -18.45
CA TYR A 438 10.31 17.68 -17.90
C TYR A 438 11.22 16.84 -17.03
N ALA A 439 12.44 16.57 -17.51
CA ALA A 439 13.36 15.71 -16.76
C ALA A 439 13.68 16.32 -15.41
N TYR A 440 14.01 17.61 -15.37
CA TYR A 440 14.31 18.26 -14.10
C TYR A 440 13.10 18.24 -13.17
N ALA A 441 11.93 18.65 -13.67
CA ALA A 441 10.76 18.81 -12.81
C ALA A 441 10.25 17.47 -12.30
N GLU A 442 10.36 16.42 -13.11
CA GLU A 442 9.91 15.09 -12.73
C GLU A 442 10.81 14.47 -11.66
N SER A 443 12.10 14.75 -11.73
CA SER A 443 13.06 14.05 -10.89
C SER A 443 12.85 14.38 -9.42
N THR A 444 13.12 13.39 -8.57
CA THR A 444 13.02 13.54 -7.12
C THR A 444 14.35 13.38 -6.42
N VAL A 445 15.42 13.02 -7.14
CA VAL A 445 16.74 12.90 -6.53
C VAL A 445 17.18 14.25 -6.00
N PRO A 446 18.10 14.29 -5.04
CA PRO A 446 18.69 15.58 -4.64
C PRO A 446 19.26 16.31 -5.85
N LYS A 447 19.02 17.61 -5.90
CA LYS A 447 19.50 18.46 -6.97
C LYS A 447 20.25 19.63 -6.38
N ILE A 448 21.52 19.76 -6.74
CA ILE A 448 22.32 20.90 -6.32
C ILE A 448 22.74 21.67 -7.57
N THR A 449 22.63 22.99 -7.52
CA THR A 449 22.88 23.84 -8.67
C THR A 449 23.87 24.94 -8.32
N VAL A 450 24.90 25.08 -9.15
CA VAL A 450 25.94 26.10 -9.02
C VAL A 450 25.87 26.99 -10.24
N ILE A 451 25.53 28.26 -10.03
CA ILE A 451 25.38 29.24 -11.10
C ILE A 451 26.68 29.99 -11.24
N THR A 452 27.44 29.72 -12.30
CA THR A 452 28.73 30.40 -12.45
C THR A 452 28.63 31.72 -13.20
N ARG A 453 27.77 31.83 -14.22
CA ARG A 453 27.74 33.05 -15.01
C ARG A 453 26.35 33.35 -15.55
N LYS A 454 26.13 33.11 -16.85
CA LYS A 454 24.88 33.50 -17.49
C LYS A 454 23.72 32.68 -16.96
N ALA A 455 22.61 33.37 -16.65
CA ALA A 455 21.39 32.76 -16.12
C ALA A 455 20.19 33.52 -16.67
N TYR A 456 19.92 33.34 -17.97
CA TYR A 456 18.93 34.15 -18.67
C TYR A 456 17.68 33.33 -18.94
N GLY A 457 16.52 33.92 -18.63
CA GLY A 457 15.20 33.42 -18.96
C GLY A 457 14.93 31.94 -18.82
N GLY A 458 14.33 31.37 -19.87
CA GLY A 458 13.93 29.97 -19.82
C GLY A 458 15.10 29.03 -19.65
N GLY A 459 16.25 29.37 -20.21
CA GLY A 459 17.46 28.59 -19.96
C GLY A 459 17.77 28.49 -18.48
N TYR A 460 17.70 29.62 -17.78
CA TYR A 460 17.90 29.61 -16.33
C TYR A 460 16.83 28.78 -15.64
N ALA A 461 15.57 28.93 -16.08
CA ALA A 461 14.49 28.12 -15.52
C ALA A 461 14.79 26.64 -15.63
N VAL A 462 15.24 26.21 -16.81
CA VAL A 462 15.38 24.78 -17.11
C VAL A 462 16.56 24.17 -16.36
N GLY A 464 17.94 23.53 -13.68
CA GLY A 464 17.97 23.28 -12.25
C GLY A 464 17.75 24.49 -11.38
N SER A 465 16.91 25.42 -11.81
CA SER A 465 16.52 26.53 -10.95
C SER A 465 15.77 26.01 -9.72
N ARG A 466 15.58 26.88 -8.73
CA ARG A 466 14.93 26.41 -7.52
C ARG A 466 13.46 26.12 -7.73
N GLN A 467 12.76 26.92 -8.55
CA GLN A 467 11.36 26.66 -8.83
C GLN A 467 11.13 25.38 -9.61
N ILE A 468 12.13 24.85 -10.31
CA ILE A 468 11.93 23.60 -11.02
C ILE A 468 12.25 22.39 -10.15
N GLY A 469 12.74 22.59 -8.93
CA GLY A 469 12.85 21.50 -7.99
C GLY A 469 14.21 21.33 -7.34
N ALA A 470 15.15 22.21 -7.64
CA ALA A 470 16.47 22.09 -7.03
C ALA A 470 16.37 22.28 -5.52
N ASP A 471 17.16 21.50 -4.79
CA ASP A 471 17.14 21.58 -3.33
C ASP A 471 18.11 22.61 -2.78
N ARG A 472 19.20 22.89 -3.50
CA ARG A 472 20.16 23.90 -3.09
C ARG A 472 20.70 24.59 -4.33
N VAL A 473 20.63 25.92 -4.36
CA VAL A 473 21.07 26.72 -5.49
C VAL A 473 22.06 27.75 -4.97
N ALA A 475 25.03 30.73 -6.18
CA ALA A 475 25.46 31.57 -7.28
C ALA A 475 26.82 32.18 -6.96
N TRP A 476 27.69 32.20 -7.95
CA TRP A 476 28.92 32.95 -7.83
C TRP A 476 28.59 34.42 -8.06
N PRO A 477 29.45 35.36 -7.62
CA PRO A 477 29.16 36.78 -7.91
C PRO A 477 29.24 37.10 -9.40
N THR A 478 29.73 36.16 -10.22
CA THR A 478 29.69 36.28 -11.66
C THR A 478 28.36 35.85 -12.24
N ALA A 479 27.47 35.29 -11.42
CA ALA A 479 26.16 34.86 -11.90
C ALA A 479 25.34 36.07 -12.31
N GLU A 480 24.79 36.03 -13.51
CA GLU A 480 23.91 37.09 -14.01
C GLU A 480 22.53 36.47 -14.18
N ILE A 481 21.68 36.65 -13.17
CA ILE A 481 20.36 36.02 -13.13
C ILE A 481 19.33 37.08 -13.47
N ALA A 482 18.76 37.00 -14.67
CA ALA A 482 17.90 38.04 -15.18
C ALA A 482 16.90 37.44 -16.17
N VAL A 483 15.84 38.21 -16.44
CA VAL A 483 14.80 37.78 -17.36
C VAL A 483 15.36 37.59 -18.77
N GLY A 485 19.06 39.07 -21.46
CA GLY A 485 20.24 39.89 -21.55
C GLY A 485 19.90 41.34 -21.77
N ALA A 486 20.91 42.20 -21.69
CA ALA A 486 20.62 43.62 -21.79
C ALA A 486 20.46 44.07 -23.23
N ASN A 487 20.80 43.21 -24.19
CA ASN A 487 20.58 43.57 -25.59
C ASN A 487 19.15 43.25 -25.98
N SER A 488 18.55 42.26 -25.32
CA SER A 488 17.18 41.87 -25.62
C SER A 488 16.14 42.69 -24.85
N ALA A 489 16.53 43.36 -23.77
CA ALA A 489 15.58 44.07 -22.92
C ALA A 489 15.29 45.49 -23.39
N VAL A 490 15.33 45.73 -24.69
CA VAL A 490 14.92 47.03 -25.24
C VAL A 490 13.53 46.92 -25.87
N PRO A 491 12.59 46.12 -25.32
CA PRO A 491 11.18 46.48 -25.39
C PRO A 491 10.76 47.67 -24.53
N ILE A 492 11.68 48.50 -24.06
CA ILE A 492 11.30 49.77 -23.45
C ILE A 492 12.31 50.85 -23.82
N LEU A 513 23.00 52.68 -22.72
CA LEU A 513 21.75 52.35 -22.04
C LEU A 513 21.66 50.87 -21.77
N VAL A 514 22.16 50.05 -22.70
CA VAL A 514 22.27 48.62 -22.44
C VAL A 514 23.34 48.37 -21.40
N ASP A 515 24.35 49.24 -21.34
CA ASP A 515 25.37 49.18 -20.29
C ASP A 515 24.75 49.38 -18.91
N ASP A 516 23.83 50.35 -18.79
CA ASP A 516 23.19 50.63 -17.51
C ASP A 516 22.41 49.43 -17.01
N TYR A 517 21.57 48.85 -17.87
CA TYR A 517 20.86 47.61 -17.54
C TYR A 517 21.85 46.53 -17.12
N ARG A 518 22.98 46.45 -17.81
CA ARG A 518 24.00 45.45 -17.46
C ARG A 518 24.55 45.68 -16.06
N ARG A 519 24.70 46.95 -15.64
CA ARG A 519 25.20 47.22 -14.30
C ARG A 519 24.17 46.88 -13.24
N ARG A 520 22.90 47.23 -13.48
CA ARG A 520 21.90 46.97 -12.46
C ARG A 520 21.65 45.47 -12.29
N PHE A 521 21.67 44.72 -13.39
CA PHE A 521 21.09 43.39 -13.38
C PHE A 521 22.06 42.28 -13.73
N GLY A 522 23.31 42.59 -14.06
CA GLY A 522 24.28 41.56 -14.37
C GLY A 522 24.94 40.99 -13.12
N ASN A 523 24.12 40.47 -12.21
CA ASN A 523 24.59 40.02 -10.91
C ASN A 523 23.49 39.16 -10.29
N PRO A 524 23.80 38.40 -9.25
CA PRO A 524 22.79 37.48 -8.67
C PRO A 524 21.89 38.08 -7.60
N TYR A 525 21.94 39.37 -7.32
CA TYR A 525 21.39 39.85 -6.06
C TYR A 525 19.90 40.15 -6.11
N GLU A 526 19.30 40.31 -7.30
CA GLU A 526 17.85 40.36 -7.36
C GLU A 526 17.25 38.98 -7.08
N ALA A 527 17.82 37.95 -7.70
CA ALA A 527 17.41 36.59 -7.41
C ALA A 527 17.65 36.24 -5.95
N ALA A 528 18.80 36.64 -5.42
CA ALA A 528 19.08 36.37 -4.01
C ALA A 528 18.11 37.13 -3.11
N ALA A 529 17.74 38.35 -3.51
CA ALA A 529 16.79 39.12 -2.73
C ALA A 529 15.43 38.44 -2.65
N HIS A 530 15.00 37.80 -3.75
CA HIS A 530 13.73 37.08 -3.70
C HIS A 530 13.85 35.68 -3.11
N GLY A 531 15.04 35.24 -2.72
CA GLY A 531 15.23 33.87 -2.27
C GLY A 531 15.20 32.83 -3.35
N TYR A 532 15.28 33.24 -4.62
CA TYR A 532 15.32 32.27 -5.72
C TYR A 532 16.65 31.52 -5.76
N VAL A 533 17.72 32.11 -5.22
CA VAL A 533 18.95 31.38 -4.96
C VAL A 533 19.16 31.40 -3.45
N ASP A 534 19.84 30.37 -2.94
CA ASP A 534 19.99 30.22 -1.49
C ASP A 534 21.23 30.89 -0.96
N VAL A 536 25.06 33.23 -2.16
CA VAL A 536 26.02 33.76 -3.11
C VAL A 536 27.38 33.63 -2.46
N ILE A 537 28.26 32.86 -3.08
CA ILE A 537 29.50 32.43 -2.47
C ILE A 537 30.66 32.85 -3.36
N SER A 538 31.83 32.98 -2.73
CA SER A 538 33.04 33.10 -3.53
C SER A 538 33.29 31.77 -4.21
N PRO A 539 33.69 31.77 -5.48
CA PRO A 539 33.78 30.50 -6.23
C PRO A 539 34.60 29.42 -5.54
N SER A 540 35.65 29.80 -4.82
CA SER A 540 36.50 28.81 -4.15
C SER A 540 35.74 27.98 -3.11
N ARG A 541 34.58 28.43 -2.65
CA ARG A 541 33.84 27.66 -1.67
C ARG A 541 33.01 26.55 -2.29
N THR A 542 32.92 26.50 -3.63
CA THR A 542 31.97 25.63 -4.32
C THR A 542 32.10 24.18 -3.87
N ARG A 543 33.30 23.60 -4.04
CA ARG A 543 33.51 22.20 -3.69
C ARG A 543 32.93 21.93 -2.32
N TYR A 544 33.28 22.81 -1.38
CA TYR A 544 32.91 22.63 0.00
C TYR A 544 31.40 22.61 0.15
N GLU A 545 30.74 23.61 -0.42
CA GLU A 545 29.30 23.70 -0.19
C GLU A 545 28.59 22.59 -0.90
N VAL A 546 29.06 22.20 -2.09
CA VAL A 546 28.40 21.09 -2.78
C VAL A 546 28.46 19.86 -1.90
N ALA A 547 29.65 19.57 -1.36
CA ALA A 547 29.80 18.39 -0.51
C ALA A 547 28.85 18.48 0.69
N ARG A 548 28.71 19.67 1.26
CA ARG A 548 27.81 19.80 2.40
C ARG A 548 26.38 19.53 1.95
N ALA A 549 25.95 20.21 0.88
CA ALA A 549 24.57 20.06 0.43
C ALA A 549 24.26 18.60 0.13
N LEU A 550 25.15 17.95 -0.61
CA LEU A 550 24.95 16.54 -0.94
C LEU A 550 24.77 15.71 0.31
N ALA A 551 25.67 15.88 1.28
CA ALA A 551 25.59 15.04 2.47
C ALA A 551 24.30 15.32 3.22
N SER A 552 23.83 16.56 3.18
CA SER A 552 22.61 16.92 3.90
C SER A 552 21.36 16.39 3.22
N LEU A 553 21.46 15.90 1.99
CA LEU A 553 20.29 15.57 1.20
C LEU A 553 20.09 14.07 0.98
N ARG A 554 20.93 13.21 1.57
CA ARG A 554 20.87 11.78 1.25
C ARG A 554 19.61 11.10 1.76
N ASN A 555 18.93 11.66 2.77
CA ASN A 555 17.69 11.09 3.26
C ASN A 555 16.47 11.74 2.62
N LYS A 556 16.65 12.43 1.50
CA LYS A 556 15.53 13.13 0.87
C LYS A 556 14.46 12.14 0.45
N ARG A 557 13.21 12.48 0.75
CA ARG A 557 12.06 11.73 0.29
C ARG A 557 11.11 12.72 -0.37
N GLN A 558 10.65 12.40 -1.58
CA GLN A 558 9.71 13.27 -2.28
C GLN A 558 8.64 12.41 -2.95
N ALA A 559 7.39 12.77 -2.72
CA ALA A 559 6.28 12.00 -3.28
C ALA A 559 6.15 12.27 -4.77
N ARG A 560 5.53 11.33 -5.47
CA ARG A 560 5.40 11.41 -6.91
C ARG A 560 3.92 11.35 -7.30
N PRO A 561 3.54 12.01 -8.39
CA PRO A 561 2.14 11.93 -8.84
C PRO A 561 1.70 10.48 -9.06
N ALA A 562 0.45 10.20 -8.70
CA ALA A 562 -0.15 8.87 -8.87
C ALA A 562 -0.71 8.74 -10.28
N ARG A 563 -0.10 7.87 -11.09
CA ARG A 563 -0.43 7.68 -12.48
C ARG A 563 0.27 6.41 -12.94
N LYS A 564 -0.24 5.81 -14.01
CA LYS A 564 0.55 4.72 -14.60
C LYS A 564 1.90 5.26 -15.06
N HIS A 565 1.90 6.45 -15.64
CA HIS A 565 3.09 7.13 -16.13
C HIS A 565 2.66 8.50 -16.61
N GLY A 566 3.63 9.37 -16.85
CA GLY A 566 3.36 10.68 -17.40
C GLY A 566 3.22 10.60 -18.90
N ASN A 567 3.08 11.77 -19.51
CA ASN A 567 2.96 11.90 -20.96
C ASN A 567 4.02 12.87 -21.49
N ILE A 568 5.28 12.53 -21.24
CA ILE A 568 6.39 13.42 -21.64
C ILE A 568 6.32 13.66 -23.15
N PRO A 569 6.64 14.88 -23.62
CA PRO A 569 6.75 15.10 -25.06
C PRO A 569 7.84 14.24 -25.68
N LEU A 570 7.56 13.71 -26.86
CA LEU A 570 8.48 12.81 -27.54
C LEU A 570 8.98 13.42 -28.85
N PRO B 52 -0.15 -9.98 55.92
CA PRO B 52 1.12 -9.27 56.07
C PRO B 52 0.97 -7.77 55.86
N THR B 53 1.25 -6.96 56.88
CA THR B 53 1.09 -5.52 56.76
C THR B 53 2.40 -4.79 56.48
N SER B 54 3.50 -5.17 57.14
CA SER B 54 4.78 -4.51 56.91
C SER B 54 5.28 -4.78 55.49
N THR B 55 6.08 -3.85 54.98
CA THR B 55 6.60 -4.00 53.62
C THR B 55 7.54 -5.20 53.52
N ALA B 56 8.46 -5.31 54.48
CA ALA B 56 9.38 -6.45 54.50
C ALA B 56 8.62 -7.77 54.61
N ASP B 57 7.53 -7.79 55.39
CA ASP B 57 6.74 -9.01 55.48
C ASP B 57 5.99 -9.31 54.20
N ARG B 58 5.68 -8.29 53.39
CA ARG B 58 5.05 -8.59 52.12
C ARG B 58 6.06 -9.17 51.15
N ILE B 59 7.31 -8.72 51.24
CA ILE B 59 8.39 -9.33 50.47
C ILE B 59 8.59 -10.79 50.90
N ALA B 60 8.61 -11.04 52.21
CA ALA B 60 8.77 -12.40 52.70
C ALA B 60 7.58 -13.27 52.29
N ASP B 61 6.38 -12.69 52.31
CA ASP B 61 5.17 -13.39 51.92
C ASP B 61 5.20 -13.75 50.45
N LEU B 62 5.71 -12.86 49.60
CA LEU B 62 5.90 -13.18 48.19
C LEU B 62 6.92 -14.29 48.03
N ALA B 63 8.02 -14.25 48.80
CA ALA B 63 9.00 -15.33 48.74
C ALA B 63 8.37 -16.66 49.13
N ALA B 64 7.46 -16.64 50.11
CA ALA B 64 6.78 -17.87 50.53
C ALA B 64 5.89 -18.41 49.42
N ARG B 65 5.12 -17.53 48.75
CA ARG B 65 4.25 -18.04 47.69
C ARG B 65 5.05 -18.51 46.49
N HIS B 66 6.18 -17.85 46.19
CA HIS B 66 7.04 -18.36 45.13
C HIS B 66 7.59 -19.73 45.48
N GLU B 67 8.01 -19.89 46.75
CA GLU B 67 8.50 -21.18 47.20
C GLU B 67 7.45 -22.26 46.99
N GLU B 68 6.19 -21.93 47.29
CA GLU B 68 5.09 -22.88 47.10
C GLU B 68 4.84 -23.16 45.62
N ALA B 69 4.84 -22.12 44.79
CA ALA B 69 4.42 -22.27 43.41
C ALA B 69 5.46 -22.98 42.55
N VAL B 70 6.74 -22.80 42.86
CA VAL B 70 7.82 -23.32 42.03
C VAL B 70 8.59 -24.45 42.72
N VAL B 71 9.04 -24.21 43.95
CA VAL B 71 10.01 -25.15 44.52
C VAL B 71 9.30 -26.40 45.02
N LEU B 72 8.22 -26.20 45.77
CA LEU B 72 7.49 -27.30 46.38
C LEU B 72 6.67 -28.04 45.32
N ALA B 73 6.04 -27.28 44.44
CA ALA B 73 5.33 -27.85 43.31
C ALA B 73 6.27 -28.66 42.44
N GLU B 74 7.51 -28.18 42.29
CA GLU B 74 8.47 -28.90 41.46
C GLU B 74 8.90 -30.20 42.11
N LYS B 75 9.10 -30.23 43.43
CA LYS B 75 9.50 -31.48 44.05
C LYS B 75 8.37 -32.51 44.01
N LYS B 76 7.12 -32.06 44.20
CA LYS B 76 5.98 -32.97 44.06
C LYS B 76 5.88 -33.51 42.63
N ALA B 77 5.98 -32.60 41.65
CA ALA B 77 5.87 -33.02 40.24
C ALA B 77 6.98 -33.98 39.87
N ALA B 78 8.20 -33.73 40.35
CA ALA B 78 9.30 -34.64 40.05
C ALA B 78 9.02 -36.02 40.62
N ASP B 79 8.44 -36.06 41.84
CA ASP B 79 8.05 -37.35 42.41
C ASP B 79 7.11 -38.10 41.49
N ARG B 80 5.99 -37.49 41.12
CA ARG B 80 5.00 -38.27 40.37
C ARG B 80 5.43 -38.53 38.94
N GLN B 81 6.23 -37.65 38.38
CA GLN B 81 6.56 -37.69 36.97
C GLN B 81 7.71 -38.66 36.70
N HIS B 82 8.70 -38.70 37.60
CA HIS B 82 9.83 -39.61 37.44
C HIS B 82 9.41 -41.07 37.51
N LEU B 83 8.34 -41.37 38.22
CA LEU B 83 7.83 -42.73 38.31
C LEU B 83 7.22 -43.21 37.01
N LYS B 84 7.04 -42.30 36.05
CA LYS B 84 6.65 -42.64 34.69
C LYS B 84 7.75 -42.38 33.67
N GLY B 85 8.99 -42.22 34.14
CA GLY B 85 10.08 -41.98 33.23
C GLY B 85 10.01 -40.63 32.54
N LYS B 86 9.37 -39.65 33.16
CA LYS B 86 9.08 -38.36 32.55
C LYS B 86 9.74 -37.24 33.35
N LEU B 87 10.10 -36.15 32.66
CA LEU B 87 10.57 -34.99 33.39
C LEU B 87 9.42 -34.04 33.73
N THR B 88 9.76 -33.05 34.56
CA THR B 88 8.79 -32.05 34.91
C THR B 88 8.72 -31.00 33.81
N ALA B 89 7.63 -30.24 33.81
CA ALA B 89 7.49 -29.12 32.90
C ALA B 89 8.68 -28.17 32.99
N ARG B 90 9.08 -27.84 34.22
CA ARG B 90 10.13 -26.84 34.41
C ARG B 90 11.50 -27.41 34.04
N ALA B 91 11.70 -28.71 34.27
CA ALA B 91 12.95 -29.35 33.84
C ALA B 91 13.10 -29.28 32.31
N ARG B 92 12.01 -29.51 31.58
CA ARG B 92 12.06 -29.41 30.12
C ARG B 92 12.35 -27.98 29.68
N ILE B 93 11.71 -27.00 30.33
CA ILE B 93 12.05 -25.62 30.00
C ILE B 93 13.53 -25.36 30.25
N ASP B 94 14.06 -25.90 31.36
CA ASP B 94 15.46 -25.67 31.69
C ASP B 94 16.39 -26.34 30.68
N LEU B 95 16.00 -27.49 30.14
CA LEU B 95 16.82 -28.11 29.10
C LEU B 95 16.73 -27.36 27.78
N LEU B 96 15.58 -26.76 27.49
CA LEU B 96 15.37 -26.17 26.18
C LEU B 96 16.03 -24.79 26.07
N LEU B 97 15.86 -23.94 27.08
CA LEU B 97 16.28 -22.55 26.99
C LEU B 97 17.72 -22.37 27.42
N ASP B 98 18.31 -21.25 26.97
CA ASP B 98 19.63 -20.88 27.45
C ASP B 98 19.57 -20.63 28.95
N PRO B 99 20.55 -21.12 29.71
CA PRO B 99 20.56 -20.89 31.17
C PRO B 99 20.39 -19.42 31.53
N GLY B 100 19.50 -19.17 32.49
CA GLY B 100 19.29 -17.83 33.00
C GLY B 100 18.43 -16.93 32.15
N SER B 101 17.95 -17.43 31.01
CA SER B 101 17.19 -16.59 30.09
C SER B 101 15.68 -16.64 30.35
N PHE B 102 15.19 -17.57 31.16
CA PHE B 102 13.75 -17.76 31.30
C PHE B 102 13.14 -16.67 32.18
N VAL B 103 12.15 -15.97 31.64
CA VAL B 103 11.29 -15.07 32.40
C VAL B 103 9.90 -15.69 32.40
N GLU B 104 9.45 -16.09 33.58
CA GLU B 104 8.15 -16.72 33.77
C GLU B 104 7.04 -15.67 33.84
N LEU B 105 5.95 -15.94 33.12
CA LEU B 105 4.73 -15.14 33.20
C LEU B 105 3.64 -15.92 33.92
N ASP B 106 2.74 -15.17 34.55
CA ASP B 106 1.51 -15.72 35.11
C ASP B 106 1.78 -16.82 36.13
N GLU B 107 2.84 -16.64 36.93
CA GLU B 107 3.21 -17.68 37.89
C GLU B 107 2.12 -17.90 38.93
N PHE B 108 1.41 -16.84 39.31
CA PHE B 108 0.37 -16.93 40.34
C PHE B 108 -1.03 -16.82 39.75
N VAL B 109 -1.21 -17.17 38.48
CA VAL B 109 -2.55 -17.29 37.92
C VAL B 109 -3.25 -18.48 38.56
N ARG B 110 -4.55 -18.34 38.84
CA ARG B 110 -5.32 -19.41 39.44
C ARG B 110 -6.70 -19.46 38.79
N HIS B 111 -7.31 -20.64 38.79
CA HIS B 111 -8.65 -20.75 38.25
C HIS B 111 -9.64 -20.15 39.24
N ARG B 112 -10.92 -20.16 38.88
CA ARG B 112 -11.90 -19.32 39.55
C ARG B 112 -12.69 -20.04 40.64
N THR B 113 -12.77 -21.37 40.60
CA THR B 113 -13.51 -22.11 41.63
C THR B 113 -12.78 -22.01 42.96
N VAL B 114 -13.36 -21.27 43.91
CA VAL B 114 -12.80 -21.10 45.25
C VAL B 114 -13.68 -21.86 46.22
N GLU B 115 -13.90 -23.15 45.96
CA GLU B 115 -14.74 -23.93 46.84
C GLU B 115 -13.90 -24.59 47.93
N ALA B 116 -14.59 -25.25 48.86
CA ALA B 116 -13.96 -25.68 50.11
C ALA B 116 -12.91 -26.76 49.86
N GLY B 117 -13.23 -27.76 49.05
CA GLY B 117 -12.33 -28.88 48.88
C GLY B 117 -11.82 -29.09 47.46
N ILE B 118 -11.61 -28.00 46.72
CA ILE B 118 -11.18 -28.07 45.33
C ILE B 118 -9.82 -27.39 45.22
N PRO B 119 -8.79 -28.09 44.71
CA PRO B 119 -7.44 -27.51 44.66
C PRO B 119 -7.36 -26.34 43.69
N ARG B 120 -6.73 -25.26 44.13
CA ARG B 120 -6.55 -24.06 43.30
C ARG B 120 -5.07 -23.69 43.30
N PRO B 121 -4.23 -24.48 42.63
CA PRO B 121 -2.78 -24.25 42.65
C PRO B 121 -2.35 -23.08 41.78
N TYR B 122 -1.26 -22.43 42.21
CA TYR B 122 -0.66 -21.36 41.42
C TYR B 122 -0.20 -21.88 40.06
N GLY B 123 -0.45 -21.09 39.01
CA GLY B 123 -0.07 -21.45 37.66
C GLY B 123 -1.08 -22.29 36.90
N ASP B 124 -2.05 -22.90 37.60
CA ASP B 124 -3.15 -23.64 36.99
C ASP B 124 -2.68 -24.76 36.05
N GLY B 125 -1.48 -25.27 36.25
CA GLY B 125 -1.05 -26.47 35.58
C GLY B 125 -0.25 -26.31 34.31
N VAL B 126 0.19 -25.09 33.98
CA VAL B 126 1.06 -24.86 32.83
C VAL B 126 2.06 -23.78 33.19
N VAL B 127 3.29 -23.92 32.72
CA VAL B 127 4.34 -22.93 32.94
C VAL B 127 4.57 -22.20 31.62
N THR B 128 4.46 -20.88 31.64
CA THR B 128 4.59 -20.08 30.44
C THR B 128 5.63 -19.00 30.66
N GLY B 129 6.27 -18.59 29.56
CA GLY B 129 7.21 -17.49 29.64
C GLY B 129 8.01 -17.39 28.36
N HIS B 130 9.08 -16.60 28.41
CA HIS B 130 9.94 -16.49 27.24
C HIS B 130 11.39 -16.54 27.67
N GLY B 131 12.25 -16.78 26.69
CA GLY B 131 13.66 -16.90 26.96
C GLY B 131 14.43 -16.83 25.67
N THR B 132 15.65 -17.36 25.69
CA THR B 132 16.45 -17.44 24.47
C THR B 132 16.91 -18.87 24.25
N ILE B 133 17.03 -19.23 22.97
CA ILE B 133 17.67 -20.45 22.53
C ILE B 133 18.82 -20.03 21.61
N ASP B 134 20.04 -20.45 21.97
CA ASP B 134 21.26 -20.03 21.30
C ASP B 134 21.24 -18.55 21.01
N GLY B 135 20.82 -17.74 21.98
CA GLY B 135 20.89 -16.31 21.90
C GLY B 135 19.71 -15.62 21.26
N ARG B 136 18.78 -16.35 20.64
CA ARG B 136 17.65 -15.71 19.98
C ARG B 136 16.35 -16.00 20.73
N GLN B 137 15.49 -14.99 20.80
CA GLN B 137 14.32 -15.04 21.67
C GLN B 137 13.26 -16.00 21.16
N VAL B 138 12.63 -16.73 22.11
CA VAL B 138 11.53 -17.64 21.80
C VAL B 138 10.56 -17.61 22.98
N CYS B 139 9.32 -18.00 22.69
CA CYS B 139 8.29 -18.15 23.70
C CYS B 139 8.01 -19.64 23.94
N VAL B 140 7.63 -19.96 25.17
CA VAL B 140 7.50 -21.37 25.58
C VAL B 140 6.33 -21.51 26.56
N PHE B 141 5.62 -22.63 26.42
CA PHE B 141 4.73 -23.13 27.45
C PHE B 141 4.99 -24.62 27.64
N SER B 142 4.74 -25.10 28.86
CA SER B 142 5.06 -26.48 29.24
C SER B 142 3.98 -26.96 30.19
N HIS B 143 3.18 -27.92 29.74
CA HIS B 143 2.14 -28.48 30.60
C HIS B 143 2.76 -29.16 31.81
N ASP B 144 2.12 -29.00 32.97
CA ASP B 144 2.47 -29.80 34.13
C ASP B 144 1.33 -30.79 34.32
N PHE B 145 1.60 -32.03 33.92
CA PHE B 145 0.65 -33.13 34.00
C PHE B 145 0.23 -33.42 35.45
N THR B 146 1.11 -33.15 36.41
CA THR B 146 0.88 -33.47 37.81
C THR B 146 -0.03 -32.49 38.52
N THR B 147 -0.28 -31.32 37.94
CA THR B 147 -1.12 -30.29 38.54
C THR B 147 -2.45 -30.27 37.80
N LEU B 148 -3.50 -30.75 38.47
CA LEU B 148 -4.83 -30.85 37.89
C LEU B 148 -4.79 -31.52 36.51
N GLY B 149 -3.94 -32.53 36.38
CA GLY B 149 -3.83 -33.27 35.14
C GLY B 149 -3.27 -32.51 33.95
N GLY B 150 -2.69 -31.34 34.17
CA GLY B 150 -2.30 -30.47 33.05
C GLY B 150 -3.43 -30.22 32.09
N SER B 151 -4.65 -30.06 32.61
CA SER B 151 -5.86 -30.02 31.80
C SER B 151 -6.23 -28.60 31.42
N GLY B 153 -8.13 -25.36 30.99
CA GLY B 153 -9.16 -24.53 31.59
C GLY B 153 -8.99 -23.08 31.22
N GLU B 154 -9.79 -22.18 31.78
CA GLU B 154 -9.72 -20.79 31.33
C GLU B 154 -8.44 -20.10 31.82
N ALA B 155 -7.95 -20.44 33.01
CA ALA B 155 -6.73 -19.82 33.52
C ALA B 155 -5.50 -20.31 32.76
N PHE B 156 -5.28 -21.62 32.79
CA PHE B 156 -4.36 -22.36 31.94
C PHE B 156 -4.33 -21.73 30.53
N GLY B 157 -5.51 -21.67 29.93
CA GLY B 157 -5.62 -21.16 28.57
C GLY B 157 -5.25 -19.71 28.43
N SER B 158 -5.63 -18.88 29.40
CA SER B 158 -5.25 -17.48 29.32
C SER B 158 -3.74 -17.33 29.35
N LYS B 159 -3.05 -18.22 30.06
CA LYS B 159 -1.59 -18.18 30.06
C LYS B 159 -1.03 -18.51 28.68
N VAL B 160 -1.54 -19.59 28.06
CA VAL B 160 -1.01 -19.95 26.75
C VAL B 160 -1.38 -18.89 25.71
N VAL B 161 -2.59 -18.35 25.81
CA VAL B 161 -3.00 -17.24 24.94
C VAL B 161 -2.05 -16.07 25.09
N LYS B 162 -1.64 -15.77 26.32
CA LYS B 162 -0.82 -14.58 26.53
C LYS B 162 0.56 -14.77 25.92
N ILE B 163 1.18 -15.96 26.06
CA ILE B 163 2.49 -16.07 25.40
C ILE B 163 2.34 -16.14 23.89
N TYR B 164 1.26 -16.71 23.37
CA TYR B 164 1.09 -16.68 21.92
C TYR B 164 0.90 -15.25 21.40
N ASP B 165 0.07 -14.46 22.08
CA ASP B 165 -0.08 -13.05 21.71
C ASP B 165 1.26 -12.35 21.71
N PHE B 166 2.08 -12.61 22.72
CA PHE B 166 3.40 -11.97 22.78
C PHE B 166 4.27 -12.38 21.59
N ALA B 167 4.35 -13.69 21.31
CA ALA B 167 5.19 -14.16 20.22
C ALA B 167 4.76 -13.58 18.88
N SER B 169 3.26 -10.79 18.57
CA SER B 169 3.50 -9.35 18.69
C SER B 169 4.94 -8.99 18.33
N VAL B 170 5.91 -9.79 18.79
CA VAL B 170 7.32 -9.47 18.54
C VAL B 170 7.94 -10.31 17.43
N GLY B 171 7.21 -11.26 16.87
CA GLY B 171 7.74 -12.08 15.78
C GLY B 171 8.90 -12.98 16.18
N CYS B 172 8.67 -13.85 17.15
CA CYS B 172 9.62 -14.86 17.58
C CYS B 172 8.94 -16.22 17.59
N PRO B 173 9.71 -17.30 17.56
CA PRO B 173 9.11 -18.64 17.55
C PRO B 173 8.41 -18.99 18.86
N VAL B 174 7.49 -19.97 18.76
CA VAL B 174 6.82 -20.55 19.92
C VAL B 174 7.10 -22.04 19.94
N ILE B 175 7.58 -22.53 21.09
CA ILE B 175 7.69 -23.97 21.33
C ILE B 175 6.69 -24.33 22.42
N GLY B 176 5.74 -25.21 22.09
CA GLY B 176 4.81 -25.72 23.07
C GLY B 176 5.23 -27.10 23.50
N ILE B 177 5.30 -27.30 24.81
CA ILE B 177 5.67 -28.58 25.40
C ILE B 177 4.42 -29.18 26.02
N ASN B 178 3.93 -30.25 25.42
CA ASN B 178 2.59 -30.76 25.66
C ASN B 178 2.66 -32.03 26.48
N ASP B 179 1.81 -32.13 27.48
CA ASP B 179 1.79 -33.29 28.37
C ASP B 179 0.56 -33.15 29.24
N SER B 180 -0.60 -33.59 28.71
CA SER B 180 -1.88 -33.15 29.24
C SER B 180 -2.87 -34.31 29.36
N GLY B 181 -3.69 -34.25 30.42
CA GLY B 181 -4.79 -35.17 30.57
C GLY B 181 -6.03 -34.82 29.77
N GLY B 182 -6.02 -33.68 29.06
CA GLY B 182 -7.16 -33.31 28.24
C GLY B 182 -7.94 -32.11 28.75
N ALA B 183 -9.24 -32.10 28.47
CA ALA B 183 -10.11 -31.01 28.88
C ALA B 183 -10.42 -31.08 30.37
N ARG B 184 -10.54 -29.92 31.00
CA ARG B 184 -10.98 -29.85 32.39
C ARG B 184 -12.51 -29.88 32.38
N ILE B 185 -13.08 -31.05 32.64
CA ILE B 185 -14.53 -31.26 32.51
C ILE B 185 -15.38 -30.38 33.41
N GLN B 186 -14.91 -30.05 34.60
CA GLN B 186 -15.70 -29.25 35.53
C GLN B 186 -15.92 -27.83 35.03
N GLU B 187 -15.09 -27.34 34.11
CA GLU B 187 -15.25 -26.04 33.49
C GLU B 187 -16.09 -26.11 32.22
N GLY B 188 -16.60 -27.29 31.91
CA GLY B 188 -17.55 -27.43 30.81
C GLY B 188 -17.03 -26.85 29.52
N VAL B 189 -17.97 -26.22 28.78
CA VAL B 189 -17.67 -25.71 27.46
C VAL B 189 -16.52 -24.72 27.45
N SER B 191 -13.67 -25.04 28.51
CA SER B 191 -12.51 -25.79 28.05
C SER B 191 -12.40 -25.74 26.53
N ILE B 192 -13.50 -26.10 25.85
CA ILE B 192 -13.50 -26.08 24.39
C ILE B 192 -13.18 -24.68 23.89
N ALA B 193 -13.82 -23.67 24.48
CA ALA B 193 -13.63 -22.30 24.01
C ALA B 193 -12.15 -21.99 23.92
N TYR B 194 -11.42 -22.35 24.96
CA TYR B 194 -10.04 -21.90 24.96
C TYR B 194 -9.19 -22.74 24.02
N TYR B 195 -9.45 -24.05 23.90
CA TYR B 195 -8.82 -24.82 22.84
C TYR B 195 -8.96 -24.07 21.53
N THR B 196 -10.18 -23.63 21.23
CA THR B 196 -10.43 -22.98 19.96
C THR B 196 -9.62 -21.70 19.85
N GLU B 197 -9.58 -20.90 20.92
CA GLU B 197 -8.78 -19.70 20.89
C GLU B 197 -7.35 -20.04 20.50
N LEU B 198 -6.77 -21.05 21.17
CA LEU B 198 -5.40 -21.37 20.85
C LEU B 198 -5.28 -21.82 19.41
N GLY B 199 -6.21 -22.66 18.95
CA GLY B 199 -6.16 -23.10 17.57
C GLY B 199 -6.18 -21.94 16.61
N VAL B 200 -7.05 -20.95 16.84
CA VAL B 200 -7.16 -19.87 15.88
C VAL B 200 -5.84 -19.10 15.84
N ARG B 201 -5.19 -18.95 17.00
CA ARG B 201 -3.91 -18.26 17.01
C ARG B 201 -2.88 -19.02 16.20
N ASN B 202 -2.87 -20.36 16.32
CA ASN B 202 -1.96 -21.12 15.46
C ASN B 202 -2.23 -20.79 14.01
N VAL B 203 -3.51 -20.73 13.64
CA VAL B 203 -3.86 -20.50 12.25
C VAL B 203 -3.41 -19.13 11.81
N HIS B 204 -3.51 -18.14 12.70
CA HIS B 204 -3.10 -16.82 12.26
C HIS B 204 -1.60 -16.62 12.38
N SER B 205 -0.92 -17.53 13.07
CA SER B 205 0.54 -17.51 13.10
C SER B 205 1.14 -18.35 12.00
N SER B 206 0.32 -19.15 11.32
CA SER B 206 0.83 -20.11 10.35
C SER B 206 1.57 -19.38 9.23
N GLY B 207 2.85 -19.70 9.09
CA GLY B 207 3.67 -19.00 8.12
C GLY B 207 4.07 -17.60 8.53
N VAL B 208 3.79 -17.20 9.77
CA VAL B 208 4.21 -15.90 10.29
C VAL B 208 5.32 -16.05 11.31
N ILE B 209 5.14 -16.91 12.31
CA ILE B 209 6.21 -17.25 13.23
C ILE B 209 6.35 -18.77 13.24
N PRO B 210 7.57 -19.30 13.31
CA PRO B 210 7.74 -20.76 13.43
C PRO B 210 7.06 -21.28 14.68
N GLN B 211 6.33 -22.38 14.52
CA GLN B 211 5.58 -23.00 15.61
C GLN B 211 6.01 -24.46 15.73
N ILE B 212 6.47 -24.84 16.92
CA ILE B 212 6.99 -26.19 17.14
C ILE B 212 6.27 -26.81 18.33
N SER B 213 5.85 -28.06 18.17
CA SER B 213 5.16 -28.81 19.21
C SER B 213 6.02 -29.98 19.66
N LEU B 214 6.29 -30.03 20.97
CA LEU B 214 6.92 -31.16 21.63
C LEU B 214 5.82 -31.98 22.29
N ILE B 215 5.72 -33.25 21.93
CA ILE B 215 4.74 -34.15 22.52
C ILE B 215 5.48 -35.05 23.49
N GLY B 217 4.09 -36.51 26.53
CA GLY B 217 3.18 -37.18 27.42
C GLY B 217 1.89 -37.50 26.68
N PRO B 218 0.83 -37.76 27.43
CA PRO B 218 -0.48 -37.94 26.79
C PRO B 218 -0.91 -36.71 26.02
N CYS B 219 -1.57 -36.94 24.88
CA CYS B 219 -2.06 -35.86 24.01
C CYS B 219 -3.28 -36.38 23.24
N ALA B 220 -4.46 -36.24 23.82
CA ALA B 220 -5.67 -36.79 23.23
C ALA B 220 -6.79 -35.76 23.23
N GLY B 221 -7.80 -36.01 22.40
CA GLY B 221 -8.95 -35.12 22.31
C GLY B 221 -8.53 -33.74 21.83
N GLY B 222 -9.11 -32.71 22.46
CA GLY B 222 -8.79 -31.35 22.07
C GLY B 222 -7.31 -31.04 22.09
N SER B 223 -6.55 -31.78 22.91
CA SER B 223 -5.12 -31.57 23.01
C SER B 223 -4.40 -31.75 21.67
N VAL B 224 -5.00 -32.48 20.72
CA VAL B 224 -4.31 -32.67 19.44
C VAL B 224 -4.42 -31.45 18.54
N TYR B 225 -5.36 -30.54 18.82
CA TYR B 225 -5.71 -29.54 17.82
C TYR B 225 -4.57 -28.56 17.58
N SER B 226 -3.98 -28.02 18.65
CA SER B 226 -2.90 -27.06 18.48
C SER B 226 -1.64 -27.69 17.89
N PRO B 227 -1.12 -28.82 18.41
CA PRO B 227 0.02 -29.46 17.73
C PRO B 227 -0.24 -29.72 16.26
N ALA B 228 -1.46 -30.16 15.91
CA ALA B 228 -1.80 -30.42 14.52
C ALA B 228 -1.63 -29.18 13.66
N LEU B 229 -1.78 -27.98 14.24
CA LEU B 229 -1.69 -26.76 13.46
C LEU B 229 -0.30 -26.14 13.44
N THR B 230 0.61 -26.58 14.31
CA THR B 230 1.96 -26.04 14.27
C THR B 230 2.73 -26.64 13.10
N ASP B 231 3.97 -26.19 12.91
CA ASP B 231 4.75 -26.58 11.73
C ASP B 231 5.52 -27.88 11.92
N PHE B 232 5.95 -28.19 13.14
CA PHE B 232 6.71 -29.41 13.41
C PHE B 232 6.22 -30.01 14.71
N THR B 233 5.94 -31.31 14.69
CA THR B 233 5.51 -32.05 15.86
C THR B 233 6.58 -33.08 16.19
N VAL B 234 7.13 -33.02 17.40
CA VAL B 234 8.21 -33.89 17.84
C VAL B 234 7.72 -34.67 19.06
N VAL B 236 8.28 -38.23 21.87
CA VAL B 236 9.32 -38.93 22.59
C VAL B 236 8.91 -40.40 22.72
N LYS B 237 9.91 -41.28 22.73
CA LYS B 237 9.73 -42.66 22.27
C LYS B 237 8.73 -43.45 23.12
N ASP B 238 8.80 -43.34 24.45
CA ASP B 238 7.99 -44.24 25.26
C ASP B 238 6.93 -43.55 26.12
N ILE B 239 6.97 -42.23 26.23
CA ILE B 239 6.10 -41.52 27.16
C ILE B 239 4.95 -40.78 26.47
N SER B 240 4.92 -40.75 25.14
CA SER B 240 3.92 -39.95 24.43
C SER B 240 3.05 -40.78 23.51
N TYR B 241 1.82 -40.30 23.29
CA TYR B 241 0.90 -40.81 22.28
C TYR B 241 -0.07 -39.72 21.88
N PHE B 243 -4.05 -39.17 19.81
CA PHE B 243 -5.22 -39.59 19.04
C PHE B 243 -6.40 -38.69 19.35
N VAL B 244 -7.32 -38.60 18.38
CA VAL B 244 -8.55 -37.83 18.57
C VAL B 244 -9.44 -38.51 19.60
N THR B 245 -9.67 -39.81 19.44
CA THR B 245 -10.52 -40.57 20.33
C THR B 245 -9.74 -41.75 20.92
N GLY B 246 -9.93 -41.99 22.21
CA GLY B 246 -9.09 -42.90 22.97
C GLY B 246 -9.47 -44.35 22.79
N PRO B 247 -8.61 -45.23 23.30
CA PRO B 247 -8.80 -46.68 23.10
C PRO B 247 -10.09 -47.22 23.70
N GLU B 248 -10.64 -46.56 24.72
CA GLU B 248 -11.84 -47.04 25.41
C GLU B 248 -13.09 -46.75 24.58
N VAL B 249 -13.24 -45.51 24.10
CA VAL B 249 -14.32 -45.21 23.16
C VAL B 249 -14.14 -46.01 21.87
N VAL B 250 -12.90 -46.23 21.43
CA VAL B 250 -12.65 -47.08 20.28
C VAL B 250 -13.18 -48.50 20.51
N SER B 251 -12.89 -49.08 21.68
CA SER B 251 -13.34 -50.45 21.88
C SER B 251 -14.82 -50.55 22.18
N ALA B 252 -15.47 -49.45 22.52
CA ALA B 252 -16.89 -49.55 22.84
C ALA B 252 -17.75 -49.25 21.62
N VAL B 253 -17.35 -48.25 20.84
CA VAL B 253 -18.12 -47.86 19.67
C VAL B 253 -17.70 -48.64 18.42
N GLY B 255 -15.55 -51.67 18.63
CA GLY B 255 -15.16 -53.04 18.94
C GLY B 255 -13.73 -53.38 18.59
N GLU B 256 -12.83 -52.41 18.66
CA GLU B 256 -11.40 -52.62 18.45
C GLU B 256 -10.68 -52.51 19.79
N GLN B 257 -9.94 -53.54 20.16
CA GLN B 257 -9.18 -53.55 21.41
C GLN B 257 -7.74 -53.20 21.10
N VAL B 258 -7.34 -51.98 21.47
CA VAL B 258 -6.01 -51.47 21.18
C VAL B 258 -5.46 -50.74 22.38
N THR B 259 -4.14 -50.76 22.51
CA THR B 259 -3.47 -49.95 23.52
C THR B 259 -3.24 -48.55 22.96
N ALA B 260 -2.92 -47.61 23.86
CA ALA B 260 -2.61 -46.25 23.41
C ALA B 260 -1.42 -46.26 22.46
N GLU B 261 -0.46 -47.15 22.71
CA GLU B 261 0.70 -47.28 21.82
C GLU B 261 0.29 -47.76 20.43
N GLN B 262 -0.58 -48.78 20.36
CA GLN B 262 -1.04 -49.27 19.07
C GLN B 262 -1.92 -48.25 18.36
N LEU B 263 -2.74 -47.52 19.11
CA LEU B 263 -3.66 -46.59 18.46
C LEU B 263 -2.94 -45.35 17.95
N GLY B 264 -2.07 -44.77 18.78
CA GLY B 264 -1.38 -43.55 18.40
C GLY B 264 -0.02 -43.33 19.05
N GLY B 265 0.78 -44.38 19.17
CA GLY B 265 2.12 -44.27 19.67
C GLY B 265 3.02 -43.52 18.70
N PRO B 266 4.25 -43.18 19.14
CA PRO B 266 5.14 -42.40 18.27
C PRO B 266 5.43 -43.08 16.96
N ALA B 267 5.62 -44.40 16.96
CA ALA B 267 5.94 -45.10 15.71
C ALA B 267 4.81 -44.96 14.70
N VAL B 268 3.57 -45.03 15.17
CA VAL B 268 2.42 -44.85 14.29
C VAL B 268 2.50 -43.52 13.55
N HIS B 269 2.77 -42.44 14.29
CA HIS B 269 2.75 -41.12 13.69
C HIS B 269 4.03 -40.80 12.93
N ALA B 270 5.12 -41.50 13.25
CA ALA B 270 6.38 -41.27 12.54
C ALA B 270 6.41 -42.03 11.22
N GLU B 271 5.76 -43.19 11.15
CA GLU B 271 5.87 -44.04 9.97
C GLU B 271 4.58 -44.23 9.19
N VAL B 272 3.41 -44.13 9.82
CA VAL B 272 2.14 -44.47 9.17
C VAL B 272 1.32 -43.22 8.88
N SER B 273 1.00 -42.43 9.91
CA SER B 273 0.09 -41.30 9.72
C SER B 273 0.80 -40.04 9.26
N GLY B 274 2.08 -39.90 9.60
CA GLY B 274 2.81 -38.69 9.26
C GLY B 274 2.58 -37.52 10.17
N ASN B 275 1.92 -37.72 11.32
CA ASN B 275 1.68 -36.63 12.25
C ASN B 275 2.95 -36.17 12.97
N ALA B 276 3.99 -37.01 13.02
CA ALA B 276 5.21 -36.70 13.76
C ALA B 276 6.38 -36.49 12.79
N HIS B 277 7.03 -35.33 12.88
CA HIS B 277 8.17 -35.04 12.04
C HIS B 277 9.48 -35.62 12.58
N TYR B 278 9.53 -35.93 13.88
CA TYR B 278 10.71 -36.54 14.49
C TYR B 278 10.26 -37.18 15.78
N VAL B 279 10.92 -38.28 16.13
CA VAL B 279 10.71 -38.94 17.41
C VAL B 279 12.07 -39.05 18.08
N GLY B 280 12.18 -38.50 19.28
CA GLY B 280 13.41 -38.61 20.03
C GLY B 280 13.49 -39.91 20.79
N ASP B 281 14.70 -40.44 20.90
CA ASP B 281 14.91 -41.63 21.73
C ASP B 281 14.54 -41.35 23.18
N ASP B 282 14.91 -40.16 23.67
CA ASP B 282 14.49 -39.68 24.98
C ASP B 282 14.16 -38.20 24.86
N GLU B 283 13.77 -37.58 25.97
CA GLU B 283 13.36 -36.18 25.94
C GLU B 283 14.52 -35.26 25.59
N GLN B 284 15.73 -35.59 26.06
CA GLN B 284 16.90 -34.79 25.75
C GLN B 284 17.15 -34.75 24.24
N ASP B 285 16.94 -35.88 23.58
CA ASP B 285 17.14 -35.97 22.13
C ASP B 285 16.12 -35.15 21.37
N ALA B 286 14.85 -35.20 21.78
CA ALA B 286 13.83 -34.39 21.12
C ALA B 286 14.10 -32.91 21.31
N ILE B 287 14.46 -32.50 22.54
CA ILE B 287 14.74 -31.10 22.79
C ILE B 287 15.93 -30.62 21.98
N SER B 288 17.02 -31.42 21.94
CA SER B 288 18.16 -31.06 21.11
C SER B 288 17.74 -30.89 19.64
N TRP B 289 16.91 -31.83 19.14
CA TRP B 289 16.41 -31.70 17.77
C TRP B 289 15.69 -30.37 17.57
N VAL B 290 14.88 -29.98 18.55
CA VAL B 290 14.14 -28.72 18.41
C VAL B 290 15.10 -27.54 18.35
N GLN B 291 16.13 -27.52 19.22
CA GLN B 291 17.08 -26.40 19.19
C GLN B 291 17.84 -26.36 17.86
N THR B 292 18.26 -27.52 17.37
CA THR B 292 18.95 -27.55 16.09
C THR B 292 18.05 -27.05 14.97
N LEU B 293 16.77 -27.45 14.97
CA LEU B 293 15.85 -26.97 13.94
C LEU B 293 15.73 -25.45 14.01
N LEU B 294 15.58 -24.89 15.21
CA LEU B 294 15.49 -23.45 15.34
C LEU B 294 16.75 -22.75 14.82
N GLY B 295 17.91 -23.42 14.91
CA GLY B 295 19.14 -22.85 14.40
C GLY B 295 19.15 -22.58 12.90
N TYR B 296 18.24 -23.19 12.14
CA TYR B 296 18.13 -22.92 10.71
C TYR B 296 17.12 -21.84 10.38
N LEU B 297 16.25 -21.51 11.29
CA LEU B 297 15.09 -20.76 10.86
C LEU B 297 15.19 -19.29 11.22
N PRO B 298 14.52 -18.46 10.43
CA PRO B 298 14.33 -17.06 10.81
C PRO B 298 13.47 -16.95 12.06
N PRO B 299 13.47 -15.80 12.72
CA PRO B 299 12.54 -15.61 13.85
C PRO B 299 11.10 -15.45 13.40
N ASN B 300 10.89 -15.04 12.16
CA ASN B 300 9.57 -14.72 11.62
C ASN B 300 9.71 -14.62 10.11
N ASN B 301 8.61 -14.33 9.43
CA ASN B 301 8.64 -14.37 7.98
C ASN B 301 9.18 -13.10 7.34
N LEU B 302 9.68 -12.14 8.12
CA LEU B 302 10.29 -10.94 7.57
C LEU B 302 11.79 -10.85 7.80
N ASP B 303 12.27 -11.29 8.93
CA ASP B 303 13.65 -11.11 9.35
C ASP B 303 14.53 -12.24 8.80
N PRO B 304 15.81 -11.97 8.58
CA PRO B 304 16.66 -12.96 7.89
C PRO B 304 16.99 -14.15 8.75
N ALA B 305 17.18 -15.29 8.08
CA ALA B 305 17.66 -16.48 8.75
C ALA B 305 19.10 -16.27 9.19
N PRO B 306 19.55 -17.00 10.20
CA PRO B 306 20.92 -16.81 10.68
C PRO B 306 21.95 -17.25 9.65
N VAL B 307 23.08 -16.57 9.66
CA VAL B 307 24.22 -16.87 8.79
C VAL B 307 25.40 -17.23 9.68
N TYR B 308 26.07 -18.33 9.35
CA TYR B 308 27.15 -18.87 10.17
C TYR B 308 28.48 -18.86 9.44
N ASP B 309 29.55 -18.91 10.23
CA ASP B 309 30.87 -19.14 9.65
C ASP B 309 30.92 -20.58 9.15
N HIS B 310 31.68 -20.78 8.08
CA HIS B 310 31.72 -22.07 7.42
C HIS B 310 33.16 -22.38 7.05
N ASP B 311 33.40 -23.60 6.60
CA ASP B 311 34.74 -24.02 6.26
C ASP B 311 34.69 -24.80 4.94
N CYS B 312 33.97 -24.24 3.97
CA CYS B 312 33.84 -24.86 2.66
C CYS B 312 35.14 -24.79 1.88
N ALA B 313 35.51 -25.91 1.27
CA ALA B 313 36.68 -25.92 0.40
C ALA B 313 36.42 -25.12 -0.87
N PRO B 314 37.29 -24.19 -1.24
CA PRO B 314 37.04 -23.39 -2.44
C PRO B 314 37.20 -24.19 -3.73
N GLY B 315 38.06 -25.20 -3.75
CA GLY B 315 38.29 -26.01 -4.93
C GLY B 315 37.74 -27.42 -4.81
N ILE B 316 37.97 -28.18 -5.89
CA ILE B 316 37.53 -29.58 -5.95
C ILE B 316 38.18 -30.41 -4.86
N THR B 317 37.37 -31.19 -4.14
CA THR B 317 37.85 -32.12 -3.13
C THR B 317 37.66 -33.55 -3.63
N GLU B 318 38.24 -34.50 -2.89
CA GLU B 318 37.95 -35.90 -3.13
C GLU B 318 36.47 -36.19 -2.91
N ALA B 319 35.85 -35.48 -1.96
CA ALA B 319 34.42 -35.61 -1.73
C ALA B 319 33.62 -35.19 -2.94
N ASP B 320 34.04 -34.11 -3.61
CA ASP B 320 33.37 -33.70 -4.85
C ASP B 320 33.58 -34.74 -5.94
N LEU B 321 34.81 -35.23 -6.10
CA LEU B 321 35.10 -36.19 -7.16
C LEU B 321 34.38 -37.50 -6.95
N ALA B 322 34.01 -37.84 -5.71
CA ALA B 322 33.32 -39.10 -5.46
C ALA B 322 31.96 -39.17 -6.18
N LEU B 323 31.34 -38.03 -6.46
CA LEU B 323 30.05 -38.02 -7.13
C LEU B 323 30.13 -38.42 -8.58
N ASP B 324 31.32 -38.38 -9.18
CA ASP B 324 31.49 -38.84 -10.55
C ASP B 324 31.22 -40.33 -10.68
N THR B 325 31.34 -41.07 -9.58
CA THR B 325 31.13 -42.52 -9.59
C THR B 325 29.91 -42.95 -8.78
N VAL B 326 29.10 -42.00 -8.29
CA VAL B 326 28.02 -42.37 -7.38
C VAL B 326 26.86 -43.04 -8.11
N ILE B 327 26.67 -42.74 -9.39
CA ILE B 327 25.55 -43.27 -10.16
C ILE B 327 25.98 -44.60 -10.76
N PRO B 328 25.29 -45.70 -10.47
CA PRO B 328 25.70 -47.00 -11.00
C PRO B 328 25.58 -47.05 -12.52
N ASP B 329 26.40 -47.92 -13.13
CA ASP B 329 26.32 -48.11 -14.58
C ASP B 329 24.97 -48.70 -14.97
N SER B 330 24.50 -49.68 -14.20
CA SER B 330 23.24 -50.33 -14.54
C SER B 330 22.07 -49.51 -14.02
N GLU B 331 21.05 -49.39 -14.85
CA GLU B 331 19.91 -48.53 -14.53
C GLU B 331 18.97 -49.20 -13.55
N GLN B 332 19.08 -50.51 -13.38
CA GLN B 332 18.26 -51.25 -12.42
C GLN B 332 18.92 -51.37 -11.06
N GLN B 333 20.10 -50.78 -10.89
CA GLN B 333 20.77 -50.70 -9.61
C GLN B 333 20.53 -49.32 -9.00
N VAL B 334 20.26 -49.30 -7.70
CA VAL B 334 19.96 -48.05 -7.01
C VAL B 334 21.19 -47.59 -6.24
N TYR B 335 21.14 -46.35 -5.77
CA TYR B 335 22.17 -45.74 -4.95
C TYR B 335 21.48 -44.98 -3.83
N ASP B 336 22.28 -44.42 -2.91
CA ASP B 336 21.76 -43.63 -1.79
C ASP B 336 21.93 -42.15 -2.09
N ALA B 338 21.51 -39.73 -0.32
CA ALA B 338 22.17 -39.06 0.80
C ALA B 338 23.65 -38.84 0.53
N ASP B 339 24.31 -39.70 -0.25
CA ASP B 339 25.71 -39.47 -0.55
C ASP B 339 25.91 -38.20 -1.39
N VAL B 340 24.96 -37.93 -2.28
CA VAL B 340 25.00 -36.72 -3.06
C VAL B 340 24.71 -35.49 -2.19
N ILE B 341 23.62 -35.58 -1.43
CA ILE B 341 23.25 -34.45 -0.57
C ILE B 341 24.40 -34.10 0.35
N THR B 342 24.99 -35.11 0.99
CA THR B 342 26.11 -34.86 1.89
C THR B 342 27.32 -34.32 1.15
N ALA B 343 27.51 -34.69 -0.11
CA ALA B 343 28.63 -34.10 -0.84
C ALA B 343 28.43 -32.60 -1.02
N VAL B 344 27.19 -32.13 -1.11
CA VAL B 344 27.00 -30.72 -1.45
C VAL B 344 26.95 -29.80 -0.21
N LEU B 345 26.33 -30.23 0.88
CA LEU B 345 26.04 -29.33 2.00
C LEU B 345 27.24 -29.21 2.95
N ASP B 346 27.32 -28.06 3.65
CA ASP B 346 28.35 -27.84 4.65
C ASP B 346 28.45 -29.02 5.61
N ASP B 347 29.68 -29.46 5.87
CA ASP B 347 30.02 -30.55 6.78
C ASP B 347 29.33 -31.86 6.42
N GLY B 348 28.77 -31.98 5.22
CA GLY B 348 28.07 -33.20 4.86
C GLY B 348 26.96 -33.54 5.83
N ASP B 349 26.35 -32.53 6.44
CA ASP B 349 25.46 -32.70 7.58
C ASP B 349 24.12 -32.08 7.23
N TYR B 350 23.03 -32.71 7.70
CA TYR B 350 21.72 -32.10 7.53
C TYR B 350 20.76 -32.62 8.60
N LEU B 351 19.76 -31.81 8.92
CA LEU B 351 18.70 -32.18 9.84
C LEU B 351 17.51 -32.66 9.02
N GLU B 352 17.16 -33.93 9.17
CA GLU B 352 16.12 -34.53 8.32
C GLU B 352 14.74 -34.41 8.96
N ILE B 353 13.76 -33.98 8.16
CA ILE B 353 12.35 -33.89 8.52
C ILE B 353 11.66 -35.16 8.08
N HIS B 354 10.77 -35.68 8.93
CA HIS B 354 10.01 -36.90 8.65
C HIS B 354 10.94 -38.06 8.25
N PRO B 355 12.00 -38.33 9.01
CA PRO B 355 12.97 -39.35 8.57
C PRO B 355 12.36 -40.73 8.34
N ASP B 356 11.36 -41.12 9.12
CA ASP B 356 10.76 -42.45 9.04
C ASP B 356 9.47 -42.48 8.25
N PHE B 357 9.05 -41.33 7.70
CA PHE B 357 7.82 -41.21 6.94
C PHE B 357 8.17 -41.02 5.47
N ALA B 358 7.60 -41.87 4.62
CA ALA B 358 7.75 -41.75 3.16
C ALA B 358 9.20 -41.60 2.75
N ARG B 359 9.98 -42.65 2.99
CA ARG B 359 11.40 -42.57 2.72
C ARG B 359 11.76 -42.54 1.26
N ASN B 360 10.79 -42.65 0.35
CA ASN B 360 11.13 -42.50 -1.05
C ASN B 360 11.47 -41.06 -1.40
N ILE B 361 11.29 -40.12 -0.48
CA ILE B 361 11.70 -38.73 -0.65
C ILE B 361 12.35 -38.25 0.63
N ILE B 362 13.34 -37.37 0.48
CA ILE B 362 14.09 -36.78 1.59
C ILE B 362 13.73 -35.31 1.67
N CYS B 363 13.37 -34.88 2.87
CA CYS B 363 13.21 -33.47 3.20
C CYS B 363 14.16 -33.16 4.34
N ALA B 364 14.97 -32.13 4.17
CA ALA B 364 15.98 -31.84 5.18
C ALA B 364 16.36 -30.38 5.10
N LEU B 365 16.93 -29.88 6.19
CA LEU B 365 17.51 -28.55 6.24
C LEU B 365 19.01 -28.67 6.44
N GLY B 366 19.76 -27.92 5.65
CA GLY B 366 21.21 -27.89 5.76
C GLY B 366 21.71 -26.48 5.52
N ARG B 367 23.00 -26.34 5.26
CA ARG B 367 23.55 -25.03 4.91
C ARG B 367 24.50 -25.17 3.74
N VAL B 368 24.56 -24.14 2.93
CA VAL B 368 25.58 -23.98 1.91
C VAL B 368 26.26 -22.64 2.18
N GLU B 369 27.57 -22.69 2.39
CA GLU B 369 28.37 -21.51 2.72
C GLU B 369 27.73 -20.73 3.87
N GLY B 370 27.25 -21.47 4.86
CA GLY B 370 26.71 -20.91 6.07
C GLY B 370 25.28 -20.43 6.00
N HIS B 371 24.61 -20.53 4.85
CA HIS B 371 23.24 -20.08 4.76
C HIS B 371 22.27 -21.26 4.70
N SER B 372 21.12 -21.08 5.32
CA SER B 372 20.11 -22.13 5.37
C SER B 372 19.63 -22.49 3.98
N VAL B 373 19.57 -23.78 3.71
CA VAL B 373 19.07 -24.33 2.47
C VAL B 373 18.12 -25.47 2.82
N ALA B 374 17.00 -25.53 2.12
CA ALA B 374 16.08 -26.65 2.22
C ALA B 374 16.34 -27.63 1.08
N VAL B 375 16.37 -28.92 1.41
CA VAL B 375 16.70 -29.96 0.47
C VAL B 375 15.49 -30.89 0.31
N VAL B 376 15.06 -31.08 -0.94
CA VAL B 376 14.03 -32.04 -1.31
C VAL B 376 14.66 -32.95 -2.35
N ALA B 377 14.65 -34.25 -2.12
CA ALA B 377 15.37 -35.14 -3.02
C ALA B 377 14.68 -36.48 -3.13
N ASN B 378 14.45 -36.96 -4.35
CA ASN B 378 14.01 -38.34 -4.50
C ASN B 378 15.08 -39.27 -3.96
N GLN B 379 14.62 -40.32 -3.28
CA GLN B 379 15.51 -41.31 -2.67
C GLN B 379 15.36 -42.67 -3.33
N PRO B 380 16.28 -43.05 -4.23
CA PRO B 380 16.11 -44.34 -4.92
C PRO B 380 16.29 -45.54 -4.03
N ARG B 381 16.72 -45.39 -2.78
CA ARG B 381 16.78 -46.57 -1.92
C ARG B 381 15.41 -47.08 -1.52
N HIS B 382 14.37 -46.27 -1.66
CA HIS B 382 13.04 -46.71 -1.30
C HIS B 382 12.12 -46.48 -2.48
N LEU B 383 11.56 -47.58 -2.99
CA LEU B 383 10.64 -47.58 -4.13
C LEU B 383 11.24 -46.89 -5.35
N ALA B 384 12.54 -47.07 -5.57
CA ALA B 384 13.24 -46.49 -6.72
C ALA B 384 13.02 -44.97 -6.82
N GLY B 385 12.60 -44.33 -5.73
CA GLY B 385 12.35 -42.91 -5.75
C GLY B 385 11.08 -42.46 -6.41
N VAL B 386 10.11 -43.37 -6.64
CA VAL B 386 8.84 -42.94 -7.21
C VAL B 386 8.16 -42.00 -6.22
N LEU B 387 7.33 -41.13 -6.74
CA LEU B 387 6.44 -40.34 -5.91
C LEU B 387 5.15 -41.11 -5.66
N ASP B 388 4.56 -40.85 -4.51
CA ASP B 388 3.31 -41.45 -4.10
C ASP B 388 2.60 -40.44 -3.21
N ILE B 389 1.49 -40.85 -2.61
CA ILE B 389 0.69 -39.94 -1.78
C ILE B 389 1.53 -39.40 -0.63
N ASP B 390 2.13 -40.29 0.15
CA ASP B 390 2.86 -39.89 1.35
C ASP B 390 4.01 -38.94 1.03
N ALA B 391 4.83 -39.29 0.03
CA ALA B 391 5.96 -38.44 -0.32
C ALA B 391 5.49 -37.08 -0.82
N SER B 392 4.42 -37.05 -1.61
CA SER B 392 3.91 -35.78 -2.13
C SER B 392 3.44 -34.87 -1.01
N GLU B 393 2.72 -35.41 -0.03
CA GLU B 393 2.22 -34.54 1.03
C GLU B 393 3.35 -34.09 1.96
N LYS B 394 4.27 -35.01 2.25
CA LYS B 394 5.46 -34.69 3.05
C LYS B 394 6.24 -33.53 2.45
N ALA B 395 6.70 -33.69 1.22
CA ALA B 395 7.52 -32.67 0.57
C ALA B 395 6.71 -31.41 0.28
N ALA B 396 5.45 -31.56 -0.12
CA ALA B 396 4.63 -30.41 -0.43
C ALA B 396 4.55 -29.48 0.77
N ARG B 397 4.22 -30.02 1.94
CA ARG B 397 4.08 -29.14 3.08
C ARG B 397 5.42 -28.58 3.53
N PHE B 398 6.47 -29.40 3.46
CA PHE B 398 7.80 -28.90 3.80
C PHE B 398 8.16 -27.69 2.94
N ILE B 399 7.92 -27.78 1.63
CA ILE B 399 8.24 -26.69 0.72
C ILE B 399 7.42 -25.45 1.05
N ARG B 400 6.11 -25.62 1.31
CA ARG B 400 5.30 -24.44 1.58
C ARG B 400 5.79 -23.70 2.82
N PHE B 401 6.18 -24.44 3.86
CA PHE B 401 6.70 -23.79 5.06
C PHE B 401 8.03 -23.09 4.76
N CYS B 402 8.93 -23.74 4.03
CA CYS B 402 10.19 -23.06 3.69
C CYS B 402 9.95 -21.82 2.85
N ASP B 403 8.95 -21.85 1.97
CA ASP B 403 8.63 -20.67 1.18
C ASP B 403 8.10 -19.55 2.06
N SER B 404 7.26 -19.90 3.05
CA SER B 404 6.76 -18.90 3.98
C SER B 404 7.87 -18.20 4.75
N PHE B 405 8.95 -18.93 5.06
CA PHE B 405 10.02 -18.38 5.86
C PHE B 405 11.30 -18.17 5.04
N ASN B 406 11.14 -17.96 3.73
CA ASN B 406 12.18 -17.42 2.87
C ASN B 406 13.44 -18.27 2.83
N ILE B 407 13.29 -19.59 2.94
CA ILE B 407 14.43 -20.51 2.88
C ILE B 407 14.48 -21.09 1.46
N PRO B 408 15.57 -20.92 0.74
CA PRO B 408 15.63 -21.40 -0.65
C PRO B 408 15.55 -22.92 -0.71
N VAL B 409 15.09 -23.42 -1.85
CA VAL B 409 14.78 -24.83 -2.02
C VAL B 409 15.76 -25.44 -3.02
N LEU B 410 16.49 -26.44 -2.56
CA LEU B 410 17.46 -27.20 -3.34
C LEU B 410 16.91 -28.61 -3.57
N THR B 411 16.65 -28.93 -4.84
CA THR B 411 16.04 -30.20 -5.22
C THR B 411 17.07 -31.11 -5.89
N PHE B 412 17.07 -32.39 -5.50
CA PHE B 412 17.82 -33.43 -6.19
C PHE B 412 16.82 -34.40 -6.81
N ASP B 414 15.63 -37.61 -9.04
CA ASP B 414 15.79 -38.94 -9.64
C ASP B 414 14.42 -39.61 -9.45
N VAL B 415 13.47 -39.24 -10.30
CA VAL B 415 12.08 -39.64 -10.15
C VAL B 415 11.65 -40.43 -11.37
N PRO B 416 11.34 -41.72 -11.21
CA PRO B 416 10.92 -42.53 -12.37
C PRO B 416 9.45 -42.38 -12.71
N GLY B 417 8.64 -41.86 -11.82
CA GLY B 417 7.22 -41.71 -12.05
C GLY B 417 6.47 -41.83 -10.73
N TYR B 418 5.22 -42.26 -10.83
CA TYR B 418 4.37 -42.43 -9.66
C TYR B 418 4.14 -43.91 -9.38
N LEU B 419 3.86 -44.19 -8.13
CA LEU B 419 3.59 -45.54 -7.71
C LEU B 419 2.25 -46.01 -8.25
N PRO B 420 2.20 -47.07 -9.03
CA PRO B 420 0.92 -47.53 -9.59
C PRO B 420 0.19 -48.36 -8.54
N GLY B 421 -1.10 -48.54 -8.77
CA GLY B 421 -1.93 -49.35 -7.88
C GLY B 421 -3.28 -48.78 -7.53
N VAL B 422 -4.23 -49.68 -7.30
CA VAL B 422 -5.58 -49.31 -6.89
C VAL B 422 -5.54 -48.55 -5.56
N GLY B 423 -4.65 -48.96 -4.66
CA GLY B 423 -4.52 -48.27 -3.39
C GLY B 423 -4.26 -46.79 -3.56
N GLN B 424 -3.30 -46.43 -4.42
CA GLN B 424 -2.95 -45.02 -4.56
C GLN B 424 -4.05 -44.24 -5.28
N GLU B 425 -4.70 -44.86 -6.27
CA GLU B 425 -5.74 -44.16 -7.02
C GLU B 425 -6.97 -43.93 -6.17
N HIS B 426 -7.44 -44.98 -5.48
CA HIS B 426 -8.66 -44.87 -4.68
C HIS B 426 -8.46 -44.02 -3.44
N GLN B 427 -7.21 -43.89 -3.05
CA GLN B 427 -6.84 -43.06 -1.93
C GLN B 427 -6.70 -41.60 -2.33
N GLY B 428 -6.71 -41.33 -3.62
CA GLY B 428 -6.73 -39.96 -4.08
C GLY B 428 -5.40 -39.39 -4.52
N ILE B 429 -4.56 -40.19 -5.20
CA ILE B 429 -3.25 -39.71 -5.63
C ILE B 429 -3.38 -38.47 -6.52
N ILE B 430 -4.49 -38.33 -7.25
CA ILE B 430 -4.66 -37.16 -8.11
C ILE B 430 -4.64 -35.89 -7.27
N ARG B 431 -5.61 -35.75 -6.36
CA ARG B 431 -5.76 -34.54 -5.57
C ARG B 431 -4.75 -34.42 -4.43
N ARG B 432 -4.04 -35.48 -4.07
CA ARG B 432 -3.07 -35.37 -2.98
C ARG B 432 -1.65 -35.27 -3.50
N GLY B 433 -1.32 -36.02 -4.53
CA GLY B 433 -0.07 -35.83 -5.24
C GLY B 433 0.05 -34.46 -5.87
N ILE B 434 -1.06 -33.89 -6.34
CA ILE B 434 -0.97 -32.58 -6.98
C ILE B 434 -0.56 -31.48 -5.98
N LYS B 435 -0.66 -31.75 -4.67
CA LYS B 435 -0.27 -30.76 -3.67
C LYS B 435 1.19 -30.35 -3.81
N LEU B 436 2.05 -31.27 -4.22
CA LEU B 436 3.47 -30.94 -4.35
C LEU B 436 3.73 -30.06 -5.57
N PHE B 437 3.02 -30.30 -6.67
CA PHE B 437 3.05 -29.37 -7.80
C PHE B 437 2.61 -27.98 -7.34
N TYR B 438 1.50 -27.91 -6.62
CA TYR B 438 1.02 -26.62 -6.12
C TYR B 438 2.10 -25.94 -5.27
N ALA B 439 2.74 -26.71 -4.38
CA ALA B 439 3.75 -26.13 -3.51
C ALA B 439 4.90 -25.55 -4.32
N TYR B 440 5.40 -26.29 -5.31
CA TYR B 440 6.50 -25.79 -6.14
C TYR B 440 6.10 -24.54 -6.91
N ALA B 441 4.95 -24.59 -7.59
CA ALA B 441 4.54 -23.47 -8.44
C ALA B 441 4.19 -22.24 -7.62
N GLU B 442 3.64 -22.47 -6.43
CA GLU B 442 3.23 -21.40 -5.53
C GLU B 442 4.43 -20.67 -4.96
N SER B 443 5.51 -21.38 -4.68
CA SER B 443 6.65 -20.82 -3.97
C SER B 443 7.40 -19.78 -4.81
N THR B 444 7.94 -18.79 -4.12
CA THR B 444 8.74 -17.75 -4.76
C THR B 444 10.19 -17.71 -4.29
N VAL B 445 10.57 -18.52 -3.30
CA VAL B 445 11.97 -18.58 -2.87
C VAL B 445 12.84 -19.08 -4.02
N PRO B 446 14.14 -18.79 -4.01
CA PRO B 446 15.04 -19.38 -4.99
C PRO B 446 14.94 -20.91 -4.99
N LYS B 447 14.97 -21.47 -6.19
CA LYS B 447 14.86 -22.92 -6.40
C LYS B 447 15.98 -23.35 -7.32
N ILE B 448 16.85 -24.23 -6.84
CA ILE B 448 17.93 -24.79 -7.66
C ILE B 448 17.71 -26.29 -7.73
N THR B 449 17.83 -26.85 -8.94
CA THR B 449 17.52 -28.25 -9.19
C THR B 449 18.69 -28.95 -9.86
N VAL B 450 19.06 -30.10 -9.29
CA VAL B 450 20.13 -30.96 -9.79
C VAL B 450 19.50 -32.28 -10.20
N ILE B 451 19.54 -32.59 -11.49
CA ILE B 451 18.95 -33.83 -12.01
C ILE B 451 20.06 -34.87 -12.11
N THR B 452 20.03 -35.85 -11.20
CA THR B 452 21.06 -36.87 -11.14
C THR B 452 20.80 -38.06 -12.06
N ARG B 453 19.54 -38.49 -12.20
CA ARG B 453 19.23 -39.61 -13.08
C ARG B 453 17.82 -39.51 -13.67
N LYS B 454 16.89 -40.33 -13.18
CA LYS B 454 15.58 -40.44 -13.82
C LYS B 454 14.79 -39.15 -13.70
N ALA B 455 14.18 -38.73 -14.82
CA ALA B 455 13.41 -37.48 -14.91
C ALA B 455 12.29 -37.71 -15.94
N TYR B 456 11.26 -38.45 -15.52
CA TYR B 456 10.20 -38.91 -16.40
C TYR B 456 8.90 -38.17 -16.14
N GLY B 457 8.26 -37.73 -17.23
CA GLY B 457 6.91 -37.20 -17.24
C GLY B 457 6.52 -36.29 -16.09
N GLY B 458 5.37 -36.60 -15.47
CA GLY B 458 4.86 -35.76 -14.42
C GLY B 458 5.78 -35.66 -13.21
N GLY B 459 6.50 -36.74 -12.91
CA GLY B 459 7.50 -36.68 -11.86
C GLY B 459 8.54 -35.61 -12.13
N TYR B 460 9.06 -35.59 -13.36
CA TYR B 460 10.02 -34.55 -13.73
C TYR B 460 9.38 -33.17 -13.66
N ALA B 461 8.16 -33.05 -14.17
CA ALA B 461 7.44 -31.77 -14.11
C ALA B 461 7.36 -31.26 -12.67
N VAL B 462 7.02 -32.14 -11.73
CA VAL B 462 6.75 -31.74 -10.36
C VAL B 462 8.04 -31.32 -9.66
N GLY B 464 10.60 -29.59 -9.31
CA GLY B 464 11.41 -28.40 -9.49
C GLY B 464 11.97 -28.21 -10.87
N SER B 465 11.23 -28.61 -11.90
CA SER B 465 11.61 -28.29 -13.25
C SER B 465 11.59 -26.77 -13.44
N ARG B 466 12.16 -26.33 -14.55
CA ARG B 466 12.22 -24.91 -14.84
C ARG B 466 10.83 -24.35 -15.16
N GLN B 467 10.00 -25.15 -15.85
CA GLN B 467 8.63 -24.71 -16.15
C GLN B 467 7.75 -24.59 -14.92
N ILE B 468 8.08 -25.27 -13.81
CA ILE B 468 7.29 -25.10 -12.59
C ILE B 468 7.82 -23.96 -11.73
N GLY B 469 8.93 -23.34 -12.11
CA GLY B 469 9.38 -22.12 -11.47
C GLY B 469 10.80 -22.12 -10.98
N ALA B 470 11.54 -23.21 -11.19
CA ALA B 470 12.92 -23.28 -10.74
C ALA B 470 13.75 -22.21 -11.43
N ASP B 471 14.70 -21.63 -10.68
CA ASP B 471 15.50 -20.55 -11.24
C ASP B 471 16.78 -21.06 -11.89
N ARG B 472 17.28 -22.20 -11.44
CA ARG B 472 18.47 -22.82 -12.01
C ARG B 472 18.29 -24.32 -11.99
N VAL B 473 18.47 -24.94 -13.15
CA VAL B 473 18.28 -26.38 -13.31
C VAL B 473 19.53 -26.90 -14.00
N ALA B 475 22.01 -30.53 -14.82
CA ALA B 475 21.80 -31.94 -15.08
C ALA B 475 23.13 -32.67 -15.22
N TRP B 476 23.21 -33.87 -14.65
CA TRP B 476 24.30 -34.79 -14.86
C TRP B 476 24.21 -35.49 -16.18
N PRO B 477 25.25 -36.07 -16.69
CA PRO B 477 25.15 -36.84 -17.94
C PRO B 477 24.35 -38.13 -17.78
N THR B 478 24.10 -38.57 -16.53
CA THR B 478 23.24 -39.71 -16.24
C THR B 478 21.76 -39.34 -16.17
N ALA B 479 21.42 -38.06 -16.26
CA ALA B 479 20.04 -37.63 -16.24
C ALA B 479 19.32 -38.10 -17.49
N GLU B 480 18.16 -38.74 -17.30
CA GLU B 480 17.31 -39.20 -18.40
C GLU B 480 16.00 -38.41 -18.36
N ILE B 481 15.92 -37.37 -19.16
CA ILE B 481 14.79 -36.45 -19.17
C ILE B 481 13.94 -36.75 -20.41
N ALA B 482 12.77 -37.35 -20.19
CA ALA B 482 11.92 -37.85 -21.27
C ALA B 482 10.47 -37.89 -20.81
N VAL B 483 9.56 -38.02 -21.78
CA VAL B 483 8.14 -38.16 -21.45
C VAL B 483 7.92 -39.43 -20.64
N GLY B 485 9.82 -43.54 -19.52
CA GLY B 485 10.90 -44.51 -19.61
C GLY B 485 10.71 -45.42 -20.81
N ALA B 486 11.74 -46.21 -21.08
CA ALA B 486 11.72 -47.06 -22.27
C ALA B 486 10.63 -48.11 -22.18
N ASN B 487 10.52 -48.78 -21.04
CA ASN B 487 9.57 -49.83 -20.76
C ASN B 487 8.25 -49.59 -21.49
N SER B 488 7.75 -48.35 -21.51
CA SER B 488 6.34 -48.08 -21.78
C SER B 488 6.14 -47.13 -22.96
N ALA B 489 7.09 -47.04 -23.89
CA ALA B 489 6.93 -46.18 -25.05
C ALA B 489 6.60 -46.95 -26.32
N VAL B 490 5.91 -48.08 -26.20
CA VAL B 490 5.30 -48.76 -27.35
C VAL B 490 4.17 -49.67 -26.87
N LEU B 513 13.03 -54.70 -28.28
CA LEU B 513 13.17 -53.63 -29.26
C LEU B 513 13.74 -52.38 -28.63
N VAL B 514 13.17 -51.98 -27.49
CA VAL B 514 13.45 -50.67 -26.89
C VAL B 514 14.79 -50.69 -26.17
N ASP B 515 15.85 -51.00 -26.92
CA ASP B 515 17.22 -50.90 -26.43
C ASP B 515 17.91 -49.64 -26.93
N ASP B 516 17.66 -49.26 -28.18
CA ASP B 516 18.09 -48.00 -28.75
C ASP B 516 17.11 -46.87 -28.50
N TYR B 517 16.12 -47.09 -27.63
CA TYR B 517 15.32 -46.01 -27.07
C TYR B 517 15.96 -45.45 -25.81
N ARG B 518 16.51 -46.32 -24.96
CA ARG B 518 17.30 -45.88 -23.83
C ARG B 518 18.57 -45.14 -24.28
N ARG B 519 19.08 -45.52 -25.43
CA ARG B 519 20.33 -44.98 -25.98
C ARG B 519 20.17 -43.61 -26.54
N ARG B 520 19.05 -43.32 -27.18
CA ARG B 520 18.87 -42.06 -27.85
C ARG B 520 18.14 -41.03 -26.99
N PHE B 521 17.38 -41.48 -25.99
CA PHE B 521 16.67 -40.57 -25.11
C PHE B 521 17.05 -40.68 -23.64
N GLY B 522 17.88 -41.64 -23.25
CA GLY B 522 18.27 -41.78 -21.86
C GLY B 522 19.43 -40.88 -21.49
N ASN B 523 19.23 -39.57 -21.67
CA ASN B 523 20.29 -38.58 -21.58
C ASN B 523 19.65 -37.22 -21.41
N PRO B 524 20.43 -36.19 -21.04
CA PRO B 524 19.84 -34.87 -20.77
C PRO B 524 19.73 -33.94 -21.99
N TYR B 525 20.02 -34.40 -23.20
CA TYR B 525 20.35 -33.45 -24.26
C TYR B 525 19.17 -32.94 -25.07
N GLU B 526 18.03 -33.64 -25.08
CA GLU B 526 16.85 -33.03 -25.69
C GLU B 526 16.32 -31.89 -24.84
N ALA B 527 16.29 -32.08 -23.52
CA ALA B 527 15.95 -30.99 -22.60
C ALA B 527 16.95 -29.84 -22.70
N ALA B 528 18.25 -30.16 -22.78
CA ALA B 528 19.26 -29.11 -22.88
C ALA B 528 19.15 -28.35 -24.19
N ALA B 529 18.86 -29.05 -25.29
CA ALA B 529 18.72 -28.38 -26.58
C ALA B 529 17.56 -27.41 -26.58
N HIS B 530 16.47 -27.75 -25.87
CA HIS B 530 15.31 -26.86 -25.75
C HIS B 530 15.48 -25.83 -24.65
N GLY B 531 16.59 -25.86 -23.92
CA GLY B 531 16.81 -24.96 -22.80
C GLY B 531 15.99 -25.25 -21.55
N TYR B 532 15.35 -26.42 -21.46
CA TYR B 532 14.60 -26.75 -20.27
C TYR B 532 15.50 -27.01 -19.06
N VAL B 533 16.74 -27.40 -19.30
CA VAL B 533 17.78 -27.38 -18.27
C VAL B 533 18.80 -26.34 -18.71
N ASP B 534 19.47 -25.73 -17.74
CA ASP B 534 20.38 -24.63 -18.05
C ASP B 534 21.80 -25.12 -18.29
N VAL B 536 24.57 -28.84 -18.34
CA VAL B 536 24.91 -30.24 -18.19
C VAL B 536 26.34 -30.29 -17.65
N ILE B 537 26.51 -30.82 -16.44
CA ILE B 537 27.76 -30.75 -15.70
C ILE B 537 28.20 -32.15 -15.33
N SER B 538 29.51 -32.31 -15.13
CA SER B 538 30.01 -33.50 -14.47
C SER B 538 29.63 -33.46 -13.02
N PRO B 539 29.17 -34.57 -12.42
CA PRO B 539 28.65 -34.51 -11.04
C PRO B 539 29.59 -33.85 -10.06
N SER B 540 30.93 -34.00 -10.25
CA SER B 540 31.89 -33.39 -9.33
C SER B 540 31.76 -31.87 -9.25
N ARG B 541 31.09 -31.24 -10.21
CA ARG B 541 30.92 -29.79 -10.19
C ARG B 541 29.76 -29.33 -9.33
N THR B 542 28.91 -30.28 -8.88
CA THR B 542 27.63 -29.93 -8.28
C THR B 542 27.80 -28.92 -7.15
N ARG B 543 28.58 -29.28 -6.14
CA ARG B 543 28.75 -28.39 -4.99
C ARG B 543 29.12 -26.98 -5.43
N TYR B 544 30.06 -26.85 -6.36
CA TYR B 544 30.49 -25.50 -6.71
C TYR B 544 29.38 -24.74 -7.42
N GLU B 545 28.64 -25.39 -8.33
CA GLU B 545 27.63 -24.65 -9.08
C GLU B 545 26.41 -24.33 -8.23
N VAL B 546 25.95 -25.28 -7.40
CA VAL B 546 24.82 -24.99 -6.52
C VAL B 546 25.16 -23.81 -5.63
N ALA B 547 26.36 -23.82 -5.05
CA ALA B 547 26.80 -22.70 -4.21
C ALA B 547 26.76 -21.40 -4.99
N ARG B 548 27.19 -21.42 -6.25
CA ARG B 548 27.09 -20.20 -7.06
C ARG B 548 25.63 -19.81 -7.26
N ALA B 549 24.82 -20.78 -7.69
CA ALA B 549 23.42 -20.47 -7.99
C ALA B 549 22.76 -19.82 -6.79
N LEU B 550 22.92 -20.44 -5.62
CA LEU B 550 22.34 -19.89 -4.41
C LEU B 550 22.79 -18.46 -4.16
N ALA B 551 24.11 -18.21 -4.22
CA ALA B 551 24.57 -16.86 -3.91
C ALA B 551 24.03 -15.87 -4.93
N SER B 552 23.87 -16.31 -6.18
CA SER B 552 23.41 -15.39 -7.21
C SER B 552 21.94 -15.04 -7.07
N LEU B 553 21.20 -15.78 -6.24
CA LEU B 553 19.76 -15.67 -6.19
C LEU B 553 19.25 -15.03 -4.90
N ARG B 554 20.14 -14.56 -4.02
CA ARG B 554 19.68 -14.10 -2.71
C ARG B 554 18.84 -12.84 -2.80
N ASN B 555 18.98 -12.05 -3.88
CA ASN B 555 18.19 -10.84 -4.03
C ASN B 555 16.94 -11.08 -4.87
N LYS B 556 16.55 -12.32 -5.07
CA LYS B 556 15.40 -12.62 -5.91
C LYS B 556 14.11 -12.00 -5.36
N ARG B 557 13.31 -11.44 -6.26
CA ARG B 557 11.99 -10.90 -5.95
C ARG B 557 11.00 -11.44 -6.97
N GLN B 558 9.79 -11.78 -6.51
CA GLN B 558 8.80 -12.33 -7.42
C GLN B 558 7.40 -12.01 -6.91
N ALA B 559 6.56 -11.52 -7.81
CA ALA B 559 5.20 -11.14 -7.44
C ALA B 559 4.35 -12.38 -7.23
N ARG B 560 3.28 -12.19 -6.47
CA ARG B 560 2.37 -13.22 -6.06
C ARG B 560 0.93 -12.85 -6.45
N PRO B 561 0.09 -13.85 -6.70
CA PRO B 561 -1.30 -13.56 -7.05
C PRO B 561 -1.97 -12.69 -6.00
N ALA B 562 -2.84 -11.78 -6.47
CA ALA B 562 -3.64 -10.97 -5.57
C ALA B 562 -4.87 -11.77 -5.18
N ARG B 563 -4.93 -12.21 -3.92
CA ARG B 563 -6.00 -13.05 -3.42
C ARG B 563 -5.88 -13.13 -1.91
N LYS B 564 -6.99 -13.44 -1.24
CA LYS B 564 -6.90 -13.76 0.18
C LYS B 564 -5.99 -14.94 0.41
N HIS B 565 -6.10 -15.95 -0.45
CA HIS B 565 -5.34 -17.19 -0.43
C HIS B 565 -5.79 -18.00 -1.64
N GLY B 566 -5.06 -19.08 -1.93
CA GLY B 566 -5.42 -19.98 -3.00
C GLY B 566 -6.44 -21.01 -2.56
N ASN B 567 -6.71 -21.95 -3.46
CA ASN B 567 -7.63 -23.03 -3.18
C ASN B 567 -6.92 -24.37 -3.41
N ILE B 568 -5.81 -24.58 -2.71
CA ILE B 568 -4.98 -25.78 -2.89
C ILE B 568 -5.84 -27.02 -2.64
N PRO B 569 -5.65 -28.11 -3.38
CA PRO B 569 -6.38 -29.35 -3.05
C PRO B 569 -6.01 -29.86 -1.67
N LEU B 570 -7.02 -30.34 -0.95
CA LEU B 570 -6.82 -30.82 0.42
C LEU B 570 -7.08 -32.32 0.57
N PRO C 52 31.13 47.25 -10.44
CA PRO C 52 31.95 46.06 -10.23
C PRO C 52 32.07 45.22 -11.50
N THR C 53 33.08 45.49 -12.33
CA THR C 53 33.17 44.87 -13.65
C THR C 53 33.97 43.57 -13.64
N SER C 54 35.22 43.63 -13.18
CA SER C 54 36.12 42.47 -13.22
C SER C 54 35.68 41.40 -12.22
N THR C 55 36.14 40.18 -12.47
CA THR C 55 35.75 39.05 -11.62
C THR C 55 36.24 39.26 -10.20
N ALA C 56 37.49 39.67 -10.03
CA ALA C 56 38.03 39.91 -8.70
C ALA C 56 37.23 40.96 -7.96
N ASP C 57 36.79 42.01 -8.66
CA ASP C 57 35.99 43.03 -7.99
C ASP C 57 34.59 42.54 -7.65
N ARG C 58 34.04 41.58 -8.39
CA ARG C 58 32.75 41.04 -7.96
C ARG C 58 32.90 40.18 -6.73
N ILE C 59 34.02 39.46 -6.63
CA ILE C 59 34.32 38.72 -5.40
C ILE C 59 34.50 39.68 -4.22
N ALA C 60 35.22 40.78 -4.44
CA ALA C 60 35.42 41.76 -3.37
C ALA C 60 34.09 42.41 -2.98
N ASP C 61 33.23 42.68 -3.96
CA ASP C 61 31.93 43.27 -3.68
C ASP C 61 31.06 42.31 -2.88
N LEU C 62 31.15 41.01 -3.17
CA LEU C 62 30.45 40.03 -2.37
C LEU C 62 30.98 40.01 -0.94
N ALA C 63 32.31 40.11 -0.79
CA ALA C 63 32.87 40.18 0.55
C ALA C 63 32.35 41.40 1.31
N ALA C 64 32.17 42.51 0.59
CA ALA C 64 31.62 43.71 1.22
C ALA C 64 30.18 43.50 1.67
N ARG C 65 29.34 42.90 0.83
CA ARG C 65 27.95 42.73 1.24
C ARG C 65 27.80 41.69 2.34
N HIS C 66 28.62 40.64 2.33
CA HIS C 66 28.62 39.71 3.45
C HIS C 66 29.03 40.44 4.73
N GLU C 67 30.03 41.31 4.62
CA GLU C 67 30.44 42.10 5.77
C GLU C 67 29.27 42.92 6.30
N GLU C 68 28.52 43.57 5.40
CA GLU C 68 27.41 44.39 5.86
C GLU C 68 26.30 43.53 6.47
N ALA C 69 25.97 42.41 5.82
CA ALA C 69 24.79 41.64 6.20
C ALA C 69 25.01 40.85 7.48
N VAL C 70 26.24 40.41 7.76
CA VAL C 70 26.52 39.54 8.89
C VAL C 70 27.30 40.26 9.99
N VAL C 71 28.46 40.84 9.67
CA VAL C 71 29.27 41.29 10.78
C VAL C 71 28.80 42.64 11.31
N LEU C 72 28.46 43.58 10.44
CA LEU C 72 27.99 44.87 10.93
C LEU C 72 26.60 44.76 11.53
N ALA C 73 25.74 43.95 10.90
CA ALA C 73 24.44 43.65 11.50
C ALA C 73 24.62 43.01 12.86
N GLU C 74 25.65 42.17 13.00
CA GLU C 74 25.87 41.51 14.28
C GLU C 74 26.29 42.50 15.35
N LYS C 75 27.13 43.48 15.00
CA LYS C 75 27.53 44.46 16.02
C LYS C 75 26.36 45.34 16.44
N LYS C 76 25.57 45.81 15.48
CA LYS C 76 24.37 46.58 15.81
C LYS C 76 23.45 45.78 16.75
N ALA C 77 23.16 44.54 16.36
CA ALA C 77 22.28 43.69 17.17
C ALA C 77 22.85 43.47 18.56
N ALA C 78 24.16 43.26 18.68
CA ALA C 78 24.77 43.07 19.98
C ALA C 78 24.60 44.31 20.84
N ASP C 79 24.79 45.49 20.24
CA ASP C 79 24.57 46.74 20.96
C ASP C 79 23.16 46.82 21.55
N ARG C 80 22.15 46.33 20.85
CA ARG C 80 20.85 46.49 21.50
C ARG C 80 20.49 45.33 22.45
N GLN C 81 20.63 44.11 21.94
CA GLN C 81 20.25 42.93 22.71
C GLN C 81 21.02 42.84 24.02
N HIS C 82 22.31 43.18 23.99
CA HIS C 82 23.10 43.09 25.21
C HIS C 82 22.60 44.07 26.27
N LEU C 83 22.12 45.24 25.86
CA LEU C 83 21.54 46.12 26.86
C LEU C 83 20.20 45.64 27.36
N LYS C 84 19.57 44.65 26.71
CA LYS C 84 18.43 44.05 27.38
C LYS C 84 18.72 42.66 27.94
N GLY C 85 19.99 42.33 28.16
CA GLY C 85 20.34 41.04 28.73
C GLY C 85 20.09 39.86 27.82
N LYS C 86 20.16 40.08 26.51
CA LYS C 86 19.81 39.09 25.52
C LYS C 86 21.01 38.86 24.60
N LEU C 87 21.11 37.67 24.03
CA LEU C 87 22.09 37.47 22.97
C LEU C 87 21.47 37.72 21.60
N THR C 88 22.33 37.78 20.59
CA THR C 88 21.92 37.99 19.22
C THR C 88 21.41 36.67 18.62
N ALA C 89 20.67 36.79 17.52
CA ALA C 89 20.18 35.62 16.80
C ALA C 89 21.32 34.65 16.46
N ARG C 90 22.44 35.17 15.96
CA ARG C 90 23.52 34.28 15.57
C ARG C 90 24.28 33.75 16.77
N ALA C 91 24.36 34.52 17.86
CA ALA C 91 24.98 33.97 19.06
C ALA C 91 24.20 32.77 19.56
N ARG C 92 22.86 32.85 19.51
CA ARG C 92 22.05 31.71 19.92
C ARG C 92 22.26 30.53 18.99
N ILE C 93 22.31 30.78 17.68
CA ILE C 93 22.62 29.71 16.74
C ILE C 93 23.99 29.08 17.04
N ASP C 94 24.99 29.90 17.34
CA ASP C 94 26.33 29.38 17.60
C ASP C 94 26.38 28.57 18.89
N LEU C 95 25.60 28.93 19.91
CA LEU C 95 25.57 28.06 21.08
C LEU C 95 24.84 26.76 20.78
N LEU C 96 23.85 26.80 19.89
CA LEU C 96 23.04 25.61 19.69
C LEU C 96 23.77 24.56 18.86
N LEU C 97 24.40 24.98 17.76
CA LEU C 97 24.93 24.07 16.75
C LEU C 97 26.36 23.65 17.05
N ASP C 98 26.77 22.52 16.46
CA ASP C 98 28.17 22.13 16.52
C ASP C 98 29.02 23.19 15.82
N PRO C 99 30.15 23.58 16.40
CA PRO C 99 30.99 24.62 15.78
C PRO C 99 31.35 24.25 14.34
N GLY C 100 31.20 25.22 13.45
CA GLY C 100 31.56 25.04 12.05
C GLY C 100 30.53 24.30 11.22
N SER C 101 29.41 23.87 11.82
CA SER C 101 28.43 23.10 11.09
C SER C 101 27.35 23.95 10.41
N PHE C 102 27.28 25.25 10.72
CA PHE C 102 26.17 26.06 10.23
C PHE C 102 26.33 26.42 8.76
N VAL C 103 25.29 26.12 7.98
CA VAL C 103 25.15 26.57 6.61
C VAL C 103 23.98 27.54 6.59
N GLU C 104 24.29 28.81 6.33
CA GLU C 104 23.31 29.87 6.27
C GLU C 104 22.60 29.93 4.92
N LEU C 105 21.27 30.02 4.95
CA LEU C 105 20.48 30.23 3.74
C LEU C 105 19.88 31.62 3.70
N ASP C 106 19.65 32.12 2.48
CA ASP C 106 18.88 33.32 2.23
C ASP C 106 19.45 34.53 2.95
N GLU C 107 20.78 34.61 2.98
CA GLU C 107 21.47 35.69 3.68
C GLU C 107 21.20 37.04 3.06
N PHE C 108 21.06 37.11 1.74
CA PHE C 108 20.84 38.37 1.05
C PHE C 108 19.40 38.53 0.59
N VAL C 109 18.47 37.83 1.25
CA VAL C 109 17.05 38.06 1.07
C VAL C 109 16.69 39.45 1.59
N ARG C 110 15.82 40.14 0.86
CA ARG C 110 15.37 41.47 1.23
C ARG C 110 13.88 41.57 0.93
N HIS C 111 13.18 42.43 1.67
CA HIS C 111 11.76 42.60 1.44
C HIS C 111 11.54 43.45 0.19
N ARG C 112 10.27 43.64 -0.17
CA ARG C 112 9.92 44.12 -1.50
C ARG C 112 9.65 45.62 -1.56
N THR C 113 9.52 46.30 -0.42
CA THR C 113 9.22 47.73 -0.38
C THR C 113 10.52 48.50 -0.61
N VAL C 114 10.81 48.88 -1.87
CA VAL C 114 12.06 49.53 -2.20
C VAL C 114 11.87 51.04 -2.24
N GLU C 115 11.29 51.62 -1.22
CA GLU C 115 11.23 53.06 -1.40
C GLU C 115 12.33 53.74 -0.59
N ALA C 116 12.28 55.07 -0.55
CA ALA C 116 13.39 55.91 -0.19
C ALA C 116 14.02 55.98 1.20
N GLY C 117 13.20 55.83 2.24
CA GLY C 117 13.67 55.94 3.59
C GLY C 117 13.18 54.73 4.35
N ILE C 118 12.70 53.75 3.59
CA ILE C 118 12.31 52.46 4.17
C ILE C 118 13.55 51.59 4.18
N PRO C 119 13.92 50.98 5.31
CA PRO C 119 15.11 50.14 5.34
C PRO C 119 14.81 48.73 4.79
N ARG C 120 15.69 48.25 3.92
CA ARG C 120 15.59 46.92 3.33
C ARG C 120 16.85 46.14 3.70
N PRO C 121 16.96 45.72 4.96
CA PRO C 121 18.19 45.04 5.40
C PRO C 121 18.29 43.62 4.86
N TYR C 122 19.51 43.19 4.62
CA TYR C 122 19.76 41.81 4.23
C TYR C 122 19.27 40.85 5.30
N GLY C 123 18.65 39.76 4.87
CA GLY C 123 18.13 38.74 5.76
C GLY C 123 16.74 39.02 6.28
N ASP C 124 16.25 40.26 6.16
CA ASP C 124 14.88 40.66 6.50
C ASP C 124 14.51 40.30 7.94
N GLY C 125 15.50 40.18 8.82
CA GLY C 125 15.24 40.07 10.24
C GLY C 125 15.18 38.67 10.84
N VAL C 126 15.55 37.64 10.09
CA VAL C 126 15.61 36.28 10.63
C VAL C 126 16.82 35.60 10.02
N VAL C 127 17.49 34.77 10.83
CA VAL C 127 18.66 34.01 10.38
C VAL C 127 18.22 32.56 10.26
N THR C 128 18.40 31.97 9.08
CA THR C 128 17.95 30.61 8.83
C THR C 128 19.07 29.76 8.26
N GLY C 129 19.00 28.46 8.52
CA GLY C 129 19.96 27.56 7.93
C GLY C 129 19.85 26.18 8.56
N HIS C 130 20.87 25.37 8.29
CA HIS C 130 20.90 24.05 8.89
C HIS C 130 22.30 23.76 9.38
N GLY C 131 22.42 22.76 10.24
CA GLY C 131 23.69 22.41 10.81
C GLY C 131 23.59 21.06 11.48
N THR C 132 24.49 20.81 12.42
CA THR C 132 24.41 19.59 13.21
C THR C 132 24.43 19.91 14.69
N ILE C 133 23.73 19.08 15.45
CA ILE C 133 23.79 19.04 16.90
C ILE C 133 24.25 17.64 17.27
N ASP C 134 25.36 17.58 17.99
CA ASP C 134 26.04 16.34 18.35
C ASP C 134 26.08 15.37 17.17
N GLY C 135 26.47 15.91 16.01
CA GLY C 135 26.73 15.12 14.84
C GLY C 135 25.54 14.84 13.95
N ARG C 136 24.32 15.13 14.39
CA ARG C 136 23.15 14.83 13.59
C ARG C 136 22.49 16.12 13.09
N GLN C 137 21.98 16.05 11.86
CA GLN C 137 21.51 17.24 11.16
C GLN C 137 20.23 17.81 11.77
N VAL C 138 20.14 19.14 11.82
CA VAL C 138 18.97 19.87 12.31
C VAL C 138 18.84 21.14 11.49
N CYS C 139 17.61 21.66 11.44
CA CYS C 139 17.32 22.95 10.83
C CYS C 139 16.99 23.97 11.91
N VAL C 140 17.32 25.22 11.64
CA VAL C 140 17.21 26.28 12.64
C VAL C 140 16.81 27.59 11.97
N PHE C 141 15.97 28.34 12.67
CA PHE C 141 15.76 29.75 12.41
C PHE C 141 15.83 30.51 13.74
N SER C 142 16.27 31.75 13.66
CA SER C 142 16.52 32.56 14.86
C SER C 142 16.17 33.99 14.51
N HIS C 143 15.11 34.50 15.14
CA HIS C 143 14.68 35.87 14.92
C HIS C 143 15.75 36.85 15.37
N ASP C 144 15.94 37.91 14.60
CA ASP C 144 16.76 39.02 15.05
C ASP C 144 15.80 40.16 15.35
N PHE C 145 15.53 40.34 16.64
CA PHE C 145 14.62 41.35 17.16
C PHE C 145 15.05 42.76 16.80
N THR C 146 16.36 42.97 16.62
CA THR C 146 16.89 44.30 16.35
C THR C 146 16.74 44.75 14.91
N THR C 147 16.41 43.84 13.98
CA THR C 147 16.26 44.17 12.57
C THR C 147 14.78 44.17 12.20
N LEU C 148 14.23 45.36 11.94
CA LEU C 148 12.82 45.56 11.64
C LEU C 148 11.95 44.84 12.67
N GLY C 149 12.37 44.86 13.93
CA GLY C 149 11.64 44.26 15.02
C GLY C 149 11.55 42.75 14.98
N GLY C 150 12.34 42.09 14.15
CA GLY C 150 12.16 40.65 13.94
C GLY C 150 10.74 40.29 13.60
N SER C 151 10.09 41.11 12.77
CA SER C 151 8.66 41.03 12.51
C SER C 151 8.34 40.18 11.28
N GLY C 153 7.14 39.21 7.95
CA GLY C 153 6.83 39.68 6.61
C GLY C 153 6.99 38.55 5.60
N GLU C 154 6.87 38.86 4.30
CA GLU C 154 6.93 37.79 3.31
C GLU C 154 8.34 37.26 3.08
N ALA C 155 9.35 38.11 3.17
CA ALA C 155 10.71 37.64 2.94
C ALA C 155 11.18 36.78 4.11
N PHE C 156 11.18 37.37 5.31
CA PHE C 156 11.28 36.67 6.58
C PHE C 156 10.53 35.33 6.56
N GLY C 157 9.23 35.41 6.26
CA GLY C 157 8.41 34.22 6.24
C GLY C 157 8.85 33.20 5.21
N SER C 158 9.26 33.67 4.03
CA SER C 158 9.73 32.77 2.98
C SER C 158 11.00 32.04 3.43
N LYS C 159 11.86 32.71 4.19
CA LYS C 159 13.05 32.05 4.70
C LYS C 159 12.68 30.92 5.67
N VAL C 160 11.74 31.21 6.59
CA VAL C 160 11.36 30.16 7.53
C VAL C 160 10.65 29.01 6.81
N VAL C 161 9.81 29.36 5.82
CA VAL C 161 9.15 28.33 5.01
C VAL C 161 10.19 27.44 4.33
N LYS C 162 11.29 28.05 3.86
CA LYS C 162 12.27 27.25 3.13
C LYS C 162 12.97 26.25 4.04
N ILE C 163 13.40 26.69 5.23
CA ILE C 163 14.08 25.69 6.05
C ILE C 163 13.09 24.67 6.60
N TYR C 164 11.81 25.03 6.75
CA TYR C 164 10.84 24.03 7.20
C TYR C 164 10.58 23.00 6.12
N ASP C 165 10.40 23.46 4.88
CA ASP C 165 10.25 22.54 3.75
C ASP C 165 11.45 21.62 3.63
N PHE C 166 12.65 22.17 3.87
CA PHE C 166 13.85 21.35 3.82
C PHE C 166 13.82 20.26 4.88
N ALA C 167 13.54 20.64 6.14
CA ALA C 167 13.52 19.66 7.22
C ALA C 167 12.48 18.58 6.97
N SER C 169 11.59 17.64 4.12
CA SER C 169 12.04 16.89 2.94
C SER C 169 13.07 15.82 3.30
N VAL C 170 14.03 16.14 4.19
CA VAL C 170 15.06 15.16 4.55
C VAL C 170 14.80 14.50 5.89
N GLY C 171 13.72 14.87 6.58
CA GLY C 171 13.38 14.27 7.86
C GLY C 171 14.36 14.53 8.98
N CYS C 172 14.59 15.79 9.31
CA CYS C 172 15.41 16.17 10.45
C CYS C 172 14.63 17.14 11.32
N PRO C 173 15.01 17.29 12.58
CA PRO C 173 14.29 18.22 13.47
C PRO C 173 14.45 19.69 13.08
N VAL C 174 13.51 20.50 13.56
CA VAL C 174 13.54 21.95 13.45
C VAL C 174 13.53 22.56 14.85
N ILE C 175 14.48 23.46 15.09
CA ILE C 175 14.51 24.29 16.29
C ILE C 175 14.23 25.72 15.84
N GLY C 176 13.15 26.31 16.34
CA GLY C 176 12.84 27.70 16.10
C GLY C 176 13.22 28.52 17.31
N ILE C 177 13.98 29.58 17.05
CA ILE C 177 14.43 30.47 18.10
C ILE C 177 13.71 31.81 17.93
N ASN C 178 12.82 32.11 18.87
CA ASN C 178 11.81 33.16 18.72
C ASN C 178 12.12 34.34 19.63
N ASP C 179 12.02 35.54 19.06
CA ASP C 179 12.33 36.80 19.71
C ASP C 179 11.84 37.90 18.81
N SER C 180 10.55 38.21 18.85
CA SER C 180 9.90 38.96 17.80
C SER C 180 8.94 39.99 18.37
N GLY C 181 8.87 41.15 17.71
CA GLY C 181 7.88 42.16 18.00
C GLY C 181 6.51 41.93 17.43
N GLY C 182 6.32 40.86 16.65
CA GLY C 182 5.01 40.55 16.11
C GLY C 182 4.87 40.72 14.62
N ALA C 183 3.67 41.06 14.16
CA ALA C 183 3.42 41.21 12.74
C ALA C 183 4.03 42.49 12.20
N ARG C 184 4.56 42.42 10.98
CA ARG C 184 5.03 43.61 10.28
C ARG C 184 3.80 44.26 9.66
N ILE C 185 3.27 45.27 10.34
CA ILE C 185 1.94 45.79 10.01
C ILE C 185 1.89 46.46 8.64
N GLN C 186 2.99 47.08 8.19
CA GLN C 186 2.94 47.76 6.90
C GLN C 186 2.75 46.79 5.73
N GLU C 187 2.98 45.51 5.95
CA GLU C 187 2.73 44.46 4.94
C GLU C 187 1.32 43.88 5.05
N GLY C 188 0.50 44.45 5.93
CA GLY C 188 -0.91 44.09 5.99
C GLY C 188 -1.14 42.61 6.10
N VAL C 189 -2.19 42.15 5.43
CA VAL C 189 -2.62 40.76 5.50
C VAL C 189 -1.50 39.80 5.11
N SER C 191 1.44 39.54 6.22
CA SER C 191 2.00 38.99 7.46
C SER C 191 1.16 37.82 7.95
N ILE C 192 -0.16 38.01 8.03
CA ILE C 192 -1.04 36.96 8.50
C ILE C 192 -0.86 35.72 7.63
N ALA C 193 -0.91 35.92 6.31
CA ALA C 193 -0.81 34.78 5.40
C ALA C 193 0.41 33.96 5.74
N TYR C 194 1.54 34.63 5.96
CA TYR C 194 2.74 33.85 6.13
C TYR C 194 2.77 33.17 7.50
N TYR C 195 2.27 33.84 8.56
CA TYR C 195 2.06 33.13 9.81
C TYR C 195 1.32 31.83 9.56
N THR C 196 0.23 31.91 8.79
CA THR C 196 -0.57 30.72 8.56
C THR C 196 0.22 29.67 7.81
N GLU C 197 0.99 30.08 6.80
CA GLU C 197 1.83 29.12 6.09
C GLU C 197 2.67 28.35 7.08
N LEU C 198 3.35 29.08 7.98
CA LEU C 198 4.22 28.39 8.93
C LEU C 198 3.40 27.47 9.82
N GLY C 199 2.26 27.98 10.31
CA GLY C 199 1.43 27.15 11.14
C GLY C 199 1.05 25.86 10.43
N VAL C 200 0.69 25.96 9.15
CA VAL C 200 0.24 24.77 8.46
C VAL C 200 1.38 23.76 8.39
N ARG C 201 2.61 24.24 8.16
CA ARG C 201 3.73 23.33 8.10
C ARG C 201 3.96 22.66 9.44
N ASN C 202 3.81 23.41 10.54
CA ASN C 202 3.92 22.79 11.85
C ASN C 202 2.93 21.65 11.97
N VAL C 203 1.71 21.86 11.49
CA VAL C 203 0.70 20.82 11.64
C VAL C 203 1.07 19.61 10.79
N HIS C 204 1.62 19.84 9.58
CA HIS C 204 1.87 18.67 8.75
C HIS C 204 3.15 17.97 9.13
N SER C 205 3.98 18.62 9.96
CA SER C 205 5.17 18.02 10.52
C SER C 205 4.89 17.36 11.87
N SER C 206 3.70 17.56 12.44
CA SER C 206 3.39 17.05 13.76
C SER C 206 3.49 15.53 13.78
N GLY C 207 4.36 15.00 14.62
CA GLY C 207 4.60 13.58 14.65
C GLY C 207 5.40 13.04 13.49
N VAL C 208 5.93 13.93 12.65
CA VAL C 208 6.76 13.55 11.51
C VAL C 208 8.22 13.88 11.76
N ILE C 209 8.50 15.12 12.14
CA ILE C 209 9.83 15.53 12.60
C ILE C 209 9.67 16.21 13.97
N PRO C 210 10.60 16.00 14.90
CA PRO C 210 10.57 16.76 16.16
C PRO C 210 10.60 18.25 15.90
N GLN C 211 9.75 19.00 16.63
CA GLN C 211 9.70 20.45 16.53
C GLN C 211 9.90 21.04 17.91
N ILE C 212 10.88 21.92 18.03
CA ILE C 212 11.23 22.52 19.32
C ILE C 212 11.23 24.03 19.18
N SER C 213 10.59 24.71 20.13
CA SER C 213 10.54 26.17 20.17
C SER C 213 11.28 26.69 21.39
N LEU C 214 12.27 27.53 21.14
CA LEU C 214 12.96 28.30 22.17
C LEU C 214 12.39 29.71 22.15
N ILE C 215 11.84 30.15 23.27
CA ILE C 215 11.28 31.49 23.40
C ILE C 215 12.26 32.35 24.18
N GLY C 217 12.54 35.96 24.01
CA GLY C 217 12.17 37.34 23.90
C GLY C 217 10.65 37.48 23.91
N PRO C 218 10.15 38.64 23.47
CA PRO C 218 8.70 38.79 23.32
C PRO C 218 8.14 37.76 22.35
N CYS C 219 6.95 37.25 22.67
CA CYS C 219 6.27 36.29 21.80
C CYS C 219 4.77 36.46 22.04
N ALA C 220 4.18 37.37 21.27
CA ALA C 220 2.78 37.74 21.44
C ALA C 220 2.08 37.74 20.10
N GLY C 221 0.74 37.71 20.16
CA GLY C 221 -0.05 37.74 18.95
C GLY C 221 0.22 36.55 18.05
N GLY C 222 0.30 36.81 16.74
CA GLY C 222 0.55 35.74 15.80
C GLY C 222 1.80 34.94 16.13
N SER C 223 2.77 35.56 16.80
CA SER C 223 4.00 34.88 17.16
C SER C 223 3.78 33.63 17.99
N VAL C 224 2.64 33.52 18.69
CA VAL C 224 2.42 32.33 19.51
C VAL C 224 2.02 31.11 18.68
N TYR C 225 1.61 31.29 17.42
CA TYR C 225 0.94 30.19 16.73
C TYR C 225 1.89 29.02 16.48
N SER C 226 3.09 29.30 15.94
CA SER C 226 4.01 28.20 15.67
C SER C 226 4.51 27.53 16.94
N PRO C 227 4.97 28.25 17.98
CA PRO C 227 5.34 27.57 19.22
C PRO C 227 4.24 26.66 19.78
N ALA C 228 2.99 27.13 19.76
CA ALA C 228 1.88 26.33 20.28
C ALA C 228 1.75 25.00 19.54
N LEU C 229 2.14 24.96 18.27
CA LEU C 229 1.99 23.73 17.50
C LEU C 229 3.21 22.83 17.54
N THR C 230 4.35 23.32 18.02
CA THR C 230 5.52 22.47 18.11
C THR C 230 5.38 21.52 19.30
N ASP C 231 6.35 20.64 19.45
CA ASP C 231 6.25 19.59 20.45
C ASP C 231 6.76 20.03 21.82
N PHE C 232 7.73 20.93 21.85
CA PHE C 232 8.29 21.42 23.11
C PHE C 232 8.53 22.91 23.01
N THR C 233 8.12 23.64 24.03
CA THR C 233 8.35 25.07 24.14
C THR C 233 9.25 25.28 25.36
N VAL C 234 10.40 25.92 25.14
CA VAL C 234 11.37 26.17 26.20
C VAL C 234 11.53 27.68 26.31
N VAL C 236 12.92 31.28 28.62
CA VAL C 236 14.07 31.77 29.38
C VAL C 236 13.55 32.74 30.43
N LYS C 237 14.08 32.62 31.65
CA LYS C 237 13.66 33.48 32.74
C LYS C 237 14.07 34.92 32.48
N ASP C 238 13.18 35.86 32.81
CA ASP C 238 13.32 37.30 32.83
C ASP C 238 13.28 38.00 31.48
N ILE C 239 13.60 37.32 30.38
CA ILE C 239 13.68 37.99 29.09
C ILE C 239 12.57 37.61 28.14
N SER C 240 11.75 36.62 28.49
CA SER C 240 10.75 36.09 27.58
C SER C 240 9.36 36.19 28.20
N TYR C 241 8.36 36.31 27.34
CA TYR C 241 6.96 36.23 27.76
C TYR C 241 6.11 35.79 26.57
N PHE C 243 1.85 35.67 25.30
CA PHE C 243 0.41 35.83 25.43
C PHE C 243 -0.19 36.20 24.08
N VAL C 244 -1.44 35.80 23.87
CA VAL C 244 -2.13 36.17 22.63
C VAL C 244 -2.40 37.67 22.60
N THR C 245 -2.91 38.20 23.71
CA THR C 245 -3.25 39.61 23.82
C THR C 245 -2.45 40.25 24.95
N GLY C 246 -1.92 41.45 24.69
CA GLY C 246 -0.95 42.08 25.56
C GLY C 246 -1.60 42.82 26.69
N PRO C 247 -0.77 43.24 27.66
CA PRO C 247 -1.30 43.87 28.88
C PRO C 247 -2.07 45.16 28.62
N GLU C 248 -1.60 46.01 27.70
CA GLU C 248 -2.33 47.25 27.44
C GLU C 248 -3.75 46.96 26.93
N VAL C 249 -3.88 46.03 25.98
CA VAL C 249 -5.20 45.69 25.48
C VAL C 249 -6.02 44.95 26.52
N VAL C 250 -5.39 44.13 27.37
CA VAL C 250 -6.11 43.51 28.48
C VAL C 250 -6.73 44.57 29.38
N SER C 251 -5.95 45.60 29.72
CA SER C 251 -6.44 46.64 30.60
C SER C 251 -7.36 47.63 29.91
N ALA C 252 -7.42 47.62 28.58
CA ALA C 252 -8.26 48.56 27.85
C ALA C 252 -9.58 47.95 27.43
N VAL C 253 -9.61 46.64 27.20
CA VAL C 253 -10.85 45.93 26.88
C VAL C 253 -11.47 45.31 28.14
N GLY C 255 -10.05 45.91 31.49
CA GLY C 255 -9.77 46.70 32.67
C GLY C 255 -8.94 46.00 33.73
N GLU C 256 -8.02 45.13 33.34
CA GLU C 256 -7.16 44.40 34.26
C GLU C 256 -5.75 44.98 34.14
N GLN C 257 -5.27 45.61 35.22
CA GLN C 257 -3.93 46.20 35.24
C GLN C 257 -2.92 45.11 35.57
N VAL C 258 -2.20 44.63 34.55
CA VAL C 258 -1.31 43.49 34.68
C VAL C 258 -0.03 43.80 33.92
N THR C 259 1.09 43.29 34.42
CA THR C 259 2.36 43.40 33.71
C THR C 259 2.49 42.24 32.73
N ALA C 260 3.47 42.38 31.83
CA ALA C 260 3.74 41.30 30.89
C ALA C 260 4.12 40.03 31.62
N GLU C 261 4.95 40.16 32.67
CA GLU C 261 5.39 39.02 33.44
C GLU C 261 4.24 38.36 34.20
N GLN C 262 3.31 39.15 34.75
CA GLN C 262 2.15 38.55 35.42
C GLN C 262 1.25 37.82 34.42
N LEU C 263 1.09 38.37 33.22
CA LEU C 263 0.16 37.81 32.24
C LEU C 263 0.71 36.56 31.57
N GLY C 264 1.97 36.59 31.15
CA GLY C 264 2.53 35.45 30.44
C GLY C 264 4.03 35.29 30.58
N GLY C 265 4.58 35.54 31.77
CA GLY C 265 5.97 35.28 32.04
C GLY C 265 6.27 33.79 32.09
N PRO C 266 7.55 33.41 32.11
CA PRO C 266 7.89 31.98 32.13
C PRO C 266 7.24 31.21 33.26
N ALA C 267 7.16 31.79 34.46
CA ALA C 267 6.57 31.07 35.59
C ALA C 267 5.11 30.74 35.33
N VAL C 268 4.35 31.69 34.75
CA VAL C 268 2.94 31.47 34.44
C VAL C 268 2.78 30.24 33.55
N HIS C 269 3.59 30.14 32.49
CA HIS C 269 3.43 29.06 31.53
C HIS C 269 4.07 27.76 32.00
N ALA C 270 5.02 27.82 32.92
CA ALA C 270 5.62 26.60 33.45
C ALA C 270 4.79 25.97 34.56
N GLU C 271 4.02 26.77 35.31
CA GLU C 271 3.32 26.25 36.48
C GLU C 271 1.82 26.26 36.37
N VAL C 272 1.23 27.20 35.63
CA VAL C 272 -0.21 27.41 35.62
C VAL C 272 -0.84 26.97 34.29
N SER C 273 -0.34 27.51 33.18
CA SER C 273 -0.96 27.22 31.89
C SER C 273 -0.43 25.95 31.25
N GLY C 274 0.81 25.56 31.57
CA GLY C 274 1.41 24.39 30.97
C GLY C 274 1.94 24.60 29.58
N ASN C 275 2.02 25.85 29.11
CA ASN C 275 2.54 26.10 27.76
C ASN C 275 4.04 25.86 27.65
N ALA C 276 4.78 25.88 28.75
CA ALA C 276 6.23 25.76 28.75
C ALA C 276 6.65 24.45 29.38
N HIS C 277 7.38 23.62 28.61
CA HIS C 277 7.86 22.35 29.12
C HIS C 277 9.14 22.50 29.92
N TYR C 278 9.83 23.61 29.73
CA TYR C 278 11.05 23.89 30.48
C TYR C 278 11.31 25.39 30.41
N VAL C 279 11.85 25.92 31.50
CA VAL C 279 12.29 27.31 31.57
C VAL C 279 13.75 27.31 31.98
N GLY C 280 14.60 27.91 31.16
CA GLY C 280 15.99 28.00 31.49
C GLY C 280 16.28 29.20 32.39
N ASP C 281 17.23 29.02 33.31
CA ASP C 281 17.67 30.13 34.16
C ASP C 281 18.24 31.24 33.30
N ASP C 282 19.02 30.87 32.29
CA ASP C 282 19.53 31.78 31.28
C ASP C 282 19.45 31.07 29.94
N GLU C 283 19.90 31.75 28.88
CA GLU C 283 19.78 31.17 27.54
C GLU C 283 20.65 29.93 27.37
N GLN C 284 21.86 29.91 27.97
CA GLN C 284 22.69 28.72 27.92
C GLN C 284 21.95 27.50 28.45
N ASP C 285 21.21 27.68 29.54
CA ASP C 285 20.52 26.56 30.15
C ASP C 285 19.37 26.07 29.26
N ALA C 286 18.63 27.00 28.64
CA ALA C 286 17.56 26.58 27.74
C ALA C 286 18.12 25.84 26.53
N ILE C 287 19.17 26.39 25.93
CA ILE C 287 19.76 25.77 24.74
C ILE C 287 20.32 24.39 25.07
N SER C 288 21.04 24.29 26.19
CA SER C 288 21.55 23.00 26.65
C SER C 288 20.41 22.00 26.84
N TRP C 289 19.30 22.44 27.46
CA TRP C 289 18.16 21.56 27.62
C TRP C 289 17.68 21.04 26.27
N VAL C 290 17.61 21.92 25.27
CA VAL C 290 17.14 21.49 23.95
C VAL C 290 18.09 20.46 23.34
N GLN C 291 19.42 20.68 23.44
CA GLN C 291 20.34 19.71 22.87
C GLN C 291 20.23 18.37 23.59
N THR C 292 20.10 18.40 24.92
CA THR C 292 19.93 17.18 25.68
C THR C 292 18.67 16.43 25.24
N LEU C 293 17.58 17.17 25.03
CA LEU C 293 16.34 16.55 24.56
C LEU C 293 16.52 15.90 23.20
N LEU C 294 17.14 16.62 22.25
CA LEU C 294 17.35 16.04 20.93
C LEU C 294 18.20 14.78 21.01
N GLY C 295 19.09 14.68 22.01
CA GLY C 295 19.91 13.50 22.19
C GLY C 295 19.15 12.21 22.47
N TYR C 296 17.87 12.31 22.87
CA TYR C 296 17.04 11.13 23.07
C TYR C 296 16.21 10.75 21.86
N LEU C 297 16.07 11.64 20.91
CA LEU C 297 15.02 11.45 19.93
C LEU C 297 15.57 10.98 18.60
N PRO C 298 14.74 10.24 17.85
CA PRO C 298 15.07 9.97 16.45
C PRO C 298 15.07 11.27 15.67
N PRO C 299 15.66 11.29 14.48
CA PRO C 299 15.57 12.49 13.65
C PRO C 299 14.18 12.70 13.07
N ASN C 300 13.37 11.66 12.99
CA ASN C 300 12.05 11.68 12.38
C ASN C 300 11.33 10.41 12.82
N ASN C 301 10.10 10.22 12.35
CA ASN C 301 9.25 9.14 12.83
C ASN C 301 9.47 7.80 12.13
N LEU C 302 10.47 7.70 11.24
CA LEU C 302 10.81 6.44 10.59
C LEU C 302 12.14 5.86 11.03
N ASP C 303 13.12 6.70 11.28
CA ASP C 303 14.49 6.32 11.58
C ASP C 303 14.65 6.08 13.08
N PRO C 304 15.59 5.22 13.48
CA PRO C 304 15.69 4.83 14.89
C PRO C 304 16.32 5.92 15.75
N ALA C 305 15.93 5.91 17.03
CA ALA C 305 16.55 6.78 18.02
C ALA C 305 18.01 6.37 18.25
N PRO C 306 18.85 7.30 18.71
CA PRO C 306 20.26 6.95 18.92
C PRO C 306 20.42 5.95 20.07
N VAL C 307 21.44 5.12 19.95
CA VAL C 307 21.77 4.13 20.97
C VAL C 307 23.18 4.43 21.46
N TYR C 308 23.36 4.47 22.77
CA TYR C 308 24.61 4.87 23.38
C TYR C 308 25.24 3.70 24.12
N ASP C 309 26.54 3.82 24.34
CA ASP C 309 27.22 2.87 25.20
C ASP C 309 26.75 3.09 26.63
N HIS C 310 26.71 2.01 27.41
CA HIS C 310 26.19 2.08 28.75
C HIS C 310 27.12 1.28 29.65
N ASP C 311 26.93 1.43 30.95
CA ASP C 311 27.76 0.71 31.90
C ASP C 311 26.89 0.17 33.02
N CYS C 312 25.76 -0.42 32.64
CA CYS C 312 24.84 -0.97 33.63
C CYS C 312 25.47 -2.16 34.33
N ALA C 313 25.27 -2.22 35.63
CA ALA C 313 25.72 -3.38 36.38
C ALA C 313 24.88 -4.60 36.01
N PRO C 314 25.50 -5.71 35.65
CA PRO C 314 24.72 -6.89 35.26
C PRO C 314 23.99 -7.57 36.41
N GLY C 315 24.52 -7.50 37.63
CA GLY C 315 23.91 -8.15 38.77
C GLY C 315 23.28 -7.15 39.73
N ILE C 316 22.75 -7.71 40.84
CA ILE C 316 22.13 -6.88 41.86
C ILE C 316 23.16 -5.93 42.45
N THR C 317 22.80 -4.65 42.53
CA THR C 317 23.59 -3.64 43.20
C THR C 317 22.85 -3.22 44.47
N GLU C 318 23.53 -2.44 45.31
CA GLU C 318 22.85 -1.90 46.47
C GLU C 318 21.74 -0.95 46.06
N ALA C 319 21.95 -0.22 44.95
CA ALA C 319 20.89 0.63 44.42
C ALA C 319 19.63 -0.18 44.15
N ASP C 320 19.78 -1.40 43.65
CA ASP C 320 18.63 -2.28 43.47
C ASP C 320 18.02 -2.68 44.80
N LEU C 321 18.86 -3.11 45.75
CA LEU C 321 18.34 -3.58 47.02
C LEU C 321 17.64 -2.47 47.79
N ALA C 322 18.00 -1.21 47.52
CA ALA C 322 17.36 -0.08 48.18
C ALA C 322 15.86 0.00 47.85
N LEU C 323 15.45 -0.54 46.71
CA LEU C 323 14.03 -0.48 46.38
C LEU C 323 13.20 -1.42 47.26
N ASP C 324 13.82 -2.42 47.87
CA ASP C 324 13.08 -3.29 48.77
C ASP C 324 12.58 -2.55 50.01
N THR C 325 13.18 -1.41 50.36
CA THR C 325 12.76 -0.62 51.51
C THR C 325 12.19 0.76 51.14
N VAL C 326 12.01 1.06 49.85
CA VAL C 326 11.65 2.44 49.51
C VAL C 326 10.19 2.71 49.84
N ILE C 327 9.35 1.68 49.87
CA ILE C 327 7.93 1.83 50.13
C ILE C 327 7.69 1.77 51.63
N PRO C 328 7.14 2.79 52.26
CA PRO C 328 6.92 2.77 53.71
C PRO C 328 5.90 1.72 54.13
N ASP C 329 6.01 1.30 55.39
CA ASP C 329 5.04 0.35 55.95
C ASP C 329 3.66 0.98 56.05
N SER C 330 3.58 2.25 56.43
CA SER C 330 2.31 2.93 56.60
C SER C 330 1.79 3.47 55.27
N GLU C 331 0.46 3.47 55.12
CA GLU C 331 -0.18 3.84 53.87
C GLU C 331 -0.22 5.33 53.64
N GLN C 332 -0.43 6.10 54.68
CA GLN C 332 -0.48 7.53 54.50
C GLN C 332 0.91 8.16 54.55
N GLN C 333 1.94 7.36 54.79
CA GLN C 333 3.31 7.84 54.60
C GLN C 333 3.69 7.70 53.13
N VAL C 334 4.27 8.76 52.57
CA VAL C 334 4.62 8.78 51.16
C VAL C 334 6.14 8.65 51.00
N TYR C 335 6.55 8.48 49.75
CA TYR C 335 7.93 8.38 49.33
C TYR C 335 8.10 9.25 48.09
N ASP C 336 9.35 9.32 47.61
CA ASP C 336 9.69 10.08 46.41
C ASP C 336 9.81 9.12 45.25
N ALA C 338 10.79 9.52 42.43
CA ALA C 338 12.05 9.67 41.71
C ALA C 338 13.09 8.66 42.18
N ASP C 339 13.10 8.33 43.47
CA ASP C 339 14.07 7.36 43.97
C ASP C 339 13.85 5.99 43.33
N VAL C 340 12.61 5.70 42.96
CA VAL C 340 12.34 4.48 42.22
C VAL C 340 12.90 4.60 40.80
N ILE C 341 12.54 5.69 40.10
CA ILE C 341 12.90 5.84 38.70
C ILE C 341 14.41 5.84 38.51
N THR C 342 15.12 6.60 39.34
CA THR C 342 16.57 6.68 39.23
C THR C 342 17.23 5.34 39.51
N ALA C 343 16.58 4.46 40.27
CA ALA C 343 17.14 3.13 40.47
C ALA C 343 17.16 2.34 39.16
N VAL C 344 16.20 2.59 38.27
CA VAL C 344 16.05 1.82 37.04
C VAL C 344 16.86 2.40 35.88
N LEU C 345 16.92 3.72 35.75
CA LEU C 345 17.46 4.31 34.54
C LEU C 345 18.99 4.33 34.57
N ASP C 346 19.57 4.30 33.38
CA ASP C 346 21.02 4.44 33.26
C ASP C 346 21.47 5.69 34.01
N ASP C 347 22.54 5.54 34.79
CA ASP C 347 23.17 6.64 35.51
C ASP C 347 22.23 7.34 36.48
N GLY C 348 21.09 6.74 36.81
CA GLY C 348 20.13 7.37 37.72
C GLY C 348 19.68 8.73 37.26
N ASP C 349 19.64 8.96 35.95
CA ASP C 349 19.46 10.28 35.40
C ASP C 349 18.26 10.30 34.46
N TYR C 350 17.57 11.44 34.42
CA TYR C 350 16.52 11.62 33.43
C TYR C 350 16.34 13.11 33.19
N LEU C 351 15.94 13.43 31.97
CA LEU C 351 15.57 14.80 31.61
C LEU C 351 14.07 14.92 31.75
N GLU C 352 13.64 15.75 32.69
CA GLU C 352 12.23 15.84 33.05
C GLU C 352 11.53 16.86 32.17
N ILE C 353 10.37 16.46 31.65
CA ILE C 353 9.46 17.31 30.90
C ILE C 353 8.44 17.89 31.86
N HIS C 354 8.11 19.17 31.68
CA HIS C 354 7.13 19.87 32.51
C HIS C 354 7.45 19.76 34.03
N PRO C 355 8.70 20.10 34.41
CA PRO C 355 9.06 19.86 35.83
C PRO C 355 8.19 20.60 36.83
N ASP C 356 7.75 21.81 36.50
CA ASP C 356 7.00 22.65 37.42
C ASP C 356 5.50 22.65 37.15
N PHE C 357 5.04 21.86 36.18
CA PHE C 357 3.63 21.79 35.85
C PHE C 357 3.09 20.42 36.25
N ALA C 358 2.02 20.43 37.05
CA ALA C 358 1.33 19.20 37.47
C ALA C 358 2.31 18.18 38.05
N ARG C 359 2.90 18.56 39.18
CA ARG C 359 3.98 17.77 39.75
C ARG C 359 3.49 16.49 40.41
N ASN C 360 2.17 16.26 40.44
CA ASN C 360 1.64 14.96 40.86
C ASN C 360 1.94 13.85 39.86
N ILE C 361 2.50 14.17 38.70
CA ILE C 361 2.95 13.18 37.74
C ILE C 361 4.30 13.62 37.18
N ILE C 362 5.15 12.64 36.89
CA ILE C 362 6.46 12.87 36.30
C ILE C 362 6.47 12.31 34.89
N CYS C 363 6.89 13.13 33.94
CA CYS C 363 7.15 12.72 32.57
C CYS C 363 8.60 13.04 32.30
N ALA C 364 9.35 12.06 31.78
CA ALA C 364 10.77 12.29 31.59
C ALA C 364 11.29 11.36 30.51
N LEU C 365 12.46 11.70 29.98
CA LEU C 365 13.20 10.83 29.08
C LEU C 365 14.45 10.34 29.79
N GLY C 366 14.68 9.04 29.71
CA GLY C 366 15.89 8.46 30.28
C GLY C 366 16.35 7.36 29.37
N ARG C 367 17.27 6.53 29.83
CA ARG C 367 17.75 5.42 29.02
C ARG C 367 17.88 4.17 29.85
N VAL C 368 17.62 3.04 29.21
CA VAL C 368 17.89 1.72 29.77
C VAL C 368 18.80 1.00 28.79
N GLU C 369 19.97 0.61 29.28
CA GLU C 369 20.99 -0.05 28.45
C GLU C 369 21.27 0.76 27.19
N GLY C 370 21.32 2.08 27.35
CA GLY C 370 21.67 2.97 26.26
C GLY C 370 20.55 3.32 25.31
N HIS C 371 19.33 2.81 25.50
CA HIS C 371 18.23 3.11 24.61
C HIS C 371 17.23 4.03 25.29
N SER C 372 16.69 4.95 24.52
CA SER C 372 15.73 5.94 24.98
C SER C 372 14.45 5.28 25.50
N VAL C 373 14.02 5.69 26.68
CA VAL C 373 12.79 5.25 27.30
C VAL C 373 12.06 6.48 27.82
N ALA C 374 10.73 6.51 27.64
CA ALA C 374 9.91 7.54 28.23
C ALA C 374 9.31 7.03 29.53
N VAL C 375 9.34 7.87 30.56
CA VAL C 375 8.87 7.50 31.89
C VAL C 375 7.67 8.37 32.24
N VAL C 376 6.58 7.71 32.62
CA VAL C 376 5.37 8.33 33.15
C VAL C 376 5.12 7.72 34.52
N ALA C 377 5.02 8.56 35.54
CA ALA C 377 4.97 8.03 36.89
C ALA C 377 4.15 8.89 37.84
N ASN C 378 3.26 8.27 38.59
CA ASN C 378 2.63 8.95 39.71
C ASN C 378 3.70 9.35 40.73
N GLN C 379 3.58 10.54 41.29
CA GLN C 379 4.51 11.03 42.30
C GLN C 379 3.72 11.27 43.58
N PRO C 380 3.78 10.36 44.56
CA PRO C 380 2.98 10.56 45.78
C PRO C 380 3.37 11.78 46.59
N ARG C 381 4.48 12.45 46.26
CA ARG C 381 4.89 13.65 46.97
C ARG C 381 4.02 14.87 46.68
N HIS C 382 3.30 14.91 45.56
CA HIS C 382 2.42 16.04 45.27
C HIS C 382 0.98 15.57 45.15
N LEU C 383 0.13 16.08 46.05
CA LEU C 383 -1.28 15.70 46.18
C LEU C 383 -1.46 14.20 46.17
N ALA C 384 -0.58 13.47 46.84
CA ALA C 384 -0.63 12.03 46.98
C ALA C 384 -0.64 11.28 45.64
N GLY C 385 -0.21 11.93 44.57
CA GLY C 385 -0.13 11.26 43.28
C GLY C 385 -1.44 11.02 42.57
N VAL C 386 -2.54 11.67 43.00
CA VAL C 386 -3.79 11.53 42.26
C VAL C 386 -3.62 12.13 40.88
N LEU C 387 -4.44 11.67 39.96
CA LEU C 387 -4.51 12.29 38.65
C LEU C 387 -5.52 13.43 38.69
N ASP C 388 -5.30 14.42 37.84
CA ASP C 388 -6.20 15.55 37.70
C ASP C 388 -6.11 16.03 36.26
N ILE C 389 -6.75 17.17 35.98
CA ILE C 389 -6.77 17.69 34.61
C ILE C 389 -5.35 17.94 34.12
N ASP C 390 -4.57 18.73 34.88
CA ASP C 390 -3.24 19.12 34.44
C ASP C 390 -2.34 17.91 34.21
N ALA C 391 -2.29 16.99 35.18
CA ALA C 391 -1.43 15.83 35.04
C ALA C 391 -1.87 14.97 33.87
N SER C 392 -3.18 14.82 33.67
CA SER C 392 -3.69 14.00 32.58
C SER C 392 -3.30 14.58 31.22
N GLU C 393 -3.43 15.89 31.04
CA GLU C 393 -3.10 16.47 29.74
C GLU C 393 -1.59 16.49 29.50
N LYS C 394 -0.83 16.78 30.55
CA LYS C 394 0.63 16.70 30.51
C LYS C 394 1.09 15.33 30.02
N ALA C 395 0.71 14.29 30.75
CA ALA C 395 1.14 12.94 30.40
C ALA C 395 0.55 12.50 29.08
N ALA C 396 -0.68 12.90 28.79
CA ALA C 396 -1.34 12.49 27.55
C ALA C 396 -0.53 12.95 26.34
N ARG C 397 -0.19 14.24 26.27
CA ARG C 397 0.54 14.68 25.09
C ARG C 397 1.96 14.14 25.07
N PHE C 398 2.58 14.01 26.24
CA PHE C 398 3.91 13.39 26.28
C PHE C 398 3.88 12.00 25.66
N ILE C 399 2.89 11.19 26.05
CA ILE C 399 2.78 9.82 25.56
C ILE C 399 2.53 9.80 24.05
N ARG C 400 1.62 10.64 23.57
CA ARG C 400 1.34 10.65 22.14
C ARG C 400 2.58 11.04 21.34
N PHE C 401 3.36 11.99 21.85
CA PHE C 401 4.59 12.36 21.15
C PHE C 401 5.56 11.19 21.11
N CYS C 402 5.78 10.53 22.25
CA CYS C 402 6.70 9.41 22.26
C CYS C 402 6.24 8.28 21.36
N ASP C 403 4.93 8.06 21.26
CA ASP C 403 4.40 7.04 20.36
C ASP C 403 4.66 7.40 18.90
N SER C 404 4.48 8.68 18.55
CA SER C 404 4.77 9.10 17.18
C SER C 404 6.21 8.83 16.78
N PHE C 405 7.16 8.95 17.71
CA PHE C 405 8.56 8.80 17.39
C PHE C 405 9.16 7.53 18.01
N ASN C 406 8.31 6.52 18.21
CA ASN C 406 8.72 5.13 18.46
C ASN C 406 9.56 4.97 19.73
N ILE C 407 9.24 5.73 20.77
CA ILE C 407 9.94 5.66 22.05
C ILE C 407 9.06 4.85 23.01
N PRO C 408 9.55 3.75 23.57
CA PRO C 408 8.72 2.94 24.49
C PRO C 408 8.43 3.71 25.77
N VAL C 409 7.32 3.33 26.41
CA VAL C 409 6.83 4.04 27.58
C VAL C 409 6.91 3.13 28.80
N LEU C 410 7.66 3.58 29.81
CA LEU C 410 7.83 2.88 31.07
C LEU C 410 7.05 3.65 32.12
N THR C 411 6.02 3.00 32.69
CA THR C 411 5.12 3.61 33.64
C THR C 411 5.44 3.09 35.03
N PHE C 412 5.49 3.98 36.01
CA PHE C 412 5.55 3.62 37.42
C PHE C 412 4.27 4.08 38.08
N ASP C 414 1.40 4.44 41.03
CA ASP C 414 0.89 4.52 42.40
C ASP C 414 -0.16 5.60 42.43
N VAL C 415 -1.37 5.32 41.99
CA VAL C 415 -2.41 6.32 41.81
C VAL C 415 -3.61 5.92 42.65
N PRO C 416 -4.01 6.76 43.61
CA PRO C 416 -5.18 6.43 44.44
C PRO C 416 -6.51 6.80 43.80
N GLY C 417 -6.50 7.62 42.76
CA GLY C 417 -7.73 8.05 42.13
C GLY C 417 -7.54 9.43 41.51
N TYR C 418 -8.63 10.16 41.40
CA TYR C 418 -8.62 11.48 40.80
C TYR C 418 -8.84 12.54 41.87
N LEU C 419 -8.32 13.72 41.61
CA LEU C 419 -8.53 14.81 42.53
C LEU C 419 -9.99 15.26 42.48
N PRO C 420 -10.72 15.20 43.58
CA PRO C 420 -12.14 15.55 43.52
C PRO C 420 -12.30 17.06 43.57
N GLY C 421 -13.53 17.49 43.36
CA GLY C 421 -13.87 18.90 43.42
C GLY C 421 -14.73 19.47 42.31
N VAL C 422 -15.52 20.48 42.66
CA VAL C 422 -16.31 21.22 41.68
C VAL C 422 -15.40 21.83 40.63
N GLY C 423 -14.24 22.32 41.04
CA GLY C 423 -13.28 22.85 40.09
C GLY C 423 -12.94 21.86 39.00
N GLN C 424 -12.59 20.63 39.39
CA GLN C 424 -12.16 19.65 38.41
C GLN C 424 -13.32 19.17 37.55
N GLU C 425 -14.50 19.06 38.15
CA GLU C 425 -15.64 18.55 37.40
C GLU C 425 -16.11 19.58 36.37
N HIS C 426 -16.18 20.86 36.77
CA HIS C 426 -16.69 21.90 35.88
C HIS C 426 -15.70 22.29 34.80
N GLN C 427 -14.41 22.18 35.07
CA GLN C 427 -13.42 22.51 34.06
C GLN C 427 -13.16 21.34 33.12
N GLY C 428 -13.89 20.25 33.29
CA GLY C 428 -13.97 19.19 32.31
C GLY C 428 -13.08 17.98 32.53
N ILE C 429 -12.95 17.51 33.79
CA ILE C 429 -12.10 16.35 34.06
C ILE C 429 -12.53 15.15 33.21
N ILE C 430 -13.81 15.09 32.84
CA ILE C 430 -14.29 13.99 32.00
C ILE C 430 -13.53 13.96 30.69
N ARG C 431 -13.71 15.02 29.89
CA ARG C 431 -13.18 15.11 28.55
C ARG C 431 -11.69 15.44 28.49
N ARG C 432 -11.08 15.89 29.58
CA ARG C 432 -9.66 16.20 29.58
C ARG C 432 -8.81 15.15 30.27
N GLY C 433 -9.31 14.60 31.37
CA GLY C 433 -8.68 13.43 31.94
C GLY C 433 -8.71 12.24 31.01
N ILE C 434 -9.78 12.09 30.23
CA ILE C 434 -9.86 10.93 29.35
C ILE C 434 -8.80 10.96 28.24
N LYS C 435 -8.15 12.10 28.01
CA LYS C 435 -7.11 12.19 26.99
C LYS C 435 -5.96 11.22 27.28
N LEU C 436 -5.65 11.00 28.57
CA LEU C 436 -4.56 10.09 28.92
C LEU C 436 -4.93 8.64 28.67
N PHE C 437 -6.18 8.27 28.95
CA PHE C 437 -6.69 6.96 28.56
C PHE C 437 -6.54 6.78 27.06
N TYR C 438 -6.96 7.79 26.30
CA TYR C 438 -6.84 7.74 24.85
C TYR C 438 -5.40 7.55 24.42
N ALA C 439 -4.48 8.32 25.01
CA ALA C 439 -3.07 8.24 24.62
C ALA C 439 -2.51 6.84 24.86
N TYR C 440 -2.76 6.28 26.04
CA TYR C 440 -2.28 4.92 26.33
C TYR C 440 -2.88 3.91 25.36
N ALA C 441 -4.20 3.96 25.17
CA ALA C 441 -4.87 2.94 24.35
C ALA C 441 -4.50 3.07 22.87
N GLU C 442 -4.33 4.30 22.39
CA GLU C 442 -3.96 4.55 20.99
C GLU C 442 -2.55 4.10 20.70
N SER C 443 -1.66 4.27 21.66
CA SER C 443 -0.24 4.09 21.42
C SER C 443 0.06 2.63 21.09
N THR C 444 1.06 2.43 20.23
CA THR C 444 1.48 1.10 19.85
C THR C 444 2.91 0.78 20.24
N VAL C 445 3.67 1.72 20.77
CA VAL C 445 5.04 1.48 21.21
C VAL C 445 5.04 0.46 22.35
N PRO C 446 6.15 -0.23 22.58
CA PRO C 446 6.27 -1.09 23.77
C PRO C 446 5.96 -0.31 25.04
N LYS C 447 5.21 -0.93 25.94
CA LYS C 447 4.81 -0.31 27.20
C LYS C 447 5.07 -1.28 28.34
N ILE C 448 5.89 -0.89 29.29
CA ILE C 448 6.14 -1.69 30.49
C ILE C 448 5.65 -0.90 31.68
N THR C 449 4.92 -1.57 32.59
CA THR C 449 4.31 -0.91 33.72
C THR C 449 4.74 -1.61 35.00
N VAL C 450 5.22 -0.82 35.95
CA VAL C 450 5.67 -1.29 37.26
C VAL C 450 4.74 -0.70 38.29
N ILE C 451 3.98 -1.54 38.97
CA ILE C 451 3.03 -1.09 39.97
C ILE C 451 3.71 -1.15 41.33
N THR C 452 4.05 0.01 41.87
CA THR C 452 4.76 0.08 43.14
C THR C 452 3.81 0.05 44.32
N ARG C 453 2.64 0.66 44.21
CA ARG C 453 1.78 0.74 45.37
C ARG C 453 0.28 0.80 45.03
N LYS C 454 -0.34 1.97 45.19
CA LYS C 454 -1.78 2.06 45.01
C LYS C 454 -2.16 1.88 43.55
N ALA C 455 -3.25 1.14 43.33
CA ALA C 455 -3.74 0.80 42.01
C ALA C 455 -5.26 0.70 42.05
N TYR C 456 -5.93 1.84 42.14
CA TYR C 456 -7.36 1.89 42.40
C TYR C 456 -8.12 2.32 41.15
N GLY C 457 -9.19 1.60 40.85
CA GLY C 457 -10.18 1.96 39.86
C GLY C 457 -9.71 2.54 38.54
N GLY C 458 -10.32 3.66 38.15
CA GLY C 458 -10.00 4.26 36.87
C GLY C 458 -8.56 4.68 36.77
N GLY C 459 -7.98 5.14 37.88
CA GLY C 459 -6.55 5.40 37.89
C GLY C 459 -5.76 4.20 37.48
N TYR C 460 -6.15 3.02 37.99
CA TYR C 460 -5.46 1.79 37.58
C TYR C 460 -5.66 1.50 36.11
N ALA C 461 -6.90 1.64 35.63
CA ALA C 461 -7.16 1.41 34.22
C ALA C 461 -6.26 2.26 33.34
N VAL C 462 -6.19 3.56 33.66
CA VAL C 462 -5.54 4.53 32.77
C VAL C 462 -4.03 4.36 32.75
N GLY C 464 -1.49 2.56 32.20
CA GLY C 464 -0.74 1.47 31.57
C GLY C 464 -1.08 0.07 32.05
N SER C 465 -2.35 -0.19 32.34
CA SER C 465 -2.78 -1.54 32.61
C SER C 465 -2.61 -2.41 31.37
N ARG C 466 -2.75 -3.72 31.57
CA ARG C 466 -2.64 -4.65 30.46
C ARG C 466 -3.84 -4.52 29.52
N GLN C 467 -5.03 -4.27 30.08
CA GLN C 467 -6.22 -4.08 29.25
C GLN C 467 -6.15 -2.83 28.40
N ILE C 468 -5.35 -1.83 28.78
CA ILE C 468 -5.23 -0.63 27.96
C ILE C 468 -4.13 -0.77 26.91
N GLY C 469 -3.35 -1.86 26.95
CA GLY C 469 -2.44 -2.16 25.86
C GLY C 469 -1.00 -2.40 26.27
N ALA C 470 -0.71 -2.33 27.56
CA ALA C 470 0.65 -2.55 28.03
C ALA C 470 1.11 -3.97 27.70
N ASP C 471 2.39 -4.11 27.37
CA ASP C 471 2.93 -5.41 26.99
C ASP C 471 3.47 -6.21 28.17
N ARG C 472 3.92 -5.53 29.23
CA ARG C 472 4.45 -6.20 30.43
C ARG C 472 4.07 -5.38 31.64
N VAL C 473 3.47 -6.02 32.64
CA VAL C 473 3.07 -5.36 33.87
C VAL C 473 3.62 -6.13 35.06
N ALA C 475 4.01 -6.16 39.30
CA ALA C 475 3.50 -5.63 40.54
C ALA C 475 4.45 -5.99 41.67
N TRP C 476 4.69 -5.03 42.54
CA TRP C 476 5.42 -5.29 43.76
C TRP C 476 4.48 -5.86 44.79
N PRO C 477 5.02 -6.46 45.87
CA PRO C 477 4.12 -6.97 46.92
C PRO C 477 3.38 -5.85 47.64
N THR C 478 3.82 -4.61 47.49
CA THR C 478 3.11 -3.46 48.04
C THR C 478 2.03 -2.93 47.09
N ALA C 479 1.98 -3.44 45.86
CA ALA C 479 0.95 -3.01 44.92
C ALA C 479 -0.43 -3.46 45.38
N GLU C 480 -1.37 -2.53 45.44
CA GLU C 480 -2.75 -2.80 45.82
C GLU C 480 -3.65 -2.53 44.62
N ILE C 481 -4.03 -3.59 43.92
CA ILE C 481 -4.78 -3.50 42.67
C ILE C 481 -6.24 -3.86 42.99
N ALA C 482 -7.10 -2.84 43.03
CA ALA C 482 -8.47 -3.04 43.50
C ALA C 482 -9.38 -1.96 42.92
N VAL C 483 -10.69 -2.22 43.01
CA VAL C 483 -11.68 -1.24 42.57
C VAL C 483 -11.52 0.06 43.34
N GLY C 485 -9.79 1.53 47.55
CA GLY C 485 -9.13 1.26 48.81
C GLY C 485 -10.11 1.11 49.96
N ALA C 486 -9.67 1.52 51.14
CA ALA C 486 -10.48 1.39 52.34
C ALA C 486 -11.46 2.57 52.44
N ASN C 487 -12.30 2.67 51.40
CA ASN C 487 -13.44 3.57 51.37
C ASN C 487 -14.65 2.89 50.75
N SER C 488 -14.51 1.60 50.52
CA SER C 488 -15.64 0.74 50.26
C SER C 488 -15.75 0.15 51.66
N ALA C 489 -15.59 0.98 52.70
CA ALA C 489 -16.24 1.01 54.01
C ALA C 489 -17.64 1.42 53.55
N VAL C 490 -18.40 0.47 53.03
CA VAL C 490 -19.85 0.42 52.82
C VAL C 490 -20.24 -0.97 52.31
N ALA C 507 -19.99 4.05 68.93
CA ALA C 507 -18.62 3.58 68.86
C ALA C 507 -18.34 2.95 67.52
N ALA C 508 -18.92 3.51 66.43
CA ALA C 508 -18.64 3.14 65.02
C ALA C 508 -17.38 3.83 64.52
N VAL C 509 -16.24 3.40 65.03
CA VAL C 509 -14.96 4.00 64.66
C VAL C 509 -13.94 2.88 64.56
N LYS C 510 -13.73 2.19 65.67
CA LYS C 510 -12.77 1.08 65.64
C LYS C 510 -13.44 -0.19 65.07
N GLU C 511 -14.73 -0.18 64.77
CA GLU C 511 -15.22 -1.34 64.02
C GLU C 511 -15.05 -1.15 62.52
N ASN C 512 -15.51 -0.03 61.99
CA ASN C 512 -15.18 0.23 60.60
C ASN C 512 -13.70 0.53 60.43
N LEU C 513 -12.88 0.15 61.41
CA LEU C 513 -11.43 0.04 61.26
C LEU C 513 -10.94 -1.40 61.33
N VAL C 514 -11.77 -2.34 61.78
CA VAL C 514 -11.44 -3.75 61.58
C VAL C 514 -11.74 -4.18 60.15
N ASP C 515 -12.29 -3.27 59.34
CA ASP C 515 -12.58 -3.48 57.93
C ASP C 515 -11.56 -4.32 57.18
N ASP C 516 -10.44 -4.64 57.84
CA ASP C 516 -9.20 -5.12 57.23
C ASP C 516 -9.55 -6.11 56.14
N TYR C 517 -9.98 -5.47 55.07
CA TYR C 517 -10.21 -5.92 53.73
C TYR C 517 -9.00 -5.56 52.89
N ARG C 518 -8.23 -4.64 53.46
CA ARG C 518 -6.87 -4.29 53.07
C ARG C 518 -5.88 -5.45 53.19
N ARG C 519 -6.07 -6.40 54.09
CA ARG C 519 -5.17 -7.53 54.05
C ARG C 519 -5.64 -8.64 53.14
N ARG C 520 -6.89 -8.56 52.72
CA ARG C 520 -7.42 -9.48 51.75
C ARG C 520 -7.34 -8.94 50.32
N PHE C 521 -7.39 -7.62 50.15
CA PHE C 521 -7.31 -7.03 48.82
C PHE C 521 -6.22 -5.98 48.66
N GLY C 522 -5.49 -5.66 49.73
CA GLY C 522 -4.41 -4.69 49.58
C GLY C 522 -3.13 -5.35 49.08
N ASN C 523 -3.22 -6.02 47.93
CA ASN C 523 -2.12 -6.81 47.40
C ASN C 523 -2.39 -7.10 45.94
N PRO C 524 -1.40 -7.56 45.18
CA PRO C 524 -1.59 -7.77 43.73
C PRO C 524 -2.18 -9.12 43.36
N TYR C 525 -2.58 -9.95 44.31
CA TYR C 525 -2.72 -11.37 44.00
C TYR C 525 -4.07 -11.71 43.41
N GLU C 526 -5.09 -10.87 43.55
CA GLU C 526 -6.30 -11.09 42.78
C GLU C 526 -6.06 -10.74 41.30
N ALA C 527 -5.38 -9.62 41.06
CA ALA C 527 -4.96 -9.28 39.70
C ALA C 527 -4.05 -10.34 39.10
N ALA C 528 -3.09 -10.84 39.91
CA ALA C 528 -2.19 -11.88 39.42
C ALA C 528 -2.94 -13.18 39.15
N ALA C 529 -3.94 -13.48 39.97
CA ALA C 529 -4.71 -14.71 39.78
C ALA C 529 -5.45 -14.70 38.45
N HIS C 530 -5.97 -13.54 38.04
CA HIS C 530 -6.61 -13.42 36.74
C HIS C 530 -5.62 -13.16 35.61
N GLY C 531 -4.33 -13.06 35.89
CA GLY C 531 -3.40 -12.71 34.83
C GLY C 531 -3.47 -11.28 34.36
N TYR C 532 -4.12 -10.39 35.11
CA TYR C 532 -4.15 -8.99 34.73
C TYR C 532 -2.80 -8.32 34.89
N VAL C 533 -1.95 -8.84 35.79
CA VAL C 533 -0.52 -8.52 35.80
C VAL C 533 0.23 -9.81 35.53
N ASP C 534 1.42 -9.68 34.96
CA ASP C 534 2.18 -10.83 34.51
C ASP C 534 3.12 -11.40 35.56
N VAL C 536 4.68 -10.87 39.91
CA VAL C 536 4.82 -10.21 41.19
C VAL C 536 6.24 -10.48 41.66
N ILE C 537 7.01 -9.40 41.81
CA ILE C 537 8.43 -9.46 42.08
C ILE C 537 8.79 -8.63 43.29
N SER C 538 9.93 -8.97 43.87
CA SER C 538 10.57 -8.12 44.84
C SER C 538 11.08 -6.85 44.18
N PRO C 539 10.91 -5.67 44.80
CA PRO C 539 11.31 -4.42 44.14
C PRO C 539 12.74 -4.35 43.65
N SER C 540 13.70 -5.00 44.33
CA SER C 540 15.08 -4.96 43.87
C SER C 540 15.24 -5.56 42.49
N ARG C 541 14.27 -6.33 42.01
CA ARG C 541 14.38 -6.94 40.70
C ARG C 541 13.94 -6.02 39.57
N THR C 542 13.35 -4.87 39.90
CA THR C 542 12.70 -4.05 38.89
C THR C 542 13.64 -3.75 37.71
N ARG C 543 14.78 -3.12 38.01
CA ARG C 543 15.71 -2.74 36.94
C ARG C 543 16.01 -3.91 36.01
N TYR C 544 16.26 -5.09 36.58
CA TYR C 544 16.62 -6.21 35.72
C TYR C 544 15.45 -6.59 34.81
N GLU C 545 14.27 -6.74 35.39
CA GLU C 545 13.16 -7.24 34.61
C GLU C 545 12.70 -6.20 33.60
N VAL C 546 12.70 -4.93 34.01
CA VAL C 546 12.40 -3.87 33.07
C VAL C 546 13.34 -3.96 31.89
N ALA C 547 14.65 -4.08 32.18
CA ALA C 547 15.60 -4.16 31.08
C ALA C 547 15.26 -5.32 30.18
N ARG C 548 14.97 -6.48 30.77
CA ARG C 548 14.67 -7.65 29.96
C ARG C 548 13.45 -7.37 29.10
N ALA C 549 12.38 -6.87 29.73
CA ALA C 549 11.16 -6.62 28.98
C ALA C 549 11.45 -5.69 27.82
N LEU C 550 12.18 -4.61 28.09
CA LEU C 550 12.48 -3.66 27.02
C LEU C 550 13.19 -4.36 25.88
N ALA C 551 14.24 -5.12 26.20
CA ALA C 551 15.00 -5.76 25.13
C ALA C 551 14.13 -6.75 24.37
N SER C 552 13.18 -7.37 25.04
CA SER C 552 12.33 -8.35 24.38
C SER C 552 11.29 -7.73 23.48
N LEU C 553 11.05 -6.42 23.59
CA LEU C 553 9.92 -5.79 22.91
C LEU C 553 10.31 -4.89 21.75
N ARG C 554 11.59 -4.82 21.40
CA ARG C 554 12.02 -3.86 20.40
C ARG C 554 11.51 -4.16 19.00
N ASN C 555 11.15 -5.41 18.72
CA ASN C 555 10.62 -5.77 17.42
C ASN C 555 9.11 -5.75 17.41
N LYS C 556 8.49 -5.10 18.39
CA LYS C 556 7.04 -5.10 18.49
C LYS C 556 6.41 -4.46 17.26
N ARG C 557 5.36 -5.09 16.76
CA ARG C 557 4.56 -4.58 15.64
C ARG C 557 3.11 -4.59 16.06
N GLN C 558 2.42 -3.47 15.87
CA GLN C 558 1.00 -3.44 16.22
C GLN C 558 0.24 -2.66 15.16
N ALA C 559 -0.86 -3.24 14.70
CA ALA C 559 -1.67 -2.61 13.67
C ALA C 559 -2.45 -1.44 14.26
N ARG C 560 -2.83 -0.52 13.38
CA ARG C 560 -3.52 0.69 13.79
C ARG C 560 -4.81 0.84 13.01
N PRO C 561 -5.83 1.46 13.60
CA PRO C 561 -7.08 1.67 12.88
C PRO C 561 -6.87 2.37 11.54
N ALA C 562 -7.66 1.96 10.55
CA ALA C 562 -7.66 2.61 9.25
C ALA C 562 -8.60 3.80 9.32
N ARG C 563 -8.03 5.00 9.28
CA ARG C 563 -8.78 6.24 9.43
C ARG C 563 -7.85 7.38 9.05
N LYS C 564 -8.43 8.52 8.66
CA LYS C 564 -7.59 9.71 8.51
C LYS C 564 -6.91 10.06 9.81
N HIS C 565 -7.64 9.96 10.91
CA HIS C 565 -7.20 10.26 12.26
C HIS C 565 -8.38 9.95 13.17
N GLY C 566 -8.12 9.91 14.47
CA GLY C 566 -9.17 9.70 15.43
C GLY C 566 -9.88 11.00 15.74
N ASN C 567 -10.77 10.92 16.72
CA ASN C 567 -11.51 12.08 17.20
C ASN C 567 -11.33 12.21 18.71
N ILE C 568 -10.08 12.37 19.13
CA ILE C 568 -9.76 12.47 20.57
C ILE C 568 -10.53 13.64 21.17
N PRO C 569 -11.00 13.55 22.42
CA PRO C 569 -11.60 14.73 23.05
C PRO C 569 -10.57 15.85 23.20
N LEU C 570 -11.02 17.07 22.95
CA LEU C 570 -10.14 18.24 22.98
C LEU C 570 -10.50 19.23 24.08
N SER D 54 -21.34 52.70 4.66
CA SER D 54 -22.66 52.11 4.72
C SER D 54 -22.72 50.83 3.88
N THR D 55 -23.60 49.91 4.26
CA THR D 55 -23.65 48.60 3.60
C THR D 55 -24.13 48.72 2.15
N ALA D 56 -25.21 49.45 1.92
CA ALA D 56 -25.70 49.63 0.55
C ALA D 56 -24.63 50.27 -0.33
N ASP D 57 -23.86 51.20 0.23
CA ASP D 57 -22.80 51.84 -0.53
C ASP D 57 -21.66 50.89 -0.85
N ARG D 58 -21.40 49.89 0.02
CA ARG D 58 -20.34 48.94 -0.30
C ARG D 58 -20.79 47.96 -1.37
N ILE D 59 -22.07 47.56 -1.35
CA ILE D 59 -22.58 46.74 -2.44
C ILE D 59 -22.49 47.50 -3.76
N ALA D 60 -22.86 48.78 -3.73
CA ALA D 60 -22.79 49.60 -4.94
C ALA D 60 -21.35 49.75 -5.43
N ASP D 61 -20.40 49.91 -4.49
CA ASP D 61 -19.01 50.05 -4.90
C ASP D 61 -18.51 48.76 -5.53
N LEU D 62 -18.92 47.61 -5.00
CA LEU D 62 -18.54 46.35 -5.61
C LEU D 62 -19.12 46.22 -7.02
N ALA D 63 -20.37 46.62 -7.21
CA ALA D 63 -20.94 46.61 -8.55
C ALA D 63 -20.15 47.52 -9.48
N ALA D 64 -19.65 48.65 -8.96
CA ALA D 64 -18.89 49.57 -9.78
C ALA D 64 -17.56 48.95 -10.23
N ARG D 65 -16.83 48.30 -9.32
CA ARG D 65 -15.56 47.73 -9.74
C ARG D 65 -15.74 46.51 -10.59
N HIS D 66 -16.82 45.75 -10.36
CA HIS D 66 -17.11 44.66 -11.26
C HIS D 66 -17.34 45.18 -12.67
N GLU D 67 -18.09 46.28 -12.77
CA GLU D 67 -18.28 46.96 -14.05
C GLU D 67 -16.95 47.39 -14.65
N GLU D 68 -16.04 47.92 -13.83
CA GLU D 68 -14.74 48.35 -14.32
C GLU D 68 -13.86 47.16 -14.75
N ALA D 69 -13.86 46.09 -13.96
CA ALA D 69 -12.95 44.98 -14.17
C ALA D 69 -13.35 44.11 -15.35
N VAL D 70 -14.66 43.97 -15.59
CA VAL D 70 -15.18 43.03 -16.59
C VAL D 70 -15.79 43.75 -17.78
N VAL D 71 -16.76 44.63 -17.55
CA VAL D 71 -17.57 45.13 -18.65
C VAL D 71 -16.83 46.18 -19.47
N LEU D 72 -16.21 47.15 -18.80
CA LEU D 72 -15.50 48.20 -19.51
C LEU D 72 -14.20 47.65 -20.09
N ALA D 73 -13.56 46.75 -19.36
CA ALA D 73 -12.38 46.07 -19.88
C ALA D 73 -12.72 45.30 -21.14
N GLU D 74 -13.90 44.68 -21.18
CA GLU D 74 -14.30 43.92 -22.36
C GLU D 74 -14.54 44.86 -23.54
N LYS D 75 -15.29 45.94 -23.30
CA LYS D 75 -15.47 46.95 -24.35
C LYS D 75 -14.14 47.44 -24.89
N LYS D 76 -13.19 47.72 -24.00
CA LYS D 76 -11.88 48.20 -24.41
C LYS D 76 -11.12 47.15 -25.22
N ALA D 77 -11.30 45.87 -24.88
CA ALA D 77 -10.53 44.80 -25.50
C ALA D 77 -11.06 44.40 -26.88
N ALA D 78 -12.38 44.42 -27.06
CA ALA D 78 -12.99 43.93 -28.29
C ALA D 78 -12.50 44.67 -29.53
N ASP D 79 -12.36 45.99 -29.45
CA ASP D 79 -11.90 46.76 -30.60
C ASP D 79 -10.52 46.30 -31.05
N ARG D 80 -9.53 46.43 -30.16
CA ARG D 80 -8.15 46.15 -30.51
C ARG D 80 -7.93 44.70 -30.87
N GLN D 81 -8.66 43.77 -30.24
CA GLN D 81 -8.46 42.38 -30.63
C GLN D 81 -9.19 42.03 -31.92
N HIS D 82 -10.41 42.53 -32.12
CA HIS D 82 -11.15 42.17 -33.33
C HIS D 82 -10.45 42.68 -34.58
N LEU D 83 -9.85 43.85 -34.51
CA LEU D 83 -9.16 44.31 -35.71
C LEU D 83 -7.83 43.60 -35.95
N LYS D 84 -7.39 42.72 -35.06
CA LYS D 84 -6.26 41.85 -35.37
C LYS D 84 -6.72 40.42 -35.68
N GLY D 85 -8.01 40.25 -36.00
CA GLY D 85 -8.59 38.95 -36.29
C GLY D 85 -8.71 38.03 -35.10
N LYS D 86 -8.79 38.59 -33.90
CA LYS D 86 -8.77 37.86 -32.64
C LYS D 86 -10.03 38.16 -31.82
N LEU D 87 -10.45 37.18 -31.02
CA LEU D 87 -11.50 37.40 -30.05
C LEU D 87 -10.90 37.83 -28.71
N THR D 88 -11.77 38.21 -27.78
CA THR D 88 -11.33 38.57 -26.44
C THR D 88 -11.16 37.32 -25.58
N ALA D 89 -10.40 37.47 -24.50
CA ALA D 89 -10.24 36.40 -23.52
C ALA D 89 -11.59 35.87 -23.03
N ARG D 90 -12.49 36.79 -22.67
CA ARG D 90 -13.76 36.38 -22.08
C ARG D 90 -14.71 35.80 -23.11
N ALA D 91 -14.68 36.32 -24.34
CA ALA D 91 -15.50 35.73 -25.40
C ALA D 91 -15.07 34.30 -25.69
N ARG D 92 -13.75 34.05 -25.70
CA ARG D 92 -13.28 32.68 -25.93
C ARG D 92 -13.73 31.77 -24.80
N ILE D 93 -13.64 32.24 -23.55
CA ILE D 93 -14.17 31.44 -22.45
C ILE D 93 -15.65 31.15 -22.67
N ASP D 94 -16.40 32.14 -23.15
CA ASP D 94 -17.83 31.96 -23.33
C ASP D 94 -18.15 30.98 -24.45
N LEU D 95 -17.33 30.94 -25.51
CA LEU D 95 -17.59 29.95 -26.55
C LEU D 95 -17.27 28.55 -26.06
N LEU D 96 -16.27 28.42 -25.18
CA LEU D 96 -15.88 27.08 -24.77
C LEU D 96 -16.85 26.50 -23.73
N LEU D 97 -17.20 27.28 -22.71
CA LEU D 97 -17.95 26.70 -21.60
C LEU D 97 -19.44 26.72 -21.87
N ASP D 98 -20.15 25.85 -21.15
CA ASP D 98 -21.60 25.84 -21.19
C ASP D 98 -22.17 27.14 -20.65
N PRO D 99 -23.23 27.66 -21.25
CA PRO D 99 -23.88 28.87 -20.72
C PRO D 99 -24.14 28.81 -19.21
N GLY D 100 -23.79 29.89 -18.55
CA GLY D 100 -24.08 30.06 -17.13
C GLY D 100 -23.20 29.26 -16.20
N SER D 101 -22.26 28.48 -16.71
CA SER D 101 -21.47 27.60 -15.86
C SER D 101 -20.18 28.25 -15.33
N PHE D 102 -19.76 29.39 -15.86
CA PHE D 102 -18.46 29.95 -15.49
C PHE D 102 -18.50 30.60 -14.10
N VAL D 103 -17.57 30.19 -13.25
CA VAL D 103 -17.30 30.84 -11.98
C VAL D 103 -15.91 31.46 -12.11
N GLU D 104 -15.87 32.78 -12.10
CA GLU D 104 -14.63 33.52 -12.25
C GLU D 104 -13.92 33.59 -10.89
N LEU D 105 -12.64 33.27 -10.88
CA LEU D 105 -11.85 33.46 -9.66
C LEU D 105 -10.89 34.63 -9.81
N ASP D 106 -10.59 35.25 -8.67
CA ASP D 106 -9.54 36.26 -8.59
C ASP D 106 -9.81 37.43 -9.52
N GLU D 107 -11.07 37.87 -9.59
CA GLU D 107 -11.43 38.93 -10.51
C GLU D 107 -10.71 40.24 -10.17
N PHE D 108 -10.43 40.48 -8.89
CA PHE D 108 -9.78 41.71 -8.44
C PHE D 108 -8.34 41.52 -8.00
N VAL D 109 -7.67 40.48 -8.51
CA VAL D 109 -6.24 40.35 -8.29
C VAL D 109 -5.53 41.49 -9.00
N ARG D 110 -4.50 42.04 -8.35
CA ARG D 110 -3.73 43.14 -8.91
C ARG D 110 -2.26 42.91 -8.59
N HIS D 111 -1.38 43.47 -9.44
CA HIS D 111 0.04 43.37 -9.18
C HIS D 111 0.44 44.33 -8.06
N ARG D 112 1.72 44.33 -7.71
CA ARG D 112 2.15 44.93 -6.45
C ARG D 112 2.67 46.35 -6.59
N THR D 113 3.01 46.80 -7.79
CA THR D 113 3.57 48.13 -7.99
C THR D 113 2.44 49.16 -7.94
N VAL D 114 2.31 49.83 -6.80
CA VAL D 114 1.30 50.87 -6.61
C VAL D 114 1.93 52.23 -6.83
N GLU D 115 2.31 52.53 -8.07
CA GLU D 115 2.96 53.78 -8.41
C GLU D 115 2.05 54.66 -9.26
N ALA D 116 2.24 55.97 -9.13
CA ALA D 116 1.48 56.92 -9.94
C ALA D 116 2.00 56.91 -11.37
N GLY D 117 1.14 56.49 -12.30
CA GLY D 117 1.52 56.36 -13.69
C GLY D 117 1.73 54.94 -14.16
N ILE D 118 1.49 53.95 -13.31
CA ILE D 118 1.61 52.54 -13.65
C ILE D 118 0.22 51.92 -13.58
N PRO D 119 -0.37 51.48 -14.70
CA PRO D 119 -1.68 50.85 -14.64
C PRO D 119 -1.66 49.59 -13.79
N ARG D 120 -2.64 49.47 -12.89
CA ARG D 120 -2.78 48.35 -11.98
C ARG D 120 -4.18 47.78 -12.17
N PRO D 121 -4.44 47.13 -13.31
CA PRO D 121 -5.80 46.69 -13.62
C PRO D 121 -6.23 45.47 -12.84
N TYR D 122 -7.53 45.38 -12.59
CA TYR D 122 -8.11 44.19 -11.97
C TYR D 122 -7.89 42.98 -12.87
N GLY D 123 -7.52 41.85 -12.25
CA GLY D 123 -7.26 40.63 -12.98
C GLY D 123 -5.86 40.50 -13.54
N ASP D 124 -5.12 41.60 -13.63
CA ASP D 124 -3.71 41.61 -14.03
C ASP D 124 -3.46 40.89 -15.35
N GLY D 125 -4.47 40.84 -16.21
CA GLY D 125 -4.28 40.41 -17.59
C GLY D 125 -4.60 38.96 -17.91
N VAL D 126 -5.23 38.21 -17.02
CA VAL D 126 -5.65 36.83 -17.32
C VAL D 126 -6.99 36.59 -16.65
N VAL D 127 -7.86 35.82 -17.32
CA VAL D 127 -9.16 35.46 -16.79
C VAL D 127 -9.13 33.99 -16.41
N THR D 128 -9.42 33.66 -15.15
CA THR D 128 -9.34 32.30 -14.67
C THR D 128 -10.66 31.89 -14.01
N GLY D 129 -10.95 30.60 -14.03
CA GLY D 129 -12.13 30.12 -13.34
C GLY D 129 -12.43 28.68 -13.70
N HIS D 130 -13.63 28.24 -13.34
CA HIS D 130 -14.04 26.88 -13.69
C HIS D 130 -15.49 26.87 -14.15
N GLY D 131 -15.85 25.80 -14.86
CA GLY D 131 -17.17 25.70 -15.43
C GLY D 131 -17.43 24.28 -15.86
N THR D 132 -18.36 24.12 -16.80
CA THR D 132 -18.62 22.81 -17.39
C THR D 132 -18.53 22.88 -18.89
N ILE D 133 -18.10 21.78 -19.48
CA ILE D 133 -18.19 21.53 -20.91
C ILE D 133 -19.04 20.29 -21.06
N ASP D 134 -20.15 20.43 -21.78
CA ASP D 134 -21.16 19.39 -21.92
C ASP D 134 -21.42 18.68 -20.60
N GLY D 135 -21.59 19.48 -19.54
CA GLY D 135 -22.03 19.00 -18.26
C GLY D 135 -20.93 18.52 -17.33
N ARG D 136 -19.69 18.39 -17.80
CA ARG D 136 -18.62 17.90 -16.95
C ARG D 136 -17.64 19.01 -16.62
N GLN D 137 -17.16 19.02 -15.38
CA GLN D 137 -16.41 20.16 -14.85
C GLN D 137 -15.03 20.29 -15.48
N VAL D 138 -14.63 21.54 -15.73
CA VAL D 138 -13.31 21.88 -16.30
C VAL D 138 -12.84 23.17 -15.67
N CYS D 139 -11.51 23.37 -15.69
CA CYS D 139 -10.86 24.60 -15.29
C CYS D 139 -10.30 25.29 -16.52
N VAL D 140 -10.26 26.63 -16.47
CA VAL D 140 -9.88 27.41 -17.65
C VAL D 140 -9.12 28.66 -17.22
N PHE D 141 -8.11 29.01 -18.03
CA PHE D 141 -7.53 30.34 -18.02
C PHE D 141 -7.44 30.84 -19.45
N SER D 142 -7.52 32.17 -19.60
CA SER D 142 -7.57 32.81 -20.91
C SER D 142 -6.85 34.14 -20.79
N HIS D 143 -5.71 34.27 -21.47
CA HIS D 143 -4.95 35.51 -21.45
C HIS D 143 -5.75 36.64 -22.08
N ASP D 144 -5.66 37.83 -21.50
CA ASP D 144 -6.17 39.04 -22.14
C ASP D 144 -4.96 39.84 -22.60
N PHE D 145 -4.69 39.73 -23.90
CA PHE D 145 -3.55 40.37 -24.54
C PHE D 145 -3.61 41.90 -24.44
N THR D 146 -4.81 42.46 -24.37
CA THR D 146 -4.99 43.91 -24.34
C THR D 146 -4.69 44.53 -22.99
N THR D 147 -4.61 43.72 -21.94
CA THR D 147 -4.36 44.18 -20.57
C THR D 147 -2.93 43.82 -20.20
N LEU D 148 -2.09 44.84 -20.06
CA LEU D 148 -0.67 44.67 -19.76
C LEU D 148 -0.01 43.68 -20.71
N GLY D 149 -0.44 43.70 -21.97
CA GLY D 149 0.13 42.78 -22.94
C GLY D 149 -0.18 41.33 -22.66
N GLY D 150 -1.12 41.04 -21.77
CA GLY D 150 -1.34 39.67 -21.34
C GLY D 150 -0.06 38.99 -20.87
N SER D 151 0.80 39.74 -20.18
CA SER D 151 2.15 39.31 -19.88
C SER D 151 2.26 38.62 -18.52
N GLY D 153 3.35 37.72 -14.98
CA GLY D 153 3.84 38.33 -13.76
C GLY D 153 3.43 37.51 -12.55
N GLU D 154 3.69 38.00 -11.34
CA GLU D 154 3.41 37.20 -10.15
C GLU D 154 1.91 37.11 -9.87
N ALA D 155 1.16 38.19 -10.14
CA ALA D 155 -0.28 38.14 -9.88
C ALA D 155 -0.98 37.26 -10.92
N PHE D 156 -0.86 37.63 -12.19
CA PHE D 156 -1.18 36.79 -13.34
C PHE D 156 -0.83 35.32 -13.11
N GLY D 157 0.46 35.08 -12.83
CA GLY D 157 0.92 33.72 -12.67
C GLY D 157 0.26 33.01 -11.50
N SER D 158 0.08 33.72 -10.39
CA SER D 158 -0.60 33.12 -9.25
C SER D 158 -2.05 32.77 -9.56
N LYS D 159 -2.71 33.54 -10.43
CA LYS D 159 -4.07 33.18 -10.82
C LYS D 159 -4.07 31.85 -11.57
N VAL D 160 -3.12 31.68 -12.50
CA VAL D 160 -3.10 30.41 -13.23
C VAL D 160 -2.68 29.28 -12.29
N VAL D 161 -1.74 29.55 -11.37
CA VAL D 161 -1.35 28.57 -10.37
C VAL D 161 -2.56 28.12 -9.55
N LYS D 162 -3.42 29.06 -9.19
CA LYS D 162 -4.55 28.70 -8.35
C LYS D 162 -5.53 27.82 -9.12
N ILE D 163 -5.78 28.13 -10.39
CA ILE D 163 -6.74 27.28 -11.12
C ILE D 163 -6.14 25.90 -11.41
N TYR D 164 -4.83 25.82 -11.66
CA TYR D 164 -4.21 24.52 -11.89
C TYR D 164 -4.22 23.67 -10.62
N ASP D 165 -3.89 24.28 -9.48
CA ASP D 165 -3.98 23.56 -8.21
C ASP D 165 -5.39 23.05 -7.97
N PHE D 166 -6.41 23.84 -8.29
CA PHE D 166 -7.78 23.39 -8.10
C PHE D 166 -8.07 22.17 -8.96
N ALA D 167 -7.71 22.24 -10.24
CA ALA D 167 -7.98 21.11 -11.14
C ALA D 167 -7.27 19.84 -10.71
N SER D 169 -6.59 19.20 -7.75
CA SER D 169 -7.23 18.88 -6.47
C SER D 169 -8.51 18.07 -6.68
N VAL D 170 -9.33 18.42 -7.66
CA VAL D 170 -10.59 17.70 -7.89
C VAL D 170 -10.50 16.74 -9.06
N GLY D 171 -9.38 16.69 -9.77
CA GLY D 171 -9.21 15.78 -10.89
C GLY D 171 -10.12 16.10 -12.07
N CYS D 172 -10.02 17.30 -12.62
CA CYS D 172 -10.75 17.68 -13.81
C CYS D 172 -9.78 18.25 -14.85
N PRO D 173 -10.19 18.30 -16.11
CA PRO D 173 -9.30 18.83 -17.15
C PRO D 173 -9.03 20.33 -17.00
N VAL D 174 -7.91 20.75 -17.58
CA VAL D 174 -7.53 22.17 -17.66
C VAL D 174 -7.36 22.53 -19.12
N ILE D 175 -8.05 23.60 -19.54
CA ILE D 175 -7.86 24.20 -20.85
C ILE D 175 -7.25 25.58 -20.65
N GLY D 176 -6.05 25.78 -21.19
CA GLY D 176 -5.40 27.07 -21.17
C GLY D 176 -5.54 27.75 -22.52
N ILE D 177 -5.96 29.01 -22.50
CA ILE D 177 -6.14 29.82 -23.71
C ILE D 177 -5.06 30.88 -23.70
N ASN D 178 -4.14 30.79 -24.66
CA ASN D 178 -2.88 31.52 -24.65
C ASN D 178 -2.92 32.62 -25.70
N ASP D 179 -2.46 33.81 -25.30
CA ASP D 179 -2.46 34.98 -26.16
C ASP D 179 -1.70 36.07 -25.43
N SER D 180 -0.36 36.07 -25.53
CA SER D 180 0.45 36.81 -24.57
C SER D 180 1.61 37.51 -25.26
N GLY D 181 1.94 38.70 -24.75
CA GLY D 181 3.14 39.38 -25.19
C GLY D 181 4.42 38.85 -24.59
N GLY D 182 4.34 37.90 -23.66
CA GLY D 182 5.52 37.30 -23.08
C GLY D 182 5.75 37.65 -21.62
N ALA D 183 7.02 37.66 -21.20
CA ALA D 183 7.35 37.94 -19.81
C ALA D 183 7.15 39.43 -19.50
N ARG D 184 6.70 39.72 -18.29
CA ARG D 184 6.62 41.10 -17.84
C ARG D 184 8.00 41.47 -17.32
N ILE D 185 8.77 42.17 -18.16
CA ILE D 185 10.19 42.38 -17.87
C ILE D 185 10.39 43.27 -16.65
N GLN D 186 9.43 44.15 -16.35
CA GLN D 186 9.61 45.02 -15.18
C GLN D 186 9.65 44.23 -13.88
N GLU D 187 9.12 43.01 -13.89
CA GLU D 187 9.13 42.11 -12.74
C GLU D 187 10.34 41.18 -12.73
N GLY D 188 11.25 41.33 -13.69
CA GLY D 188 12.48 40.57 -13.69
C GLY D 188 12.27 39.09 -13.54
N VAL D 189 13.18 38.45 -12.80
CA VAL D 189 13.16 37.01 -12.63
C VAL D 189 11.84 36.52 -12.07
N SER D 191 8.90 36.90 -13.21
CA SER D 191 8.16 36.31 -14.32
C SER D 191 8.65 34.90 -14.61
N ILE D 192 9.96 34.72 -14.72
CA ILE D 192 10.50 33.38 -14.98
C ILE D 192 10.05 32.41 -13.91
N ALA D 193 10.18 32.82 -12.64
CA ALA D 193 9.79 31.94 -11.57
C ALA D 193 8.40 31.40 -11.79
N TYR D 194 7.46 32.25 -12.19
CA TYR D 194 6.09 31.79 -12.29
C TYR D 194 5.91 30.91 -13.51
N TYR D 195 6.57 31.25 -14.63
CA TYR D 195 6.60 30.32 -15.75
C TYR D 195 6.99 28.94 -15.24
N THR D 196 8.08 28.88 -14.46
CA THR D 196 8.56 27.59 -14.00
C THR D 196 7.52 26.91 -13.13
N GLU D 197 6.90 27.67 -12.21
CA GLU D 197 5.85 27.09 -11.38
C GLU D 197 4.79 26.43 -12.25
N LEU D 198 4.29 27.15 -13.24
CA LEU D 198 3.24 26.56 -14.07
C LEU D 198 3.76 25.32 -14.77
N GLY D 199 4.97 25.41 -15.32
CA GLY D 199 5.55 24.25 -15.96
C GLY D 199 5.59 23.06 -15.02
N VAL D 200 5.99 23.30 -13.77
CA VAL D 200 6.13 22.18 -12.85
C VAL D 200 4.79 21.52 -12.65
N ARG D 201 3.74 22.34 -12.54
CA ARG D 201 2.40 21.78 -12.36
C ARG D 201 1.98 20.98 -13.58
N ASN D 202 2.30 21.49 -14.78
CA ASN D 202 2.02 20.71 -15.99
C ASN D 202 2.69 19.35 -15.92
N VAL D 203 3.94 19.30 -15.47
CA VAL D 203 4.63 18.03 -15.43
C VAL D 203 3.99 17.12 -14.38
N HIS D 204 3.56 17.68 -13.25
CA HIS D 204 3.03 16.77 -12.26
C HIS D 204 1.58 16.39 -12.55
N SER D 205 0.95 17.09 -13.48
CA SER D 205 -0.38 16.73 -13.97
C SER D 205 -0.32 15.80 -15.17
N SER D 206 0.86 15.63 -15.77
CA SER D 206 0.99 14.85 -17.00
C SER D 206 0.55 13.41 -16.75
N GLY D 207 -0.47 12.97 -17.48
CA GLY D 207 -1.04 11.66 -17.25
C GLY D 207 -1.94 11.56 -16.04
N VAL D 208 -2.24 12.69 -15.40
CA VAL D 208 -3.15 12.73 -14.26
C VAL D 208 -4.49 13.37 -14.65
N ILE D 209 -4.44 14.58 -15.21
CA ILE D 209 -5.62 15.23 -15.76
C ILE D 209 -5.33 15.64 -17.20
N PRO D 210 -6.31 15.54 -18.09
CA PRO D 210 -6.12 16.03 -19.46
C PRO D 210 -5.78 17.52 -19.44
N GLN D 211 -4.79 17.88 -20.24
CA GLN D 211 -4.33 19.26 -20.33
C GLN D 211 -4.35 19.69 -21.80
N ILE D 212 -5.07 20.77 -22.09
CA ILE D 212 -5.24 21.19 -23.47
C ILE D 212 -4.85 22.66 -23.59
N SER D 213 -4.03 22.97 -24.60
CA SER D 213 -3.54 24.32 -24.85
C SER D 213 -4.09 24.82 -26.17
N LEU D 214 -4.81 25.94 -26.11
CA LEU D 214 -5.24 26.69 -27.28
C LEU D 214 -4.32 27.88 -27.46
N ILE D 215 -3.70 27.98 -28.63
CA ILE D 215 -2.82 29.10 -28.94
C ILE D 215 -3.61 30.05 -29.84
N GLY D 217 -2.92 33.48 -30.34
CA GLY D 217 -2.18 34.71 -30.48
C GLY D 217 -0.69 34.48 -30.45
N PRO D 218 0.07 35.53 -30.19
CA PRO D 218 1.53 35.35 -30.00
C PRO D 218 1.82 34.40 -28.85
N CYS D 219 2.84 33.58 -29.04
CA CYS D 219 3.29 32.62 -28.02
C CYS D 219 4.78 32.38 -28.24
N ALA D 220 5.61 33.21 -27.62
CA ALA D 220 7.05 33.15 -27.82
C ALA D 220 7.76 33.15 -26.48
N GLY D 221 9.04 32.76 -26.52
CA GLY D 221 9.83 32.76 -25.30
C GLY D 221 9.22 31.86 -24.26
N GLY D 222 9.23 32.34 -23.02
CA GLY D 222 8.70 31.54 -21.92
C GLY D 222 7.28 31.05 -22.14
N SER D 223 6.50 31.79 -22.93
CA SER D 223 5.11 31.40 -23.18
C SER D 223 4.99 30.01 -23.77
N VAL D 224 6.02 29.49 -24.46
CA VAL D 224 5.85 28.18 -25.07
C VAL D 224 5.97 27.04 -24.06
N TYR D 225 6.48 27.31 -22.85
CA TYR D 225 6.86 26.21 -21.97
C TYR D 225 5.66 25.39 -21.50
N SER D 226 4.59 26.05 -21.01
CA SER D 226 3.43 25.29 -20.55
C SER D 226 2.71 24.58 -21.70
N PRO D 227 2.37 25.24 -22.83
CA PRO D 227 1.77 24.49 -23.94
C PRO D 227 2.58 23.27 -24.38
N ALA D 228 3.91 23.39 -24.43
CA ALA D 228 4.75 22.27 -24.82
C ALA D 228 4.55 21.07 -23.91
N LEU D 229 4.20 21.30 -22.64
CA LEU D 229 4.07 20.20 -21.70
C LEU D 229 2.65 19.64 -21.62
N THR D 230 1.66 20.34 -22.18
CA THR D 230 0.31 19.80 -22.17
C THR D 230 0.19 18.69 -23.21
N ASP D 231 -0.99 18.06 -23.25
CA ASP D 231 -1.19 16.89 -24.10
C ASP D 231 -1.63 17.25 -25.51
N PHE D 232 -2.33 18.36 -25.70
CA PHE D 232 -2.76 18.75 -27.03
C PHE D 232 -2.57 20.26 -27.18
N THR D 233 -1.94 20.65 -28.29
CA THR D 233 -1.75 22.06 -28.62
C THR D 233 -2.54 22.33 -29.88
N VAL D 234 -3.47 23.28 -29.80
CA VAL D 234 -4.35 23.61 -30.90
C VAL D 234 -4.14 25.08 -31.26
N VAL D 236 -4.59 28.44 -34.22
CA VAL D 236 -5.58 29.05 -35.10
C VAL D 236 -4.82 29.87 -36.12
N LYS D 237 -5.15 29.69 -37.40
CA LYS D 237 -4.35 30.35 -38.42
C LYS D 237 -4.60 31.87 -38.42
N ASP D 238 -3.64 32.57 -38.99
CA ASP D 238 -3.57 34.03 -39.14
C ASP D 238 -3.27 34.78 -37.84
N ILE D 239 -3.64 34.23 -36.69
CA ILE D 239 -3.52 34.98 -35.45
C ILE D 239 -2.52 34.39 -34.46
N SER D 240 -2.04 33.17 -34.68
CA SER D 240 -1.20 32.53 -33.68
C SER D 240 0.16 32.16 -34.27
N TYR D 241 1.17 32.16 -33.42
CA TYR D 241 2.49 31.65 -33.78
C TYR D 241 3.21 31.22 -32.51
N PHE D 243 7.32 30.32 -31.13
CA PHE D 243 8.75 30.05 -31.28
C PHE D 243 9.46 30.39 -29.98
N VAL D 244 10.55 29.67 -29.74
CA VAL D 244 11.38 29.93 -28.57
C VAL D 244 12.08 31.28 -28.71
N THR D 245 12.68 31.53 -29.86
CA THR D 245 13.40 32.77 -30.14
C THR D 245 12.78 33.47 -31.34
N GLY D 246 12.63 34.80 -31.24
CA GLY D 246 11.91 35.57 -32.21
C GLY D 246 12.73 35.98 -33.41
N PRO D 247 12.04 36.50 -34.45
CA PRO D 247 12.77 36.85 -35.69
C PRO D 247 13.80 37.95 -35.53
N GLU D 248 13.54 38.95 -34.68
CA GLU D 248 14.55 39.97 -34.40
C GLU D 248 15.88 39.33 -34.03
N VAL D 249 15.82 38.36 -33.12
CA VAL D 249 17.05 37.74 -32.62
C VAL D 249 17.59 36.75 -33.64
N VAL D 250 16.70 36.05 -34.36
CA VAL D 250 17.14 35.16 -35.42
C VAL D 250 17.97 35.91 -36.46
N SER D 251 17.52 37.10 -36.84
CA SER D 251 18.25 37.87 -37.86
C SER D 251 19.51 38.49 -37.28
N ALA D 252 19.41 39.07 -36.08
CA ALA D 252 20.56 39.75 -35.49
C ALA D 252 21.65 38.78 -35.05
N VAL D 253 21.32 37.52 -34.80
CA VAL D 253 22.28 36.53 -34.31
C VAL D 253 22.71 35.56 -35.40
N GLY D 255 21.76 35.84 -38.94
CA GLY D 255 21.71 36.34 -40.31
C GLY D 255 20.59 35.77 -41.14
N GLU D 256 19.44 35.49 -40.54
CA GLU D 256 18.29 34.93 -41.22
C GLU D 256 17.14 35.93 -41.15
N GLN D 257 16.63 36.35 -42.30
CA GLN D 257 15.47 37.23 -42.37
C GLN D 257 14.22 36.40 -42.63
N VAL D 258 13.38 36.28 -41.60
CA VAL D 258 12.20 35.45 -41.64
C VAL D 258 11.10 36.19 -40.88
N THR D 259 9.85 36.00 -41.31
CA THR D 259 8.73 36.56 -40.58
C THR D 259 8.30 35.60 -39.48
N ALA D 260 7.45 36.11 -38.58
CA ALA D 260 6.97 35.27 -37.49
C ALA D 260 6.24 34.04 -38.01
N GLU D 261 5.47 34.21 -39.09
CA GLU D 261 4.69 33.10 -39.62
C GLU D 261 5.57 32.05 -40.32
N GLN D 262 6.64 32.48 -40.99
CA GLN D 262 7.57 31.48 -41.51
C GLN D 262 8.36 30.82 -40.40
N LEU D 263 8.66 31.56 -39.33
CA LEU D 263 9.51 31.02 -38.28
C LEU D 263 8.73 29.99 -37.45
N GLY D 264 7.51 30.32 -37.05
CA GLY D 264 6.72 29.43 -36.22
C GLY D 264 5.22 29.61 -36.37
N GLY D 265 4.75 29.82 -37.60
CA GLY D 265 3.34 29.91 -37.89
C GLY D 265 2.64 28.58 -37.75
N PRO D 266 1.29 28.61 -37.78
CA PRO D 266 0.52 27.36 -37.58
C PRO D 266 0.86 26.25 -38.56
N ALA D 267 1.07 26.58 -39.84
CA ALA D 267 1.40 25.54 -40.82
C ALA D 267 2.72 24.89 -40.48
N VAL D 268 3.69 25.68 -40.01
CA VAL D 268 4.99 25.15 -39.62
C VAL D 268 4.83 24.06 -38.58
N HIS D 269 4.06 24.34 -37.54
CA HIS D 269 3.91 23.43 -36.41
C HIS D 269 2.93 22.29 -36.68
N ALA D 270 2.02 22.46 -37.63
CA ALA D 270 1.09 21.40 -37.98
C ALA D 270 1.71 20.40 -38.95
N GLU D 271 2.64 20.84 -39.78
CA GLU D 271 3.14 20.01 -40.87
C GLU D 271 4.60 19.60 -40.75
N VAL D 272 5.45 20.42 -40.15
CA VAL D 272 6.89 20.20 -40.14
C VAL D 272 7.38 19.81 -38.75
N SER D 273 7.11 20.64 -37.75
CA SER D 273 7.66 20.40 -36.42
C SER D 273 6.80 19.45 -35.59
N GLY D 274 5.50 19.42 -35.83
CA GLY D 274 4.60 18.59 -35.06
C GLY D 274 4.20 19.15 -33.71
N ASN D 275 4.51 20.41 -33.42
CA ASN D 275 4.13 21.00 -32.14
C ASN D 275 2.63 21.21 -32.01
N ALA D 276 1.91 21.26 -33.13
CA ALA D 276 0.49 21.55 -33.14
C ALA D 276 -0.27 20.29 -33.51
N HIS D 277 -1.18 19.86 -32.63
CA HIS D 277 -1.98 18.68 -32.89
C HIS D 277 -3.19 18.99 -33.76
N TYR D 278 -3.57 20.26 -33.84
CA TYR D 278 -4.67 20.68 -34.70
C TYR D 278 -4.53 22.18 -34.93
N VAL D 279 -4.89 22.63 -36.12
CA VAL D 279 -4.96 24.05 -36.45
C VAL D 279 -6.36 24.33 -36.95
N GLY D 280 -7.06 25.23 -36.26
CA GLY D 280 -8.41 25.62 -36.65
C GLY D 280 -8.39 26.74 -37.69
N ASP D 281 -9.35 26.69 -38.61
CA ASP D 281 -9.52 27.77 -39.57
C ASP D 281 -9.87 29.07 -38.86
N ASP D 282 -10.75 29.00 -37.86
CA ASP D 282 -11.07 30.13 -37.01
C ASP D 282 -11.15 29.63 -35.58
N GLU D 283 -11.39 30.56 -34.66
CA GLU D 283 -11.41 30.19 -33.24
C GLU D 283 -12.58 29.29 -32.91
N GLN D 284 -13.73 29.52 -33.53
CA GLN D 284 -14.87 28.63 -33.31
C GLN D 284 -14.51 27.19 -33.63
N ASP D 285 -13.72 26.98 -34.68
CA ASP D 285 -13.37 25.62 -35.09
C ASP D 285 -12.40 24.99 -34.11
N ALA D 286 -11.40 25.76 -33.63
CA ALA D 286 -10.46 25.23 -32.66
C ALA D 286 -11.15 24.91 -31.34
N ILE D 287 -12.01 25.81 -30.85
CA ILE D 287 -12.72 25.58 -29.61
C ILE D 287 -13.63 24.37 -29.73
N SER D 288 -14.38 24.28 -30.85
CA SER D 288 -15.20 23.11 -31.11
C SER D 288 -14.38 21.84 -31.11
N TRP D 289 -13.20 21.86 -31.75
CA TRP D 289 -12.31 20.71 -31.74
C TRP D 289 -11.94 20.31 -30.32
N VAL D 290 -11.62 21.29 -29.48
CA VAL D 290 -11.23 20.98 -28.11
C VAL D 290 -12.38 20.33 -27.34
N GLN D 291 -13.60 20.88 -27.49
CA GLN D 291 -14.73 20.30 -26.77
C GLN D 291 -15.03 18.88 -27.25
N THR D 292 -14.99 18.66 -28.57
CA THR D 292 -15.21 17.33 -29.09
C THR D 292 -14.16 16.37 -28.54
N LEU D 293 -12.91 16.83 -28.46
CA LEU D 293 -11.86 16.01 -27.88
C LEU D 293 -12.18 15.65 -26.44
N LEU D 294 -12.61 16.64 -25.66
CA LEU D 294 -12.96 16.36 -24.27
C LEU D 294 -14.08 15.35 -24.16
N GLY D 295 -14.98 15.33 -25.14
CA GLY D 295 -16.08 14.37 -25.11
C GLY D 295 -15.66 12.92 -25.16
N TYR D 296 -14.44 12.64 -25.59
CA TYR D 296 -13.94 11.27 -25.59
C TYR D 296 -13.23 10.91 -24.29
N LEU D 297 -12.86 11.90 -23.52
CA LEU D 297 -11.88 11.67 -22.46
C LEU D 297 -12.51 11.61 -21.09
N PRO D 298 -11.86 10.83 -20.22
CA PRO D 298 -12.24 10.83 -18.81
C PRO D 298 -11.85 12.16 -18.20
N PRO D 299 -12.39 12.51 -17.02
CA PRO D 299 -11.93 13.75 -16.37
C PRO D 299 -10.53 13.65 -15.79
N ASN D 300 -10.05 12.44 -15.52
CA ASN D 300 -8.77 12.23 -14.86
C ASN D 300 -8.39 10.77 -15.05
N ASN D 301 -7.23 10.37 -14.50
CA ASN D 301 -6.72 9.05 -14.80
C ASN D 301 -7.33 7.94 -13.94
N LEU D 302 -8.27 8.25 -13.06
CA LEU D 302 -8.94 7.23 -12.26
C LEU D 302 -10.39 7.03 -12.65
N ASP D 303 -11.10 8.08 -13.00
CA ASP D 303 -12.53 7.99 -13.27
C ASP D 303 -12.77 7.57 -14.72
N PRO D 304 -13.90 6.92 -15.00
CA PRO D 304 -14.11 6.35 -16.33
C PRO D 304 -14.45 7.39 -17.39
N ALA D 305 -14.11 7.05 -18.63
CA ALA D 305 -14.49 7.86 -19.78
C ALA D 305 -16.00 7.80 -19.99
N PRO D 306 -16.58 8.81 -20.63
CA PRO D 306 -18.03 8.81 -20.84
C PRO D 306 -18.46 7.71 -21.80
N VAL D 307 -19.67 7.22 -21.58
CA VAL D 307 -20.29 6.21 -22.44
C VAL D 307 -21.55 6.81 -23.03
N TYR D 308 -21.74 6.66 -24.33
CA TYR D 308 -22.84 7.29 -25.03
C TYR D 308 -23.83 6.27 -25.57
N ASP D 309 -25.04 6.75 -25.84
CA ASP D 309 -26.07 5.94 -26.48
C ASP D 309 -25.67 5.62 -27.91
N HIS D 310 -26.24 4.54 -28.41
CA HIS D 310 -25.65 3.84 -29.53
C HIS D 310 -26.66 3.53 -30.63
N ASP D 311 -26.12 3.21 -31.81
CA ASP D 311 -26.98 2.89 -32.94
C ASP D 311 -26.29 1.99 -33.97
N CYS D 312 -25.45 1.05 -33.54
CA CYS D 312 -24.84 0.13 -34.50
C CYS D 312 -25.88 -0.86 -34.99
N ALA D 313 -25.85 -1.14 -36.27
CA ALA D 313 -26.71 -2.19 -36.79
C ALA D 313 -26.27 -3.51 -36.16
N PRO D 314 -27.19 -4.31 -35.62
CA PRO D 314 -26.78 -5.53 -34.91
C PRO D 314 -26.17 -6.57 -35.84
N GLY D 315 -26.58 -6.59 -37.11
CA GLY D 315 -26.09 -7.54 -38.08
C GLY D 315 -25.19 -6.92 -39.14
N ILE D 316 -24.79 -7.78 -40.07
CA ILE D 316 -23.92 -7.37 -41.17
C ILE D 316 -24.61 -6.32 -42.03
N THR D 317 -23.90 -5.22 -42.33
CA THR D 317 -24.39 -4.19 -43.22
C THR D 317 -23.63 -4.20 -44.54
N GLU D 318 -24.08 -3.36 -45.46
CA GLU D 318 -23.35 -3.20 -46.73
C GLU D 318 -22.07 -2.41 -46.54
N ALA D 319 -22.00 -1.55 -45.52
CA ALA D 319 -20.76 -0.87 -45.20
C ALA D 319 -19.69 -1.88 -44.79
N ASP D 320 -20.07 -2.90 -44.03
CA ASP D 320 -19.14 -3.96 -43.66
C ASP D 320 -18.71 -4.76 -44.88
N LEU D 321 -19.68 -5.17 -45.70
CA LEU D 321 -19.40 -5.98 -46.87
C LEU D 321 -18.54 -5.23 -47.87
N ALA D 322 -18.57 -3.90 -47.81
CA ALA D 322 -17.70 -3.11 -48.68
C ALA D 322 -16.23 -3.36 -48.36
N LEU D 323 -15.91 -3.78 -47.13
CA LEU D 323 -14.51 -4.02 -46.79
C LEU D 323 -13.95 -5.25 -47.46
N ASP D 324 -14.82 -6.16 -47.91
CA ASP D 324 -14.37 -7.32 -48.66
C ASP D 324 -13.74 -6.92 -49.99
N THR D 325 -14.02 -5.70 -50.46
CA THR D 325 -13.51 -5.23 -51.74
C THR D 325 -12.49 -4.10 -51.63
N VAL D 326 -12.15 -3.65 -50.43
CA VAL D 326 -11.32 -2.44 -50.33
C VAL D 326 -9.86 -2.68 -50.66
N ILE D 327 -9.35 -3.90 -50.50
CA ILE D 327 -7.94 -4.20 -50.71
C ILE D 327 -7.77 -4.48 -52.20
N PRO D 328 -6.97 -3.70 -52.92
CA PRO D 328 -6.85 -3.90 -54.37
C PRO D 328 -6.24 -5.25 -54.70
N ASP D 329 -6.56 -5.74 -55.90
CA ASP D 329 -5.91 -6.96 -56.37
C ASP D 329 -4.44 -6.71 -56.63
N SER D 330 -4.13 -5.56 -57.25
CA SER D 330 -2.75 -5.26 -57.59
C SER D 330 -2.07 -4.69 -56.36
N GLU D 331 -0.87 -5.17 -56.11
CA GLU D 331 -0.20 -4.87 -54.86
C GLU D 331 0.50 -3.51 -54.86
N GLN D 332 0.82 -2.96 -56.02
CA GLN D 332 1.37 -1.60 -56.05
C GLN D 332 0.27 -0.54 -55.96
N GLN D 333 -0.99 -0.96 -56.06
CA GLN D 333 -2.13 -0.07 -55.93
C GLN D 333 -2.47 0.11 -54.45
N VAL D 334 -2.74 1.34 -54.05
CA VAL D 334 -3.04 1.64 -52.66
C VAL D 334 -4.54 1.88 -52.50
N TYR D 335 -4.97 1.96 -51.25
CA TYR D 335 -6.35 2.22 -50.88
C TYR D 335 -6.32 3.27 -49.78
N ASP D 336 -7.50 3.73 -49.36
CA ASP D 336 -7.61 4.71 -48.27
C ASP D 336 -8.00 4.00 -46.99
N ALA D 338 -8.72 5.06 -44.28
CA ALA D 338 -9.84 5.74 -43.64
C ALA D 338 -11.17 5.05 -43.93
N ASP D 339 -11.32 4.42 -45.10
CA ASP D 339 -12.57 3.72 -45.39
C ASP D 339 -12.77 2.52 -44.48
N VAL D 340 -11.68 1.83 -44.11
CA VAL D 340 -11.78 0.74 -43.14
C VAL D 340 -12.14 1.29 -41.77
N ILE D 341 -11.41 2.34 -41.35
CA ILE D 341 -11.65 2.90 -40.02
C ILE D 341 -13.10 3.35 -39.88
N THR D 342 -13.58 4.11 -40.86
CA THR D 342 -14.97 4.58 -40.80
C THR D 342 -15.96 3.42 -40.90
N ALA D 343 -15.59 2.32 -41.56
CA ALA D 343 -16.49 1.17 -41.55
C ALA D 343 -16.65 0.60 -40.15
N VAL D 344 -15.62 0.69 -39.31
CA VAL D 344 -15.70 0.03 -38.01
C VAL D 344 -16.29 0.92 -36.91
N LEU D 345 -15.99 2.23 -36.90
CA LEU D 345 -16.36 3.08 -35.78
C LEU D 345 -17.81 3.55 -35.86
N ASP D 346 -18.37 3.86 -34.69
CA ASP D 346 -19.72 4.43 -34.61
C ASP D 346 -19.85 5.64 -35.54
N ASP D 347 -20.96 5.69 -36.26
CA ASP D 347 -21.31 6.80 -37.15
C ASP D 347 -20.25 7.06 -38.22
N GLY D 348 -19.33 6.12 -38.43
CA GLY D 348 -18.29 6.33 -39.42
C GLY D 348 -17.47 7.58 -39.15
N ASP D 349 -17.31 7.94 -37.89
CA ASP D 349 -16.75 9.23 -37.51
C ASP D 349 -15.56 9.07 -36.58
N TYR D 350 -14.62 10.01 -36.68
CA TYR D 350 -13.55 10.09 -35.70
C TYR D 350 -12.97 11.49 -35.68
N LEU D 351 -12.41 11.85 -34.52
CA LEU D 351 -11.68 13.08 -34.32
C LEU D 351 -10.20 12.78 -34.52
N GLU D 352 -9.61 13.37 -35.55
CA GLU D 352 -8.24 13.03 -35.93
C GLU D 352 -7.24 13.93 -35.21
N ILE D 353 -6.21 13.30 -34.64
CA ILE D 353 -5.08 13.99 -34.01
C ILE D 353 -3.96 14.10 -35.04
N HIS D 354 -3.29 15.25 -35.06
CA HIS D 354 -2.20 15.52 -35.99
C HIS D 354 -2.58 15.24 -37.46
N PRO D 355 -3.72 15.75 -37.93
CA PRO D 355 -4.13 15.42 -39.31
C PRO D 355 -3.13 15.84 -40.37
N ASP D 356 -2.41 16.94 -40.20
CA ASP D 356 -1.50 17.44 -41.21
C ASP D 356 -0.06 17.04 -40.97
N PHE D 357 0.22 16.29 -39.90
CA PHE D 357 1.56 15.89 -39.54
C PHE D 357 1.69 14.38 -39.75
N ALA D 358 2.71 13.97 -40.52
CA ALA D 358 3.04 12.56 -40.73
C ALA D 358 1.81 11.77 -41.17
N ARG D 359 1.24 12.20 -42.30
CA ARG D 359 0.01 11.61 -42.79
C ARG D 359 0.16 10.16 -43.22
N ASN D 360 1.38 9.62 -43.22
CA ASN D 360 1.55 8.19 -43.44
C ASN D 360 1.05 7.36 -42.27
N ILE D 361 0.63 7.99 -41.18
CA ILE D 361 -0.01 7.30 -40.07
C ILE D 361 -1.20 8.13 -39.61
N ILE D 362 -2.24 7.44 -39.16
CA ILE D 362 -3.48 8.03 -38.67
C ILE D 362 -3.57 7.78 -37.17
N CYS D 363 -3.79 8.84 -36.41
CA CYS D 363 -4.15 8.75 -35.00
C CYS D 363 -5.48 9.45 -34.82
N ALA D 364 -6.42 8.79 -34.17
CA ALA D 364 -7.75 9.35 -34.06
C ALA D 364 -8.45 8.80 -32.83
N LEU D 365 -9.48 9.49 -32.40
CA LEU D 365 -10.38 9.01 -31.38
C LEU D 365 -11.74 8.76 -32.02
N GLY D 366 -12.32 7.61 -31.74
CA GLY D 366 -13.65 7.30 -32.23
C GLY D 366 -14.39 6.55 -31.15
N ARG D 367 -15.51 5.93 -31.47
CA ARG D 367 -16.23 5.13 -30.50
C ARG D 367 -16.71 3.84 -31.13
N VAL D 368 -16.79 2.81 -30.32
CA VAL D 368 -17.43 1.56 -30.68
C VAL D 368 -18.50 1.29 -29.63
N GLU D 369 -19.74 1.17 -30.07
CA GLU D 369 -20.88 0.95 -29.18
C GLU D 369 -20.90 1.97 -28.05
N GLY D 370 -20.60 3.22 -28.40
CA GLY D 370 -20.64 4.31 -27.44
C GLY D 370 -19.42 4.45 -26.55
N HIS D 371 -18.41 3.59 -26.69
CA HIS D 371 -17.23 3.68 -25.85
C HIS D 371 -16.05 4.25 -26.60
N SER D 372 -15.26 5.07 -25.91
CA SER D 372 -14.09 5.70 -26.52
C SER D 372 -13.07 4.65 -26.91
N VAL D 373 -12.59 4.74 -28.16
CA VAL D 373 -11.53 3.88 -28.66
C VAL D 373 -10.54 4.75 -29.42
N ALA D 374 -9.25 4.52 -29.20
CA ALA D 374 -8.19 5.20 -29.92
C ALA D 374 -7.71 4.35 -31.09
N VAL D 375 -7.51 5.00 -32.23
CA VAL D 375 -7.13 4.34 -33.48
C VAL D 375 -5.76 4.81 -33.92
N VAL D 376 -4.88 3.85 -34.18
CA VAL D 376 -3.57 4.07 -34.79
C VAL D 376 -3.53 3.17 -36.02
N ALA D 377 -3.27 3.76 -37.19
CA ALA D 377 -3.38 3.01 -38.43
C ALA D 377 -2.40 3.50 -39.47
N ASN D 378 -1.66 2.59 -40.10
CA ASN D 378 -0.87 2.98 -41.25
C ASN D 378 -1.78 3.45 -42.38
N GLN D 379 -1.35 4.50 -43.08
CA GLN D 379 -2.11 5.05 -44.19
C GLN D 379 -1.29 4.90 -45.47
N PRO D 380 -1.57 3.88 -46.31
CA PRO D 380 -0.79 3.72 -47.54
C PRO D 380 -1.02 4.81 -48.57
N ARG D 381 -1.97 5.72 -48.35
CA ARG D 381 -2.15 6.82 -49.29
C ARG D 381 -0.99 7.80 -49.24
N HIS D 382 -0.21 7.79 -48.17
CA HIS D 382 0.94 8.68 -48.05
C HIS D 382 2.17 7.85 -47.72
N LEU D 383 3.16 7.88 -48.63
CA LEU D 383 4.40 7.12 -48.46
C LEU D 383 4.14 5.64 -48.24
N ALA D 384 3.15 5.10 -48.94
CA ALA D 384 2.82 3.67 -48.92
C ALA D 384 2.59 3.13 -47.50
N GLY D 385 2.28 4.00 -46.54
CA GLY D 385 2.09 3.56 -45.18
C GLY D 385 3.37 3.23 -44.46
N VAL D 386 4.50 3.67 -45.00
CA VAL D 386 5.79 3.43 -44.36
C VAL D 386 5.85 4.13 -42.99
N LEU D 387 6.61 3.55 -42.07
CA LEU D 387 6.94 4.25 -40.84
C LEU D 387 8.19 5.08 -41.02
N ASP D 388 8.25 6.18 -40.28
CA ASP D 388 9.42 7.05 -40.28
C ASP D 388 9.48 7.77 -38.93
N ILE D 389 10.41 8.72 -38.81
CA ILE D 389 10.61 9.42 -37.54
C ILE D 389 9.31 10.10 -37.09
N ASP D 390 8.74 10.94 -37.96
CA ASP D 390 7.58 11.74 -37.59
C ASP D 390 6.40 10.86 -37.19
N ALA D 391 6.09 9.84 -38.02
CA ALA D 391 4.97 8.97 -37.71
C ALA D 391 5.19 8.23 -36.40
N SER D 392 6.43 7.79 -36.15
CA SER D 392 6.73 7.07 -34.93
C SER D 392 6.51 7.93 -33.70
N GLU D 393 6.95 9.19 -33.75
CA GLU D 393 6.81 10.03 -32.56
C GLU D 393 5.35 10.46 -32.37
N LYS D 394 4.67 10.78 -33.47
CA LYS D 394 3.24 11.09 -33.45
C LYS D 394 2.42 10.00 -32.77
N ALA D 395 2.48 8.78 -33.31
CA ALA D 395 1.69 7.70 -32.74
C ALA D 395 2.19 7.33 -31.34
N ALA D 396 3.50 7.38 -31.13
CA ALA D 396 4.05 6.99 -29.82
C ALA D 396 3.45 7.85 -28.71
N ARG D 397 3.46 9.17 -28.87
CA ARG D 397 2.91 9.98 -27.79
C ARG D 397 1.40 9.84 -27.71
N PHE D 398 0.72 9.69 -28.86
CA PHE D 398 -0.72 9.48 -28.80
C PHE D 398 -1.06 8.25 -27.96
N ILE D 399 -0.32 7.15 -28.19
CA ILE D 399 -0.56 5.90 -27.49
C ILE D 399 -0.28 6.05 -26.01
N ARG D 400 0.84 6.70 -25.64
CA ARG D 400 1.13 6.86 -24.23
C ARG D 400 0.07 7.70 -23.52
N PHE D 401 -0.43 8.75 -24.18
CA PHE D 401 -1.49 9.54 -23.56
C PHE D 401 -2.75 8.70 -23.37
N CYS D 402 -3.15 7.96 -24.40
CA CYS D 402 -4.36 7.14 -24.28
C CYS D 402 -4.20 6.09 -23.19
N ASP D 403 -2.99 5.54 -23.06
CA ASP D 403 -2.72 4.56 -22.02
C ASP D 403 -2.84 5.18 -20.64
N SER D 404 -2.36 6.42 -20.49
CA SER D 404 -2.48 7.10 -19.21
C SER D 404 -3.93 7.26 -18.77
N PHE D 405 -4.86 7.46 -19.71
CA PHE D 405 -6.26 7.69 -19.37
C PHE D 405 -7.15 6.54 -19.79
N ASN D 406 -6.60 5.33 -19.88
CA ASN D 406 -7.36 4.08 -19.96
C ASN D 406 -8.27 3.97 -21.19
N ILE D 407 -7.82 4.49 -22.33
CA ILE D 407 -8.55 4.41 -23.61
C ILE D 407 -7.93 3.27 -24.41
N PRO D 408 -8.75 2.31 -24.84
CA PRO D 408 -8.16 1.19 -25.59
C PRO D 408 -7.65 1.61 -26.97
N VAL D 409 -6.69 0.87 -27.46
CA VAL D 409 -6.00 1.21 -28.72
C VAL D 409 -6.28 0.13 -29.74
N LEU D 410 -6.87 0.53 -30.84
CA LEU D 410 -7.20 -0.29 -31.99
C LEU D 410 -6.26 0.07 -33.14
N THR D 411 -5.47 -0.90 -33.57
CA THR D 411 -4.46 -0.72 -34.60
C THR D 411 -4.96 -1.32 -35.90
N PHE D 412 -4.79 -0.59 -37.00
CA PHE D 412 -5.01 -1.12 -38.34
C PHE D 412 -3.66 -1.16 -39.04
N ASP D 414 -0.82 -2.05 -41.83
CA ASP D 414 -0.49 -2.24 -43.24
C ASP D 414 0.80 -1.47 -43.47
N VAL D 415 1.91 -2.06 -43.03
CA VAL D 415 3.20 -1.39 -42.98
C VAL D 415 4.25 -2.16 -43.77
N PRO D 416 4.85 -1.58 -44.82
CA PRO D 416 5.87 -2.32 -45.56
C PRO D 416 7.25 -2.25 -44.93
N GLY D 417 7.48 -1.32 -44.01
CA GLY D 417 8.78 -1.16 -43.40
C GLY D 417 9.00 0.29 -43.02
N TYR D 418 10.27 0.69 -42.99
CA TYR D 418 10.67 2.04 -42.64
C TYR D 418 11.18 2.78 -43.86
N LEU D 419 11.07 4.10 -43.80
CA LEU D 419 11.56 4.97 -44.86
C LEU D 419 13.07 4.99 -44.84
N PRO D 420 13.74 4.64 -45.94
CA PRO D 420 15.21 4.59 -45.93
C PRO D 420 15.79 5.98 -46.18
N GLY D 421 17.10 6.07 -46.05
CA GLY D 421 17.77 7.33 -46.32
C GLY D 421 18.79 7.81 -45.30
N VAL D 422 19.77 8.57 -45.78
CA VAL D 422 20.73 9.22 -44.90
C VAL D 422 20.00 10.13 -43.92
N GLY D 423 18.97 10.82 -44.40
CA GLY D 423 18.19 11.70 -43.54
C GLY D 423 17.64 11.01 -42.32
N GLN D 424 16.99 9.86 -42.51
CA GLN D 424 16.31 9.23 -41.38
C GLN D 424 17.30 8.64 -40.39
N GLU D 425 18.38 8.03 -40.89
CA GLU D 425 19.36 7.43 -39.98
C GLU D 425 20.11 8.50 -39.20
N HIS D 426 20.57 9.54 -39.90
CA HIS D 426 21.36 10.54 -39.21
C HIS D 426 20.50 11.44 -38.31
N GLN D 427 19.22 11.57 -38.64
CA GLN D 427 18.35 12.30 -37.72
C GLN D 427 17.86 11.43 -36.58
N GLY D 428 18.32 10.18 -36.52
CA GLY D 428 18.19 9.36 -35.33
C GLY D 428 17.00 8.44 -35.32
N ILE D 429 16.64 7.86 -36.46
CA ILE D 429 15.49 6.97 -36.54
C ILE D 429 15.60 5.80 -35.56
N ILE D 430 16.81 5.38 -35.21
CA ILE D 430 16.93 4.27 -34.26
C ILE D 430 16.26 4.65 -32.94
N ARG D 431 16.77 5.68 -32.29
CA ARG D 431 16.31 6.07 -30.96
C ARG D 431 14.97 6.79 -30.97
N ARG D 432 14.48 7.24 -32.11
CA ARG D 432 13.23 7.96 -32.18
C ARG D 432 12.08 7.12 -32.71
N GLY D 433 12.38 6.30 -33.71
CA GLY D 433 11.44 5.28 -34.12
C GLY D 433 11.16 4.28 -33.03
N ILE D 434 12.16 3.96 -32.21
CA ILE D 434 11.91 2.98 -31.16
C ILE D 434 10.91 3.48 -30.11
N LYS D 435 10.61 4.78 -30.11
CA LYS D 435 9.64 5.32 -29.16
C LYS D 435 8.26 4.68 -29.30
N LEU D 436 7.87 4.32 -30.53
CA LEU D 436 6.56 3.71 -30.73
C LEU D 436 6.54 2.29 -30.20
N PHE D 437 7.66 1.57 -30.36
CA PHE D 437 7.81 0.27 -29.73
C PHE D 437 7.67 0.40 -28.22
N TYR D 438 8.35 1.38 -27.64
CA TYR D 438 8.22 1.60 -26.19
C TYR D 438 6.78 1.86 -25.80
N ALA D 439 6.09 2.72 -26.56
CA ALA D 439 4.71 3.07 -26.21
C ALA D 439 3.81 1.85 -26.23
N TYR D 440 3.88 1.04 -27.29
CA TYR D 440 3.05 -0.16 -27.35
C TYR D 440 3.39 -1.13 -26.23
N ALA D 441 4.69 -1.41 -26.02
CA ALA D 441 5.08 -2.43 -25.05
C ALA D 441 4.78 -2.02 -23.61
N GLU D 442 4.91 -0.72 -23.31
CA GLU D 442 4.61 -0.21 -21.98
C GLU D 442 3.12 -0.24 -21.69
N SER D 443 2.29 0.00 -22.70
CA SER D 443 0.88 0.24 -22.49
C SER D 443 0.18 -1.01 -21.94
N THR D 444 -0.81 -0.77 -21.09
CA THR D 444 -1.60 -1.85 -20.51
C THR D 444 -3.08 -1.81 -20.86
N VAL D 445 -3.56 -0.76 -21.53
CA VAL D 445 -4.96 -0.69 -21.94
C VAL D 445 -5.24 -1.85 -22.90
N PRO D 446 -6.51 -2.24 -23.08
CA PRO D 446 -6.83 -3.22 -24.13
C PRO D 446 -6.30 -2.77 -25.48
N LYS D 447 -5.74 -3.73 -26.22
CA LYS D 447 -5.18 -3.47 -27.54
C LYS D 447 -5.73 -4.49 -28.52
N ILE D 448 -6.43 -4.01 -29.56
CA ILE D 448 -6.93 -4.88 -30.63
C ILE D 448 -6.26 -4.47 -31.92
N THR D 449 -5.80 -5.44 -32.70
CA THR D 449 -5.05 -5.15 -33.91
C THR D 449 -5.69 -5.90 -35.08
N VAL D 450 -5.93 -5.18 -36.17
CA VAL D 450 -6.50 -5.71 -37.39
C VAL D 450 -5.44 -5.58 -38.48
N ILE D 451 -4.96 -6.69 -38.99
CA ILE D 451 -3.93 -6.68 -40.02
C ILE D 451 -4.63 -6.75 -41.37
N THR D 452 -4.65 -5.62 -42.10
CA THR D 452 -5.36 -5.58 -43.37
C THR D 452 -4.49 -6.09 -44.52
N ARG D 453 -3.20 -5.77 -44.51
CA ARG D 453 -2.32 -6.22 -45.59
C ARG D 453 -0.87 -6.41 -45.16
N LYS D 454 0.01 -5.47 -45.50
CA LYS D 454 1.44 -5.70 -45.38
C LYS D 454 1.86 -5.72 -43.91
N ALA D 455 2.73 -6.67 -43.56
CA ALA D 455 3.13 -6.90 -42.16
C ALA D 455 4.53 -7.52 -42.18
N TYR D 456 5.52 -6.69 -42.47
CA TYR D 456 6.89 -7.16 -42.70
C TYR D 456 7.79 -6.74 -41.54
N GLY D 457 8.59 -7.66 -41.05
CA GLY D 457 9.66 -7.39 -40.09
C GLY D 457 9.37 -6.47 -38.92
N GLY D 458 10.25 -5.48 -38.73
CA GLY D 458 10.13 -4.59 -37.59
C GLY D 458 8.85 -3.78 -37.58
N GLY D 459 8.39 -3.37 -38.76
CA GLY D 459 7.11 -2.68 -38.84
C GLY D 459 5.98 -3.51 -38.26
N TYR D 460 5.92 -4.79 -38.62
CA TYR D 460 4.93 -5.68 -38.04
C TYR D 460 5.14 -5.83 -36.54
N ALA D 461 6.40 -5.96 -36.12
CA ALA D 461 6.70 -6.07 -34.69
C ALA D 461 6.11 -4.90 -33.91
N VAL D 462 6.34 -3.68 -34.40
CA VAL D 462 5.97 -2.49 -33.64
C VAL D 462 4.46 -2.30 -33.62
N GLY D 464 1.67 -3.12 -32.84
CA GLY D 464 0.70 -3.82 -32.03
C GLY D 464 0.61 -5.31 -32.29
N SER D 465 1.75 -5.95 -32.57
CA SER D 465 1.75 -7.40 -32.65
C SER D 465 1.41 -7.99 -31.29
N ARG D 466 1.13 -9.28 -31.28
CA ARG D 466 0.80 -9.94 -30.03
C ARG D 466 2.02 -10.01 -29.12
N GLN D 467 3.20 -10.20 -29.72
CA GLN D 467 4.42 -10.28 -28.94
C GLN D 467 4.75 -8.96 -28.26
N ILE D 468 4.24 -7.83 -28.77
CA ILE D 468 4.45 -6.54 -28.13
C ILE D 468 3.35 -6.20 -27.12
N GLY D 469 2.31 -7.04 -27.03
CA GLY D 469 1.35 -6.91 -25.95
C GLY D 469 -0.11 -6.84 -26.34
N ALA D 470 -0.41 -6.92 -27.64
CA ALA D 470 -1.79 -6.86 -28.08
C ALA D 470 -2.58 -8.04 -27.53
N ASP D 471 -3.84 -7.80 -27.18
CA ASP D 471 -4.65 -8.84 -26.59
C ASP D 471 -5.45 -9.63 -27.62
N ARG D 472 -5.76 -9.01 -28.76
CA ARG D 472 -6.48 -9.69 -29.83
C ARG D 472 -5.94 -9.17 -31.16
N VAL D 473 -5.50 -10.09 -32.02
CA VAL D 473 -4.93 -9.77 -33.32
C VAL D 473 -5.66 -10.58 -34.38
N ALA D 475 -6.40 -11.12 -38.58
CA ALA D 475 -5.79 -10.89 -39.87
C ALA D 475 -6.79 -11.16 -40.99
N TRP D 476 -6.79 -10.31 -42.00
CA TRP D 476 -7.52 -10.58 -43.21
C TRP D 476 -6.76 -11.51 -44.14
N PRO D 477 -7.45 -12.11 -45.10
CA PRO D 477 -6.75 -12.96 -46.06
C PRO D 477 -5.77 -12.20 -46.93
N THR D 478 -5.86 -10.87 -46.95
CA THR D 478 -4.88 -10.05 -47.65
C THR D 478 -3.64 -9.76 -46.81
N ALA D 479 -3.65 -10.12 -45.54
CA ALA D 479 -2.51 -9.87 -44.66
C ALA D 479 -1.30 -10.70 -45.08
N GLU D 480 -0.16 -10.06 -45.23
CA GLU D 480 1.09 -10.74 -45.55
C GLU D 480 2.04 -10.58 -44.36
N ILE D 481 2.10 -11.60 -43.52
CA ILE D 481 2.90 -11.57 -42.30
C ILE D 481 4.15 -12.41 -42.53
N ALA D 482 5.28 -11.72 -42.69
CA ALA D 482 6.54 -12.35 -43.06
C ALA D 482 7.69 -11.47 -42.55
N VAL D 483 8.89 -12.05 -42.54
CA VAL D 483 10.07 -11.29 -42.14
C VAL D 483 10.30 -10.13 -43.09
N GLY D 485 9.49 -8.83 -47.57
CA GLY D 485 8.65 -9.04 -48.73
C GLY D 485 9.35 -9.85 -49.80
N ALA D 486 10.42 -9.29 -50.35
CA ALA D 486 11.17 -9.88 -51.45
C ALA D 486 12.60 -9.34 -51.41
N ASN D 487 13.23 -9.52 -50.27
CA ASN D 487 14.60 -9.09 -50.07
C ASN D 487 15.37 -10.24 -49.42
N TYR D 517 8.81 -16.86 -53.56
CA TYR D 517 8.69 -16.44 -52.17
C TYR D 517 7.34 -15.78 -51.90
N ARG D 518 6.87 -15.02 -52.89
CA ARG D 518 5.68 -14.20 -52.67
C ARG D 518 4.40 -15.03 -52.61
N ARG D 519 4.41 -16.22 -53.24
CA ARG D 519 3.19 -17.02 -53.30
C ARG D 519 3.00 -17.81 -52.02
N ARG D 520 4.05 -18.40 -51.49
CA ARG D 520 3.93 -19.25 -50.31
C ARG D 520 3.87 -18.43 -49.02
N PHE D 521 4.51 -17.24 -48.99
CA PHE D 521 4.62 -16.47 -47.76
C PHE D 521 3.82 -15.19 -47.74
N GLY D 522 3.16 -14.80 -48.83
CA GLY D 522 2.38 -13.58 -48.86
C GLY D 522 0.98 -13.77 -48.34
N ASN D 523 0.86 -14.25 -47.11
CA ASN D 523 -0.45 -14.61 -46.56
C ASN D 523 -0.33 -14.71 -45.04
N PRO D 524 -1.46 -14.76 -44.32
CA PRO D 524 -1.40 -14.76 -42.87
C PRO D 524 -1.21 -16.11 -42.19
N TYR D 525 -1.01 -17.21 -42.92
CA TYR D 525 -1.24 -18.53 -42.34
C TYR D 525 -0.04 -19.14 -41.62
N GLU D 526 1.18 -18.66 -41.85
CA GLU D 526 2.28 -19.12 -41.01
C GLU D 526 2.19 -18.49 -39.61
N ALA D 527 1.93 -17.18 -39.57
CA ALA D 527 1.67 -16.53 -38.30
C ALA D 527 0.48 -17.18 -37.61
N ALA D 528 -0.55 -17.52 -38.38
CA ALA D 528 -1.72 -18.18 -37.80
C ALA D 528 -1.35 -19.56 -37.28
N ALA D 529 -0.48 -20.28 -37.98
CA ALA D 529 -0.07 -21.60 -37.53
C ALA D 529 0.65 -21.53 -36.19
N HIS D 530 1.44 -20.48 -35.98
CA HIS D 530 2.14 -20.34 -34.70
C HIS D 530 1.29 -19.70 -33.60
N GLY D 531 0.06 -19.31 -33.90
CA GLY D 531 -0.70 -18.57 -32.91
C GLY D 531 -0.21 -17.16 -32.70
N TYR D 532 0.67 -16.65 -33.57
CA TYR D 532 1.06 -15.25 -33.47
C TYR D 532 -0.09 -14.34 -33.89
N VAL D 533 -1.02 -14.87 -34.67
CA VAL D 533 -2.31 -14.24 -34.94
C VAL D 533 -3.39 -15.12 -34.35
N ASP D 534 -4.47 -14.49 -33.88
CA ASP D 534 -5.54 -15.22 -33.21
C ASP D 534 -6.67 -15.63 -34.14
N VAL D 536 -8.16 -15.37 -38.53
CA VAL D 536 -8.21 -14.93 -39.93
C VAL D 536 -9.66 -14.82 -40.35
N ILE D 537 -10.09 -13.61 -40.68
CA ILE D 537 -11.49 -13.27 -40.86
C ILE D 537 -11.71 -12.72 -42.26
N SER D 538 -12.92 -12.90 -42.76
CA SER D 538 -13.29 -12.12 -43.93
C SER D 538 -13.52 -10.66 -43.45
N PRO D 539 -13.01 -9.68 -44.21
CA PRO D 539 -13.04 -8.28 -43.73
C PRO D 539 -14.41 -7.78 -43.32
N SER D 540 -15.47 -8.23 -43.99
CA SER D 540 -16.79 -7.72 -43.63
C SER D 540 -17.12 -7.99 -42.17
N ARG D 541 -16.44 -8.94 -41.52
CA ARG D 541 -16.68 -9.26 -40.11
C ARG D 541 -15.93 -8.37 -39.13
N THR D 542 -15.01 -7.52 -39.58
CA THR D 542 -14.10 -6.82 -38.67
C THR D 542 -14.86 -6.03 -37.62
N ARG D 543 -15.74 -5.13 -38.08
CA ARG D 543 -16.48 -4.31 -37.14
C ARG D 543 -17.07 -5.16 -36.04
N TYR D 544 -17.64 -6.31 -36.42
CA TYR D 544 -18.28 -7.14 -35.41
C TYR D 544 -17.25 -7.71 -34.45
N GLU D 545 -16.17 -8.29 -34.97
CA GLU D 545 -15.22 -8.95 -34.08
C GLU D 545 -14.51 -7.93 -33.20
N VAL D 546 -14.19 -6.78 -33.78
CA VAL D 546 -13.59 -5.71 -33.00
C VAL D 546 -14.50 -5.38 -31.82
N ALA D 547 -15.81 -5.20 -32.10
CA ALA D 547 -16.71 -4.85 -31.03
C ALA D 547 -16.67 -5.90 -29.94
N ARG D 548 -16.73 -7.18 -30.34
CA ARG D 548 -16.73 -8.24 -29.35
C ARG D 548 -15.46 -8.16 -28.52
N ALA D 549 -14.32 -8.06 -29.19
CA ALA D 549 -13.05 -8.04 -28.47
C ALA D 549 -13.04 -6.90 -27.48
N LEU D 550 -13.42 -5.70 -27.92
CA LEU D 550 -13.41 -4.56 -27.02
C LEU D 550 -14.27 -4.83 -25.80
N ALA D 551 -15.50 -5.33 -26.01
CA ALA D 551 -16.39 -5.56 -24.88
C ALA D 551 -15.81 -6.63 -23.96
N SER D 552 -15.11 -7.61 -24.53
CA SER D 552 -14.56 -8.68 -23.70
C SER D 552 -13.36 -8.24 -22.89
N LEU D 553 -12.80 -7.06 -23.18
CA LEU D 553 -11.55 -6.65 -22.56
C LEU D 553 -11.70 -5.52 -21.55
N ARG D 554 -12.92 -5.09 -21.24
CA ARG D 554 -13.06 -3.90 -20.41
C ARG D 554 -12.62 -4.09 -18.98
N ASN D 555 -12.58 -5.32 -18.47
CA ASN D 555 -12.14 -5.54 -17.10
C ASN D 555 -10.66 -5.90 -17.03
N LYS D 556 -9.91 -5.63 -18.09
CA LYS D 556 -8.52 -6.02 -18.14
C LYS D 556 -7.73 -5.35 -17.02
N ARG D 557 -6.90 -6.13 -16.34
CA ARG D 557 -5.98 -5.63 -15.33
C ARG D 557 -4.59 -6.18 -15.65
N GLN D 558 -3.59 -5.31 -15.70
CA GLN D 558 -2.23 -5.71 -16.02
C GLN D 558 -1.26 -4.98 -15.11
N ALA D 559 -0.31 -5.72 -14.54
CA ALA D 559 0.67 -5.14 -13.64
C ALA D 559 1.72 -4.36 -14.42
N ARG D 560 2.36 -3.43 -13.73
CA ARG D 560 3.37 -2.56 -14.33
C ARG D 560 4.66 -2.67 -13.54
N PRO D 561 5.81 -2.51 -14.20
CA PRO D 561 7.08 -2.53 -13.47
C PRO D 561 7.07 -1.50 -12.33
N ALA D 562 7.68 -1.86 -11.22
CA ALA D 562 7.83 -0.96 -10.08
C ALA D 562 9.04 -0.07 -10.30
N ARG D 563 8.81 1.22 -10.49
CA ARG D 563 9.87 2.18 -10.78
C ARG D 563 9.28 3.57 -10.62
N LYS D 564 10.16 4.55 -10.38
CA LYS D 564 9.71 5.94 -10.42
C LYS D 564 9.13 6.26 -11.78
N HIS D 565 9.78 5.78 -12.83
CA HIS D 565 9.42 5.98 -14.22
C HIS D 565 10.43 5.18 -15.04
N GLY D 566 10.16 5.03 -16.33
CA GLY D 566 11.08 4.36 -17.21
C GLY D 566 12.15 5.32 -17.72
N ASN D 567 12.95 4.82 -18.65
CA ASN D 567 13.96 5.65 -19.28
C ASN D 567 13.79 5.63 -20.79
N ILE D 568 12.60 6.00 -21.26
CA ILE D 568 12.30 5.95 -22.69
C ILE D 568 13.32 6.77 -23.47
N PRO D 569 13.74 6.34 -24.66
CA PRO D 569 14.60 7.20 -25.49
C PRO D 569 13.90 8.49 -25.86
N LEU D 570 14.67 9.57 -25.88
CA LEU D 570 14.12 10.90 -26.13
C LEU D 570 14.58 11.53 -27.45
N PRO E 52 -37.02 -31.57 30.84
CA PRO E 52 -37.65 -31.51 29.51
C PRO E 52 -37.06 -32.53 28.54
N THR E 53 -37.71 -33.69 28.41
CA THR E 53 -37.18 -34.73 27.54
C THR E 53 -37.51 -34.47 26.07
N SER E 54 -38.76 -34.15 25.77
CA SER E 54 -39.22 -34.06 24.39
C SER E 54 -38.91 -32.69 23.78
N THR E 55 -38.92 -32.66 22.44
CA THR E 55 -38.59 -31.43 21.71
C THR E 55 -39.58 -30.31 22.02
N ALA E 56 -40.88 -30.63 22.01
CA ALA E 56 -41.88 -29.63 22.34
C ALA E 56 -41.68 -29.09 23.75
N ASP E 57 -41.21 -29.93 24.67
CA ASP E 57 -40.97 -29.50 26.04
C ASP E 57 -39.83 -28.49 26.12
N ARG E 58 -38.83 -28.59 25.24
CA ARG E 58 -37.76 -27.61 25.24
C ARG E 58 -38.17 -26.33 24.55
N ILE E 59 -38.99 -26.41 23.50
CA ILE E 59 -39.51 -25.17 22.94
C ILE E 59 -40.33 -24.43 23.98
N ALA E 60 -41.18 -25.15 24.72
CA ALA E 60 -41.98 -24.52 25.77
C ALA E 60 -41.08 -23.96 26.86
N ASP E 61 -40.02 -24.69 27.22
CA ASP E 61 -39.10 -24.23 28.25
C ASP E 61 -38.37 -22.96 27.83
N LEU E 62 -37.96 -22.89 26.56
CA LEU E 62 -37.34 -21.67 26.06
C LEU E 62 -38.34 -20.52 26.07
N ALA E 63 -39.59 -20.79 25.71
CA ALA E 63 -40.63 -19.75 25.80
C ALA E 63 -40.79 -19.26 27.23
N ALA E 64 -40.66 -20.17 28.21
CA ALA E 64 -40.76 -19.79 29.60
C ALA E 64 -39.62 -18.87 30.01
N ARG E 65 -38.39 -19.19 29.60
CA ARG E 65 -37.26 -18.36 29.98
C ARG E 65 -37.25 -17.02 29.25
N HIS E 66 -37.70 -16.99 28.00
CA HIS E 66 -37.87 -15.72 27.31
C HIS E 66 -38.93 -14.87 28.01
N GLU E 67 -40.04 -15.51 28.43
CA GLU E 67 -41.01 -14.83 29.29
C GLU E 67 -40.37 -14.22 30.52
N GLU E 68 -39.55 -15.00 31.22
CA GLU E 68 -38.90 -14.52 32.44
C GLU E 68 -37.89 -13.41 32.16
N ALA E 69 -37.11 -13.56 31.09
CA ALA E 69 -35.99 -12.65 30.84
C ALA E 69 -36.44 -11.31 30.30
N VAL E 70 -37.51 -11.25 29.52
CA VAL E 70 -37.92 -10.02 28.85
C VAL E 70 -39.23 -9.48 29.42
N VAL E 71 -40.28 -10.31 29.47
CA VAL E 71 -41.55 -9.65 29.75
C VAL E 71 -41.73 -9.39 31.25
N LEU E 72 -41.38 -10.35 32.10
CA LEU E 72 -41.51 -10.09 33.53
C LEU E 72 -40.39 -9.16 34.03
N ALA E 73 -39.18 -9.31 33.47
CA ALA E 73 -38.14 -8.35 33.79
C ALA E 73 -38.56 -6.94 33.40
N GLU E 74 -39.24 -6.82 32.25
CA GLU E 74 -39.67 -5.50 31.78
C GLU E 74 -40.78 -4.92 32.65
N LYS E 75 -41.70 -5.77 33.14
CA LYS E 75 -42.73 -5.25 34.02
C LYS E 75 -42.13 -4.73 35.33
N LYS E 76 -41.25 -5.53 35.95
CA LYS E 76 -40.63 -5.07 37.19
C LYS E 76 -39.80 -3.81 36.96
N ALA E 77 -39.04 -3.77 35.86
CA ALA E 77 -38.25 -2.59 35.55
C ALA E 77 -39.13 -1.37 35.34
N ALA E 78 -40.27 -1.55 34.66
CA ALA E 78 -41.17 -0.41 34.44
C ALA E 78 -41.68 0.13 35.76
N ASP E 79 -42.05 -0.77 36.69
CA ASP E 79 -42.46 -0.32 38.01
C ASP E 79 -41.38 0.54 38.66
N ARG E 80 -40.12 0.10 38.58
CA ARG E 80 -39.10 0.83 39.34
C ARG E 80 -38.61 2.09 38.64
N GLN E 81 -38.58 2.11 37.31
CA GLN E 81 -38.05 3.25 36.56
C GLN E 81 -39.10 4.36 36.42
N HIS E 82 -40.36 3.98 36.18
CA HIS E 82 -41.41 5.00 36.05
C HIS E 82 -41.57 5.81 37.33
N LEU E 83 -41.20 5.23 38.47
CA LEU E 83 -41.37 5.95 39.71
C LEU E 83 -40.42 7.13 39.85
N LYS E 84 -39.36 7.19 39.05
CA LYS E 84 -38.51 8.37 38.99
C LYS E 84 -38.54 9.03 37.61
N GLY E 85 -39.63 8.82 36.87
CA GLY E 85 -39.72 9.46 35.57
C GLY E 85 -38.78 8.92 34.52
N LYS E 86 -38.38 7.65 34.63
CA LYS E 86 -37.41 7.08 33.71
C LYS E 86 -38.08 5.93 32.97
N LEU E 87 -37.66 5.72 31.74
CA LEU E 87 -38.14 4.58 31.00
C LEU E 87 -37.20 3.41 31.20
N THR E 88 -37.62 2.24 30.75
CA THR E 88 -36.78 1.07 30.85
C THR E 88 -35.76 1.06 29.71
N ALA E 89 -34.72 0.26 29.91
CA ALA E 89 -33.71 0.05 28.85
C ALA E 89 -34.38 -0.33 27.53
N ARG E 90 -35.33 -1.27 27.60
CA ARG E 90 -35.97 -1.75 26.38
C ARG E 90 -36.96 -0.75 25.82
N ALA E 91 -37.63 0.03 26.67
CA ALA E 91 -38.51 1.08 26.15
C ALA E 91 -37.70 2.10 25.36
N ARG E 92 -36.52 2.46 25.87
CA ARG E 92 -35.65 3.39 25.14
C ARG E 92 -35.18 2.79 23.82
N ILE E 93 -34.83 1.51 23.84
CA ILE E 93 -34.47 0.85 22.58
C ILE E 93 -35.64 0.93 21.59
N ASP E 94 -36.87 0.74 22.10
CA ASP E 94 -38.03 0.77 21.21
C ASP E 94 -38.25 2.14 20.62
N LEU E 95 -37.99 3.21 21.38
CA LEU E 95 -38.12 4.53 20.78
C LEU E 95 -37.01 4.80 19.78
N LEU E 96 -35.81 4.25 20.01
CA LEU E 96 -34.70 4.62 19.13
C LEU E 96 -34.78 3.90 17.78
N LEU E 97 -35.06 2.60 17.79
CA LEU E 97 -34.99 1.81 16.57
C LEU E 97 -36.32 1.81 15.82
N ASP E 98 -36.23 1.51 14.53
CA ASP E 98 -37.39 1.30 13.68
C ASP E 98 -38.20 0.10 14.14
N PRO E 99 -39.51 0.16 14.05
CA PRO E 99 -40.33 -1.00 14.43
C PRO E 99 -39.83 -2.33 13.83
N GLY E 100 -39.75 -3.32 14.70
CA GLY E 100 -39.48 -4.68 14.30
C GLY E 100 -38.07 -4.98 13.89
N SER E 101 -37.16 -4.01 13.91
CA SER E 101 -35.82 -4.24 13.39
C SER E 101 -34.85 -4.77 14.44
N PHE E 102 -35.23 -4.77 15.72
CA PHE E 102 -34.28 -5.12 16.77
C PHE E 102 -34.05 -6.63 16.80
N VAL E 103 -32.77 -7.01 16.74
CA VAL E 103 -32.29 -8.35 17.02
C VAL E 103 -31.45 -8.25 18.29
N GLU E 104 -31.97 -8.85 19.36
CA GLU E 104 -31.31 -8.90 20.66
C GLU E 104 -30.28 -10.03 20.66
N LEU E 105 -29.09 -9.73 21.14
CA LEU E 105 -28.06 -10.74 21.33
C LEU E 105 -27.84 -11.01 22.81
N ASP E 106 -27.41 -12.22 23.13
CA ASP E 106 -26.97 -12.58 24.48
C ASP E 106 -28.08 -12.40 25.50
N GLU E 107 -29.30 -12.79 25.13
CA GLU E 107 -30.44 -12.57 26.02
C GLU E 107 -30.30 -13.36 27.32
N PHE E 108 -29.67 -14.54 27.27
CA PHE E 108 -29.54 -15.41 28.44
C PHE E 108 -28.13 -15.47 29.00
N VAL E 109 -27.33 -14.42 28.78
CA VAL E 109 -26.02 -14.31 29.45
C VAL E 109 -26.23 -14.09 30.94
N ARG E 110 -25.37 -14.72 31.76
CA ARG E 110 -25.45 -14.62 33.21
C ARG E 110 -24.05 -14.50 33.80
N HIS E 111 -23.94 -13.85 34.97
CA HIS E 111 -22.66 -13.78 35.65
C HIS E 111 -22.36 -15.11 36.33
N ARG E 112 -21.17 -15.25 36.91
CA ARG E 112 -20.68 -16.58 37.25
C ARG E 112 -20.73 -16.99 38.72
N THR E 113 -20.97 -16.09 39.66
CA THR E 113 -20.92 -16.47 41.07
C THR E 113 -22.27 -17.05 41.51
N VAL E 114 -22.26 -18.29 41.98
CA VAL E 114 -23.49 -18.95 42.43
C VAL E 114 -23.48 -19.13 43.94
N GLY E 117 -28.80 -17.61 47.14
CA GLY E 117 -28.34 -16.36 47.73
C GLY E 117 -28.26 -15.19 46.76
N ILE E 118 -27.50 -15.37 45.68
CA ILE E 118 -27.14 -14.28 44.77
C ILE E 118 -28.12 -14.27 43.61
N PRO E 119 -28.81 -13.16 43.33
CA PRO E 119 -29.68 -13.08 42.16
C PRO E 119 -28.84 -13.02 40.89
N ARG E 120 -29.17 -13.85 39.92
CA ARG E 120 -28.43 -13.86 38.67
C ARG E 120 -29.39 -13.86 37.47
N PRO E 121 -29.85 -12.68 37.12
CA PRO E 121 -30.82 -12.52 36.03
C PRO E 121 -30.23 -12.70 34.63
N TYR E 122 -31.09 -13.15 33.71
CA TYR E 122 -30.73 -13.20 32.30
C TYR E 122 -30.42 -11.81 31.78
N GLY E 123 -29.40 -11.71 30.92
CA GLY E 123 -29.00 -10.45 30.36
C GLY E 123 -28.04 -9.65 31.22
N ASP E 124 -27.93 -9.99 32.50
CA ASP E 124 -26.96 -9.43 33.43
C ASP E 124 -27.02 -7.90 33.50
N GLY E 125 -28.16 -7.30 33.16
CA GLY E 125 -28.38 -5.89 33.38
C GLY E 125 -28.14 -4.95 32.21
N VAL E 126 -27.98 -5.46 31.00
CA VAL E 126 -27.85 -4.61 29.81
C VAL E 126 -28.54 -5.30 28.65
N VAL E 127 -29.18 -4.51 27.79
CA VAL E 127 -29.83 -5.04 26.59
C VAL E 127 -28.99 -4.65 25.39
N THR E 128 -28.56 -5.63 24.60
CA THR E 128 -27.66 -5.39 23.48
C THR E 128 -28.23 -5.99 22.20
N GLY E 129 -27.87 -5.39 21.08
CA GLY E 129 -28.28 -5.95 19.81
C GLY E 129 -28.05 -4.97 18.67
N HIS E 130 -28.67 -5.28 17.53
CA HIS E 130 -28.60 -4.38 16.39
C HIS E 130 -29.97 -4.25 15.75
N GLY E 131 -30.12 -3.18 14.98
CA GLY E 131 -31.38 -2.87 14.35
C GLY E 131 -31.12 -1.83 13.29
N THR E 132 -32.16 -1.11 12.88
CA THR E 132 -31.96 -0.03 11.94
C THR E 132 -32.61 1.24 12.48
N ILE E 133 -32.04 2.38 12.08
CA ILE E 133 -32.63 3.69 12.28
C ILE E 133 -32.86 4.28 10.90
N ASP E 134 -34.12 4.63 10.61
CA ASP E 134 -34.53 5.08 9.27
C ASP E 134 -33.89 4.23 8.18
N GLY E 135 -33.93 2.92 8.38
CA GLY E 135 -33.52 1.98 7.36
C GLY E 135 -32.06 1.60 7.35
N ARG E 136 -31.20 2.25 8.15
CA ARG E 136 -29.78 1.92 8.12
C ARG E 136 -29.32 1.27 9.40
N GLN E 137 -28.42 0.29 9.25
CA GLN E 137 -28.08 -0.59 10.35
C GLN E 137 -27.31 0.16 11.43
N VAL E 138 -27.62 -0.18 12.68
CA VAL E 138 -27.06 0.45 13.85
C VAL E 138 -26.91 -0.59 14.94
N CYS E 139 -25.92 -0.40 15.81
CA CYS E 139 -25.74 -1.23 16.99
C CYS E 139 -26.08 -0.46 18.26
N VAL E 140 -26.60 -1.17 19.25
CA VAL E 140 -27.18 -0.54 20.43
C VAL E 140 -26.92 -1.39 21.67
N PHE E 141 -26.66 -0.71 22.79
CA PHE E 141 -26.78 -1.27 24.13
C PHE E 141 -27.51 -0.27 25.01
N SER E 142 -28.19 -0.79 26.03
CA SER E 142 -29.02 0.03 26.91
C SER E 142 -28.97 -0.56 28.30
N HIS E 143 -28.38 0.17 29.24
CA HIS E 143 -28.31 -0.27 30.62
C HIS E 143 -29.71 -0.42 31.20
N ASP E 144 -29.89 -1.46 31.99
CA ASP E 144 -31.09 -1.59 32.83
C ASP E 144 -30.64 -1.33 34.26
N PHE E 145 -30.95 -0.13 34.73
CA PHE E 145 -30.60 0.30 36.08
C PHE E 145 -31.24 -0.58 37.14
N THR E 146 -32.40 -1.18 36.85
CA THR E 146 -33.12 -1.94 37.86
C THR E 146 -32.54 -3.32 38.11
N THR E 147 -31.69 -3.83 37.23
CA THR E 147 -31.16 -5.19 37.36
C THR E 147 -29.70 -5.11 37.79
N LEU E 148 -29.44 -5.49 39.06
CA LEU E 148 -28.10 -5.37 39.64
C LEU E 148 -27.51 -3.98 39.41
N GLY E 149 -28.37 -2.97 39.50
CA GLY E 149 -27.94 -1.59 39.36
C GLY E 149 -27.44 -1.22 37.98
N GLY E 150 -27.66 -2.03 36.96
CA GLY E 150 -27.00 -1.79 35.69
C GLY E 150 -25.50 -1.66 35.83
N SER E 151 -24.90 -2.51 36.65
CA SER E 151 -23.51 -2.36 37.07
C SER E 151 -22.57 -3.12 36.15
N GLY E 153 -20.15 -5.51 34.98
CA GLY E 153 -19.53 -6.78 35.33
C GLY E 153 -18.94 -7.46 34.10
N GLU E 154 -18.44 -8.69 34.26
CA GLU E 154 -17.79 -9.36 33.14
C GLU E 154 -18.79 -9.82 32.10
N ALA E 155 -19.97 -10.25 32.53
CA ALA E 155 -20.98 -10.72 31.58
C ALA E 155 -21.57 -9.54 30.81
N PHE E 156 -22.15 -8.59 31.54
CA PHE E 156 -22.49 -7.26 31.07
C PHE E 156 -21.46 -6.71 30.09
N GLY E 157 -20.20 -6.63 30.55
CA GLY E 157 -19.15 -6.08 29.73
C GLY E 157 -18.95 -6.88 28.45
N SER E 158 -19.03 -8.21 28.56
CA SER E 158 -18.85 -9.05 27.38
C SER E 158 -19.93 -8.83 26.33
N LYS E 159 -21.17 -8.59 26.77
CA LYS E 159 -22.22 -8.28 25.79
C LYS E 159 -21.93 -6.97 25.08
N VAL E 160 -21.52 -5.95 25.84
CA VAL E 160 -21.26 -4.67 25.19
C VAL E 160 -20.06 -4.79 24.25
N VAL E 161 -19.02 -5.52 24.68
CA VAL E 161 -17.87 -5.75 23.82
C VAL E 161 -18.30 -6.45 22.55
N LYS E 162 -19.26 -7.38 22.64
CA LYS E 162 -19.66 -8.11 21.44
C LYS E 162 -20.36 -7.19 20.45
N ILE E 163 -21.26 -6.33 20.92
CA ILE E 163 -21.90 -5.46 19.94
C ILE E 163 -20.92 -4.42 19.38
N TYR E 164 -19.96 -3.96 20.20
CA TYR E 164 -18.98 -3.03 19.65
C TYR E 164 -18.09 -3.69 18.60
N ASP E 165 -17.63 -4.91 18.88
CA ASP E 165 -16.86 -5.66 17.88
C ASP E 165 -17.66 -5.86 16.60
N PHE E 166 -18.95 -6.16 16.72
CA PHE E 166 -19.78 -6.32 15.52
C PHE E 166 -19.85 -5.01 14.73
N ALA E 167 -20.13 -3.91 15.42
CA ALA E 167 -20.24 -2.62 14.74
C ALA E 167 -18.94 -2.25 14.05
N SER E 169 -16.83 -4.40 12.93
CA SER E 169 -16.63 -5.38 11.88
C SER E 169 -17.40 -5.00 10.61
N VAL E 170 -18.64 -4.55 10.76
CA VAL E 170 -19.47 -4.23 9.60
C VAL E 170 -19.55 -2.74 9.31
N GLY E 171 -18.94 -1.90 10.15
CA GLY E 171 -18.93 -0.46 9.93
C GLY E 171 -20.27 0.25 10.02
N CYS E 172 -20.92 0.16 11.18
CA CYS E 172 -22.15 0.88 11.46
C CYS E 172 -22.02 1.64 12.76
N PRO E 173 -22.87 2.65 13.00
CA PRO E 173 -22.77 3.44 14.22
C PRO E 173 -23.09 2.63 15.47
N VAL E 174 -22.62 3.14 16.61
CA VAL E 174 -22.96 2.59 17.91
C VAL E 174 -23.65 3.67 18.73
N ILE E 175 -24.82 3.35 19.27
CA ILE E 175 -25.48 4.19 20.26
C ILE E 175 -25.48 3.42 21.57
N GLY E 176 -24.85 4.01 22.59
CA GLY E 176 -24.89 3.46 23.92
C GLY E 176 -25.91 4.22 24.75
N ILE E 177 -26.77 3.49 25.42
CA ILE E 177 -27.79 4.09 26.26
C ILE E 177 -27.42 3.79 27.72
N ASN E 178 -27.06 4.86 28.44
CA ASN E 178 -26.36 4.78 29.71
C ASN E 178 -27.29 5.14 30.86
N ASP E 179 -27.24 4.32 31.90
CA ASP E 179 -28.01 4.48 33.12
C ASP E 179 -27.54 3.42 34.11
N SER E 180 -26.49 3.70 34.86
CA SER E 180 -25.74 2.65 35.53
C SER E 180 -25.44 3.05 36.96
N GLY E 181 -25.48 2.07 37.85
CA GLY E 181 -25.05 2.25 39.22
C GLY E 181 -23.54 2.22 39.42
N GLY E 182 -22.79 1.95 38.36
CA GLY E 182 -21.34 1.94 38.45
C GLY E 182 -20.73 0.57 38.33
N ALA E 183 -19.58 0.37 38.99
CA ALA E 183 -18.89 -0.92 38.94
C ALA E 183 -19.61 -1.94 39.82
N ARG E 184 -19.57 -3.20 39.38
CA ARG E 184 -20.10 -4.29 40.20
C ARG E 184 -18.98 -4.73 41.16
N ILE E 185 -19.08 -4.28 42.41
CA ILE E 185 -17.97 -4.43 43.36
C ILE E 185 -17.69 -5.90 43.65
N GLN E 186 -18.71 -6.77 43.55
CA GLN E 186 -18.48 -8.18 43.87
C GLN E 186 -17.49 -8.82 42.93
N GLU E 187 -17.31 -8.27 41.73
CA GLU E 187 -16.39 -8.78 40.73
C GLU E 187 -15.01 -8.15 40.82
N GLY E 188 -14.79 -7.27 41.79
CA GLY E 188 -13.46 -6.74 42.00
C GLY E 188 -12.86 -6.17 40.74
N VAL E 189 -11.55 -6.38 40.58
CA VAL E 189 -10.82 -5.79 39.48
C VAL E 189 -11.42 -6.13 38.14
N SER E 191 -14.39 -5.78 36.98
CA SER E 191 -15.18 -4.67 36.44
C SER E 191 -14.27 -3.67 35.76
N ILE E 192 -13.17 -3.30 36.43
CA ILE E 192 -12.25 -2.33 35.83
C ILE E 192 -11.79 -2.85 34.47
N ALA E 193 -11.38 -4.13 34.42
CA ALA E 193 -10.90 -4.70 33.17
C ALA E 193 -11.91 -4.46 32.06
N TYR E 194 -13.19 -4.70 32.34
CA TYR E 194 -14.13 -4.60 31.25
C TYR E 194 -14.37 -3.15 30.87
N TYR E 195 -14.42 -2.26 31.87
CA TYR E 195 -14.41 -0.84 31.56
C TYR E 195 -13.29 -0.53 30.57
N THR E 196 -12.07 -0.97 30.89
CA THR E 196 -10.94 -0.63 30.04
C THR E 196 -11.13 -1.24 28.65
N GLU E 197 -11.58 -2.49 28.58
CA GLU E 197 -11.82 -3.11 27.29
C GLU E 197 -12.72 -2.22 26.45
N LEU E 198 -13.84 -1.81 27.04
CA LEU E 198 -14.80 -1.01 26.30
C LEU E 198 -14.16 0.30 25.89
N GLY E 199 -13.44 0.93 26.81
CA GLY E 199 -12.76 2.16 26.48
C GLY E 199 -11.84 1.98 25.29
N VAL E 200 -11.08 0.88 25.30
CA VAL E 200 -10.11 0.69 24.23
C VAL E 200 -10.84 0.57 22.90
N ARG E 201 -11.99 -0.13 22.92
CA ARG E 201 -12.74 -0.26 21.68
C ARG E 201 -13.25 1.09 21.21
N ASN E 202 -13.73 1.94 22.12
CA ASN E 202 -14.08 3.30 21.70
C ASN E 202 -12.88 3.99 21.07
N VAL E 203 -11.70 3.85 21.67
CA VAL E 203 -10.55 4.54 21.13
C VAL E 203 -10.21 3.99 19.75
N HIS E 204 -10.41 2.68 19.55
CA HIS E 204 -10.08 2.15 18.23
C HIS E 204 -11.18 2.39 17.22
N SER E 205 -12.38 2.77 17.67
CA SER E 205 -13.45 3.16 16.77
C SER E 205 -13.45 4.66 16.47
N SER E 206 -12.67 5.45 17.20
CA SER E 206 -12.70 6.89 17.08
C SER E 206 -12.34 7.31 15.67
N GLY E 207 -13.26 8.00 15.00
CA GLY E 207 -13.06 8.38 13.62
C GLY E 207 -13.23 7.25 12.62
N VAL E 208 -13.69 6.08 13.06
CA VAL E 208 -13.95 4.95 12.18
C VAL E 208 -15.46 4.71 12.01
N ILE E 209 -16.19 4.60 13.12
CA ILE E 209 -17.65 4.54 13.11
C ILE E 209 -18.19 5.59 14.04
N PRO E 210 -19.30 6.23 13.71
CA PRO E 210 -19.90 7.21 14.64
C PRO E 210 -20.29 6.54 15.98
N GLN E 211 -19.99 7.20 17.05
CA GLN E 211 -20.27 6.72 18.41
C GLN E 211 -21.06 7.79 19.14
N ILE E 212 -22.23 7.43 19.65
CA ILE E 212 -23.12 8.36 20.32
C ILE E 212 -23.50 7.80 21.68
N SER E 213 -23.43 8.65 22.71
CA SER E 213 -23.77 8.28 24.08
C SER E 213 -25.01 9.04 24.51
N LEU E 214 -26.05 8.29 24.92
CA LEU E 214 -27.24 8.81 25.55
C LEU E 214 -27.10 8.63 27.05
N ILE E 215 -27.19 9.71 27.81
CA ILE E 215 -27.10 9.63 29.27
C ILE E 215 -28.50 9.79 29.83
N GLY E 217 -29.70 8.60 33.03
CA GLY E 217 -29.68 8.21 34.42
C GLY E 217 -28.36 8.60 35.05
N PRO E 218 -28.04 7.98 36.19
CA PRO E 218 -26.73 8.21 36.80
C PRO E 218 -25.61 7.76 35.87
N CYS E 219 -24.52 8.51 35.86
CA CYS E 219 -23.35 8.15 35.06
C CYS E 219 -22.12 8.71 35.78
N ALA E 220 -21.57 7.92 36.69
CA ALA E 220 -20.46 8.32 37.54
C ALA E 220 -19.40 7.23 37.58
N GLY E 221 -18.22 7.61 38.06
CA GLY E 221 -17.11 6.67 38.18
C GLY E 221 -16.68 6.13 36.83
N GLY E 222 -16.39 4.84 36.78
CA GLY E 222 -15.96 4.22 35.53
C GLY E 222 -16.94 4.46 34.40
N SER E 223 -18.22 4.64 34.73
CA SER E 223 -19.25 4.89 33.73
C SER E 223 -18.97 6.11 32.88
N VAL E 224 -18.16 7.06 33.36
CA VAL E 224 -17.90 8.25 32.55
C VAL E 224 -16.94 7.96 31.42
N TYR E 225 -16.21 6.85 31.46
CA TYR E 225 -15.10 6.66 30.54
C TYR E 225 -15.56 6.48 29.10
N SER E 226 -16.55 5.61 28.88
CA SER E 226 -17.01 5.38 27.51
C SER E 226 -17.71 6.59 26.90
N PRO E 227 -18.68 7.23 27.56
CA PRO E 227 -19.24 8.47 26.99
C PRO E 227 -18.19 9.52 26.66
N ALA E 228 -17.19 9.71 27.53
CA ALA E 228 -16.16 10.72 27.29
C ALA E 228 -15.44 10.50 25.97
N LEU E 229 -15.32 9.25 25.53
CA LEU E 229 -14.59 8.92 24.32
C LEU E 229 -15.47 8.84 23.08
N THR E 230 -16.79 8.80 23.22
CA THR E 230 -17.62 8.78 22.04
C THR E 230 -17.65 10.18 21.41
N ASP E 231 -18.31 10.30 20.27
CA ASP E 231 -18.25 11.55 19.51
C ASP E 231 -19.30 12.56 19.97
N PHE E 232 -20.44 12.09 20.49
CA PHE E 232 -21.50 12.97 20.96
C PHE E 232 -22.09 12.43 22.25
N THR E 233 -22.27 13.31 23.23
CA THR E 233 -22.91 12.96 24.49
C THR E 233 -24.22 13.73 24.61
N VAL E 234 -25.32 13.00 24.79
CA VAL E 234 -26.66 13.57 24.86
C VAL E 234 -27.25 13.21 26.22
N VAL E 236 -30.33 14.14 29.53
CA VAL E 236 -31.77 14.35 29.67
C VAL E 236 -32.01 15.16 30.94
N LYS E 237 -33.11 15.92 30.94
CA LYS E 237 -33.23 17.14 31.73
C LYS E 237 -33.06 16.92 33.23
N ASP E 238 -33.84 16.00 33.82
CA ASP E 238 -33.86 15.85 35.28
C ASP E 238 -33.34 14.52 35.78
N ILE E 239 -33.14 13.54 34.90
CA ILE E 239 -32.89 12.18 35.34
C ILE E 239 -31.44 11.77 35.21
N SER E 240 -30.60 12.61 34.60
CA SER E 240 -29.22 12.24 34.33
C SER E 240 -28.27 13.21 35.00
N TYR E 241 -27.09 12.69 35.35
CA TYR E 241 -25.98 13.50 35.86
C TYR E 241 -24.70 12.74 35.60
N PHE E 243 -20.26 12.68 36.67
CA PHE E 243 -19.06 13.19 37.33
C PHE E 243 -18.11 12.04 37.65
N VAL E 244 -16.81 12.36 37.72
CA VAL E 244 -15.80 11.36 38.09
C VAL E 244 -15.97 10.93 39.54
N THR E 245 -16.06 11.91 40.44
CA THR E 245 -16.21 11.61 41.87
C THR E 245 -17.50 12.24 42.36
N GLY E 246 -18.26 11.48 43.15
CA GLY E 246 -19.61 11.87 43.50
C GLY E 246 -19.73 12.81 44.68
N PRO E 247 -20.91 13.43 44.83
CA PRO E 247 -21.06 14.52 45.80
C PRO E 247 -20.77 14.12 47.24
N GLU E 248 -21.03 12.85 47.61
CA GLU E 248 -20.77 12.46 48.98
C GLU E 248 -19.28 12.48 49.32
N VAL E 249 -18.42 12.47 48.31
CA VAL E 249 -16.98 12.54 48.52
C VAL E 249 -16.41 13.88 48.10
N VAL E 250 -16.96 14.49 47.04
CA VAL E 250 -16.59 15.85 46.66
C VAL E 250 -16.84 16.77 47.83
N SER E 251 -18.08 16.79 48.27
CA SER E 251 -18.63 17.57 49.34
C SER E 251 -18.42 16.89 50.70
N ALA E 252 -17.17 16.58 51.00
CA ALA E 252 -16.80 15.93 52.26
C ALA E 252 -15.29 15.89 52.41
N GLY E 255 -13.16 18.49 50.39
CA GLY E 255 -13.50 19.90 50.42
C GLY E 255 -14.92 20.30 50.76
N GLU E 256 -15.78 20.34 49.74
CA GLU E 256 -16.89 21.29 49.64
C GLU E 256 -18.26 20.76 50.09
N GLN E 257 -19.36 21.25 49.49
CA GLN E 257 -20.73 20.88 49.91
C GLN E 257 -21.71 21.12 48.74
N VAL E 258 -22.00 20.06 47.97
CA VAL E 258 -22.71 20.17 46.70
C VAL E 258 -23.64 18.98 46.45
N THR E 259 -24.73 19.25 45.71
CA THR E 259 -25.63 18.21 45.21
C THR E 259 -25.13 17.68 43.86
N ALA E 260 -25.70 16.55 43.45
CA ALA E 260 -25.33 15.94 42.17
C ALA E 260 -25.64 16.86 40.99
N GLU E 261 -26.76 17.59 41.05
CA GLU E 261 -27.13 18.48 39.96
C GLU E 261 -26.19 19.68 39.89
N GLN E 262 -25.82 20.23 41.04
CA GLN E 262 -24.77 21.25 41.10
C GLN E 262 -23.45 20.71 40.57
N LEU E 263 -23.15 19.44 40.86
CA LEU E 263 -21.83 18.91 40.54
C LEU E 263 -21.69 18.59 39.06
N GLY E 264 -22.65 17.85 38.51
CA GLY E 264 -22.60 17.39 37.14
C GLY E 264 -23.96 17.13 36.53
N GLY E 265 -24.95 17.99 36.82
CA GLY E 265 -26.23 17.91 36.18
C GLY E 265 -26.10 18.27 34.71
N PRO E 266 -27.16 18.03 33.91
CA PRO E 266 -27.04 18.31 32.48
C PRO E 266 -26.67 19.75 32.17
N ALA E 267 -27.23 20.72 32.91
CA ALA E 267 -26.95 22.13 32.60
C ALA E 267 -25.46 22.46 32.77
N VAL E 268 -24.83 21.95 33.83
CA VAL E 268 -23.40 22.19 34.03
C VAL E 268 -22.60 21.67 32.82
N HIS E 269 -22.95 20.50 32.32
CA HIS E 269 -22.18 19.96 31.20
C HIS E 269 -22.56 20.59 29.87
N ALA E 270 -23.76 21.15 29.76
CA ALA E 270 -24.19 21.79 28.52
C ALA E 270 -23.66 23.22 28.41
N GLU E 271 -23.46 23.90 29.54
CA GLU E 271 -23.09 25.31 29.57
C GLU E 271 -21.70 25.57 30.12
N VAL E 272 -21.20 24.73 31.04
CA VAL E 272 -19.98 25.02 31.77
C VAL E 272 -18.83 24.14 31.32
N SER E 273 -19.01 22.82 31.39
CA SER E 273 -17.91 21.89 31.10
C SER E 273 -17.81 21.52 29.62
N GLY E 274 -18.91 21.55 28.88
CA GLY E 274 -18.88 21.16 27.49
C GLY E 274 -18.91 19.67 27.25
N ASN E 275 -19.16 18.86 28.29
CA ASN E 275 -19.24 17.41 28.11
C ASN E 275 -20.49 16.99 27.36
N ALA E 276 -21.52 17.84 27.33
CA ALA E 276 -22.81 17.50 26.74
C ALA E 276 -23.01 18.30 25.46
N HIS E 277 -23.20 17.60 24.35
CA HIS E 277 -23.46 18.27 23.08
C HIS E 277 -24.92 18.65 22.92
N TYR E 278 -25.80 18.02 23.71
CA TYR E 278 -27.23 18.33 23.68
C TYR E 278 -27.87 17.81 24.95
N VAL E 279 -28.90 18.52 25.41
CA VAL E 279 -29.72 18.08 26.53
C VAL E 279 -31.19 18.07 26.08
N GLY E 280 -31.82 16.91 26.17
CA GLY E 280 -33.23 16.81 25.81
C GLY E 280 -34.14 17.19 26.97
N ASP E 281 -35.27 17.82 26.63
CA ASP E 281 -36.29 18.14 27.62
C ASP E 281 -36.85 16.87 28.26
N ASP E 282 -37.02 15.82 27.46
CA ASP E 282 -37.44 14.51 27.92
C ASP E 282 -36.58 13.48 27.22
N GLU E 283 -36.84 12.20 27.51
CA GLU E 283 -36.07 11.14 26.88
C GLU E 283 -36.39 11.05 25.38
N GLN E 284 -37.64 11.34 25.01
CA GLN E 284 -38.02 11.30 23.60
C GLN E 284 -37.32 12.40 22.81
N ASP E 285 -37.10 13.55 23.43
CA ASP E 285 -36.42 14.65 22.75
C ASP E 285 -34.95 14.30 22.50
N ALA E 286 -34.30 13.66 23.48
CA ALA E 286 -32.92 13.23 23.32
C ALA E 286 -32.80 12.14 22.25
N ILE E 287 -33.69 11.14 22.30
CA ILE E 287 -33.65 10.06 21.31
C ILE E 287 -33.89 10.61 19.91
N SER E 288 -34.90 11.46 19.78
CA SER E 288 -35.20 12.10 18.50
C SER E 288 -34.00 12.88 17.98
N TRP E 289 -33.33 13.63 18.87
CA TRP E 289 -32.13 14.35 18.47
C TRP E 289 -31.07 13.41 17.93
N VAL E 290 -30.84 12.28 18.61
CA VAL E 290 -29.80 11.36 18.16
C VAL E 290 -30.12 10.81 16.77
N GLN E 291 -31.38 10.45 16.53
CA GLN E 291 -31.73 9.94 15.19
C GLN E 291 -31.54 11.01 14.13
N THR E 292 -31.95 12.25 14.45
CA THR E 292 -31.81 13.34 13.50
C THR E 292 -30.34 13.53 13.13
N LEU E 293 -29.47 13.48 14.14
CA LEU E 293 -28.03 13.60 13.92
C LEU E 293 -27.53 12.47 13.03
N LEU E 294 -27.94 11.24 13.34
CA LEU E 294 -27.50 10.09 12.54
C LEU E 294 -27.93 10.22 11.10
N GLY E 295 -29.06 10.90 10.84
CA GLY E 295 -29.50 11.12 9.48
C GLY E 295 -28.55 11.94 8.63
N TYR E 296 -27.62 12.66 9.26
CA TYR E 296 -26.62 13.41 8.52
C TYR E 296 -25.33 12.63 8.26
N LEU E 297 -25.12 11.60 8.97
CA LEU E 297 -23.78 11.05 8.96
C LEU E 297 -23.70 9.76 8.16
N PRO E 298 -22.54 9.47 7.59
CA PRO E 298 -22.29 8.14 7.00
C PRO E 298 -22.33 7.06 8.07
N PRO E 299 -22.44 5.79 7.66
CA PRO E 299 -22.34 4.69 8.64
C PRO E 299 -20.94 4.48 9.17
N ASN E 300 -19.91 4.91 8.45
CA ASN E 300 -18.52 4.70 8.81
C ASN E 300 -17.68 5.65 7.96
N ASN E 301 -16.37 5.61 8.15
CA ASN E 301 -15.52 6.60 7.50
C ASN E 301 -15.15 6.26 6.05
N LEU E 302 -15.73 5.21 5.47
CA LEU E 302 -15.49 4.89 4.06
C LEU E 302 -16.70 5.12 3.18
N ASP E 303 -17.81 4.81 3.63
CA ASP E 303 -19.02 4.82 2.84
C ASP E 303 -19.66 6.20 2.84
N PRO E 304 -20.41 6.54 1.80
CA PRO E 304 -20.87 7.93 1.64
C PRO E 304 -21.98 8.31 2.60
N ALA E 305 -22.05 9.60 2.91
CA ALA E 305 -23.15 10.15 3.68
C ALA E 305 -24.44 10.09 2.88
N PRO E 306 -25.59 10.06 3.54
CA PRO E 306 -26.86 9.97 2.79
C PRO E 306 -27.14 11.26 2.03
N VAL E 307 -27.76 11.10 0.87
CA VAL E 307 -28.14 12.20 0.00
C VAL E 307 -29.66 12.20 -0.15
N TYR E 308 -30.26 13.37 0.06
CA TYR E 308 -31.70 13.52 0.08
C TYR E 308 -32.16 14.35 -1.11
N ASP E 309 -33.43 14.17 -1.48
CA ASP E 309 -34.02 15.06 -2.44
C ASP E 309 -34.21 16.43 -1.80
N HIS E 310 -34.13 17.47 -2.60
CA HIS E 310 -34.14 18.83 -2.07
C HIS E 310 -35.08 19.66 -2.91
N ASP E 311 -35.35 20.87 -2.45
CA ASP E 311 -36.21 21.85 -3.12
C ASP E 311 -35.56 23.19 -3.06
N CYS E 312 -34.29 23.28 -3.39
CA CYS E 312 -33.66 24.58 -3.43
C CYS E 312 -34.18 25.31 -4.66
N ALA E 313 -34.55 26.57 -4.49
CA ALA E 313 -34.94 27.40 -5.62
C ALA E 313 -33.70 27.65 -6.49
N PRO E 314 -33.80 27.52 -7.81
CA PRO E 314 -32.58 27.66 -8.63
C PRO E 314 -32.01 29.07 -8.61
N GLY E 315 -32.82 30.12 -8.51
CA GLY E 315 -32.29 31.46 -8.44
C GLY E 315 -32.56 32.21 -7.13
N ILE E 316 -32.01 33.44 -7.09
CA ILE E 316 -32.34 34.43 -6.06
C ILE E 316 -33.79 34.42 -5.65
N THR E 317 -34.03 34.28 -4.35
CA THR E 317 -35.35 34.46 -3.74
C THR E 317 -35.29 35.71 -2.85
N GLU E 318 -36.35 35.93 -2.09
CA GLU E 318 -36.29 37.06 -1.16
C GLU E 318 -35.45 36.73 0.07
N ALA E 319 -35.39 35.45 0.45
CA ALA E 319 -34.45 35.05 1.50
C ALA E 319 -33.01 35.34 1.08
N ASP E 320 -32.68 35.11 -0.20
CA ASP E 320 -31.33 35.45 -0.68
C ASP E 320 -31.08 36.95 -0.63
N LEU E 321 -32.03 37.74 -1.14
CA LEU E 321 -31.85 39.19 -1.18
C LEU E 321 -31.85 39.80 0.21
N ALA E 322 -32.48 39.14 1.18
CA ALA E 322 -32.48 39.61 2.56
C ALA E 322 -31.09 39.69 3.14
N LEU E 323 -30.14 38.91 2.61
CA LEU E 323 -28.77 38.97 3.12
C LEU E 323 -28.06 40.25 2.73
N ASP E 324 -28.52 40.93 1.68
CA ASP E 324 -27.89 42.20 1.31
C ASP E 324 -28.07 43.27 2.36
N THR E 325 -29.07 43.14 3.24
CA THR E 325 -29.34 44.11 4.29
C THR E 325 -29.08 43.57 5.68
N VAL E 326 -28.52 42.36 5.82
CA VAL E 326 -28.41 41.74 7.13
C VAL E 326 -27.30 42.36 7.97
N ILE E 327 -26.27 42.92 7.35
CA ILE E 327 -25.14 43.51 8.05
C ILE E 327 -25.47 44.98 8.34
N PRO E 328 -25.50 45.39 9.61
CA PRO E 328 -25.88 46.77 9.93
C PRO E 328 -24.87 47.78 9.41
N ASP E 329 -25.36 49.01 9.17
CA ASP E 329 -24.46 50.10 8.79
C ASP E 329 -23.52 50.45 9.93
N SER E 330 -24.04 50.47 11.14
CA SER E 330 -23.24 50.91 12.25
C SER E 330 -22.31 49.80 12.68
N GLU E 331 -21.12 50.21 13.06
CA GLU E 331 -20.02 49.34 13.29
C GLU E 331 -20.14 48.56 14.58
N GLN E 332 -20.71 49.21 15.58
CA GLN E 332 -20.98 48.66 16.89
C GLN E 332 -22.27 47.86 16.94
N GLN E 333 -23.05 47.83 15.86
CA GLN E 333 -24.30 47.09 15.82
C GLN E 333 -24.05 45.68 15.29
N VAL E 334 -24.62 44.68 15.96
CA VAL E 334 -24.44 43.28 15.60
C VAL E 334 -25.73 42.73 14.94
N TYR E 335 -25.61 41.50 14.38
CA TYR E 335 -26.64 40.71 13.70
C TYR E 335 -26.46 39.23 14.12
N ASP E 336 -27.29 38.32 13.51
CA ASP E 336 -27.11 36.86 13.64
C ASP E 336 -26.34 36.31 12.48
N ALA E 338 -27.09 33.23 12.47
CA ALA E 338 -28.13 32.24 12.14
C ALA E 338 -29.06 32.70 11.01
N ASP E 339 -29.29 34.02 10.86
CA ASP E 339 -30.13 34.44 9.73
C ASP E 339 -29.45 34.14 8.40
N VAL E 340 -28.14 34.34 8.35
CA VAL E 340 -27.37 34.02 7.15
C VAL E 340 -27.31 32.51 6.95
N ILE E 341 -26.96 31.77 8.00
CA ILE E 341 -26.85 30.31 7.89
C ILE E 341 -28.16 29.73 7.38
N THR E 342 -29.29 30.16 7.97
CA THR E 342 -30.58 29.65 7.52
C THR E 342 -30.89 30.10 6.10
N ALA E 343 -30.37 31.25 5.68
CA ALA E 343 -30.58 31.63 4.28
C ALA E 343 -29.87 30.67 3.34
N VAL E 344 -28.74 30.10 3.75
CA VAL E 344 -27.96 29.29 2.80
C VAL E 344 -28.40 27.84 2.77
N LEU E 345 -28.76 27.25 3.92
CA LEU E 345 -29.02 25.82 4.00
C LEU E 345 -30.44 25.47 3.56
N ASP E 346 -30.59 24.23 3.08
CA ASP E 346 -31.90 23.69 2.71
C ASP E 346 -32.90 23.88 3.84
N ASP E 347 -34.11 24.27 3.48
CA ASP E 347 -35.24 24.44 4.39
C ASP E 347 -34.93 25.41 5.53
N GLY E 348 -33.86 26.19 5.40
CA GLY E 348 -33.48 27.14 6.43
C GLY E 348 -33.26 26.54 7.81
N ASP E 349 -32.87 25.27 7.88
CA ASP E 349 -32.78 24.60 9.17
C ASP E 349 -31.44 23.89 9.29
N TYR E 350 -30.98 23.75 10.52
CA TYR E 350 -29.79 22.99 10.85
C TYR E 350 -29.94 22.41 12.25
N LEU E 351 -29.27 21.29 12.48
CA LEU E 351 -29.21 20.68 13.81
C LEU E 351 -27.92 21.17 14.47
N GLU E 352 -28.08 21.92 15.55
CA GLU E 352 -26.96 22.60 16.19
C GLU E 352 -26.31 21.70 17.24
N ILE E 353 -24.99 21.64 17.20
CA ILE E 353 -24.17 20.94 18.20
C ILE E 353 -23.74 21.94 19.26
N HIS E 354 -23.76 21.53 20.53
CA HIS E 354 -23.38 22.38 21.66
C HIS E 354 -24.14 23.71 21.71
N PRO E 355 -25.48 23.68 21.64
CA PRO E 355 -26.22 24.95 21.56
C PRO E 355 -25.98 25.89 22.73
N ASP E 356 -25.77 25.38 23.94
CA ASP E 356 -25.63 26.19 25.13
C ASP E 356 -24.18 26.37 25.56
N PHE E 357 -23.24 25.82 24.80
CA PHE E 357 -21.81 25.90 25.11
C PHE E 357 -21.11 26.80 24.11
N ALA E 358 -20.39 27.80 24.62
CA ALA E 358 -19.57 28.69 23.81
C ALA E 358 -20.36 29.28 22.65
N ARG E 359 -21.43 29.99 23.00
CA ARG E 359 -22.35 30.52 22.01
C ARG E 359 -21.79 31.69 21.23
N ASN E 360 -20.55 32.10 21.50
CA ASN E 360 -19.88 33.00 20.57
C ASN E 360 -19.50 32.30 19.27
N ILE E 361 -19.70 30.97 19.19
CA ILE E 361 -19.49 30.24 17.96
C ILE E 361 -20.63 29.23 17.77
N ILE E 362 -20.97 29.00 16.50
CA ILE E 362 -22.01 28.07 16.09
C ILE E 362 -21.37 26.89 15.37
N CYS E 363 -21.73 25.68 15.78
CA CYS E 363 -21.40 24.44 15.08
C CYS E 363 -22.68 23.72 14.75
N ALA E 364 -22.86 23.31 13.50
CA ALA E 364 -24.14 22.72 13.13
C ALA E 364 -23.98 21.76 11.96
N LEU E 365 -24.96 20.88 11.78
CA LEU E 365 -25.07 20.06 10.59
C LEU E 365 -26.31 20.48 9.82
N GLY E 366 -26.16 20.69 8.53
CA GLY E 366 -27.27 21.04 7.66
C GLY E 366 -27.12 20.37 6.31
N ARG E 367 -27.86 20.85 5.32
CA ARG E 367 -27.73 20.32 3.98
C ARG E 367 -27.74 21.46 2.96
N VAL E 368 -27.00 21.25 1.89
CA VAL E 368 -27.08 22.07 0.70
C VAL E 368 -27.36 21.13 -0.46
N GLU E 369 -28.48 21.37 -1.14
CA GLU E 369 -28.94 20.54 -2.26
C GLU E 369 -28.94 19.06 -1.89
N GLY E 370 -29.40 18.77 -0.67
CA GLY E 370 -29.53 17.40 -0.23
C GLY E 370 -28.26 16.76 0.30
N HIS E 371 -27.14 17.46 0.33
CA HIS E 371 -25.91 16.89 0.85
C HIS E 371 -25.57 17.46 2.22
N SER E 372 -25.01 16.58 3.07
CA SER E 372 -24.61 16.95 4.41
C SER E 372 -23.52 18.02 4.36
N VAL E 373 -23.70 19.07 5.17
CA VAL E 373 -22.73 20.14 5.29
C VAL E 373 -22.53 20.42 6.77
N ALA E 374 -21.29 20.60 7.18
CA ALA E 374 -20.98 21.05 8.53
C ALA E 374 -20.76 22.55 8.50
N VAL E 375 -21.31 23.27 9.47
CA VAL E 375 -21.23 24.72 9.52
C VAL E 375 -20.49 25.15 10.78
N VAL E 376 -19.47 25.98 10.60
CA VAL E 376 -18.76 26.64 11.70
C VAL E 376 -18.85 28.14 11.46
N ALA E 377 -19.39 28.87 12.43
CA ALA E 377 -19.66 30.28 12.17
C ALA E 377 -19.51 31.11 13.43
N ASN E 378 -18.78 32.21 13.35
CA ASN E 378 -18.75 33.13 14.48
C ASN E 378 -20.15 33.68 14.73
N GLN E 379 -20.50 33.82 16.00
CA GLN E 379 -21.82 34.31 16.34
C GLN E 379 -21.68 35.70 16.98
N PRO E 380 -21.90 36.76 16.24
CA PRO E 380 -21.74 38.10 16.80
C PRO E 380 -22.72 38.41 17.91
N ARG E 381 -23.71 37.56 18.05
CA ARG E 381 -24.75 37.84 19.01
C ARG E 381 -24.31 37.54 20.43
N HIS E 382 -23.10 36.99 20.60
CA HIS E 382 -22.56 36.60 21.89
C HIS E 382 -21.07 36.90 21.93
N LEU E 383 -20.65 37.69 22.93
CA LEU E 383 -19.32 38.29 23.01
C LEU E 383 -18.80 38.81 21.67
N ALA E 384 -19.66 39.44 20.88
CA ALA E 384 -19.28 40.01 19.59
C ALA E 384 -18.63 38.97 18.66
N GLY E 385 -18.89 37.69 18.90
CA GLY E 385 -18.32 36.67 18.04
C GLY E 385 -16.84 36.45 18.24
N VAL E 386 -16.30 36.94 19.36
CA VAL E 386 -14.88 36.73 19.65
C VAL E 386 -14.62 35.24 19.84
N LEU E 387 -13.39 34.83 19.52
CA LEU E 387 -12.97 33.47 19.84
C LEU E 387 -12.40 33.42 21.25
N ASP E 388 -12.55 32.26 21.88
CA ASP E 388 -12.04 32.04 23.23
C ASP E 388 -11.70 30.57 23.38
N ILE E 389 -11.32 30.15 24.58
CA ILE E 389 -10.95 28.75 24.81
C ILE E 389 -12.11 27.82 24.48
N ASP E 390 -13.27 28.08 25.08
CA ASP E 390 -14.42 27.18 24.94
C ASP E 390 -14.84 27.07 23.47
N ALA E 391 -14.97 28.19 22.78
CA ALA E 391 -15.39 28.16 21.38
C ALA E 391 -14.35 27.42 20.54
N SER E 392 -13.06 27.61 20.85
CA SER E 392 -12.02 26.95 20.09
C SER E 392 -12.09 25.43 20.23
N GLU E 393 -12.30 24.93 21.44
CA GLU E 393 -12.31 23.48 21.62
C GLU E 393 -13.60 22.87 21.05
N LYS E 394 -14.72 23.57 21.25
CA LYS E 394 -16.00 23.18 20.66
C LYS E 394 -15.89 23.01 19.14
N ALA E 395 -15.50 24.08 18.45
CA ALA E 395 -15.42 24.02 16.99
C ALA E 395 -14.32 23.07 16.54
N ALA E 396 -13.19 23.04 17.26
CA ALA E 396 -12.08 22.18 16.86
C ALA E 396 -12.48 20.71 16.82
N ARG E 397 -13.10 20.23 17.90
CA ARG E 397 -13.45 18.80 17.87
C ARG E 397 -14.56 18.55 16.86
N PHE E 398 -15.50 19.49 16.70
CA PHE E 398 -16.51 19.32 15.67
C PHE E 398 -15.88 19.15 14.28
N ILE E 399 -14.90 20.01 13.97
CA ILE E 399 -14.25 19.98 12.65
C ILE E 399 -13.50 18.68 12.46
N ARG E 400 -12.74 18.25 13.47
CA ARG E 400 -11.99 17.01 13.33
C ARG E 400 -12.93 15.83 13.11
N PHE E 401 -14.08 15.84 13.80
CA PHE E 401 -15.05 14.77 13.59
C PHE E 401 -15.56 14.76 12.17
N CYS E 402 -15.96 15.93 11.67
CA CYS E 402 -16.48 16.01 10.30
C CYS E 402 -15.42 15.62 9.28
N ASP E 403 -14.16 15.94 9.54
CA ASP E 403 -13.09 15.55 8.63
C ASP E 403 -12.92 14.04 8.62
N SER E 404 -12.99 13.40 9.80
CA SER E 404 -12.90 11.94 9.85
C SER E 404 -14.00 11.28 9.02
N PHE E 405 -15.19 11.88 9.00
CA PHE E 405 -16.35 11.28 8.35
C PHE E 405 -16.75 12.00 7.06
N ASN E 406 -15.78 12.63 6.42
CA ASN E 406 -15.89 13.07 5.02
C ASN E 406 -17.02 14.06 4.81
N ILE E 407 -17.30 14.90 5.80
CA ILE E 407 -18.35 15.91 5.70
C ILE E 407 -17.68 17.26 5.43
N PRO E 408 -18.03 17.94 4.33
CA PRO E 408 -17.40 19.22 4.01
C PRO E 408 -17.76 20.30 5.04
N VAL E 409 -16.86 21.27 5.17
CA VAL E 409 -16.97 22.30 6.21
C VAL E 409 -17.20 23.66 5.55
N LEU E 410 -18.32 24.27 5.90
CA LEU E 410 -18.75 25.59 5.46
C LEU E 410 -18.63 26.54 6.65
N THR E 411 -17.75 27.51 6.52
CA THR E 411 -17.42 28.47 7.57
C THR E 411 -18.05 29.81 7.23
N PHE E 412 -18.67 30.45 8.21
CA PHE E 412 -19.11 31.83 8.11
C PHE E 412 -18.31 32.64 9.13
N ASP E 414 -16.86 36.07 10.96
CA ASP E 414 -16.97 37.45 11.43
C ASP E 414 -16.34 37.48 12.80
N VAL E 415 -15.01 37.55 12.87
CA VAL E 415 -14.28 37.40 14.12
C VAL E 415 -13.42 38.64 14.34
N PRO E 416 -13.65 39.40 15.41
CA PRO E 416 -12.79 40.56 15.68
C PRO E 416 -11.49 40.22 16.37
N GLY E 417 -11.36 39.02 16.90
CA GLY E 417 -10.13 38.67 17.59
C GLY E 417 -10.41 37.64 18.68
N TYR E 418 -9.57 37.67 19.70
CA TYR E 418 -9.68 36.79 20.84
C TYR E 418 -10.13 37.54 22.07
N LEU E 419 -10.79 36.82 22.96
CA LEU E 419 -11.19 37.39 24.23
C LEU E 419 -9.95 37.58 25.09
N PRO E 420 -9.65 38.80 25.51
CA PRO E 420 -8.43 39.02 26.30
C PRO E 420 -8.72 38.65 27.75
N GLY E 421 -7.71 38.80 28.59
CA GLY E 421 -7.89 38.54 30.01
C GLY E 421 -6.85 37.60 30.57
N VAL E 422 -6.54 37.78 31.84
CA VAL E 422 -5.68 36.83 32.55
C VAL E 422 -6.34 35.46 32.59
N GLY E 423 -7.66 35.40 32.78
CA GLY E 423 -8.34 34.11 32.84
C GLY E 423 -8.05 33.23 31.65
N GLN E 424 -8.20 33.76 30.45
CA GLN E 424 -8.01 32.96 29.24
C GLN E 424 -6.53 32.63 29.04
N GLU E 425 -5.65 33.58 29.37
CA GLU E 425 -4.22 33.36 29.17
C GLU E 425 -3.67 32.32 30.12
N HIS E 426 -3.99 32.43 31.41
CA HIS E 426 -3.46 31.49 32.40
C HIS E 426 -4.06 30.11 32.24
N GLN E 427 -5.29 30.02 31.77
CA GLN E 427 -5.92 28.72 31.57
C GLN E 427 -5.63 28.11 30.19
N GLY E 428 -4.75 28.73 29.41
CA GLY E 428 -4.14 28.08 28.26
C GLY E 428 -4.70 28.35 26.88
N ILE E 429 -5.11 29.59 26.62
CA ILE E 429 -5.65 29.95 25.30
C ILE E 429 -4.63 29.67 24.19
N ILE E 430 -3.33 29.75 24.49
CA ILE E 430 -2.33 29.46 23.47
C ILE E 430 -2.48 28.01 22.99
N ARG E 431 -2.28 27.05 23.91
CA ARG E 431 -2.27 25.64 23.56
C ARG E 431 -3.66 25.06 23.33
N ARG E 432 -4.73 25.74 23.74
CA ARG E 432 -6.06 25.21 23.52
C ARG E 432 -6.82 25.92 22.40
N GLY E 433 -6.65 27.24 22.31
CA GLY E 433 -7.13 27.94 21.13
C GLY E 433 -6.46 27.48 19.86
N ILE E 434 -5.18 27.10 19.93
CA ILE E 434 -4.50 26.63 18.72
C ILE E 434 -5.10 25.33 18.17
N LYS E 435 -5.88 24.59 18.97
CA LYS E 435 -6.47 23.35 18.51
C LYS E 435 -7.36 23.54 17.29
N LEU E 436 -8.04 24.68 17.17
CA LEU E 436 -8.90 24.91 16.02
C LEU E 436 -8.05 25.15 14.77
N PHE E 437 -6.92 25.86 14.94
CA PHE E 437 -5.96 25.97 13.84
C PHE E 437 -5.54 24.59 13.38
N TYR E 438 -5.14 23.74 14.32
CA TYR E 438 -4.76 22.37 13.95
C TYR E 438 -5.90 21.67 13.23
N ALA E 439 -7.14 21.81 13.73
CA ALA E 439 -8.26 21.11 13.14
C ALA E 439 -8.46 21.51 11.68
N TYR E 440 -8.45 22.83 11.41
CA TYR E 440 -8.61 23.30 10.04
C TYR E 440 -7.46 22.83 9.15
N ALA E 441 -6.21 23.01 9.62
CA ALA E 441 -5.06 22.70 8.78
C ALA E 441 -4.92 21.20 8.53
N GLU E 442 -5.28 20.39 9.51
CA GLU E 442 -5.22 18.94 9.39
C GLU E 442 -6.26 18.42 8.40
N SER E 443 -7.43 19.05 8.37
CA SER E 443 -8.56 18.53 7.63
C SER E 443 -8.29 18.56 6.13
N THR E 444 -8.85 17.56 5.43
CA THR E 444 -8.73 17.49 3.98
C THR E 444 -10.08 17.56 3.27
N VAL E 445 -11.19 17.56 4.00
CA VAL E 445 -12.51 17.66 3.39
C VAL E 445 -12.61 19.00 2.67
N PRO E 446 -13.50 19.13 1.69
CA PRO E 446 -13.75 20.46 1.09
C PRO E 446 -14.07 21.50 2.16
N LYS E 447 -13.52 22.69 1.99
CA LYS E 447 -13.75 23.80 2.91
C LYS E 447 -14.13 25.04 2.11
N ILE E 448 -15.32 25.56 2.38
CA ILE E 448 -15.81 26.79 1.77
C ILE E 448 -16.05 27.79 2.88
N THR E 449 -15.57 29.03 2.69
CA THR E 449 -15.66 30.04 3.74
C THR E 449 -16.25 31.33 3.19
N VAL E 450 -17.24 31.87 3.90
CA VAL E 450 -17.92 33.11 3.54
C VAL E 450 -17.58 34.13 4.62
N ILE E 451 -16.88 35.19 4.22
CA ILE E 451 -16.43 36.22 5.13
C ILE E 451 -17.49 37.32 5.13
N THR E 452 -18.28 37.40 6.20
CA THR E 452 -19.35 38.39 6.23
C THR E 452 -18.89 39.76 6.71
N ARG E 453 -17.99 39.81 7.70
CA ARG E 453 -17.60 41.11 8.22
C ARG E 453 -16.17 41.15 8.76
N LYS E 454 -16.04 41.19 10.08
CA LYS E 454 -14.74 41.34 10.72
C LYS E 454 -13.85 40.13 10.43
N ALA E 455 -12.58 40.40 10.08
CA ALA E 455 -11.63 39.35 9.68
C ALA E 455 -10.21 39.85 10.03
N TYR E 456 -9.88 39.82 11.31
CA TYR E 456 -8.66 40.43 11.83
C TYR E 456 -7.66 39.40 12.29
N GLY E 457 -6.41 39.57 11.88
CA GLY E 457 -5.27 38.83 12.37
C GLY E 457 -5.45 37.34 12.55
N GLY E 458 -5.07 36.84 13.73
CA GLY E 458 -5.10 35.41 13.96
C GLY E 458 -6.49 34.82 13.83
N GLY E 459 -7.52 35.58 14.23
CA GLY E 459 -8.88 35.12 14.01
C GLY E 459 -9.17 34.85 12.55
N TYR E 460 -8.78 35.78 11.67
CA TYR E 460 -8.97 35.57 10.24
C TYR E 460 -8.16 34.38 9.77
N ALA E 461 -6.91 34.26 10.22
CA ALA E 461 -6.09 33.12 9.84
C ALA E 461 -6.79 31.81 10.16
N VAL E 462 -7.32 31.71 11.39
CA VAL E 462 -7.83 30.44 11.88
C VAL E 462 -9.16 30.07 11.21
N GLY E 464 -10.86 29.28 8.72
CA GLY E 464 -10.99 28.77 7.36
C GLY E 464 -10.48 29.71 6.29
N SER E 465 -9.42 30.45 6.59
CA SER E 465 -8.77 31.26 5.58
C SER E 465 -8.17 30.35 4.52
N ARG E 466 -7.75 30.99 3.43
CA ARG E 466 -7.29 30.22 2.28
C ARG E 466 -5.90 29.62 2.53
N GLN E 467 -5.04 30.33 3.26
CA GLN E 467 -3.73 29.78 3.61
C GLN E 467 -3.80 28.61 4.57
N ILE E 468 -4.89 28.46 5.33
CA ILE E 468 -5.02 27.33 6.24
C ILE E 468 -5.64 26.13 5.55
N GLY E 469 -6.07 26.27 4.29
CA GLY E 469 -6.45 25.12 3.51
C GLY E 469 -7.81 25.18 2.85
N ALA E 470 -8.53 26.30 3.01
CA ALA E 470 -9.85 26.40 2.41
C ALA E 470 -9.75 26.35 0.89
N ASP E 471 -10.74 25.72 0.26
CA ASP E 471 -10.73 25.58 -1.19
C ASP E 471 -11.41 26.75 -1.90
N ARG E 472 -12.36 27.40 -1.23
CA ARG E 472 -13.04 28.55 -1.80
C ARG E 472 -13.33 29.53 -0.68
N VAL E 473 -12.91 30.78 -0.85
CA VAL E 473 -13.10 31.82 0.14
C VAL E 473 -13.76 33.01 -0.56
N ALA E 475 -15.83 36.68 -0.10
CA ALA E 475 -15.96 37.78 0.84
C ALA E 475 -17.09 38.69 0.42
N TRP E 476 -17.88 39.14 1.39
CA TRP E 476 -18.87 40.17 1.16
C TRP E 476 -18.19 41.54 1.11
N PRO E 477 -18.87 42.56 0.58
CA PRO E 477 -18.26 43.89 0.57
C PRO E 477 -18.11 44.50 1.95
N THR E 478 -18.78 43.94 2.96
CA THR E 478 -18.61 44.35 4.34
C THR E 478 -17.43 43.69 5.03
N ALA E 479 -16.78 42.74 4.38
CA ALA E 479 -15.64 42.05 4.99
C ALA E 479 -14.48 43.01 5.18
N GLU E 480 -13.95 43.06 6.39
CA GLU E 480 -12.78 43.87 6.70
C GLU E 480 -11.64 42.90 7.00
N ILE E 481 -10.83 42.63 5.98
CA ILE E 481 -9.76 41.65 6.06
C ILE E 481 -8.46 42.43 6.20
N ALA E 482 -7.89 42.43 7.40
CA ALA E 482 -6.76 43.28 7.70
C ALA E 482 -5.93 42.67 8.81
N VAL E 483 -4.69 43.13 8.92
CA VAL E 483 -3.77 42.61 9.93
C VAL E 483 -4.29 42.90 11.34
N GLY E 485 -7.69 45.43 13.53
CA GLY E 485 -8.65 46.52 13.52
C GLY E 485 -7.93 47.85 13.60
N ALA E 486 -8.67 48.96 13.60
CA ALA E 486 -8.01 50.25 13.50
C ALA E 486 -7.60 50.83 14.85
N ASN E 487 -8.13 50.33 15.96
CA ASN E 487 -7.76 50.95 17.21
C ASN E 487 -6.53 50.27 17.80
N SER E 488 -6.12 49.16 17.21
CA SER E 488 -4.91 48.46 17.59
C SER E 488 -3.73 48.83 16.72
N ALA E 489 -3.96 49.18 15.46
CA ALA E 489 -2.90 49.57 14.54
C ALA E 489 -2.15 50.81 15.06
N ASN E 512 -7.35 61.10 16.05
CA ASN E 512 -8.08 59.99 15.43
C ASN E 512 -7.51 59.78 14.03
N LEU E 513 -6.36 59.09 13.99
CA LEU E 513 -5.91 58.44 12.78
C LEU E 513 -6.63 57.12 12.53
N VAL E 514 -7.49 56.71 13.46
CA VAL E 514 -8.24 55.46 13.35
C VAL E 514 -9.39 55.52 12.36
N ASP E 515 -9.58 56.66 11.72
CA ASP E 515 -10.72 56.85 10.82
C ASP E 515 -10.34 56.70 9.38
N ASP E 516 -9.14 57.14 9.03
CA ASP E 516 -8.64 56.99 7.67
C ASP E 516 -8.05 55.60 7.43
N TYR E 517 -7.41 55.02 8.45
CA TYR E 517 -7.07 53.59 8.41
C TYR E 517 -8.27 52.74 8.07
N ARG E 518 -9.43 53.07 8.66
CA ARG E 518 -10.62 52.24 8.50
C ARG E 518 -11.21 52.36 7.10
N ARG E 519 -11.20 53.58 6.54
CA ARG E 519 -11.72 53.74 5.19
C ARG E 519 -10.78 53.14 4.16
N ARG E 520 -9.48 53.12 4.43
CA ARG E 520 -8.53 52.52 3.49
C ARG E 520 -8.49 51.00 3.57
N PHE E 521 -8.73 50.43 4.74
CA PHE E 521 -8.50 49.01 4.94
C PHE E 521 -9.73 48.24 5.43
N GLY E 522 -10.84 48.92 5.69
CA GLY E 522 -12.04 48.25 6.15
C GLY E 522 -12.84 47.66 5.00
N ASN E 523 -12.21 46.79 4.23
CA ASN E 523 -12.78 46.27 3.00
C ASN E 523 -12.00 45.01 2.61
N PRO E 524 -12.52 44.21 1.67
CA PRO E 524 -11.85 42.95 1.32
C PRO E 524 -10.80 43.08 0.22
N TYR E 525 -10.49 44.31 -0.22
CA TYR E 525 -9.85 44.45 -1.52
C TYR E 525 -8.33 44.35 -1.47
N GLU E 526 -7.71 44.54 -0.29
CA GLU E 526 -6.29 44.22 -0.19
C GLU E 526 -6.08 42.71 -0.24
N ALA E 527 -6.91 41.97 0.50
CA ALA E 527 -6.87 40.51 0.41
C ALA E 527 -7.22 40.03 -0.99
N ALA E 528 -8.23 40.63 -1.62
CA ALA E 528 -8.60 40.23 -2.97
C ALA E 528 -7.50 40.52 -3.97
N ALA E 529 -6.80 41.63 -3.81
CA ALA E 529 -5.70 41.97 -4.70
C ALA E 529 -4.58 40.94 -4.63
N HIS E 530 -4.32 40.40 -3.44
CA HIS E 530 -3.32 39.36 -3.27
C HIS E 530 -3.82 37.97 -3.61
N GLY E 531 -5.10 37.83 -3.98
CA GLY E 531 -5.67 36.52 -4.20
C GLY E 531 -5.90 35.71 -2.95
N TYR E 532 -5.85 36.33 -1.77
CA TYR E 532 -6.14 35.61 -0.53
C TYR E 532 -7.61 35.24 -0.40
N VAL E 533 -8.49 36.00 -1.05
CA VAL E 533 -9.87 35.57 -1.25
C VAL E 533 -10.06 35.39 -2.74
N ASP E 534 -11.00 34.54 -3.11
CA ASP E 534 -11.20 34.20 -4.50
C ASP E 534 -12.23 35.07 -5.19
N VAL E 536 -15.24 38.46 -4.44
CA VAL E 536 -16.04 39.45 -3.72
C VAL E 536 -17.42 39.48 -4.36
N ILE E 537 -18.42 39.10 -3.58
CA ILE E 537 -19.77 38.88 -4.10
C ILE E 537 -20.74 39.76 -3.35
N SER E 538 -21.85 40.08 -4.01
CA SER E 538 -22.96 40.68 -3.30
C SER E 538 -23.56 39.62 -2.36
N PRO E 539 -23.89 39.99 -1.13
CA PRO E 539 -24.31 38.97 -0.15
C PRO E 539 -25.43 38.04 -0.62
N SER E 540 -26.37 38.57 -1.42
CA SER E 540 -27.48 37.77 -1.91
C SER E 540 -27.04 36.58 -2.74
N ARG E 541 -25.81 36.60 -3.22
CA ARG E 541 -25.30 35.53 -4.08
C ARG E 541 -24.79 34.34 -3.28
N THR E 542 -24.68 34.47 -1.95
CA THR E 542 -23.98 33.48 -1.15
C THR E 542 -24.51 32.08 -1.40
N ARG E 543 -25.80 31.85 -1.16
CA ARG E 543 -26.35 30.52 -1.32
C ARG E 543 -25.95 29.92 -2.65
N TYR E 544 -26.12 30.68 -3.73
CA TYR E 544 -25.87 30.10 -5.04
C TYR E 544 -24.42 29.67 -5.15
N GLU E 545 -23.51 30.57 -4.75
CA GLU E 545 -22.11 30.24 -4.93
C GLU E 545 -21.69 29.12 -4.00
N VAL E 546 -22.24 29.11 -2.79
CA VAL E 546 -21.90 28.01 -1.89
C VAL E 546 -22.26 26.70 -2.55
N ALA E 547 -23.49 26.62 -3.08
CA ALA E 547 -23.93 25.38 -3.71
C ALA E 547 -23.00 24.99 -4.84
N ARG E 548 -22.59 25.96 -5.65
CA ARG E 548 -21.69 25.63 -6.75
C ARG E 548 -20.36 25.13 -6.22
N ALA E 549 -19.77 25.88 -5.28
CA ALA E 549 -18.45 25.52 -4.77
C ALA E 549 -18.47 24.11 -4.18
N LEU E 550 -19.45 23.85 -3.31
CA LEU E 550 -19.58 22.52 -2.73
C LEU E 550 -19.68 21.48 -3.82
N ALA E 551 -20.57 21.71 -4.79
CA ALA E 551 -20.78 20.70 -5.82
C ALA E 551 -19.50 20.49 -6.62
N SER E 552 -18.71 21.54 -6.79
CA SER E 552 -17.51 21.41 -7.59
C SER E 552 -16.42 20.64 -6.86
N LEU E 553 -16.56 20.42 -5.55
CA LEU E 553 -15.48 19.88 -4.74
C LEU E 553 -15.71 18.44 -4.28
N ARG E 554 -16.77 17.77 -4.74
CA ARG E 554 -17.08 16.46 -4.20
C ARG E 554 -16.04 15.41 -4.54
N ASN E 555 -15.29 15.59 -5.61
CA ASN E 555 -14.26 14.63 -5.98
C ASN E 555 -12.88 15.02 -5.45
N LYS E 556 -12.82 15.95 -4.50
CA LYS E 556 -11.55 16.45 -4.01
C LYS E 556 -10.74 15.32 -3.36
N ARG E 557 -9.43 15.31 -3.65
CA ARG E 557 -8.50 14.39 -3.00
C ARG E 557 -7.31 15.17 -2.48
N GLN E 558 -6.86 14.82 -1.28
CA GLN E 558 -5.71 15.52 -0.70
C GLN E 558 -4.90 14.53 0.11
N ALA E 559 -3.57 14.53 -0.11
CA ALA E 559 -2.68 13.64 0.60
C ALA E 559 -2.46 14.13 2.02
N ARG E 560 -2.07 13.20 2.89
CA ARG E 560 -1.88 13.43 4.31
C ARG E 560 -0.49 13.01 4.74
N PRO E 561 0.05 13.65 5.78
CA PRO E 561 1.37 13.24 6.29
C PRO E 561 1.40 11.75 6.63
N ALA E 562 2.52 11.10 6.31
CA ALA E 562 2.71 9.71 6.67
C ALA E 562 3.21 9.66 8.11
N ARG E 563 2.37 9.17 9.01
CA ARG E 563 2.67 9.14 10.44
C ARG E 563 1.65 8.25 11.11
N LYS E 564 2.01 7.74 12.29
CA LYS E 564 1.03 7.05 13.10
C LYS E 564 -0.13 7.96 13.44
N HIS E 565 0.17 9.20 13.79
CA HIS E 565 -0.77 10.25 14.17
C HIS E 565 0.05 11.50 14.44
N GLY E 566 -0.64 12.62 14.58
CA GLY E 566 -0.01 13.87 14.91
C GLY E 566 0.19 14.04 16.41
N ASN E 567 0.68 15.22 16.78
CA ASN E 567 0.88 15.55 18.19
C ASN E 567 0.12 16.83 18.52
N ILE E 568 -1.19 16.82 18.29
CA ILE E 568 -2.01 18.00 18.54
C ILE E 568 -1.86 18.44 19.98
N PRO E 569 -1.84 19.74 20.28
CA PRO E 569 -1.83 20.17 21.68
C PRO E 569 -3.10 19.72 22.39
N LEU E 570 -2.94 19.30 23.63
CA LEU E 570 -4.07 18.81 24.42
C LEU E 570 -4.37 19.68 25.63
N THR F 53 -2.37 -13.95 -56.47
CA THR F 53 -3.73 -14.43 -56.57
C THR F 53 -4.70 -13.30 -56.90
N SER F 54 -5.47 -12.87 -55.89
CA SER F 54 -6.56 -11.92 -56.04
C SER F 54 -7.22 -11.73 -54.68
N THR F 55 -7.84 -10.58 -54.42
CA THR F 55 -8.46 -10.37 -53.11
C THR F 55 -9.65 -11.29 -52.91
N ALA F 56 -10.56 -11.33 -53.89
CA ALA F 56 -11.72 -12.22 -53.80
C ALA F 56 -11.28 -13.67 -53.69
N ASP F 57 -10.19 -14.04 -54.38
CA ASP F 57 -9.70 -15.41 -54.28
C ASP F 57 -9.11 -15.73 -52.93
N ARG F 58 -8.55 -14.74 -52.22
CA ARG F 58 -8.06 -15.02 -50.88
C ARG F 58 -9.20 -15.14 -49.87
N ILE F 59 -10.26 -14.35 -50.08
CA ILE F 59 -11.44 -14.54 -49.24
C ILE F 59 -12.02 -15.94 -49.45
N ALA F 60 -12.12 -16.37 -50.72
CA ALA F 60 -12.62 -17.71 -51.00
C ALA F 60 -11.70 -18.81 -50.46
N ASP F 61 -10.37 -18.60 -50.56
CA ASP F 61 -9.39 -19.56 -50.07
C ASP F 61 -9.53 -19.73 -48.56
N LEU F 62 -9.76 -18.61 -47.87
CA LEU F 62 -10.02 -18.65 -46.43
C LEU F 62 -11.31 -19.38 -46.12
N ALA F 63 -12.36 -19.18 -46.91
CA ALA F 63 -13.59 -19.93 -46.70
C ALA F 63 -13.34 -21.43 -46.85
N ALA F 64 -12.49 -21.82 -47.79
CA ALA F 64 -12.19 -23.23 -47.99
C ALA F 64 -11.51 -23.82 -46.77
N ARG F 65 -10.49 -23.14 -46.22
CA ARG F 65 -9.84 -23.71 -45.05
C ARG F 65 -10.71 -23.66 -43.83
N HIS F 66 -11.57 -22.64 -43.71
CA HIS F 66 -12.46 -22.61 -42.56
C HIS F 66 -13.40 -23.80 -42.57
N GLU F 67 -14.01 -24.09 -43.72
CA GLU F 67 -14.86 -25.27 -43.80
C GLU F 67 -14.05 -26.54 -43.54
N GLU F 68 -12.81 -26.59 -44.05
CA GLU F 68 -11.95 -27.74 -43.82
C GLU F 68 -11.67 -27.91 -42.34
N ALA F 69 -11.46 -26.79 -41.62
CA ALA F 69 -11.04 -26.82 -40.24
C ALA F 69 -12.16 -27.19 -39.28
N VAL F 70 -13.40 -26.78 -39.56
CA VAL F 70 -14.51 -26.98 -38.63
C VAL F 70 -15.55 -27.99 -39.17
N VAL F 71 -16.09 -27.74 -40.38
CA VAL F 71 -17.24 -28.55 -40.83
C VAL F 71 -16.82 -29.97 -41.19
N LEU F 72 -15.77 -30.11 -41.98
CA LEU F 72 -15.39 -31.45 -42.39
C LEU F 72 -14.71 -32.20 -41.24
N ALA F 73 -13.87 -31.48 -40.51
CA ALA F 73 -13.29 -32.03 -39.29
C ALA F 73 -14.37 -32.37 -38.28
N GLU F 74 -15.43 -31.55 -38.22
CA GLU F 74 -16.52 -31.82 -37.28
C GLU F 74 -17.28 -33.07 -37.64
N LYS F 75 -17.57 -33.29 -38.93
CA LYS F 75 -18.34 -34.50 -39.22
C LYS F 75 -17.51 -35.74 -38.97
N LYS F 76 -16.23 -35.73 -39.35
CA LYS F 76 -15.43 -36.91 -39.02
C LYS F 76 -15.33 -37.11 -37.51
N ALA F 77 -15.11 -36.03 -36.75
CA ALA F 77 -14.99 -36.14 -35.31
C ALA F 77 -16.32 -36.61 -34.67
N ALA F 78 -17.44 -36.08 -35.15
CA ALA F 78 -18.75 -36.47 -34.62
C ALA F 78 -19.01 -37.95 -34.87
N ASP F 79 -18.65 -38.43 -36.06
CA ASP F 79 -18.74 -39.86 -36.34
C ASP F 79 -17.92 -40.67 -35.33
N ARG F 80 -16.61 -40.40 -35.27
CA ARG F 80 -15.74 -41.22 -34.43
C ARG F 80 -16.06 -41.09 -32.94
N GLN F 81 -16.73 -40.01 -32.53
CA GLN F 81 -17.09 -39.90 -31.11
C GLN F 81 -18.45 -40.53 -30.83
N HIS F 82 -19.40 -40.41 -31.77
CA HIS F 82 -20.66 -41.11 -31.62
C HIS F 82 -20.42 -42.61 -31.56
N LEU F 83 -19.32 -43.09 -32.17
CA LEU F 83 -19.02 -44.51 -32.08
C LEU F 83 -18.60 -44.93 -30.68
N LYS F 84 -18.32 -43.95 -29.79
CA LYS F 84 -18.15 -44.24 -28.36
C LYS F 84 -19.15 -43.53 -27.46
N GLY F 85 -20.30 -43.12 -27.98
CA GLY F 85 -21.31 -42.51 -27.16
C GLY F 85 -20.94 -41.16 -26.60
N LYS F 86 -20.06 -40.43 -27.28
CA LYS F 86 -19.56 -39.15 -26.82
C LYS F 86 -19.82 -38.12 -27.89
N LEU F 87 -19.99 -36.87 -27.47
CA LEU F 87 -20.14 -35.77 -28.40
C LEU F 87 -18.79 -35.18 -28.78
N THR F 88 -18.83 -34.26 -29.73
CA THR F 88 -17.63 -33.58 -30.21
C THR F 88 -17.23 -32.46 -29.26
N ALA F 89 -15.96 -32.07 -29.34
CA ALA F 89 -15.48 -30.90 -28.61
C ALA F 89 -16.34 -29.68 -28.92
N ARG F 90 -16.64 -29.46 -30.20
CA ARG F 90 -17.41 -28.29 -30.59
C ARG F 90 -18.87 -28.45 -30.21
N ALA F 91 -19.39 -29.67 -30.24
CA ALA F 91 -20.76 -29.89 -29.81
C ALA F 91 -20.95 -29.51 -28.34
N ARG F 92 -20.00 -29.91 -27.50
CA ARG F 92 -20.06 -29.57 -26.07
C ARG F 92 -19.87 -28.08 -25.82
N ILE F 93 -18.94 -27.45 -26.55
CA ILE F 93 -18.83 -26.00 -26.41
C ILE F 93 -20.18 -25.37 -26.72
N ASP F 94 -20.86 -25.90 -27.73
CA ASP F 94 -22.15 -25.34 -28.13
C ASP F 94 -23.25 -25.62 -27.10
N LEU F 95 -23.21 -26.75 -26.41
CA LEU F 95 -24.19 -26.97 -25.33
C LEU F 95 -23.88 -26.08 -24.13
N LEU F 96 -22.61 -25.76 -23.91
CA LEU F 96 -22.23 -25.04 -22.69
C LEU F 96 -22.53 -23.54 -22.81
N LEU F 97 -22.13 -22.92 -23.91
CA LEU F 97 -22.20 -21.47 -24.05
C LEU F 97 -23.51 -21.00 -24.66
N ASP F 98 -23.79 -19.71 -24.46
CA ASP F 98 -24.95 -19.08 -25.08
C ASP F 98 -24.80 -19.11 -26.60
N PRO F 99 -25.89 -19.40 -27.32
CA PRO F 99 -25.84 -19.48 -28.79
C PRO F 99 -25.20 -18.25 -29.42
N GLY F 100 -24.28 -18.47 -30.34
CA GLY F 100 -23.71 -17.36 -31.08
C GLY F 100 -22.71 -16.52 -30.33
N SER F 101 -22.45 -16.83 -29.07
CA SER F 101 -21.55 -16.04 -28.24
C SER F 101 -20.11 -16.48 -28.36
N PHE F 102 -19.86 -17.64 -28.96
CA PHE F 102 -18.51 -18.20 -28.99
C PHE F 102 -17.64 -17.46 -29.99
N VAL F 103 -16.49 -17.00 -29.52
CA VAL F 103 -15.41 -16.47 -30.35
C VAL F 103 -14.26 -17.45 -30.23
N GLU F 104 -13.98 -18.19 -31.31
CA GLU F 104 -12.90 -19.16 -31.35
C GLU F 104 -11.57 -18.48 -31.64
N LEU F 105 -10.55 -18.81 -30.87
CA LEU F 105 -9.20 -18.34 -31.13
C LEU F 105 -8.34 -19.46 -31.69
N ASP F 106 -7.32 -19.07 -32.44
CA ASP F 106 -6.28 -20.01 -32.87
C ASP F 106 -6.85 -21.14 -33.72
N GLU F 107 -7.82 -20.81 -34.58
CA GLU F 107 -8.49 -21.84 -35.37
C GLU F 107 -7.54 -22.50 -36.36
N PHE F 108 -6.56 -21.76 -36.90
CA PHE F 108 -5.64 -22.31 -37.87
C PHE F 108 -4.24 -22.52 -37.30
N VAL F 109 -4.12 -22.66 -35.98
CA VAL F 109 -2.83 -23.03 -35.40
C VAL F 109 -2.51 -24.45 -35.80
N ARG F 110 -1.24 -24.70 -36.12
CA ARG F 110 -0.82 -26.03 -36.51
C ARG F 110 0.52 -26.32 -35.86
N HIS F 111 0.78 -27.60 -35.60
CA HIS F 111 2.05 -27.99 -35.01
C HIS F 111 3.15 -28.00 -36.05
N ARG F 112 4.38 -28.22 -35.59
CA ARG F 112 5.57 -28.02 -36.40
C ARG F 112 6.14 -29.35 -36.88
N PRO F 119 0.98 -35.38 -40.64
CA PRO F 119 -0.38 -34.85 -40.58
C PRO F 119 -0.43 -33.61 -39.70
N ARG F 120 -0.91 -32.47 -40.25
CA ARG F 120 -0.94 -31.19 -39.54
C ARG F 120 -2.34 -30.59 -39.53
N PRO F 121 -3.24 -31.12 -38.72
CA PRO F 121 -4.61 -30.59 -38.70
C PRO F 121 -4.68 -29.19 -38.11
N TYR F 122 -5.65 -28.42 -38.60
CA TYR F 122 -5.93 -27.11 -38.03
C TYR F 122 -6.43 -27.24 -36.59
N GLY F 123 -5.94 -26.37 -35.72
CA GLY F 123 -6.35 -26.39 -34.34
C GLY F 123 -5.57 -27.34 -33.45
N ASP F 124 -4.81 -28.28 -34.03
CA ASP F 124 -3.91 -29.17 -33.31
C ASP F 124 -4.62 -29.98 -32.22
N GLY F 125 -5.93 -30.17 -32.32
CA GLY F 125 -6.63 -31.10 -31.45
C GLY F 125 -7.31 -30.52 -30.23
N VAL F 126 -7.40 -29.20 -30.12
CA VAL F 126 -8.15 -28.55 -29.06
C VAL F 126 -8.84 -27.33 -29.67
N VAL F 127 -10.07 -27.07 -29.23
CA VAL F 127 -10.84 -25.90 -29.64
C VAL F 127 -10.85 -24.92 -28.47
N THR F 128 -10.40 -23.70 -28.74
CA THR F 128 -10.24 -22.70 -27.70
C THR F 128 -11.02 -21.44 -28.05
N GLY F 129 -11.46 -20.73 -27.02
CA GLY F 129 -12.11 -19.46 -27.26
C GLY F 129 -12.80 -18.96 -26.01
N HIS F 130 -13.62 -17.93 -26.21
CA HIS F 130 -14.38 -17.39 -25.08
C HIS F 130 -15.81 -17.12 -25.51
N GLY F 131 -16.67 -16.96 -24.51
CA GLY F 131 -18.08 -16.78 -24.77
C GLY F 131 -18.80 -16.28 -23.52
N THR F 132 -20.11 -16.49 -23.49
CA THR F 132 -20.88 -16.07 -22.33
C THR F 132 -21.61 -17.33 -21.83
N ILE F 133 -21.84 -17.38 -20.53
CA ILE F 133 -22.79 -18.33 -19.93
C ILE F 133 -23.82 -17.49 -19.16
N ASP F 134 -25.09 -17.66 -19.52
CA ASP F 134 -26.18 -16.85 -18.97
C ASP F 134 -25.79 -15.39 -18.85
N GLY F 135 -25.19 -14.86 -19.92
CA GLY F 135 -24.91 -13.45 -20.04
C GLY F 135 -23.58 -12.99 -19.48
N ARG F 136 -22.85 -13.84 -18.77
CA ARG F 136 -21.57 -13.44 -18.20
C ARG F 136 -20.41 -14.14 -18.90
N GLN F 137 -19.31 -13.42 -19.09
CA GLN F 137 -18.22 -13.94 -19.89
C GLN F 137 -17.47 -15.06 -19.19
N VAL F 138 -17.08 -16.07 -19.97
CA VAL F 138 -16.30 -17.22 -19.52
C VAL F 138 -15.36 -17.59 -20.66
N CYS F 139 -14.26 -18.25 -20.31
CA CYS F 139 -13.32 -18.79 -21.28
C CYS F 139 -13.42 -20.31 -21.29
N VAL F 140 -13.16 -20.91 -22.45
CA VAL F 140 -13.38 -22.34 -22.61
C VAL F 140 -12.29 -22.93 -23.51
N PHE F 141 -11.87 -24.14 -23.17
CA PHE F 141 -11.13 -25.01 -24.07
C PHE F 141 -11.77 -26.38 -24.05
N SER F 142 -11.65 -27.09 -25.17
CA SER F 142 -12.33 -28.37 -25.33
C SER F 142 -11.45 -29.27 -26.18
N HIS F 143 -10.93 -30.32 -25.56
CA HIS F 143 -10.08 -31.26 -26.28
C HIS F 143 -10.88 -31.95 -27.37
N ASP F 144 -10.25 -32.16 -28.52
CA ASP F 144 -10.84 -33.06 -29.51
C ASP F 144 -10.01 -34.33 -29.57
N PHE F 145 -10.57 -35.37 -28.95
CA PHE F 145 -9.93 -36.68 -28.89
C PHE F 145 -9.73 -37.31 -30.27
N THR F 146 -10.56 -36.98 -31.26
CA THR F 146 -10.43 -37.63 -32.54
C THR F 146 -9.27 -37.09 -33.36
N THR F 147 -8.71 -35.95 -33.01
CA THR F 147 -7.64 -35.34 -33.79
C THR F 147 -6.33 -35.44 -33.01
N LEU F 148 -5.38 -36.22 -33.55
CA LEU F 148 -4.09 -36.48 -32.91
C LEU F 148 -4.27 -36.95 -31.46
N GLY F 149 -5.33 -37.73 -31.23
CA GLY F 149 -5.62 -38.26 -29.91
C GLY F 149 -6.02 -37.22 -28.89
N GLY F 150 -6.31 -35.99 -29.31
CA GLY F 150 -6.50 -34.91 -28.36
C GLY F 150 -5.36 -34.78 -27.38
N SER F 151 -4.14 -35.02 -27.86
CA SER F 151 -2.99 -35.14 -26.99
C SER F 151 -2.27 -33.81 -26.85
N GLY F 153 0.39 -31.23 -26.99
CA GLY F 153 1.57 -30.80 -27.69
C GLY F 153 1.80 -29.30 -27.53
N GLU F 154 2.83 -28.79 -28.21
CA GLU F 154 3.18 -27.39 -27.99
C GLU F 154 2.17 -26.43 -28.61
N ALA F 155 1.59 -26.77 -29.76
CA ALA F 155 0.59 -25.89 -30.37
C ALA F 155 -0.71 -25.94 -29.57
N PHE F 156 -1.28 -27.13 -29.42
CA PHE F 156 -2.33 -27.45 -28.46
C PHE F 156 -2.13 -26.67 -27.14
N GLY F 157 -0.96 -26.87 -26.54
CA GLY F 157 -0.68 -26.26 -25.25
C GLY F 157 -0.68 -24.75 -25.32
N SER F 158 -0.11 -24.19 -26.37
CA SER F 158 -0.08 -22.74 -26.52
C SER F 158 -1.50 -22.18 -26.64
N LYS F 159 -2.40 -22.93 -27.28
CA LYS F 159 -3.78 -22.45 -27.38
C LYS F 159 -4.45 -22.40 -26.00
N VAL F 160 -4.32 -23.47 -25.21
CA VAL F 160 -4.95 -23.39 -23.88
C VAL F 160 -4.24 -22.36 -23.00
N VAL F 161 -2.91 -22.24 -23.12
CA VAL F 161 -2.21 -21.19 -22.39
C VAL F 161 -2.77 -19.83 -22.74
N LYS F 162 -3.09 -19.61 -24.02
CA LYS F 162 -3.59 -18.29 -24.39
C LYS F 162 -4.96 -18.02 -23.80
N ILE F 163 -5.85 -19.02 -23.85
CA ILE F 163 -7.16 -18.81 -23.23
C ILE F 163 -7.01 -18.56 -21.73
N TYR F 164 -6.08 -19.29 -21.08
CA TYR F 164 -5.89 -19.10 -19.65
C TYR F 164 -5.34 -17.71 -19.35
N ASP F 165 -4.34 -17.26 -20.12
CA ASP F 165 -3.80 -15.92 -19.95
C ASP F 165 -4.89 -14.87 -20.11
N PHE F 166 -5.78 -15.07 -21.09
CA PHE F 166 -6.86 -14.12 -21.31
C PHE F 166 -7.79 -14.08 -20.10
N ALA F 167 -8.23 -15.25 -19.62
CA ALA F 167 -9.14 -15.28 -18.50
C ALA F 167 -8.52 -14.66 -17.24
N SER F 169 -6.32 -12.33 -17.36
CA SER F 169 -6.17 -10.92 -17.70
C SER F 169 -7.45 -10.13 -17.46
N VAL F 170 -8.60 -10.70 -17.81
CA VAL F 170 -9.88 -10.01 -17.65
C VAL F 170 -10.64 -10.48 -16.42
N GLY F 171 -10.14 -11.48 -15.70
CA GLY F 171 -10.79 -11.97 -14.51
C GLY F 171 -12.16 -12.60 -14.74
N CYS F 172 -12.22 -13.62 -15.59
CA CYS F 172 -13.44 -14.39 -15.81
C CYS F 172 -13.15 -15.87 -15.62
N PRO F 173 -14.18 -16.68 -15.37
CA PRO F 173 -13.95 -18.11 -15.15
C PRO F 173 -13.44 -18.85 -16.38
N VAL F 174 -12.81 -19.99 -16.13
CA VAL F 174 -12.33 -20.90 -17.16
C VAL F 174 -13.00 -22.25 -16.98
N ILE F 175 -13.59 -22.76 -18.06
CA ILE F 175 -14.13 -24.13 -18.11
C ILE F 175 -13.27 -24.92 -19.07
N GLY F 176 -12.62 -25.96 -18.56
CA GLY F 176 -11.87 -26.88 -19.39
C GLY F 176 -12.64 -28.17 -19.60
N ILE F 177 -12.75 -28.58 -20.86
CA ILE F 177 -13.43 -29.82 -21.21
C ILE F 177 -12.37 -30.79 -21.72
N ASN F 178 -12.18 -31.88 -20.97
CA ASN F 178 -11.05 -32.78 -21.11
C ASN F 178 -11.49 -34.09 -21.74
N ASP F 179 -10.72 -34.56 -22.70
CA ASP F 179 -11.00 -35.79 -23.43
C ASP F 179 -9.75 -36.05 -24.25
N SER F 180 -8.76 -36.70 -23.64
CA SER F 180 -7.39 -36.67 -24.14
C SER F 180 -6.76 -38.05 -24.10
N GLY F 181 -5.96 -38.34 -25.12
CA GLY F 181 -5.12 -39.52 -25.21
C GLY F 181 -3.85 -39.48 -24.41
N GLY F 182 -3.58 -38.36 -23.75
CA GLY F 182 -2.43 -38.22 -22.90
C GLY F 182 -1.38 -37.31 -23.52
N ALA F 183 -0.12 -37.52 -23.16
CA ALA F 183 0.93 -36.71 -23.74
C ALA F 183 1.17 -37.13 -25.18
N ARG F 184 1.50 -36.17 -26.01
CA ARG F 184 1.92 -36.52 -27.37
C ARG F 184 3.38 -36.94 -27.30
N ILE F 185 3.60 -38.26 -27.27
CA ILE F 185 4.96 -38.79 -27.16
C ILE F 185 5.91 -38.32 -28.22
N GLN F 186 5.42 -38.08 -29.42
CA GLN F 186 6.30 -37.69 -30.51
C GLN F 186 6.96 -36.33 -30.24
N GLU F 187 6.42 -35.52 -29.34
CA GLU F 187 6.96 -34.21 -29.00
C GLU F 187 7.93 -34.25 -27.83
N GLY F 188 8.22 -35.44 -27.30
CA GLY F 188 9.18 -35.53 -26.23
C GLY F 188 8.83 -34.62 -25.06
N VAL F 189 9.88 -34.12 -24.40
CA VAL F 189 9.69 -33.32 -23.20
C VAL F 189 8.81 -32.10 -23.46
N SER F 191 5.88 -31.87 -24.53
CA SER F 191 4.55 -32.09 -23.96
C SER F 191 4.54 -31.82 -22.47
N ILE F 192 5.51 -32.40 -21.74
CA ILE F 192 5.58 -32.18 -20.31
C ILE F 192 5.70 -30.69 -20.02
N ALA F 193 6.61 -30.02 -20.75
CA ALA F 193 6.79 -28.60 -20.53
C ALA F 193 5.44 -27.90 -20.57
N TYR F 194 4.63 -28.24 -21.56
CA TYR F 194 3.38 -27.50 -21.70
C TYR F 194 2.38 -27.92 -20.64
N TYR F 195 2.32 -29.22 -20.30
CA TYR F 195 1.54 -29.62 -19.14
C TYR F 195 1.89 -28.71 -17.97
N THR F 196 3.19 -28.53 -17.72
CA THR F 196 3.62 -27.77 -16.57
C THR F 196 3.13 -26.32 -16.67
N GLU F 197 3.29 -25.72 -17.85
CA GLU F 197 2.84 -24.35 -18.03
C GLU F 197 1.38 -24.21 -17.60
N LEU F 198 0.54 -25.12 -18.10
CA LEU F 198 -0.88 -25.05 -17.80
C LEU F 198 -1.11 -25.21 -16.30
N GLY F 199 -0.43 -26.20 -15.71
CA GLY F 199 -0.56 -26.38 -14.27
C GLY F 199 -0.22 -25.12 -13.51
N VAL F 200 0.87 -24.45 -13.92
CA VAL F 200 1.30 -23.29 -13.16
C VAL F 200 0.22 -22.21 -13.21
N ARG F 201 -0.41 -22.05 -14.37
CA ARG F 201 -1.44 -21.04 -14.48
C ARG F 201 -2.61 -21.37 -13.57
N ASN F 202 -2.98 -22.65 -13.49
CA ASN F 202 -4.01 -23.02 -12.53
C ASN F 202 -3.63 -22.59 -11.12
N VAL F 203 -2.37 -22.83 -10.73
CA VAL F 203 -1.97 -22.49 -9.38
C VAL F 203 -2.04 -20.99 -9.19
N HIS F 204 -1.70 -20.22 -10.23
CA HIS F 204 -1.73 -18.78 -10.05
C HIS F 204 -3.13 -18.21 -10.26
N SER F 205 -4.05 -19.02 -10.79
CA SER F 205 -5.45 -18.62 -10.83
C SER F 205 -6.23 -19.09 -9.62
N SER F 206 -5.64 -19.96 -8.80
CA SER F 206 -6.37 -20.59 -7.71
C SER F 206 -6.86 -19.54 -6.73
N GLY F 207 -8.17 -19.47 -6.55
CA GLY F 207 -8.76 -18.46 -5.70
C GLY F 207 -8.81 -17.07 -6.32
N VAL F 208 -8.49 -16.96 -7.61
CA VAL F 208 -8.56 -15.69 -8.34
C VAL F 208 -9.72 -15.69 -9.32
N ILE F 209 -9.83 -16.73 -10.15
CA ILE F 209 -10.96 -16.92 -11.05
C ILE F 209 -11.51 -18.31 -10.85
N PRO F 210 -12.83 -18.53 -10.90
CA PRO F 210 -13.35 -19.90 -10.84
C PRO F 210 -12.79 -20.78 -11.98
N GLN F 211 -12.41 -21.96 -11.63
CA GLN F 211 -11.85 -22.94 -12.58
C GLN F 211 -12.64 -24.23 -12.47
N ILE F 212 -13.20 -24.68 -13.58
CA ILE F 212 -14.05 -25.86 -13.59
C ILE F 212 -13.53 -26.85 -14.61
N SER F 213 -13.44 -28.12 -14.22
CA SER F 213 -12.97 -29.19 -15.08
C SER F 213 -14.10 -30.16 -15.39
N LEU F 214 -14.40 -30.32 -16.68
CA LEU F 214 -15.31 -31.33 -17.18
C LEU F 214 -14.48 -32.47 -17.74
N ILE F 215 -14.68 -33.67 -17.22
CA ILE F 215 -13.98 -34.85 -17.72
C ILE F 215 -14.98 -35.66 -18.55
N GLY F 217 -14.23 -38.02 -21.15
CA GLY F 217 -13.53 -39.06 -21.86
C GLY F 217 -12.35 -39.52 -21.03
N PRO F 218 -11.39 -40.19 -21.66
CA PRO F 218 -10.18 -40.56 -20.93
C PRO F 218 -9.45 -39.33 -20.40
N CYS F 219 -8.89 -39.49 -19.20
CA CYS F 219 -8.11 -38.44 -18.55
C CYS F 219 -7.12 -39.14 -17.63
N ALA F 220 -5.96 -39.48 -18.18
CA ALA F 220 -4.96 -40.24 -17.46
C ALA F 220 -3.60 -39.60 -17.60
N GLY F 221 -2.68 -40.01 -16.72
CA GLY F 221 -1.32 -39.50 -16.78
C GLY F 221 -1.30 -38.00 -16.59
N GLY F 222 -0.46 -37.33 -17.40
CA GLY F 222 -0.34 -35.89 -17.28
C GLY F 222 -1.66 -35.15 -17.41
N SER F 223 -2.62 -35.73 -18.14
CA SER F 223 -3.92 -35.10 -18.32
C SER F 223 -4.62 -34.82 -17.00
N VAL F 224 -4.29 -35.54 -15.93
CA VAL F 224 -4.98 -35.31 -14.67
C VAL F 224 -4.51 -34.05 -13.95
N TYR F 225 -3.36 -33.48 -14.34
CA TYR F 225 -2.72 -32.46 -13.51
C TYR F 225 -3.57 -31.18 -13.44
N SER F 226 -4.01 -30.65 -14.58
CA SER F 226 -4.80 -29.41 -14.53
C SER F 226 -6.16 -29.62 -13.88
N PRO F 227 -6.96 -30.63 -14.24
CA PRO F 227 -8.21 -30.86 -13.48
C PRO F 227 -8.01 -30.95 -11.98
N ALA F 228 -6.94 -31.62 -11.52
CA ALA F 228 -6.68 -31.75 -10.09
C ALA F 228 -6.54 -30.39 -9.42
N LEU F 229 -6.07 -29.39 -10.15
CA LEU F 229 -5.82 -28.07 -9.58
C LEU F 229 -7.00 -27.10 -9.73
N THR F 230 -8.00 -27.44 -10.54
CA THR F 230 -9.16 -26.57 -10.63
C THR F 230 -10.01 -26.76 -9.38
N ASP F 231 -11.07 -25.98 -9.28
CA ASP F 231 -11.85 -25.97 -8.06
C ASP F 231 -12.94 -27.04 -8.04
N PHE F 232 -13.47 -27.38 -9.21
CA PHE F 232 -14.53 -28.37 -9.33
C PHE F 232 -14.25 -29.25 -10.53
N THR F 233 -14.32 -30.56 -10.31
CA THR F 233 -14.15 -31.56 -11.36
C THR F 233 -15.46 -32.33 -11.53
N VAL F 234 -15.99 -32.34 -12.74
CA VAL F 234 -17.26 -32.99 -13.04
C VAL F 234 -17.00 -34.08 -14.08
N VAL F 236 -18.73 -37.71 -16.18
CA VAL F 236 -19.95 -38.16 -16.83
C VAL F 236 -20.02 -39.67 -16.69
N LYS F 237 -21.24 -40.20 -16.48
CA LYS F 237 -21.40 -41.64 -16.32
C LYS F 237 -21.00 -42.36 -17.60
N ASP F 238 -20.22 -43.43 -17.45
CA ASP F 238 -19.88 -44.41 -18.48
C ASP F 238 -18.90 -43.97 -19.55
N ILE F 239 -18.67 -42.67 -19.74
CA ILE F 239 -17.81 -42.22 -20.83
C ILE F 239 -16.49 -41.64 -20.36
N SER F 240 -16.29 -41.45 -19.06
CA SER F 240 -15.08 -40.81 -18.53
C SER F 240 -14.39 -41.72 -17.52
N TYR F 241 -13.08 -41.54 -17.39
CA TYR F 241 -12.32 -42.17 -16.32
C TYR F 241 -11.09 -41.32 -16.03
N PHE F 243 -7.09 -41.58 -14.00
CA PHE F 243 -6.07 -42.19 -13.16
C PHE F 243 -4.71 -41.69 -13.57
N VAL F 244 -3.79 -41.68 -12.61
CA VAL F 244 -2.41 -41.30 -12.90
C VAL F 244 -1.75 -42.36 -13.77
N THR F 245 -1.91 -43.62 -13.39
CA THR F 245 -1.32 -44.75 -14.11
C THR F 245 -2.44 -45.68 -14.55
N GLY F 246 -2.33 -46.20 -15.78
CA GLY F 246 -3.43 -46.92 -16.38
C GLY F 246 -3.51 -48.35 -15.93
N PRO F 247 -4.62 -49.00 -16.25
CA PRO F 247 -4.85 -50.38 -15.75
C PRO F 247 -3.82 -51.37 -16.24
N GLU F 248 -3.23 -51.13 -17.41
CA GLU F 248 -2.21 -52.03 -17.94
C GLU F 248 -1.09 -52.25 -16.92
N VAL F 249 -0.40 -51.16 -16.57
CA VAL F 249 0.77 -51.28 -15.71
C VAL F 249 0.35 -51.55 -14.27
N VAL F 250 -0.78 -50.96 -13.86
CA VAL F 250 -1.35 -51.22 -12.53
C VAL F 250 -1.53 -52.71 -12.34
N SER F 251 -2.07 -53.40 -13.34
CA SER F 251 -2.27 -54.84 -13.21
C SER F 251 -0.96 -55.58 -13.39
N ALA F 252 -0.01 -54.98 -14.10
CA ALA F 252 1.29 -55.63 -14.28
C ALA F 252 2.08 -55.70 -12.99
N VAL F 253 1.76 -54.84 -12.01
CA VAL F 253 2.25 -55.04 -10.65
C VAL F 253 1.16 -55.51 -9.69
N GLN F 257 -4.97 -57.10 -11.47
CA GLN F 257 -5.73 -57.19 -12.72
C GLN F 257 -7.00 -56.34 -12.64
N VAL F 258 -6.94 -55.12 -13.19
CA VAL F 258 -7.99 -54.12 -13.01
C VAL F 258 -8.33 -53.46 -14.35
N THR F 259 -9.62 -53.13 -14.54
CA THR F 259 -10.16 -52.36 -15.66
C THR F 259 -10.19 -50.88 -15.33
N ALA F 260 -10.36 -50.07 -16.38
CA ALA F 260 -10.34 -48.62 -16.21
C ALA F 260 -11.44 -48.13 -15.29
N GLU F 261 -12.65 -48.69 -15.42
CA GLU F 261 -13.75 -48.18 -14.60
C GLU F 261 -13.56 -48.53 -13.12
N GLN F 262 -13.01 -49.71 -12.82
CA GLN F 262 -12.77 -50.01 -11.40
C GLN F 262 -11.55 -49.25 -10.88
N LEU F 263 -10.56 -48.97 -11.71
CA LEU F 263 -9.38 -48.25 -11.24
C LEU F 263 -9.70 -46.77 -11.00
N GLY F 264 -10.36 -46.14 -11.96
CA GLY F 264 -10.65 -44.73 -11.87
C GLY F 264 -11.91 -44.30 -12.62
N GLY F 265 -12.94 -45.13 -12.58
CA GLY F 265 -14.22 -44.77 -13.14
C GLY F 265 -14.88 -43.67 -12.33
N PRO F 266 -15.96 -43.08 -12.87
CA PRO F 266 -16.61 -41.97 -12.15
C PRO F 266 -17.09 -42.34 -10.75
N ALA F 267 -17.63 -43.55 -10.56
CA ALA F 267 -18.13 -43.92 -9.24
C ALA F 267 -17.00 -43.94 -8.21
N VAL F 268 -15.83 -44.42 -8.61
CA VAL F 268 -14.67 -44.43 -7.71
C VAL F 268 -14.36 -43.02 -7.22
N HIS F 269 -14.30 -42.06 -8.14
CA HIS F 269 -13.91 -40.71 -7.73
C HIS F 269 -15.05 -39.95 -7.08
N ALA F 270 -16.29 -40.37 -7.31
CA ALA F 270 -17.39 -39.69 -6.64
C ALA F 270 -17.58 -40.18 -5.21
N GLU F 271 -17.26 -41.44 -4.92
CA GLU F 271 -17.58 -41.96 -3.60
C GLU F 271 -16.36 -42.37 -2.76
N VAL F 272 -15.23 -42.71 -3.39
CA VAL F 272 -14.08 -43.26 -2.69
C VAL F 272 -12.96 -42.24 -2.59
N SER F 273 -12.47 -41.76 -3.72
CA SER F 273 -11.30 -40.88 -3.74
C SER F 273 -11.66 -39.41 -3.55
N GLY F 274 -12.87 -38.98 -3.93
CA GLY F 274 -13.25 -37.59 -3.78
C GLY F 274 -12.75 -36.65 -4.85
N ASN F 275 -12.18 -37.18 -5.93
CA ASN F 275 -11.68 -36.32 -7.01
C ASN F 275 -12.79 -35.66 -7.80
N ALA F 276 -14.00 -36.22 -7.79
CA ALA F 276 -15.10 -35.75 -8.60
C ALA F 276 -16.16 -35.12 -7.70
N HIS F 277 -16.47 -33.86 -7.95
CA HIS F 277 -17.46 -33.15 -7.16
C HIS F 277 -18.88 -33.45 -7.63
N TYR F 278 -19.04 -33.95 -8.84
CA TYR F 278 -20.34 -34.35 -9.36
C TYR F 278 -20.11 -35.27 -10.56
N VAL F 279 -21.03 -36.21 -10.75
CA VAL F 279 -21.03 -37.08 -11.92
C VAL F 279 -22.37 -36.91 -12.62
N GLY F 280 -22.32 -36.52 -13.89
CA GLY F 280 -23.53 -36.36 -14.66
C GLY F 280 -24.01 -37.67 -15.26
N ASP F 281 -25.34 -37.81 -15.36
CA ASP F 281 -25.91 -39.00 -16.00
C ASP F 281 -25.48 -39.09 -17.45
N ASP F 282 -25.52 -37.97 -18.18
CA ASP F 282 -24.98 -37.85 -19.52
C ASP F 282 -24.33 -36.48 -19.60
N GLU F 283 -23.79 -36.14 -20.78
CA GLU F 283 -23.04 -34.90 -20.91
C GLU F 283 -23.93 -33.69 -20.63
N GLN F 284 -25.16 -33.69 -21.14
CA GLN F 284 -26.05 -32.54 -20.96
C GLN F 284 -26.26 -32.22 -19.49
N ASP F 285 -26.39 -33.25 -18.66
CA ASP F 285 -26.61 -33.03 -17.23
C ASP F 285 -25.37 -32.49 -16.54
N ALA F 286 -24.18 -32.98 -16.93
CA ALA F 286 -22.95 -32.46 -16.36
C ALA F 286 -22.75 -30.99 -16.74
N ILE F 287 -23.01 -30.67 -18.01
CA ILE F 287 -22.86 -29.30 -18.48
C ILE F 287 -23.87 -28.39 -17.78
N SER F 288 -25.13 -28.83 -17.70
CA SER F 288 -26.15 -28.09 -16.97
C SER F 288 -25.72 -27.86 -15.53
N TRP F 289 -25.12 -28.87 -14.92
CA TRP F 289 -24.58 -28.74 -13.57
C TRP F 289 -23.58 -27.62 -13.50
N VAL F 290 -22.67 -27.54 -14.48
CA VAL F 290 -21.64 -26.51 -14.46
C VAL F 290 -22.26 -25.12 -14.63
N GLN F 291 -23.24 -24.97 -15.55
CA GLN F 291 -23.88 -23.66 -15.72
C GLN F 291 -24.61 -23.23 -14.46
N THR F 292 -25.32 -24.16 -13.82
CA THR F 292 -25.99 -23.85 -12.57
C THR F 292 -24.99 -23.40 -11.53
N LEU F 293 -23.84 -24.08 -11.46
CA LEU F 293 -22.82 -23.71 -10.50
C LEU F 293 -22.29 -22.30 -10.75
N LEU F 294 -21.98 -21.99 -12.01
CA LEU F 294 -21.48 -20.65 -12.31
C LEU F 294 -22.50 -19.58 -11.95
N GLY F 295 -23.79 -19.91 -12.01
CA GLY F 295 -24.79 -18.94 -11.62
C GLY F 295 -24.69 -18.49 -10.17
N TYR F 296 -23.99 -19.24 -9.32
CA TYR F 296 -23.76 -18.84 -7.94
C TYR F 296 -22.47 -18.06 -7.75
N LEU F 297 -21.57 -18.13 -8.71
CA LEU F 297 -20.23 -17.65 -8.39
C LEU F 297 -19.96 -16.29 -9.03
N PRO F 298 -19.10 -15.50 -8.37
CA PRO F 298 -18.59 -14.29 -9.00
C PRO F 298 -17.73 -14.63 -10.20
N PRO F 299 -17.44 -13.64 -11.06
CA PRO F 299 -16.49 -13.89 -12.16
C PRO F 299 -15.06 -14.03 -11.68
N ASN F 300 -14.74 -13.49 -10.50
CA ASN F 300 -13.38 -13.47 -9.97
C ASN F 300 -13.48 -13.11 -8.49
N ASN F 301 -12.33 -13.04 -7.82
CA ASN F 301 -12.32 -12.84 -6.38
C ASN F 301 -12.44 -11.37 -5.98
N LEU F 302 -12.67 -10.46 -6.93
CA LEU F 302 -12.88 -9.05 -6.63
C LEU F 302 -14.30 -8.58 -6.91
N ASP F 303 -14.91 -9.04 -7.99
CA ASP F 303 -16.20 -8.50 -8.38
C ASP F 303 -17.34 -9.25 -7.71
N PRO F 304 -18.50 -8.62 -7.51
CA PRO F 304 -19.53 -9.23 -6.67
C PRO F 304 -20.21 -10.41 -7.33
N ALA F 305 -20.70 -11.31 -6.49
CA ALA F 305 -21.51 -12.45 -6.92
C ALA F 305 -22.86 -11.96 -7.45
N PRO F 306 -23.51 -12.75 -8.31
CA PRO F 306 -24.80 -12.32 -8.85
C PRO F 306 -25.86 -12.32 -7.77
N VAL F 307 -26.80 -11.38 -7.89
CA VAL F 307 -27.93 -11.27 -6.97
C VAL F 307 -29.21 -11.38 -7.78
N TYR F 308 -30.11 -12.24 -7.33
CA TYR F 308 -31.34 -12.49 -8.07
C TYR F 308 -32.53 -11.98 -7.26
N ASP F 309 -33.63 -11.66 -7.95
CA ASP F 309 -34.85 -11.32 -7.24
C ASP F 309 -35.51 -12.56 -6.65
N HIS F 310 -36.25 -12.35 -5.56
CA HIS F 310 -36.81 -13.43 -4.77
C HIS F 310 -38.24 -13.08 -4.35
N ASP F 311 -38.90 -14.08 -3.77
CA ASP F 311 -40.27 -13.99 -3.28
C ASP F 311 -40.35 -14.63 -1.90
N CYS F 312 -39.38 -14.31 -1.04
CA CYS F 312 -39.36 -14.85 0.31
C CYS F 312 -40.51 -14.28 1.12
N ALA F 313 -41.15 -15.14 1.89
CA ALA F 313 -42.22 -14.69 2.76
C ALA F 313 -41.66 -13.80 3.85
N PRO F 314 -42.22 -12.61 4.07
CA PRO F 314 -41.64 -11.69 5.06
C PRO F 314 -41.80 -12.17 6.49
N GLY F 315 -42.87 -12.90 6.79
CA GLY F 315 -43.12 -13.41 8.13
C GLY F 315 -42.96 -14.92 8.25
N ILE F 316 -43.24 -15.39 9.46
CA ILE F 316 -43.17 -16.82 9.77
C ILE F 316 -44.15 -17.56 8.85
N THR F 317 -43.68 -18.64 8.23
CA THR F 317 -44.49 -19.51 7.39
C THR F 317 -44.70 -20.87 8.06
N GLU F 318 -45.67 -21.64 7.56
CA GLU F 318 -45.82 -23.03 7.98
C GLU F 318 -44.56 -23.84 7.70
N ALA F 319 -43.92 -23.58 6.55
CA ALA F 319 -42.63 -24.23 6.28
C ALA F 319 -41.64 -23.94 7.40
N ASP F 320 -41.68 -22.71 7.94
CA ASP F 320 -40.85 -22.38 9.09
C ASP F 320 -41.25 -23.20 10.30
N LEU F 321 -42.56 -23.30 10.56
CA LEU F 321 -43.06 -24.01 11.73
C LEU F 321 -42.80 -25.50 11.67
N ALA F 322 -42.61 -26.08 10.49
CA ALA F 322 -42.35 -27.51 10.39
C ALA F 322 -41.07 -27.91 11.10
N LEU F 323 -40.13 -26.99 11.25
CA LEU F 323 -38.87 -27.29 11.93
C LEU F 323 -39.04 -27.45 13.44
N ASP F 324 -40.14 -26.94 13.99
CA ASP F 324 -40.38 -27.11 15.42
C ASP F 324 -40.55 -28.57 15.79
N THR F 325 -40.90 -29.41 14.81
CA THR F 325 -41.10 -30.83 15.03
C THR F 325 -40.04 -31.69 14.37
N VAL F 326 -39.03 -31.10 13.74
CA VAL F 326 -38.12 -31.87 12.90
C VAL F 326 -37.13 -32.70 13.70
N ILE F 327 -36.78 -32.29 14.92
CA ILE F 327 -35.82 -33.01 15.74
C ILE F 327 -36.58 -34.06 16.55
N PRO F 328 -36.28 -35.34 16.40
CA PRO F 328 -37.04 -36.37 17.12
C PRO F 328 -36.87 -36.24 18.64
N ASP F 329 -37.87 -36.74 19.37
CA ASP F 329 -37.87 -36.63 20.82
C ASP F 329 -36.74 -37.44 21.45
N SER F 330 -36.58 -38.71 21.07
CA SER F 330 -35.54 -39.55 21.63
C SER F 330 -34.27 -39.45 20.80
N GLU F 331 -33.12 -39.41 21.48
CA GLU F 331 -31.84 -39.05 20.90
C GLU F 331 -31.14 -40.15 20.11
N GLN F 332 -31.70 -41.35 20.01
CA GLN F 332 -31.14 -42.31 19.06
C GLN F 332 -31.84 -42.26 17.71
N GLN F 333 -32.90 -41.46 17.59
CA GLN F 333 -33.62 -41.32 16.34
C GLN F 333 -33.01 -40.15 15.57
N VAL F 334 -32.69 -40.37 14.30
CA VAL F 334 -32.04 -39.35 13.50
C VAL F 334 -33.05 -38.75 12.53
N TYR F 335 -32.66 -37.63 11.93
CA TYR F 335 -33.48 -36.87 11.00
C TYR F 335 -32.66 -36.55 9.76
N ASP F 336 -33.32 -35.94 8.79
CA ASP F 336 -32.68 -35.55 7.55
C ASP F 336 -32.37 -34.06 7.64
N ALA F 338 -31.18 -32.22 5.52
CA ALA F 338 -31.61 -31.57 4.28
C ALA F 338 -32.96 -30.89 4.45
N ASP F 339 -33.85 -31.43 5.28
CA ASP F 339 -35.14 -30.76 5.46
C ASP F 339 -34.98 -29.40 6.14
N VAL F 340 -34.01 -29.29 7.05
CA VAL F 340 -33.73 -28.00 7.68
C VAL F 340 -33.19 -27.03 6.64
N ILE F 341 -32.18 -27.50 5.88
CA ILE F 341 -31.53 -26.61 4.91
C ILE F 341 -32.57 -26.09 3.92
N THR F 342 -33.41 -26.99 3.38
CA THR F 342 -34.41 -26.57 2.42
C THR F 342 -35.43 -25.64 3.04
N ALA F 343 -35.69 -25.79 4.35
CA ALA F 343 -36.58 -24.83 4.98
C ALA F 343 -35.96 -23.43 5.00
N VAL F 344 -34.63 -23.34 5.07
CA VAL F 344 -34.03 -22.02 5.19
C VAL F 344 -33.78 -21.36 3.83
N LEU F 345 -33.37 -22.13 2.81
CA LEU F 345 -32.94 -21.51 1.57
C LEU F 345 -34.09 -21.17 0.62
N ASP F 346 -33.84 -20.17 -0.22
CA ASP F 346 -34.79 -19.78 -1.26
C ASP F 346 -35.23 -20.99 -2.09
N ASP F 347 -36.52 -21.05 -2.36
CA ASP F 347 -37.16 -22.09 -3.17
C ASP F 347 -36.89 -23.49 -2.63
N GLY F 348 -36.42 -23.60 -1.39
CA GLY F 348 -36.08 -24.88 -0.80
C GLY F 348 -35.06 -25.65 -1.62
N ASP F 349 -34.18 -24.95 -2.33
CA ASP F 349 -33.31 -25.55 -3.32
C ASP F 349 -31.86 -25.27 -3.01
N TYR F 350 -31.01 -26.23 -3.37
CA TYR F 350 -29.57 -26.02 -3.29
C TYR F 350 -28.89 -26.95 -4.27
N LEU F 351 -27.70 -26.53 -4.69
CA LEU F 351 -26.78 -27.29 -5.52
C LEU F 351 -25.77 -28.00 -4.63
N GLU F 352 -25.79 -29.33 -4.62
CA GLU F 352 -24.94 -30.10 -3.72
C GLU F 352 -23.59 -30.43 -4.36
N ILE F 353 -22.51 -30.17 -3.62
CA ILE F 353 -21.14 -30.53 -3.99
C ILE F 353 -20.80 -31.86 -3.33
N HIS F 354 -20.11 -32.74 -4.07
CA HIS F 354 -19.71 -34.05 -3.58
C HIS F 354 -20.91 -34.85 -3.03
N PRO F 355 -21.98 -34.97 -3.80
CA PRO F 355 -23.19 -35.60 -3.23
C PRO F 355 -22.96 -37.02 -2.73
N ASP F 356 -22.10 -37.79 -3.39
CA ASP F 356 -21.88 -39.19 -3.06
C ASP F 356 -20.60 -39.42 -2.25
N PHE F 357 -19.88 -38.35 -1.89
CA PHE F 357 -18.64 -38.46 -1.14
C PHE F 357 -18.88 -37.95 0.27
N ALA F 358 -18.52 -38.76 1.27
CA ALA F 358 -18.59 -38.40 2.68
C ALA F 358 -19.97 -37.85 3.02
N ARG F 359 -20.98 -38.69 2.82
CA ARG F 359 -22.35 -38.19 2.95
C ARG F 359 -22.76 -37.96 4.39
N ASN F 360 -21.85 -38.11 5.35
CA ASN F 360 -22.11 -37.64 6.70
C ASN F 360 -22.01 -36.13 6.83
N ILE F 361 -21.61 -35.43 5.76
CA ILE F 361 -21.59 -33.98 5.72
C ILE F 361 -22.16 -33.52 4.38
N ILE F 362 -22.86 -32.39 4.42
CA ILE F 362 -23.45 -31.77 3.24
C ILE F 362 -22.72 -30.47 2.97
N CYS F 363 -22.27 -30.28 1.75
CA CYS F 363 -21.76 -29.01 1.26
C CYS F 363 -22.57 -28.61 0.05
N ALA F 364 -23.08 -27.37 0.04
CA ALA F 364 -23.97 -26.99 -1.04
C ALA F 364 -23.96 -25.48 -1.20
N LEU F 365 -24.37 -25.02 -2.38
CA LEU F 365 -24.61 -23.60 -2.63
C LEU F 365 -26.09 -23.39 -2.85
N GLY F 366 -26.64 -22.39 -2.18
CA GLY F 366 -28.03 -22.03 -2.34
C GLY F 366 -28.13 -20.51 -2.29
N ARG F 367 -29.33 -19.99 -2.11
CA ARG F 367 -29.50 -18.55 -1.97
C ARG F 367 -30.42 -18.21 -0.82
N VAL F 368 -30.15 -17.05 -0.22
CA VAL F 368 -31.06 -16.44 0.75
C VAL F 368 -31.31 -15.01 0.27
N GLU F 369 -32.59 -14.68 0.05
CA GLU F 369 -33.00 -13.37 -0.47
C GLU F 369 -32.23 -13.01 -1.72
N GLY F 370 -32.00 -14.01 -2.58
CA GLY F 370 -31.35 -13.79 -3.85
C GLY F 370 -29.84 -13.73 -3.81
N HIS F 371 -29.22 -13.85 -2.63
CA HIS F 371 -27.77 -13.80 -2.52
C HIS F 371 -27.20 -15.19 -2.32
N SER F 372 -26.01 -15.43 -2.90
CA SER F 372 -25.35 -16.73 -2.77
C SER F 372 -24.97 -17.01 -1.33
N VAL F 373 -25.25 -18.23 -0.91
CA VAL F 373 -24.92 -18.75 0.40
C VAL F 373 -24.30 -20.13 0.26
N ALA F 374 -23.21 -20.37 0.99
CA ALA F 374 -22.62 -21.69 1.10
C ALA F 374 -23.09 -22.34 2.38
N VAL F 375 -23.47 -23.61 2.28
CA VAL F 375 -24.02 -24.37 3.39
C VAL F 375 -23.12 -25.56 3.69
N VAL F 376 -22.71 -25.66 4.95
CA VAL F 376 -21.97 -26.81 5.46
C VAL F 376 -22.80 -27.35 6.63
N ALA F 377 -23.18 -28.62 6.56
CA ALA F 377 -24.12 -29.13 7.55
C ALA F 377 -23.84 -30.60 7.84
N ASN F 378 -23.74 -30.94 9.12
CA ASN F 378 -23.69 -32.34 9.51
C ASN F 378 -24.97 -33.04 9.09
N GLN F 379 -24.84 -34.27 8.60
CA GLN F 379 -25.99 -35.06 8.15
C GLN F 379 -26.11 -36.32 9.02
N PRO F 380 -27.02 -36.33 10.00
CA PRO F 380 -27.12 -37.50 10.88
C PRO F 380 -27.62 -38.76 10.19
N ARG F 381 -28.10 -38.68 8.94
CA ARG F 381 -28.56 -39.89 8.29
C ARG F 381 -27.42 -40.79 7.86
N HIS F 382 -26.19 -40.29 7.88
CA HIS F 382 -25.00 -41.08 7.55
C HIS F 382 -24.00 -40.95 8.69
N LEU F 383 -23.62 -42.08 9.27
CA LEU F 383 -22.69 -42.16 10.40
C LEU F 383 -23.07 -41.20 11.54
N ALA F 384 -24.38 -41.06 11.77
CA ALA F 384 -24.89 -40.20 12.84
C ALA F 384 -24.34 -38.79 12.78
N GLY F 385 -23.81 -38.37 11.63
CA GLY F 385 -23.26 -37.04 11.50
C GLY F 385 -21.90 -36.81 12.12
N VAL F 386 -21.14 -37.87 12.42
CA VAL F 386 -19.79 -37.69 12.94
C VAL F 386 -18.92 -37.05 11.88
N LEU F 387 -17.88 -36.37 12.32
CA LEU F 387 -16.84 -35.94 11.41
C LEU F 387 -15.84 -37.07 11.22
N ASP F 388 -15.22 -37.09 10.04
CA ASP F 388 -14.19 -38.05 9.73
C ASP F 388 -13.26 -37.39 8.73
N ILE F 389 -12.30 -38.18 8.23
CA ILE F 389 -11.29 -37.64 7.32
C ILE F 389 -11.97 -37.09 6.06
N ASP F 390 -12.79 -37.93 5.41
CA ASP F 390 -13.40 -37.56 4.15
C ASP F 390 -14.27 -36.30 4.29
N ALA F 391 -15.12 -36.28 5.32
CA ALA F 391 -15.99 -35.12 5.53
C ALA F 391 -15.17 -33.86 5.82
N SER F 392 -14.10 -34.00 6.60
CA SER F 392 -13.28 -32.84 6.93
C SER F 392 -12.61 -32.26 5.70
N GLU F 393 -12.07 -33.09 4.83
CA GLU F 393 -11.36 -32.56 3.67
C GLU F 393 -12.32 -31.97 2.65
N LYS F 394 -13.45 -32.65 2.45
CA LYS F 394 -14.52 -32.12 1.62
C LYS F 394 -14.98 -30.73 2.06
N ALA F 395 -15.45 -30.63 3.31
CA ALA F 395 -15.97 -29.34 3.78
C ALA F 395 -14.87 -28.30 3.84
N ALA F 396 -13.66 -28.69 4.25
CA ALA F 396 -12.56 -27.75 4.36
C ALA F 396 -12.28 -27.08 3.02
N ARG F 397 -12.14 -27.88 1.95
CA ARG F 397 -11.83 -27.23 0.69
C ARG F 397 -13.01 -26.42 0.18
N PHE F 398 -14.24 -26.89 0.41
CA PHE F 398 -15.38 -26.09 -0.01
C PHE F 398 -15.37 -24.73 0.67
N ILE F 399 -15.10 -24.70 1.98
CA ILE F 399 -15.10 -23.45 2.73
C ILE F 399 -13.99 -22.52 2.24
N ARG F 400 -12.77 -23.05 2.04
CA ARG F 400 -11.70 -22.18 1.57
C ARG F 400 -12.04 -21.61 0.21
N PHE F 401 -12.67 -22.40 -0.66
CA PHE F 401 -13.06 -21.89 -1.97
C PHE F 401 -14.05 -20.75 -1.82
N CYS F 402 -15.08 -20.96 -0.99
CA CYS F 402 -16.10 -19.92 -0.82
C CYS F 402 -15.50 -18.66 -0.21
N ASP F 403 -14.55 -18.82 0.70
CA ASP F 403 -13.90 -17.66 1.30
C ASP F 403 -13.09 -16.88 0.26
N SER F 404 -12.38 -17.60 -0.62
CA SER F 404 -11.65 -16.91 -1.69
C SER F 404 -12.57 -16.07 -2.57
N PHE F 405 -13.81 -16.52 -2.79
CA PHE F 405 -14.72 -15.83 -3.70
C PHE F 405 -15.88 -15.16 -2.94
N ASN F 406 -15.65 -14.83 -1.67
CA ASN F 406 -16.49 -13.90 -0.91
C ASN F 406 -17.93 -14.38 -0.78
N ILE F 407 -18.10 -15.68 -0.65
CA ILE F 407 -19.41 -16.29 -0.47
C ILE F 407 -19.57 -16.63 1.01
N PRO F 408 -20.58 -16.10 1.70
CA PRO F 408 -20.72 -16.36 3.13
C PRO F 408 -21.03 -17.83 3.40
N VAL F 409 -20.70 -18.26 4.61
CA VAL F 409 -20.79 -19.67 5.00
C VAL F 409 -21.86 -19.81 6.06
N LEU F 410 -22.85 -20.64 5.75
CA LEU F 410 -23.98 -20.95 6.62
C LEU F 410 -23.81 -22.38 7.12
N THR F 411 -23.62 -22.53 8.43
CA THR F 411 -23.34 -23.82 9.04
C THR F 411 -24.59 -24.32 9.76
N PHE F 412 -24.93 -25.59 9.57
CA PHE F 412 -25.95 -26.27 10.35
C PHE F 412 -25.27 -27.38 11.14
N ASP F 414 -24.85 -30.41 14.02
CA ASP F 414 -25.37 -31.55 14.75
C ASP F 414 -24.24 -32.61 14.69
N VAL F 415 -23.25 -32.42 15.55
CA VAL F 415 -22.03 -33.23 15.49
C VAL F 415 -21.80 -33.91 16.83
N PRO F 416 -21.83 -35.25 16.91
CA PRO F 416 -21.57 -35.91 18.19
C PRO F 416 -20.09 -36.11 18.50
N GLY F 417 -19.22 -35.97 17.52
CA GLY F 417 -17.80 -36.18 17.70
C GLY F 417 -17.18 -36.67 16.40
N TYR F 418 -16.08 -37.39 16.55
CA TYR F 418 -15.34 -37.94 15.42
C TYR F 418 -15.53 -39.44 15.33
N LEU F 419 -15.37 -39.95 14.13
CA LEU F 419 -15.46 -41.38 13.94
C LEU F 419 -14.24 -42.04 14.56
N PRO F 420 -14.41 -42.95 15.50
CA PRO F 420 -13.25 -43.53 16.20
C PRO F 420 -12.63 -44.65 15.36
N GLY F 421 -11.44 -45.07 15.77
CA GLY F 421 -10.80 -46.18 15.08
C GLY F 421 -9.35 -46.10 14.68
N VAL F 422 -8.71 -47.27 14.59
CA VAL F 422 -7.36 -47.38 14.04
C VAL F 422 -7.35 -46.85 12.61
N GLY F 423 -8.39 -47.14 11.84
CA GLY F 423 -8.46 -46.62 10.49
C GLY F 423 -8.30 -45.11 10.41
N GLN F 424 -9.05 -44.39 11.24
CA GLN F 424 -9.02 -42.93 11.18
C GLN F 424 -7.74 -42.35 11.76
N GLU F 425 -7.26 -42.92 12.88
CA GLU F 425 -6.07 -42.36 13.51
C GLU F 425 -4.83 -42.65 12.68
N HIS F 426 -4.71 -43.89 12.20
CA HIS F 426 -3.55 -44.29 11.43
C HIS F 426 -3.53 -43.61 10.06
N GLN F 427 -4.68 -43.27 9.49
CA GLN F 427 -4.59 -42.50 8.27
C GLN F 427 -4.56 -41.01 8.48
N GLY F 428 -4.50 -40.56 9.72
CA GLY F 428 -4.15 -39.17 9.93
C GLY F 428 -5.30 -38.23 10.18
N ILE F 429 -6.31 -38.67 10.93
CA ILE F 429 -7.43 -37.79 11.25
C ILE F 429 -6.93 -36.52 11.93
N ILE F 430 -5.80 -36.58 12.63
CA ILE F 430 -5.28 -35.39 13.28
C ILE F 430 -4.96 -34.31 12.24
N ARG F 431 -4.00 -34.60 11.35
CA ARG F 431 -3.53 -33.60 10.40
C ARG F 431 -4.49 -33.35 9.25
N ARG F 432 -5.49 -34.19 9.04
CA ARG F 432 -6.44 -33.99 7.95
C ARG F 432 -7.78 -33.49 8.41
N GLY F 433 -8.28 -33.98 9.54
CA GLY F 433 -9.41 -33.37 10.17
C GLY F 433 -9.15 -31.94 10.58
N ILE F 434 -7.91 -31.63 10.99
CA ILE F 434 -7.63 -30.26 11.39
C ILE F 434 -7.74 -29.27 10.23
N LYS F 435 -7.75 -29.76 8.98
CA LYS F 435 -7.89 -28.86 7.84
C LYS F 435 -9.19 -28.07 7.90
N LEU F 436 -10.25 -28.68 8.44
CA LEU F 436 -11.53 -27.99 8.53
C LEU F 436 -11.50 -26.90 9.58
N PHE F 437 -10.82 -27.16 10.70
CA PHE F 437 -10.58 -26.11 11.67
C PHE F 437 -9.86 -24.95 11.02
N TYR F 438 -8.79 -25.26 10.28
CA TYR F 438 -8.05 -24.22 9.57
C TYR F 438 -8.94 -23.44 8.63
N ALA F 439 -9.78 -24.14 7.85
CA ALA F 439 -10.63 -23.46 6.88
C ALA F 439 -11.54 -22.46 7.57
N TYR F 440 -12.21 -22.89 8.64
CA TYR F 440 -13.10 -21.98 9.36
C TYR F 440 -12.33 -20.79 9.93
N ALA F 441 -11.20 -21.06 10.60
CA ALA F 441 -10.47 -19.99 11.29
C ALA F 441 -9.84 -19.01 10.30
N GLU F 442 -9.37 -19.52 9.16
CA GLU F 442 -8.75 -18.69 8.13
C GLU F 442 -9.77 -17.78 7.46
N SER F 443 -10.99 -18.27 7.26
CA SER F 443 -11.96 -17.58 6.45
C SER F 443 -12.34 -16.25 7.09
N THR F 444 -12.61 -15.27 6.23
CA THR F 444 -13.07 -13.97 6.68
C THR F 444 -14.46 -13.61 6.18
N VAL F 445 -15.08 -14.43 5.34
CA VAL F 445 -16.44 -14.18 4.86
C VAL F 445 -17.39 -14.25 6.05
N PRO F 446 -18.58 -13.64 5.98
CA PRO F 446 -19.56 -13.79 7.06
C PRO F 446 -19.83 -15.27 7.32
N LYS F 447 -19.92 -15.63 8.58
CA LYS F 447 -20.18 -17.01 8.98
C LYS F 447 -21.34 -17.01 9.96
N ILE F 448 -22.42 -17.68 9.60
CA ILE F 448 -23.60 -17.80 10.46
C ILE F 448 -23.78 -19.26 10.78
N THR F 449 -24.03 -19.59 12.05
CA THR F 449 -24.12 -20.96 12.50
C THR F 449 -25.39 -21.23 13.28
N VAL F 450 -26.10 -22.29 12.90
CA VAL F 450 -27.33 -22.73 13.51
C VAL F 450 -27.06 -24.10 14.12
N ILE F 451 -27.12 -24.20 15.44
CA ILE F 451 -26.89 -25.44 16.15
C ILE F 451 -28.23 -26.12 16.39
N THR F 452 -28.49 -27.19 15.67
CA THR F 452 -29.79 -27.86 15.81
C THR F 452 -29.80 -28.87 16.96
N ARG F 453 -28.70 -29.58 17.19
CA ARG F 453 -28.70 -30.59 18.25
C ARG F 453 -27.33 -30.81 18.87
N LYS F 454 -26.70 -31.95 18.56
CA LYS F 454 -25.46 -32.33 19.23
C LYS F 454 -24.36 -31.31 18.98
N ALA F 455 -23.67 -30.93 20.06
CA ALA F 455 -22.63 -29.93 20.06
C ALA F 455 -21.54 -30.38 21.01
N TYR F 456 -20.79 -31.40 20.62
CA TYR F 456 -19.85 -32.03 21.55
C TYR F 456 -18.42 -31.69 21.19
N GLY F 457 -17.67 -31.24 22.21
CA GLY F 457 -16.24 -31.01 22.16
C GLY F 457 -15.64 -30.37 20.93
N GLY F 458 -14.58 -30.99 20.43
CA GLY F 458 -13.88 -30.45 19.28
C GLY F 458 -14.77 -30.38 18.05
N GLY F 459 -15.72 -31.31 17.93
CA GLY F 459 -16.68 -31.24 16.85
C GLY F 459 -17.46 -29.93 16.85
N TYR F 460 -17.96 -29.53 18.00
CA TYR F 460 -18.63 -28.23 18.09
C TYR F 460 -17.66 -27.08 17.87
N ALA F 461 -16.44 -27.17 18.43
CA ALA F 461 -15.44 -26.13 18.19
C ALA F 461 -15.26 -25.88 16.69
N VAL F 462 -15.18 -26.97 15.92
CA VAL F 462 -14.79 -26.87 14.51
C VAL F 462 -15.92 -26.27 13.65
N GLY F 464 -17.78 -23.94 12.79
CA GLY F 464 -18.26 -22.58 12.86
C GLY F 464 -18.76 -22.15 14.22
N SER F 465 -18.12 -22.62 15.29
CA SER F 465 -18.41 -22.03 16.58
C SER F 465 -17.98 -20.57 16.56
N ARG F 466 -18.37 -19.84 17.58
CA ARG F 466 -18.09 -18.41 17.57
C ARG F 466 -16.62 -18.12 17.82
N GLN F 467 -15.97 -18.91 18.69
CA GLN F 467 -14.54 -18.71 18.97
C GLN F 467 -13.67 -19.01 17.76
N ILE F 468 -14.16 -19.81 16.81
CA ILE F 468 -13.39 -20.08 15.60
C ILE F 468 -13.63 -19.01 14.55
N GLY F 469 -14.54 -18.07 14.82
CA GLY F 469 -14.65 -16.88 13.98
C GLY F 469 -16.04 -16.59 13.46
N ALA F 470 -17.03 -17.39 13.82
CA ALA F 470 -18.38 -17.14 13.34
C ALA F 470 -18.88 -15.79 13.86
N ASP F 471 -19.66 -15.10 13.03
CA ASP F 471 -20.18 -13.79 13.41
C ASP F 471 -21.50 -13.88 14.14
N ARG F 472 -22.29 -14.91 13.88
CA ARG F 472 -23.57 -15.07 14.55
C ARG F 472 -23.82 -16.55 14.73
N VAL F 473 -24.10 -16.96 15.96
CA VAL F 473 -24.33 -18.36 16.29
C VAL F 473 -25.65 -18.43 17.06
N ALA F 475 -28.82 -21.09 18.49
CA ALA F 475 -28.99 -22.46 18.92
C ALA F 475 -30.46 -22.78 19.12
N TRP F 476 -30.86 -23.97 18.70
CA TRP F 476 -32.19 -24.46 18.99
C TRP F 476 -32.25 -24.95 20.43
N PRO F 477 -33.45 -25.09 21.01
CA PRO F 477 -33.53 -25.65 22.37
C PRO F 477 -33.13 -27.10 22.45
N THR F 478 -32.99 -27.78 21.31
CA THR F 478 -32.45 -29.13 21.25
C THR F 478 -30.93 -29.17 21.19
N ALA F 479 -30.29 -28.01 21.07
CA ALA F 479 -28.83 -27.97 21.01
C ALA F 479 -28.24 -28.42 22.35
N GLU F 480 -27.35 -29.40 22.31
CA GLU F 480 -26.66 -29.87 23.51
C GLU F 480 -25.20 -29.47 23.34
N ILE F 481 -24.83 -28.34 23.92
CA ILE F 481 -23.50 -27.77 23.76
C ILE F 481 -22.73 -28.12 25.01
N ALA F 482 -21.80 -29.08 24.89
CA ALA F 482 -21.12 -29.60 26.05
C ALA F 482 -19.74 -30.07 25.66
N VAL F 483 -18.86 -30.13 26.66
CA VAL F 483 -17.48 -30.55 26.45
C VAL F 483 -17.41 -32.00 25.98
N GLY F 485 -20.24 -35.87 25.62
CA GLY F 485 -21.55 -36.44 25.85
C GLY F 485 -21.70 -37.02 27.23
N ALA F 486 -22.87 -37.62 27.46
CA ALA F 486 -23.21 -38.09 28.80
C ALA F 486 -22.38 -39.30 29.18
N ASN F 487 -22.31 -40.28 28.30
CA ASN F 487 -21.56 -41.50 28.54
C ASN F 487 -20.08 -41.27 28.86
N SER F 488 -19.44 -40.27 28.25
CA SER F 488 -17.99 -40.17 28.30
C SER F 488 -17.47 -39.42 29.53
N ALA F 489 -18.34 -38.73 30.26
CA ALA F 489 -17.92 -37.79 31.30
C ALA F 489 -17.95 -38.41 32.69
N VAL F 490 -17.93 -39.73 32.80
CA VAL F 490 -18.11 -40.39 34.08
C VAL F 490 -16.97 -41.34 34.41
N ARG F 518 -26.92 -36.75 30.29
CA ARG F 518 -27.05 -35.74 31.32
C ARG F 518 -28.28 -34.84 31.04
N ARG F 519 -29.18 -34.68 32.03
CA ARG F 519 -30.38 -33.86 31.82
C ARG F 519 -30.08 -32.38 31.97
N ARG F 520 -29.19 -32.04 32.91
CA ARG F 520 -28.80 -30.67 33.24
C ARG F 520 -27.88 -30.06 32.21
N PHE F 521 -27.14 -30.85 31.46
CA PHE F 521 -26.21 -30.35 30.46
C PHE F 521 -26.64 -30.61 29.03
N GLY F 522 -27.75 -31.32 28.82
CA GLY F 522 -28.22 -31.58 27.48
C GLY F 522 -29.04 -30.43 26.91
N ASN F 523 -28.44 -29.24 26.88
CA ASN F 523 -29.16 -28.03 26.51
C ASN F 523 -28.13 -26.95 26.21
N PRO F 524 -28.54 -25.87 25.55
CA PRO F 524 -27.58 -24.83 25.14
C PRO F 524 -27.29 -23.73 26.16
N TYR F 525 -27.78 -23.81 27.40
CA TYR F 525 -27.83 -22.61 28.24
C TYR F 525 -26.56 -22.28 29.00
N GLU F 526 -25.65 -23.21 29.23
CA GLU F 526 -24.38 -22.76 29.79
C GLU F 526 -23.57 -22.06 28.70
N ALA F 527 -23.62 -22.57 27.47
CA ALA F 527 -23.01 -21.84 26.35
C ALA F 527 -23.63 -20.45 26.21
N ALA F 528 -24.95 -20.36 26.33
CA ALA F 528 -25.63 -19.07 26.22
C ALA F 528 -25.28 -18.16 27.40
N ALA F 529 -25.18 -18.73 28.59
CA ALA F 529 -24.84 -17.94 29.77
C ALA F 529 -23.46 -17.32 29.63
N HIS F 530 -22.55 -18.04 29.01
CA HIS F 530 -21.21 -17.52 28.73
C HIS F 530 -21.17 -16.64 27.49
N GLY F 531 -22.28 -16.50 26.78
CA GLY F 531 -22.23 -15.76 25.54
C GLY F 531 -21.51 -16.46 24.42
N TYR F 532 -21.23 -17.76 24.54
CA TYR F 532 -20.60 -18.47 23.44
C TYR F 532 -21.55 -18.66 22.27
N VAL F 533 -22.85 -18.63 22.52
CA VAL F 533 -23.85 -18.52 21.47
C VAL F 533 -24.56 -17.18 21.70
N ASP F 534 -25.05 -16.58 20.62
CA ASP F 534 -25.64 -15.25 20.71
C ASP F 534 -27.14 -15.27 20.94
N VAL F 536 -30.78 -18.11 21.61
CA VAL F 536 -31.43 -19.41 21.69
C VAL F 536 -32.83 -19.22 21.12
N ILE F 537 -33.10 -19.88 19.98
CA ILE F 537 -34.32 -19.64 19.24
C ILE F 537 -35.07 -20.96 19.09
N SER F 538 -36.37 -20.81 18.93
CA SER F 538 -37.27 -21.85 18.47
C SER F 538 -37.00 -22.06 17.00
N PRO F 539 -36.93 -23.29 16.58
CA PRO F 539 -36.48 -23.57 15.24
C PRO F 539 -37.21 -22.80 14.15
N SER F 540 -38.49 -22.49 14.34
CA SER F 540 -39.24 -21.78 13.29
C SER F 540 -38.67 -20.42 12.96
N ARG F 541 -37.86 -19.85 13.85
CA ARG F 541 -37.23 -18.56 13.67
C ARG F 541 -36.00 -18.63 12.76
N THR F 542 -35.50 -19.82 12.47
CA THR F 542 -34.17 -19.97 11.88
C THR F 542 -34.02 -19.16 10.60
N ARG F 543 -34.82 -19.49 9.58
CA ARG F 543 -34.70 -18.81 8.30
C ARG F 543 -34.69 -17.32 8.52
N TYR F 544 -35.64 -16.86 9.33
CA TYR F 544 -35.83 -15.42 9.50
C TYR F 544 -34.59 -14.78 10.09
N GLU F 545 -34.02 -15.40 11.12
CA GLU F 545 -32.83 -14.79 11.71
C GLU F 545 -31.64 -14.96 10.76
N VAL F 546 -31.56 -16.10 10.08
CA VAL F 546 -30.43 -16.31 9.16
C VAL F 546 -30.39 -15.19 8.14
N ALA F 547 -31.53 -14.94 7.50
CA ALA F 547 -31.59 -13.90 6.48
C ALA F 547 -31.16 -12.56 7.08
N ARG F 548 -31.70 -12.23 8.25
CA ARG F 548 -31.34 -10.95 8.82
C ARG F 548 -29.86 -10.90 9.10
N ALA F 549 -29.32 -11.95 9.73
CA ALA F 549 -27.91 -11.97 10.02
C ALA F 549 -27.13 -11.76 8.73
N LEU F 550 -27.50 -12.49 7.67
CA LEU F 550 -26.81 -12.35 6.39
C LEU F 550 -26.83 -10.91 5.92
N ALA F 551 -28.02 -10.30 5.90
CA ALA F 551 -28.12 -8.94 5.40
C ALA F 551 -27.32 -7.97 6.26
N SER F 552 -27.20 -8.28 7.55
CA SER F 552 -26.49 -7.40 8.45
C SER F 552 -24.97 -7.46 8.27
N LEU F 553 -24.47 -8.48 7.58
CA LEU F 553 -23.04 -8.76 7.55
C LEU F 553 -22.36 -8.51 6.21
N ARG F 554 -23.07 -7.97 5.23
CA ARG F 554 -22.49 -7.85 3.89
C ARG F 554 -21.34 -6.87 3.81
N ASN F 555 -21.31 -5.91 4.71
CA ASN F 555 -20.24 -4.94 4.71
C ASN F 555 -19.12 -5.33 5.64
N LYS F 556 -19.07 -6.60 6.04
CA LYS F 556 -18.02 -7.06 6.93
C LYS F 556 -16.65 -6.95 6.30
N ARG F 557 -15.70 -6.45 7.07
CA ARG F 557 -14.30 -6.48 6.71
C ARG F 557 -13.47 -7.05 7.84
N GLN F 558 -12.49 -7.85 7.46
CA GLN F 558 -11.66 -8.50 8.44
C GLN F 558 -10.22 -8.53 7.95
N ALA F 559 -9.30 -8.16 8.84
CA ALA F 559 -7.89 -8.13 8.53
C ALA F 559 -7.35 -9.55 8.48
N ARG F 560 -6.24 -9.71 7.75
CA ARG F 560 -5.66 -11.02 7.56
C ARG F 560 -4.20 -10.98 7.94
N PRO F 561 -3.64 -12.10 8.40
CA PRO F 561 -2.20 -12.13 8.73
C PRO F 561 -1.35 -11.67 7.55
N ALA F 562 -0.26 -10.98 7.85
CA ALA F 562 0.69 -10.56 6.84
C ALA F 562 1.65 -11.70 6.55
N ARG F 563 1.53 -12.30 5.37
CA ARG F 563 2.32 -13.46 5.00
C ARG F 563 2.14 -13.71 3.51
N LYS F 564 3.12 -14.41 2.91
CA LYS F 564 2.93 -14.88 1.55
C LYS F 564 1.74 -15.82 1.49
N HIS F 565 1.62 -16.68 2.49
CA HIS F 565 0.56 -17.68 2.62
C HIS F 565 0.80 -18.39 3.94
N GLY F 566 -0.18 -19.17 4.37
CA GLY F 566 -0.05 -19.97 5.57
C GLY F 566 0.64 -21.30 5.31
N ASN F 567 0.67 -22.13 6.35
CA ASN F 567 1.23 -23.46 6.27
C ASN F 567 0.18 -24.47 6.72
N ILE F 568 -0.96 -24.49 6.01
CA ILE F 568 -2.05 -25.41 6.36
C ILE F 568 -1.53 -26.83 6.34
N PRO F 569 -1.96 -27.71 7.24
CA PRO F 569 -1.57 -29.12 7.13
C PRO F 569 -2.10 -29.75 5.86
N LEU F 570 -1.28 -30.60 5.25
CA LEU F 570 -1.61 -31.21 3.96
C LEU F 570 -1.80 -32.72 4.08
#